data_1VRG
#
_entry.id   1VRG
#
_cell.length_a   113.922
_cell.length_b   162.210
_cell.length_c   187.117
_cell.angle_alpha   90.00
_cell.angle_beta   90.00
_cell.angle_gamma   90.00
#
_symmetry.space_group_name_H-M   'P 21 21 21'
#
loop_
_entity.id
_entity.type
_entity.pdbx_description
1 polymer 'propionyl-CoA carboxylase, beta subunit'
2 non-polymer 'MAGNESIUM ION'
3 non-polymer 'BICARBONATE ION'
4 water water
#
_entity_poly.entity_id   1
_entity_poly.type   'polypeptide(L)'
_entity_poly.pdbx_seq_one_letter_code
;(MSE)GSDKIHHHHHH(MSE)SLRDKIEELKKIEKEIEQGGGPEKVEKQHRAGKLTAWERLELLLDPGTFVEIDKFVEHR
NTYFGLDKVKLPRDGVITGVGEINGRKVAVFSQDFTV(MSE)GGSLGE(MSE)HAKKIVKLLDLALK(MSE)GIPVIGIN
DSGGARIQEGVDALAGYGEIFLRNTLASGVVPQITVIAGPCAGGAVYSPALTDFIV(MSE)VDQTAR(MSE)FITGPNVI
KAVTGEEISQEDLGGA(MSE)VHNQKSGNAHFLADNDEKA(MSE)SLVRTLLSYLPSNNAEEPPVEDPDTSLETPEDILD
ILPDNPNKGYDVRDVIKRVVDHGEFFEVQPYFAKNIVIGFARIQGKTVGIVANQPSVLAGVLDIDSSDKAARFIRFLDAF
NIPILTFVDTPGYLPGVAQEHGGIIRHGAKLLYAYSEATVPKITVILRKAYGGAYIA(MSE)GSKHLGAD(MSE)VLAWP
SAEIAV(MSE)GPEGAANIIFKREIEASSNPEETRRKLIEEYKQQFANPYIAASRGYVD(MSE)VIDPRETRKYI(MSE)
RALEVCETKVEYRPKKKHGNIPL
;
_entity_poly.pdbx_strand_id   A,B,C,D,E,F
#
# COMPACT_ATOMS: atom_id res chain seq x y z
N SER A 14 43.86 -26.90 25.55
CA SER A 14 42.58 -27.66 25.49
C SER A 14 41.46 -26.61 25.42
N LEU A 15 40.23 -27.03 25.16
CA LEU A 15 39.07 -26.13 25.16
C LEU A 15 38.96 -25.42 26.51
N ARG A 16 39.17 -26.18 27.58
CA ARG A 16 39.14 -25.65 28.93
C ARG A 16 40.24 -24.60 29.22
N ASP A 17 41.44 -24.82 28.71
CA ASP A 17 42.50 -23.79 28.72
C ASP A 17 42.11 -22.48 28.01
N LYS A 18 41.46 -22.62 26.87
CA LYS A 18 41.05 -21.49 26.03
C LYS A 18 39.92 -20.71 26.66
N ILE A 19 39.14 -21.41 27.49
CA ILE A 19 38.08 -20.81 28.31
C ILE A 19 38.69 -19.98 29.44
N GLU A 20 39.75 -20.50 30.06
CA GLU A 20 40.48 -19.76 31.09
C GLU A 20 41.13 -18.51 30.45
N GLU A 21 41.72 -18.71 29.28
CA GLU A 21 42.29 -17.61 28.50
C GLU A 21 41.22 -16.56 28.18
N LEU A 22 40.05 -17.01 27.72
CA LEU A 22 38.92 -16.09 27.48
C LEU A 22 38.61 -15.27 28.73
N LYS A 23 38.60 -15.92 29.88
CA LYS A 23 38.28 -15.25 31.14
C LYS A 23 39.29 -14.13 31.50
N LYS A 24 40.58 -14.40 31.25
CA LYS A 24 41.66 -13.41 31.41
C LYS A 24 41.48 -12.19 30.49
N ILE A 25 41.27 -12.48 29.21
CA ILE A 25 41.06 -11.42 28.23
C ILE A 25 39.89 -10.54 28.63
N GLU A 26 38.80 -11.15 29.08
CA GLU A 26 37.59 -10.44 29.55
C GLU A 26 37.79 -9.65 30.85
N LYS A 27 38.49 -10.23 31.82
CA LYS A 27 38.75 -9.50 33.06
C LYS A 27 39.61 -8.24 32.78
N GLU A 28 40.56 -8.38 31.88
CA GLU A 28 41.42 -7.28 31.43
C GLU A 28 40.61 -6.15 30.76
N ILE A 29 39.67 -6.52 29.89
CA ILE A 29 38.74 -5.56 29.29
C ILE A 29 37.86 -4.85 30.34
N GLU A 30 37.37 -5.61 31.30
CA GLU A 30 36.49 -5.05 32.34
C GLU A 30 37.17 -4.05 33.29
N GLN A 31 38.51 -4.03 33.28
CA GLN A 31 39.27 -3.02 34.02
C GLN A 31 39.01 -1.56 33.57
N GLY A 32 38.46 -1.37 32.36
CA GLY A 32 38.36 -0.05 31.77
C GLY A 32 39.75 0.52 31.63
N GLY A 33 39.90 1.80 31.93
CA GLY A 33 41.20 2.46 31.85
C GLY A 33 42.14 2.13 32.99
N GLY A 34 41.66 1.37 33.98
CA GLY A 34 42.50 0.93 35.08
C GLY A 34 41.98 1.44 36.40
N PRO A 35 42.41 0.81 37.51
CA PRO A 35 41.99 1.11 38.88
C PRO A 35 42.19 2.57 39.31
N GLU A 36 43.31 3.17 38.90
CA GLU A 36 43.59 4.57 39.27
C GLU A 36 42.61 5.50 38.57
N LYS A 37 42.30 5.21 37.32
CA LYS A 37 41.31 6.00 36.57
C LYS A 37 39.88 5.81 37.10
N VAL A 38 39.57 4.60 37.52
CA VAL A 38 38.26 4.27 38.07
C VAL A 38 38.01 4.99 39.39
N GLU A 39 39.03 5.05 40.23
CA GLU A 39 38.83 5.60 41.54
C GLU A 39 38.79 7.13 41.45
N LYS A 40 39.54 7.66 40.50
CA LYS A 40 39.42 9.04 40.05
C LYS A 40 37.99 9.44 39.62
N GLN A 41 37.34 8.55 38.87
CA GLN A 41 35.95 8.70 38.44
C GLN A 41 35.03 8.75 39.66
N HIS A 42 35.25 7.82 40.59
CA HIS A 42 34.52 7.80 41.84
C HIS A 42 34.68 9.07 42.65
N ARG A 43 35.92 9.56 42.77
CA ARG A 43 36.22 10.82 43.49
C ARG A 43 35.62 12.06 42.84
N ALA A 44 35.35 12.00 41.54
CA ALA A 44 34.74 13.12 40.85
C ALA A 44 33.23 13.08 41.06
N GLY A 45 32.76 12.15 41.89
CA GLY A 45 31.33 12.04 42.14
C GLY A 45 30.59 11.27 41.08
N LYS A 46 31.29 10.45 40.28
CA LYS A 46 30.70 9.74 39.16
C LYS A 46 30.76 8.23 39.31
N LEU A 47 29.81 7.51 38.71
CA LEU A 47 29.87 6.06 38.65
C LEU A 47 30.56 5.66 37.37
N THR A 48 31.05 4.42 37.28
CA THR A 48 31.63 3.96 36.03
C THR A 48 30.55 3.59 35.03
N ALA A 49 30.97 3.35 33.79
CA ALA A 49 30.07 2.97 32.71
C ALA A 49 29.22 1.74 33.08
N TRP A 50 29.86 0.75 33.67
CA TRP A 50 29.21 -0.51 34.07
C TRP A 50 28.31 -0.37 35.31
N GLU A 51 28.76 0.40 36.31
CA GLU A 51 27.96 0.60 37.50
C GLU A 51 26.65 1.27 37.13
N ARG A 52 26.68 2.13 36.11
CA ARG A 52 25.47 2.83 35.66
C ARG A 52 24.51 1.90 34.99
N LEU A 53 25.02 0.97 34.18
CA LEU A 53 24.18 -0.01 33.50
C LEU A 53 23.58 -0.99 34.48
N GLU A 54 24.29 -1.29 35.56
CA GLU A 54 23.82 -2.20 36.56
C GLU A 54 22.63 -1.62 37.33
N LEU A 55 22.62 -0.30 37.55
CA LEU A 55 21.49 0.39 38.15
C LEU A 55 20.30 0.63 37.21
N LEU A 56 20.58 0.84 35.92
CA LEU A 56 19.54 1.12 34.94
C LEU A 56 18.71 -0.10 34.57
N LEU A 57 19.38 -1.24 34.42
CA LEU A 57 18.79 -2.43 33.89
C LEU A 57 18.26 -3.36 34.97
N ASP A 58 17.23 -4.14 34.63
CA ASP A 58 16.79 -5.21 35.51
C ASP A 58 17.97 -6.12 35.74
N PRO A 59 18.20 -6.56 37.01
CA PRO A 59 19.30 -7.45 37.36
C PRO A 59 19.45 -8.72 36.53
N GLY A 60 20.69 -8.98 36.12
CA GLY A 60 21.04 -10.14 35.30
C GLY A 60 20.63 -10.08 33.82
N THR A 61 19.98 -9.00 33.38
CA THR A 61 19.35 -9.01 32.04
C THR A 61 20.21 -8.48 30.89
N PHE A 62 21.35 -7.87 31.20
CA PHE A 62 22.17 -7.19 30.19
C PHE A 62 22.96 -8.19 29.38
N VAL A 63 22.90 -8.05 28.06
CA VAL A 63 23.69 -8.81 27.13
C VAL A 63 24.60 -7.87 26.33
N GLU A 64 25.89 -7.99 26.58
CA GLU A 64 26.88 -7.13 25.94
C GLU A 64 27.17 -7.62 24.54
N ILE A 65 27.38 -6.66 23.64
CA ILE A 65 27.81 -6.93 22.29
C ILE A 65 29.10 -6.18 22.09
N ASP A 66 29.92 -6.72 21.18
CA ASP A 66 31.12 -6.05 20.72
C ASP A 66 32.08 -5.69 21.88
N LYS A 67 32.17 -6.54 22.89
CA LYS A 67 33.11 -6.35 24.04
C LYS A 67 34.61 -6.39 23.64
N PHE A 68 34.91 -7.17 22.59
CA PHE A 68 36.29 -7.43 22.14
C PHE A 68 36.75 -6.52 20.98
N VAL A 69 35.94 -5.51 20.66
CA VAL A 69 36.28 -4.53 19.65
C VAL A 69 37.46 -3.72 20.08
N GLU A 70 38.44 -3.64 19.17
CA GLU A 70 39.67 -2.87 19.35
C GLU A 70 39.83 -1.85 18.22
N HIS A 71 40.40 -0.70 18.54
CA HIS A 71 40.71 0.36 17.56
C HIS A 71 41.72 -0.08 16.49
N ARG A 72 41.65 0.56 15.34
CA ARG A 72 42.50 0.23 14.21
C ARG A 72 43.51 1.32 13.90
N ASN A 73 43.09 2.58 14.03
CA ASN A 73 43.95 3.72 13.70
C ASN A 73 45.23 3.73 14.55
N THR A 74 46.36 3.93 13.89
CA THR A 74 47.67 3.80 14.51
C THR A 74 48.36 5.16 14.78
N TYR A 75 47.72 6.26 14.36
CA TYR A 75 48.33 7.60 14.41
C TYR A 75 48.73 8.07 15.82
N PHE A 76 49.86 8.78 15.92
CA PHE A 76 50.22 9.56 17.13
C PHE A 76 50.28 8.70 18.40
N GLY A 77 50.88 7.52 18.27
CA GLY A 77 50.99 6.56 19.36
C GLY A 77 49.80 5.65 19.63
N LEU A 78 48.76 5.71 18.81
CA LEU A 78 47.60 4.82 18.99
C LEU A 78 47.99 3.35 18.84
N ASP A 79 49.00 3.05 18.02
CA ASP A 79 49.39 1.67 17.78
C ASP A 79 50.17 1.01 18.93
N LYS A 80 50.44 1.78 20.00
CA LYS A 80 51.17 1.28 21.15
C LYS A 80 50.24 0.99 22.36
N VAL A 81 48.94 1.23 22.25
CA VAL A 81 48.05 1.05 23.40
C VAL A 81 46.89 0.10 23.09
N LYS A 82 46.30 -0.44 24.14
CA LYS A 82 45.02 -1.11 24.06
C LYS A 82 44.02 -0.21 24.75
N LEU A 83 42.85 -0.06 24.11
CA LEU A 83 41.73 0.74 24.65
C LEU A 83 40.49 -0.19 24.76
N PRO A 84 40.25 -0.76 25.97
CA PRO A 84 39.16 -1.72 26.26
C PRO A 84 37.76 -1.27 25.80
N ARG A 85 37.12 -2.10 24.96
CA ARG A 85 35.79 -1.81 24.36
C ARG A 85 35.77 -0.53 23.52
N ASP A 86 36.96 -0.05 23.14
CA ASP A 86 37.17 1.28 22.59
C ASP A 86 36.42 2.39 23.35
N GLY A 87 36.19 2.19 24.65
CA GLY A 87 35.63 3.21 25.54
C GLY A 87 34.11 3.34 25.54
N VAL A 88 33.42 2.29 25.14
CA VAL A 88 31.99 2.28 25.20
C VAL A 88 31.45 0.90 25.38
N ILE A 89 30.45 0.79 26.27
CA ILE A 89 29.73 -0.48 26.45
C ILE A 89 28.44 -0.41 25.67
N THR A 90 28.23 -1.40 24.80
CA THR A 90 26.96 -1.56 24.07
C THR A 90 26.26 -2.89 24.38
N GLY A 91 24.95 -2.88 24.38
CA GLY A 91 24.19 -4.09 24.48
C GLY A 91 22.70 -3.89 24.65
N VAL A 92 22.01 -4.94 25.05
CA VAL A 92 20.56 -4.95 25.25
C VAL A 92 20.25 -5.59 26.60
N GLY A 93 19.38 -4.94 27.36
CA GLY A 93 18.91 -5.44 28.61
C GLY A 93 17.40 -5.24 28.70
N GLU A 94 16.86 -5.47 29.89
CA GLU A 94 15.44 -5.27 30.16
C GLU A 94 15.29 -4.18 31.19
N ILE A 95 14.26 -3.34 31.01
CA ILE A 95 13.81 -2.38 32.02
C ILE A 95 12.34 -2.69 32.27
N ASN A 96 12.02 -3.10 33.49
CA ASN A 96 10.68 -3.60 33.83
C ASN A 96 10.13 -4.65 32.86
N GLY A 97 10.99 -5.60 32.49
CA GLY A 97 10.61 -6.70 31.61
C GLY A 97 10.61 -6.44 30.12
N ARG A 98 10.90 -5.21 29.70
CA ARG A 98 10.84 -4.81 28.30
C ARG A 98 12.22 -4.52 27.78
N LYS A 99 12.50 -5.03 26.58
CA LYS A 99 13.82 -4.93 25.97
C LYS A 99 14.19 -3.50 25.60
N VAL A 100 15.41 -3.08 25.91
CA VAL A 100 15.91 -1.74 25.57
C VAL A 100 17.38 -1.88 25.16
N ALA A 101 17.78 -1.11 24.17
CA ALA A 101 19.14 -0.98 23.74
C ALA A 101 19.77 0.14 24.56
N VAL A 102 21.04 -0.03 24.91
CA VAL A 102 21.78 0.91 25.76
C VAL A 102 23.22 0.98 25.31
N PHE A 103 23.77 2.19 25.26
CA PHE A 103 25.22 2.38 25.27
C PHE A 103 25.64 3.24 26.45
N SER A 104 26.87 3.00 26.92
CA SER A 104 27.39 3.68 28.09
C SER A 104 28.89 4.00 27.88
N GLN A 105 29.19 5.29 27.68
CA GLN A 105 30.55 5.69 27.44
C GLN A 105 31.43 5.54 28.69
N ASP A 106 32.64 5.02 28.48
CA ASP A 106 33.61 4.79 29.53
C ASP A 106 34.69 5.91 29.52
N PHE A 107 34.43 6.91 30.37
CA PHE A 107 35.34 8.01 30.57
C PHE A 107 36.74 7.61 31.02
N THR A 108 36.88 6.48 31.73
CA THR A 108 38.21 5.99 32.16
C THR A 108 39.14 5.58 31.01
N VAL A 109 38.60 5.45 29.80
CA VAL A 109 39.37 5.05 28.64
C VAL A 109 39.51 6.24 27.70
N GLY A 111 39.54 9.38 28.23
CA GLY A 111 38.53 10.38 28.51
C GLY A 111 37.21 10.15 27.82
N GLY A 112 36.88 8.89 27.57
CA GLY A 112 35.64 8.53 26.88
C GLY A 112 35.56 9.10 25.48
N SER A 113 36.74 9.30 24.86
CA SER A 113 36.84 9.95 23.56
C SER A 113 36.28 9.03 22.48
N LEU A 114 35.61 9.65 21.51
CA LEU A 114 34.97 8.92 20.45
C LEU A 114 35.95 8.69 19.31
N GLY A 115 36.37 7.44 19.20
CA GLY A 115 37.16 6.96 18.10
C GLY A 115 36.27 6.34 17.06
N GLU A 116 36.88 5.85 16.00
CA GLU A 116 36.15 5.18 14.91
C GLU A 116 35.37 3.95 15.37
N HIS A 118 34.59 2.84 18.48
CA HIS A 118 33.66 3.37 19.46
C HIS A 118 32.37 3.84 18.76
N ALA A 119 32.51 4.67 17.73
CA ALA A 119 31.33 5.17 16.99
C ALA A 119 30.62 4.09 16.23
N LYS A 120 31.38 3.17 15.64
CA LYS A 120 30.78 2.04 14.91
C LYS A 120 29.97 1.11 15.81
N LYS A 121 30.38 1.01 17.08
CA LYS A 121 29.62 0.27 18.08
C LYS A 121 28.30 1.00 18.42
N ILE A 122 28.34 2.29 18.64
CA ILE A 122 27.09 3.05 18.84
C ILE A 122 26.19 2.98 17.62
N VAL A 123 26.75 3.08 16.41
CA VAL A 123 25.96 3.02 15.17
C VAL A 123 25.29 1.66 15.04
N LYS A 124 26.02 0.59 15.34
CA LYS A 124 25.49 -0.78 15.23
C LYS A 124 24.35 -1.02 16.21
N LEU A 125 24.54 -0.50 17.42
CA LEU A 125 23.52 -0.53 18.44
C LEU A 125 22.29 0.27 18.03
N LEU A 126 22.47 1.47 17.47
CA LEU A 126 21.35 2.24 16.95
C LEU A 126 20.62 1.52 15.80
N ASP A 127 21.38 0.89 14.92
CA ASP A 127 20.80 0.12 13.84
C ASP A 127 19.89 -0.99 14.40
N LEU A 128 20.35 -1.69 15.44
CA LEU A 128 19.64 -2.82 16.03
C LEU A 128 18.33 -2.42 16.68
N ALA A 129 18.40 -1.37 17.49
CA ALA A 129 17.24 -0.83 18.17
C ALA A 129 16.12 -0.51 17.21
N LEU A 130 16.48 0.15 16.11
CA LEU A 130 15.54 0.49 15.06
C LEU A 130 14.93 -0.75 14.42
N LYS A 131 15.78 -1.72 14.07
CA LYS A 131 15.40 -2.97 13.41
C LYS A 131 14.50 -3.84 14.31
N GLY A 133 12.80 -2.55 16.95
CA GLY A 133 11.71 -1.71 17.48
C GLY A 133 11.73 -1.57 19.00
N ILE A 134 12.91 -1.30 19.56
CA ILE A 134 13.06 -1.08 21.00
C ILE A 134 13.66 0.27 21.34
N PRO A 135 13.37 0.78 22.54
CA PRO A 135 13.99 2.08 22.86
C PRO A 135 15.53 2.06 22.98
N VAL A 136 16.12 3.25 22.91
CA VAL A 136 17.54 3.43 23.04
C VAL A 136 17.84 4.42 24.16
N ILE A 137 18.69 3.99 25.10
CA ILE A 137 19.24 4.83 26.12
C ILE A 137 20.75 4.99 25.90
N GLY A 138 21.20 6.23 25.77
CA GLY A 138 22.62 6.48 25.65
C GLY A 138 23.09 7.29 26.85
N ILE A 139 24.17 6.82 27.48
CA ILE A 139 24.79 7.53 28.59
C ILE A 139 26.11 8.09 28.08
N ASN A 140 26.18 9.42 28.08
CA ASN A 140 27.31 10.18 27.53
C ASN A 140 28.25 10.65 28.67
N ASP A 141 29.56 10.47 28.50
CA ASP A 141 30.61 10.85 29.47
C ASP A 141 31.93 10.79 28.65
N SER A 142 32.15 11.85 27.88
CA SER A 142 33.15 11.86 26.80
C SER A 142 33.77 13.24 26.70
N GLY A 143 35.09 13.31 26.74
CA GLY A 143 35.79 14.56 26.43
C GLY A 143 35.55 15.10 25.02
N GLY A 144 34.91 14.32 24.15
CA GLY A 144 34.72 14.67 22.74
C GLY A 144 35.44 13.74 21.76
N ALA A 145 35.80 14.28 20.60
CA ALA A 145 36.50 13.55 19.54
C ALA A 145 37.85 13.04 20.00
N ARG A 146 38.15 11.78 19.66
CA ARG A 146 39.51 11.29 19.82
C ARG A 146 40.28 11.92 18.68
N ILE A 147 40.99 13.02 18.95
CA ILE A 147 41.47 13.85 17.85
C ILE A 147 42.65 13.24 17.09
N GLN A 148 43.35 12.30 17.76
CA GLN A 148 44.37 11.48 17.15
C GLN A 148 43.84 10.63 15.97
N GLU A 149 42.53 10.32 15.97
CA GLU A 149 41.93 9.56 14.88
C GLU A 149 41.41 10.40 13.70
N GLY A 150 41.44 11.72 13.84
CA GLY A 150 41.27 12.63 12.71
C GLY A 150 39.88 12.57 12.15
N VAL A 151 39.79 12.62 10.82
CA VAL A 151 38.49 12.67 10.14
C VAL A 151 37.58 11.46 10.39
N ASP A 152 38.17 10.28 10.61
CA ASP A 152 37.42 9.09 11.01
C ASP A 152 36.53 9.30 12.25
N ALA A 153 36.95 10.18 13.15
CA ALA A 153 36.17 10.55 14.33
C ALA A 153 34.92 11.38 13.96
N LEU A 154 35.06 12.28 12.99
CA LEU A 154 33.93 13.05 12.44
C LEU A 154 32.96 12.16 11.68
N ALA A 155 33.55 11.24 10.92
CA ALA A 155 32.79 10.26 10.18
C ALA A 155 31.91 9.47 11.13
N GLY A 156 32.47 9.03 12.25
CA GLY A 156 31.73 8.28 13.26
C GLY A 156 30.55 9.05 13.84
N TYR A 157 30.81 10.29 14.27
CA TYR A 157 29.74 11.17 14.78
C TYR A 157 28.59 11.33 13.79
N GLY A 158 28.92 11.68 12.56
CA GLY A 158 27.93 11.86 11.50
C GLY A 158 27.05 10.66 11.25
N GLU A 159 27.63 9.47 11.25
CA GLU A 159 26.83 8.26 11.12
C GLU A 159 25.92 8.04 12.34
N ILE A 160 26.36 8.48 13.52
CA ILE A 160 25.50 8.41 14.68
C ILE A 160 24.33 9.36 14.47
N PHE A 161 24.63 10.59 14.05
CA PHE A 161 23.57 11.57 13.74
C PHE A 161 22.54 11.06 12.74
N LEU A 162 23.01 10.47 11.65
CA LEU A 162 22.09 9.86 10.67
C LEU A 162 21.18 8.78 11.31
N ARG A 163 21.77 7.92 12.13
CA ARG A 163 21.02 6.89 12.86
C ARG A 163 19.96 7.47 13.77
N ASN A 164 20.33 8.49 14.54
CA ASN A 164 19.40 9.26 15.40
C ASN A 164 18.22 9.88 14.61
N THR A 165 18.51 10.48 13.46
CA THR A 165 17.49 11.02 12.57
C THR A 165 16.58 9.92 12.00
N LEU A 166 17.15 8.79 11.58
CA LEU A 166 16.32 7.71 11.04
C LEU A 166 15.36 7.16 12.09
N ALA A 167 15.81 7.08 13.33
CA ALA A 167 15.02 6.52 14.43
C ALA A 167 14.03 7.51 15.05
N SER A 168 14.15 8.78 14.67
CA SER A 168 13.41 9.84 15.31
C SER A 168 11.92 9.64 15.04
N GLY A 169 11.14 9.49 16.11
CA GLY A 169 9.73 9.18 15.97
C GLY A 169 9.41 7.73 15.60
N VAL A 170 10.40 6.84 15.68
CA VAL A 170 10.21 5.42 15.40
C VAL A 170 10.35 4.61 16.70
N VAL A 171 11.48 4.79 17.38
CA VAL A 171 11.70 4.27 18.73
C VAL A 171 12.11 5.45 19.64
N PRO A 172 11.65 5.45 20.89
CA PRO A 172 12.10 6.54 21.76
C PRO A 172 13.60 6.49 22.01
N GLN A 173 14.22 7.66 22.00
CA GLN A 173 15.63 7.81 22.25
C GLN A 173 15.79 8.71 23.46
N ILE A 174 16.49 8.21 24.49
CA ILE A 174 16.74 8.93 25.73
C ILE A 174 18.23 8.97 26.00
N THR A 175 18.77 10.15 26.28
CA THR A 175 20.18 10.30 26.65
C THR A 175 20.30 10.85 28.04
N VAL A 176 21.28 10.31 28.75
CA VAL A 176 21.77 10.89 30.00
C VAL A 176 23.17 11.49 29.74
N ILE A 177 23.35 12.76 30.11
CA ILE A 177 24.67 13.38 30.23
C ILE A 177 25.15 13.20 31.66
N ALA A 178 26.20 12.40 31.82
CA ALA A 178 26.70 12.01 33.14
C ALA A 178 28.16 12.43 33.36
N GLY A 179 28.62 13.37 32.55
CA GLY A 179 29.98 13.85 32.57
C GLY A 179 30.15 14.89 31.49
N PRO A 180 31.37 15.07 30.96
CA PRO A 180 31.50 15.96 29.81
C PRO A 180 30.80 15.44 28.55
N CYS A 181 30.55 16.39 27.66
CA CYS A 181 29.95 16.18 26.36
C CYS A 181 30.27 17.49 25.59
N ALA A 182 31.29 17.43 24.75
CA ALA A 182 31.90 18.62 24.15
C ALA A 182 32.07 18.46 22.65
N GLY A 183 31.90 19.58 21.95
CA GLY A 183 32.09 19.65 20.50
C GLY A 183 30.99 18.94 19.77
N GLY A 184 31.35 18.18 18.73
CA GLY A 184 30.38 17.42 17.92
C GLY A 184 29.57 16.38 18.69
N ALA A 185 30.14 15.83 19.75
CA ALA A 185 29.40 14.92 20.59
C ALA A 185 27.98 15.42 20.92
N VAL A 186 27.85 16.72 21.25
CA VAL A 186 26.59 17.33 21.72
C VAL A 186 25.35 17.07 20.84
N TYR A 187 25.53 16.84 19.55
CA TYR A 187 24.41 16.79 18.65
C TYR A 187 23.63 15.51 18.65
N SER A 188 24.27 14.41 19.01
CA SER A 188 23.52 13.17 19.13
C SER A 188 22.46 13.30 20.22
N PRO A 189 22.84 13.70 21.48
CA PRO A 189 21.84 14.03 22.50
C PRO A 189 20.70 14.94 22.01
N ALA A 190 21.06 16.00 21.30
CA ALA A 190 20.07 16.95 20.76
C ALA A 190 19.07 16.34 19.81
N LEU A 191 19.50 15.33 19.06
CA LEU A 191 18.67 14.60 18.12
C LEU A 191 17.79 13.52 18.76
N THR A 192 18.04 13.20 20.03
CA THR A 192 17.20 12.27 20.77
C THR A 192 16.01 13.04 21.35
N ASP A 193 15.10 12.32 22.00
CA ASP A 193 13.83 12.89 22.44
C ASP A 193 13.87 13.61 23.79
N PHE A 194 14.62 13.04 24.74
CA PHE A 194 14.79 13.63 26.06
C PHE A 194 16.25 13.49 26.54
N ILE A 195 16.76 14.56 27.14
CA ILE A 195 18.09 14.62 27.70
C ILE A 195 17.99 14.76 29.21
N VAL A 196 18.68 13.89 29.93
CA VAL A 196 18.76 13.95 31.39
C VAL A 196 20.18 14.39 31.74
N VAL A 198 22.99 15.29 34.82
CA VAL A 198 23.38 15.07 36.18
C VAL A 198 24.02 16.32 36.71
N ASP A 199 23.45 16.83 37.81
CA ASP A 199 23.95 17.99 38.51
C ASP A 199 25.43 17.85 38.86
N GLN A 200 26.17 18.95 38.62
CA GLN A 200 27.58 19.15 38.99
C GLN A 200 28.61 18.47 38.07
N THR A 201 28.34 17.21 37.72
CA THR A 201 29.25 16.37 36.94
C THR A 201 29.01 16.41 35.44
N ALA A 202 27.77 16.66 35.02
CA ALA A 202 27.47 16.77 33.61
C ALA A 202 27.75 18.20 33.13
N ARG A 203 28.48 18.29 32.01
CA ARG A 203 28.60 19.53 31.27
C ARG A 203 28.44 19.23 29.77
N PHE A 205 28.73 21.44 26.05
CA PHE A 205 28.85 22.63 25.23
C PHE A 205 29.53 22.30 23.95
N ILE A 206 29.28 23.14 22.95
CA ILE A 206 29.80 22.94 21.63
C ILE A 206 31.22 23.52 21.57
N THR A 207 31.43 24.66 22.21
CA THR A 207 32.75 25.27 22.31
C THR A 207 32.96 25.58 23.79
N GLY A 208 34.19 25.33 24.27
CA GLY A 208 34.53 25.47 25.68
C GLY A 208 34.99 26.86 26.10
N PRO A 209 35.11 27.08 27.43
CA PRO A 209 35.48 28.37 28.00
C PRO A 209 36.74 29.02 27.43
N ASN A 210 37.75 28.20 27.13
CA ASN A 210 39.05 28.71 26.72
C ASN A 210 39.02 29.29 25.28
N VAL A 211 38.44 28.55 24.35
CA VAL A 211 38.20 29.06 23.00
C VAL A 211 37.30 30.31 22.99
N ILE A 212 36.25 30.32 23.80
CA ILE A 212 35.40 31.50 23.96
C ILE A 212 36.21 32.72 24.44
N LYS A 213 37.07 32.51 25.42
CA LYS A 213 37.91 33.56 25.91
C LYS A 213 38.89 34.07 24.85
N ALA A 214 39.48 33.14 24.11
CA ALA A 214 40.43 33.51 23.05
C ALA A 214 39.79 34.33 21.91
N VAL A 215 38.52 34.07 21.62
CA VAL A 215 37.82 34.66 20.49
C VAL A 215 36.93 35.85 20.87
N THR A 216 36.10 35.71 21.90
CA THR A 216 35.21 36.81 22.31
C THR A 216 35.69 37.58 23.54
N GLY A 217 36.76 37.12 24.17
CA GLY A 217 37.20 37.70 25.43
C GLY A 217 36.37 37.35 26.67
N GLU A 218 35.25 36.65 26.52
CA GLU A 218 34.35 36.33 27.66
C GLU A 218 34.99 35.28 28.58
N GLU A 219 34.89 35.51 29.88
CA GLU A 219 35.42 34.61 30.90
C GLU A 219 34.28 33.91 31.61
N ILE A 220 34.23 32.60 31.49
CA ILE A 220 33.13 31.84 32.05
C ILE A 220 33.64 30.46 32.45
N SER A 221 32.97 29.86 33.43
CA SER A 221 33.31 28.52 33.89
C SER A 221 32.55 27.51 33.06
N GLN A 222 33.01 26.25 33.07
CA GLN A 222 32.29 25.17 32.41
C GLN A 222 30.87 24.99 32.94
N GLU A 223 30.71 25.13 34.25
CA GLU A 223 29.40 24.95 34.89
C GLU A 223 28.40 26.03 34.49
N ASP A 224 28.88 27.28 34.48
CA ASP A 224 28.06 28.39 34.06
C ASP A 224 27.83 28.44 32.56
N LEU A 225 28.78 27.88 31.80
CA LEU A 225 28.66 27.76 30.37
C LEU A 225 27.64 26.66 29.97
N GLY A 226 27.78 25.47 30.58
CA GLY A 226 27.02 24.31 30.13
C GLY A 226 26.64 23.27 31.16
N GLY A 227 26.55 23.68 32.42
CA GLY A 227 26.11 22.75 33.45
C GLY A 227 24.67 22.33 33.24
N ALA A 228 24.25 21.40 34.10
CA ALA A 228 22.92 20.81 34.06
C ALA A 228 21.80 21.81 34.28
N VAL A 230 21.97 25.22 33.69
CA VAL A 230 21.97 26.07 32.49
C VAL A 230 21.14 25.44 31.37
N HIS A 231 21.37 24.16 31.08
CA HIS A 231 20.65 23.53 29.98
C HIS A 231 19.20 23.22 30.29
N ASN A 232 18.91 23.04 31.58
CA ASN A 232 17.56 22.89 32.09
C ASN A 232 16.75 24.19 32.23
N GLN A 233 17.42 25.29 32.50
CA GLN A 233 16.76 26.57 32.81
C GLN A 233 16.83 27.65 31.71
N LYS A 234 17.88 27.62 30.90
CA LYS A 234 18.27 28.75 30.04
C LYS A 234 18.25 28.41 28.52
N SER A 235 19.06 27.43 28.13
CA SER A 235 19.23 27.03 26.75
C SER A 235 18.03 26.26 26.20
N GLY A 236 17.26 25.65 27.10
CA GLY A 236 16.19 24.77 26.71
C GLY A 236 16.61 23.44 26.12
N ASN A 237 17.88 23.03 26.31
CA ASN A 237 18.40 21.82 25.64
C ASN A 237 18.05 20.54 26.45
N ALA A 238 17.92 20.64 27.76
CA ALA A 238 17.73 19.43 28.57
C ALA A 238 16.36 19.42 29.22
N HIS A 239 15.91 18.22 29.56
CA HIS A 239 14.53 18.00 30.01
C HIS A 239 14.39 17.61 31.46
N PHE A 240 15.48 17.10 32.04
CA PHE A 240 15.53 16.63 33.44
C PHE A 240 16.84 16.96 34.10
N LEU A 241 16.76 17.26 35.40
CA LEU A 241 17.92 17.49 36.23
C LEU A 241 17.93 16.42 37.32
N ALA A 242 18.92 15.54 37.27
CA ALA A 242 19.09 14.52 38.30
C ALA A 242 20.22 14.95 39.19
N ASP A 243 20.07 14.79 40.51
CA ASP A 243 21.15 15.18 41.41
C ASP A 243 22.35 14.25 41.43
N ASN A 244 22.19 13.03 40.96
CA ASN A 244 23.33 12.10 40.80
C ASN A 244 23.05 10.98 39.80
N ASP A 245 24.06 10.14 39.54
CA ASP A 245 23.94 9.04 38.56
C ASP A 245 22.85 8.03 38.92
N GLU A 246 22.71 7.78 40.23
CA GLU A 246 21.74 6.83 40.77
C GLU A 246 20.32 7.32 40.44
N LYS A 247 20.09 8.61 40.69
CA LYS A 247 18.80 9.23 40.40
C LYS A 247 18.47 9.39 38.93
N ALA A 248 19.49 9.56 38.08
CA ALA A 248 19.25 9.66 36.65
C ALA A 248 18.79 8.33 36.07
N SER A 250 17.12 5.87 37.77
CA SER A 250 15.77 5.56 38.22
C SER A 250 14.79 6.42 37.46
N LEU A 251 15.23 7.62 37.15
CA LEU A 251 14.46 8.59 36.36
C LEU A 251 14.17 8.08 34.95
N VAL A 252 15.21 7.61 34.27
CA VAL A 252 15.05 6.95 32.97
C VAL A 252 14.08 5.77 33.02
N ARG A 253 14.21 4.90 34.03
CA ARG A 253 13.29 3.76 34.20
C ARG A 253 11.82 4.20 34.32
N THR A 254 11.58 5.29 35.02
CA THR A 254 10.23 5.85 35.15
C THR A 254 9.68 6.47 33.85
N LEU A 255 10.50 7.27 33.18
CA LEU A 255 10.12 7.85 31.91
C LEU A 255 9.71 6.72 30.96
N LEU A 256 10.53 5.67 30.89
CA LEU A 256 10.27 4.57 29.99
C LEU A 256 8.94 3.91 30.29
N SER A 257 8.53 3.89 31.54
CA SER A 257 7.26 3.30 31.91
C SER A 257 6.02 3.96 31.30
N TYR A 258 6.14 5.18 30.78
CA TYR A 258 5.03 5.87 30.17
C TYR A 258 5.00 5.66 28.66
N LEU A 259 6.12 5.20 28.10
CA LEU A 259 6.33 5.22 26.67
C LEU A 259 6.15 3.84 26.07
N PRO A 260 5.72 3.78 24.80
CA PRO A 260 5.77 2.51 24.07
C PRO A 260 7.21 2.18 23.60
N SER A 261 7.44 0.96 23.11
CA SER A 261 8.77 0.55 22.61
C SER A 261 9.08 1.13 21.26
N ASN A 262 8.03 1.31 20.46
CA ASN A 262 8.14 1.92 19.13
C ASN A 262 6.82 2.58 18.73
N ASN A 263 6.79 3.21 17.56
CA ASN A 263 5.63 3.95 17.07
C ASN A 263 4.46 3.09 16.56
N ALA A 264 4.67 1.79 16.47
CA ALA A 264 3.64 0.84 16.01
C ALA A 264 2.86 0.23 17.18
N GLU A 265 3.09 0.74 18.38
CA GLU A 265 2.56 0.21 19.62
C GLU A 265 1.86 1.30 20.43
N GLU A 266 0.79 0.88 21.10
CA GLU A 266 0.07 1.71 22.07
C GLU A 266 0.92 1.82 23.33
N PRO A 267 0.85 2.96 24.04
CA PRO A 267 1.64 2.97 25.27
C PRO A 267 1.16 1.93 26.30
N PRO A 268 2.01 1.65 27.30
CA PRO A 268 1.67 0.64 28.32
C PRO A 268 0.60 1.10 29.32
N VAL A 269 -0.22 0.15 29.78
CA VAL A 269 -1.23 0.37 30.81
C VAL A 269 -0.59 -0.09 32.12
N GLU A 270 -0.71 0.73 33.15
CA GLU A 270 -0.06 0.49 34.43
C GLU A 270 -0.94 0.97 35.58
N ASP A 271 -1.42 0.04 36.40
CA ASP A 271 -2.04 0.33 37.71
C ASP A 271 -3.22 1.33 37.62
N PRO A 272 -4.32 0.96 36.94
CA PRO A 272 -5.41 1.90 36.72
C PRO A 272 -6.05 2.45 38.01
N ASP A 273 -6.21 3.77 38.07
CA ASP A 273 -7.07 4.45 39.08
C ASP A 273 -8.45 4.37 38.45
N THR A 274 -9.35 3.66 39.10
CA THR A 274 -10.66 3.46 38.53
C THR A 274 -11.69 4.48 38.98
N SER A 275 -11.37 5.31 39.98
CA SER A 275 -12.34 6.33 40.44
C SER A 275 -12.69 7.35 39.35
N LEU A 276 -13.92 7.82 39.38
CA LEU A 276 -14.44 8.80 38.41
C LEU A 276 -14.48 10.20 39.01
N GLU A 277 -14.18 10.30 40.30
CA GLU A 277 -14.45 11.50 41.08
C GLU A 277 -13.32 12.52 40.97
N THR A 278 -13.69 13.78 40.94
CA THR A 278 -12.77 14.89 41.04
C THR A 278 -13.05 15.42 42.44
N PRO A 279 -12.00 15.57 43.29
CA PRO A 279 -12.28 16.02 44.66
C PRO A 279 -12.94 17.42 44.73
N GLU A 280 -13.65 17.65 45.82
CA GLU A 280 -14.40 18.89 46.01
C GLU A 280 -13.48 20.10 46.05
N ASP A 281 -12.36 19.92 46.75
CA ASP A 281 -11.15 20.77 46.67
C ASP A 281 -10.83 21.53 45.41
N ILE A 282 -11.14 20.90 44.29
CA ILE A 282 -10.85 21.48 43.01
C ILE A 282 -11.53 22.85 42.84
N LEU A 283 -12.61 23.11 43.59
CA LEU A 283 -13.33 24.39 43.55
C LEU A 283 -12.59 25.55 44.26
N ASP A 284 -11.48 25.24 44.91
CA ASP A 284 -10.78 26.15 45.77
C ASP A 284 -9.43 26.57 45.24
N ILE A 285 -9.07 26.13 44.03
CA ILE A 285 -7.74 26.43 43.49
C ILE A 285 -7.67 27.78 42.81
N LEU A 286 -8.64 28.05 41.93
CA LEU A 286 -8.66 29.32 41.24
C LEU A 286 -9.03 30.37 42.26
N PRO A 287 -8.31 31.51 42.27
CA PRO A 287 -8.66 32.58 43.20
C PRO A 287 -9.95 33.29 42.79
N ASP A 288 -10.56 34.02 43.69
CA ASP A 288 -11.77 34.79 43.37
C ASP A 288 -11.42 35.98 42.51
N ASN A 289 -10.27 36.58 42.79
CA ASN A 289 -9.73 37.66 41.99
C ASN A 289 -9.07 37.08 40.74
N PRO A 290 -9.60 37.43 39.55
CA PRO A 290 -9.08 36.92 38.26
C PRO A 290 -7.73 37.52 37.87
N ASN A 291 -7.29 38.54 38.59
CA ASN A 291 -5.95 39.11 38.41
C ASN A 291 -4.86 38.26 39.03
N LYS A 292 -5.23 37.35 39.92
CA LYS A 292 -4.30 36.53 40.66
C LYS A 292 -4.15 35.18 39.97
N GLY A 293 -3.05 34.52 40.27
CA GLY A 293 -2.74 33.23 39.72
C GLY A 293 -2.80 32.06 40.69
N TYR A 294 -2.34 30.92 40.20
CA TYR A 294 -2.44 29.69 40.95
C TYR A 294 -1.49 28.73 40.27
N ASP A 295 -1.19 27.61 40.93
CA ASP A 295 -0.34 26.60 40.32
C ASP A 295 -1.23 25.64 39.56
N VAL A 296 -1.08 25.58 38.23
CA VAL A 296 -1.91 24.71 37.40
C VAL A 296 -1.75 23.22 37.71
N ARG A 297 -0.61 22.85 38.31
CA ARG A 297 -0.43 21.48 38.74
C ARG A 297 -1.34 21.09 39.89
N ASP A 298 -1.90 22.05 40.61
CA ASP A 298 -2.89 21.72 41.64
C ASP A 298 -4.18 21.22 40.98
N VAL A 299 -4.48 21.69 39.77
CA VAL A 299 -5.62 21.17 39.00
C VAL A 299 -5.29 19.83 38.33
N ILE A 300 -4.14 19.79 37.68
CA ILE A 300 -3.68 18.60 37.03
C ILE A 300 -3.74 17.41 37.97
N LYS A 301 -3.20 17.55 39.16
CA LYS A 301 -3.16 16.44 40.11
C LYS A 301 -4.51 16.00 40.70
N ARG A 302 -5.52 16.86 40.62
CA ARG A 302 -6.84 16.47 41.08
C ARG A 302 -7.68 15.76 40.01
N VAL A 303 -7.15 15.72 38.79
CA VAL A 303 -7.76 15.06 37.63
C VAL A 303 -7.04 13.73 37.21
N VAL A 304 -5.71 13.69 37.24
CA VAL A 304 -4.97 12.49 36.76
C VAL A 304 -4.99 11.32 37.78
N ASP A 305 -4.63 10.11 37.31
CA ASP A 305 -4.61 8.90 38.16
C ASP A 305 -3.67 9.07 39.35
N HIS A 306 -4.22 8.88 40.55
CA HIS A 306 -3.44 8.81 41.79
C HIS A 306 -2.75 10.13 42.16
N GLY A 307 -3.11 11.22 41.50
CA GLY A 307 -2.44 12.50 41.69
C GLY A 307 -1.03 12.57 41.17
N GLU A 308 -0.63 11.58 40.36
CA GLU A 308 0.76 11.45 39.89
C GLU A 308 1.01 12.23 38.62
N PHE A 309 2.05 13.04 38.67
CA PHE A 309 2.45 13.86 37.55
C PHE A 309 3.98 13.85 37.44
N PHE A 310 4.49 13.38 36.32
CA PHE A 310 5.90 13.35 35.98
C PHE A 310 6.27 14.52 35.05
N GLU A 311 6.77 15.60 35.62
CA GLU A 311 6.99 16.82 34.88
C GLU A 311 8.26 16.77 33.99
N VAL A 312 8.12 17.34 32.79
CA VAL A 312 9.17 17.44 31.79
C VAL A 312 9.60 18.91 31.65
N GLN A 313 10.91 19.15 31.60
CA GLN A 313 11.47 20.51 31.53
C GLN A 313 10.90 21.43 32.56
N PRO A 314 10.93 21.02 33.83
CA PRO A 314 10.32 21.84 34.86
C PRO A 314 10.94 23.25 35.06
N TYR A 315 12.21 23.44 34.69
CA TYR A 315 12.94 24.69 34.98
C TYR A 315 13.03 25.66 33.82
N PHE A 316 12.58 25.24 32.66
CA PHE A 316 12.65 26.02 31.45
C PHE A 316 11.24 26.46 31.12
N ALA A 317 11.12 27.74 30.75
CA ALA A 317 9.85 28.30 30.28
C ALA A 317 8.71 27.93 31.20
N LYS A 318 8.87 28.31 32.47
CA LYS A 318 7.98 27.91 33.56
C LYS A 318 6.53 28.42 33.46
N ASN A 319 6.30 29.38 32.56
CA ASN A 319 4.95 29.85 32.18
C ASN A 319 4.08 28.79 31.46
N ILE A 320 4.68 27.68 31.04
CA ILE A 320 3.96 26.51 30.55
C ILE A 320 4.45 25.22 31.27
N VAL A 321 3.51 24.32 31.58
CA VAL A 321 3.80 23.04 32.22
C VAL A 321 3.51 21.88 31.24
N ILE A 322 4.49 20.99 31.07
CA ILE A 322 4.31 19.79 30.28
C ILE A 322 4.75 18.57 31.06
N GLY A 323 4.18 17.43 30.72
CA GLY A 323 4.65 16.21 31.35
C GLY A 323 3.74 15.04 31.11
N PHE A 324 4.00 13.99 31.84
CA PHE A 324 3.28 12.74 31.69
C PHE A 324 2.42 12.46 32.89
N ALA A 325 1.37 11.69 32.62
CA ALA A 325 0.49 11.22 33.66
C ALA A 325 -0.32 10.05 33.11
N ARG A 326 -1.29 9.56 33.90
CA ARG A 326 -2.16 8.48 33.47
C ARG A 326 -3.65 8.81 33.67
N ILE A 327 -4.48 8.30 32.76
CA ILE A 327 -5.94 8.31 32.95
C ILE A 327 -6.42 6.86 32.79
N GLN A 328 -6.91 6.29 33.88
CA GLN A 328 -7.32 4.90 33.91
C GLN A 328 -6.19 3.96 33.45
N GLY A 329 -4.96 4.26 33.89
CA GLY A 329 -3.77 3.47 33.59
C GLY A 329 -3.05 3.74 32.28
N LYS A 330 -3.64 4.56 31.42
CA LYS A 330 -3.07 4.84 30.12
C LYS A 330 -2.34 6.17 30.18
N THR A 331 -1.17 6.20 29.55
CA THR A 331 -0.40 7.40 29.44
C THR A 331 -1.16 8.51 28.70
N VAL A 332 -1.04 9.73 29.23
CA VAL A 332 -1.48 10.94 28.56
C VAL A 332 -0.35 12.00 28.69
N GLY A 333 -0.20 12.83 27.68
CA GLY A 333 0.71 13.96 27.77
C GLY A 333 -0.09 15.15 28.19
N ILE A 334 0.46 15.94 29.12
CA ILE A 334 -0.18 17.13 29.63
C ILE A 334 0.49 18.40 29.08
N VAL A 335 -0.30 19.38 28.66
CA VAL A 335 0.20 20.69 28.25
C VAL A 335 -0.68 21.73 28.95
N ALA A 336 -0.07 22.61 29.73
CA ALA A 336 -0.84 23.46 30.61
C ALA A 336 -0.19 24.83 30.80
N ASN A 337 -0.94 25.90 30.52
CA ASN A 337 -0.53 27.24 30.93
C ASN A 337 -0.37 27.31 32.42
N GLN A 338 0.61 28.09 32.87
CA GLN A 338 0.94 28.26 34.31
C GLN A 338 0.68 29.71 34.69
N PRO A 339 -0.50 30.00 35.24
CA PRO A 339 -0.91 31.37 35.51
C PRO A 339 -0.14 32.11 36.60
N SER A 340 0.58 31.34 37.42
CA SER A 340 1.45 31.86 38.47
C SER A 340 2.82 32.28 37.93
N VAL A 341 3.11 32.04 36.65
CA VAL A 341 4.36 32.53 36.06
C VAL A 341 4.05 33.32 34.79
N LEU A 342 4.51 34.58 34.74
CA LEU A 342 4.30 35.49 33.60
C LEU A 342 2.83 35.51 33.18
N ALA A 343 1.94 35.41 34.16
CA ALA A 343 0.50 35.39 33.91
C ALA A 343 0.05 34.26 32.95
N GLY A 344 0.92 33.27 32.77
CA GLY A 344 0.65 32.18 31.85
C GLY A 344 0.60 32.57 30.39
N VAL A 345 1.33 33.61 30.01
CA VAL A 345 1.38 34.03 28.61
C VAL A 345 2.14 32.97 27.82
N LEU A 346 1.99 33.02 26.49
CA LEU A 346 2.83 32.26 25.57
C LEU A 346 3.94 33.16 25.14
N ASP A 347 5.07 32.56 24.79
CA ASP A 347 6.23 33.31 24.32
C ASP A 347 7.12 32.40 23.49
N ILE A 348 8.28 32.87 23.09
CA ILE A 348 9.19 32.06 22.27
C ILE A 348 9.54 30.71 22.92
N ASP A 349 10.02 30.76 24.16
CA ASP A 349 10.47 29.55 24.86
C ASP A 349 9.35 28.56 25.17
N SER A 350 8.22 29.03 25.66
CA SER A 350 7.11 28.11 25.98
C SER A 350 6.53 27.43 24.72
N SER A 351 6.54 28.13 23.61
CA SER A 351 6.04 27.58 22.35
C SER A 351 6.96 26.46 21.83
N ASP A 352 8.27 26.63 21.93
CA ASP A 352 9.23 25.58 21.55
C ASP A 352 9.04 24.35 22.44
N LYS A 353 8.99 24.60 23.75
CA LYS A 353 8.87 23.57 24.80
C LYS A 353 7.62 22.70 24.58
N ALA A 354 6.46 23.35 24.46
CA ALA A 354 5.22 22.65 24.24
C ALA A 354 5.18 21.95 22.88
N ALA A 355 5.64 22.64 21.85
CA ALA A 355 5.45 22.14 20.49
C ALA A 355 6.24 20.88 20.24
N ARG A 356 7.47 20.82 20.75
CA ARG A 356 8.30 19.64 20.58
C ARG A 356 7.74 18.47 21.38
N PHE A 357 7.22 18.77 22.57
CA PHE A 357 6.57 17.76 23.37
C PHE A 357 5.34 17.15 22.67
N ILE A 358 4.48 18.00 22.15
CA ILE A 358 3.28 17.55 21.46
C ILE A 358 3.65 16.64 20.26
N ARG A 359 4.66 17.01 19.51
CA ARG A 359 5.13 16.22 18.38
C ARG A 359 5.66 14.86 18.82
N PHE A 360 6.39 14.82 19.93
CA PHE A 360 6.75 13.57 20.54
C PHE A 360 5.51 12.71 20.91
N LEU A 361 4.58 13.28 21.67
CA LEU A 361 3.35 12.56 22.00
C LEU A 361 2.68 11.96 20.75
N ASP A 362 2.53 12.75 19.72
CA ASP A 362 1.87 12.32 18.51
C ASP A 362 2.60 11.17 17.77
N ALA A 363 3.92 11.28 17.66
CA ALA A 363 4.71 10.23 17.03
C ALA A 363 4.53 8.87 17.72
N PHE A 364 4.24 8.90 19.01
CA PHE A 364 4.26 7.71 19.84
C PHE A 364 2.92 7.42 20.45
N ASN A 365 1.88 7.91 19.77
CA ASN A 365 0.50 7.45 19.97
C ASN A 365 -0.03 7.80 21.36
N ILE A 366 0.51 8.86 21.97
CA ILE A 366 0.04 9.33 23.28
C ILE A 366 -0.95 10.50 23.17
N PRO A 367 -2.14 10.35 23.78
CA PRO A 367 -3.12 11.43 23.88
C PRO A 367 -2.57 12.72 24.49
N ILE A 368 -3.07 13.86 24.00
CA ILE A 368 -2.73 15.20 24.54
C ILE A 368 -3.89 15.84 25.34
N LEU A 369 -3.61 16.11 26.59
CA LEU A 369 -4.57 16.70 27.47
C LEU A 369 -4.06 18.12 27.76
N THR A 370 -4.84 19.12 27.39
CA THR A 370 -4.43 20.54 27.44
C THR A 370 -5.30 21.31 28.44
N PHE A 371 -4.67 22.08 29.32
CA PHE A 371 -5.40 22.87 30.30
C PHE A 371 -5.11 24.34 29.99
N VAL A 372 -6.19 25.11 29.79
CA VAL A 372 -6.07 26.47 29.25
C VAL A 372 -6.39 27.58 30.26
N ASP A 373 -5.41 28.47 30.42
CA ASP A 373 -5.58 29.71 31.19
C ASP A 373 -4.51 30.71 30.77
N THR A 374 -4.77 31.43 29.68
CA THR A 374 -3.78 32.33 29.08
C THR A 374 -4.43 33.59 28.52
N PRO A 375 -3.86 34.77 28.85
CA PRO A 375 -4.27 36.06 28.31
C PRO A 375 -3.72 36.39 26.92
N GLY A 376 -2.75 35.62 26.44
CA GLY A 376 -2.15 35.91 25.17
C GLY A 376 -0.66 35.72 25.13
N TYR A 377 -0.05 36.41 24.18
CA TYR A 377 1.40 36.36 23.99
C TYR A 377 2.07 37.46 24.76
N LEU A 378 3.31 37.19 25.15
CA LEU A 378 4.14 38.12 25.90
C LEU A 378 4.50 39.26 24.99
N PRO A 379 4.08 40.51 25.34
CA PRO A 379 4.52 41.69 24.59
C PRO A 379 5.98 42.03 24.87
N GLY A 380 6.66 42.52 23.83
CA GLY A 380 8.04 42.92 23.94
C GLY A 380 8.73 43.00 22.60
N VAL A 381 9.68 43.92 22.49
CA VAL A 381 10.50 44.04 21.29
C VAL A 381 11.35 42.78 21.08
N ALA A 382 11.87 42.20 22.15
CA ALA A 382 12.76 41.07 22.01
C ALA A 382 12.01 39.83 21.60
N GLN A 383 10.76 39.73 22.00
CA GLN A 383 9.88 38.69 21.47
C GLN A 383 9.69 38.82 19.92
N GLU A 384 9.32 40.00 19.43
CA GLU A 384 9.19 40.24 17.98
C GLU A 384 10.48 40.02 17.21
N HIS A 385 11.51 40.78 17.60
CA HIS A 385 12.83 40.69 16.97
C HIS A 385 13.46 39.30 17.07
N GLY A 386 13.10 38.57 18.12
CA GLY A 386 13.58 37.18 18.32
C GLY A 386 12.76 36.14 17.56
N GLY A 387 11.69 36.60 16.91
CA GLY A 387 10.93 35.72 16.01
C GLY A 387 9.84 34.95 16.69
N ILE A 388 9.06 35.64 17.55
CA ILE A 388 7.84 35.03 18.13
C ILE A 388 6.84 34.47 17.05
N ILE A 389 6.80 35.11 15.89
CA ILE A 389 5.94 34.68 14.77
C ILE A 389 6.26 33.24 14.35
N ARG A 390 7.49 32.98 13.95
CA ARG A 390 7.89 31.64 13.57
C ARG A 390 7.98 30.62 14.71
N HIS A 391 8.33 31.02 15.93
CA HIS A 391 8.32 30.07 17.08
C HIS A 391 6.92 29.76 17.63
N GLY A 392 6.08 30.81 17.74
CA GLY A 392 4.66 30.65 18.07
C GLY A 392 3.90 29.73 17.13
N ALA A 393 4.24 29.78 15.85
CA ALA A 393 3.63 28.95 14.82
C ALA A 393 3.91 27.48 14.98
N LYS A 394 5.05 27.13 15.59
CA LYS A 394 5.43 25.72 15.86
C LYS A 394 4.39 25.01 16.69
N LEU A 395 3.80 25.71 17.65
CA LEU A 395 2.75 25.12 18.52
C LEU A 395 1.44 24.84 17.79
N LEU A 396 1.03 25.80 16.95
CA LEU A 396 -0.10 25.66 16.06
C LEU A 396 0.07 24.52 15.08
N TYR A 397 1.26 24.43 14.48
CA TYR A 397 1.59 23.35 13.58
C TYR A 397 1.49 21.99 14.30
N ALA A 398 2.16 21.90 15.45
CA ALA A 398 2.21 20.69 16.24
C ALA A 398 0.81 20.13 16.59
N TYR A 399 -0.08 20.96 17.12
CA TYR A 399 -1.46 20.59 17.39
C TYR A 399 -2.22 20.20 16.14
N SER A 400 -2.05 21.00 15.09
CA SER A 400 -2.80 20.79 13.85
C SER A 400 -2.42 19.45 13.21
N GLU A 401 -1.14 19.14 13.23
CA GLU A 401 -0.63 17.93 12.62
C GLU A 401 -1.00 16.64 13.41
N ALA A 402 -1.01 16.77 14.74
CA ALA A 402 -1.35 15.67 15.65
C ALA A 402 -2.67 14.95 15.34
N THR A 403 -2.57 13.63 15.18
CA THR A 403 -3.72 12.78 14.92
C THR A 403 -4.14 11.97 16.17
N VAL A 404 -3.35 12.02 17.25
CA VAL A 404 -3.73 11.40 18.50
C VAL A 404 -4.92 12.17 19.10
N PRO A 405 -5.63 11.55 20.05
CA PRO A 405 -6.71 12.27 20.72
C PRO A 405 -6.17 13.51 21.42
N LYS A 406 -6.99 14.57 21.35
CA LYS A 406 -6.69 15.89 21.89
C LYS A 406 -7.91 16.32 22.66
N ILE A 407 -7.73 16.44 23.96
CA ILE A 407 -8.78 16.83 24.89
C ILE A 407 -8.30 18.09 25.61
N THR A 408 -9.16 19.10 25.60
CA THR A 408 -8.83 20.42 26.08
C THR A 408 -9.84 20.88 27.13
N VAL A 409 -9.31 21.42 28.22
CA VAL A 409 -10.12 22.00 29.27
C VAL A 409 -9.72 23.45 29.42
N ILE A 410 -10.69 24.34 29.24
CA ILE A 410 -10.49 25.74 29.47
C ILE A 410 -10.91 26.05 30.87
N LEU A 411 -9.93 26.43 31.68
CA LEU A 411 -10.15 26.72 33.11
C LEU A 411 -10.63 28.12 33.33
N ARG A 412 -9.98 29.07 32.65
CA ARG A 412 -10.22 30.50 32.86
C ARG A 412 -9.98 31.28 31.54
N LYS A 413 -8.91 32.09 31.42
CA LYS A 413 -8.74 32.92 30.24
C LYS A 413 -8.35 32.11 29.03
N ALA A 414 -8.91 32.51 27.88
CA ALA A 414 -8.45 32.05 26.57
C ALA A 414 -8.69 33.19 25.62
N TYR A 415 -7.67 34.05 25.53
CA TYR A 415 -7.77 35.25 24.71
C TYR A 415 -6.94 35.14 23.43
N GLY A 416 -7.54 35.54 22.32
CA GLY A 416 -6.82 35.77 21.07
C GLY A 416 -6.20 34.53 20.46
N GLY A 417 -5.02 34.70 19.87
CA GLY A 417 -4.29 33.64 19.19
C GLY A 417 -3.84 32.54 20.10
N ALA A 418 -3.61 32.89 21.35
CA ALA A 418 -3.32 31.92 22.41
C ALA A 418 -4.48 30.92 22.71
N TYR A 419 -5.75 31.38 22.71
CA TYR A 419 -6.93 30.47 22.68
C TYR A 419 -6.86 29.45 21.53
N ILE A 420 -6.55 29.94 20.32
CA ILE A 420 -6.40 29.09 19.14
C ILE A 420 -5.26 28.10 19.35
N ALA A 421 -4.09 28.59 19.74
CA ALA A 421 -2.89 27.73 19.86
C ALA A 421 -2.98 26.62 20.94
N GLY A 423 -4.63 24.06 21.93
CA GLY A 423 -5.46 22.87 21.69
C GLY A 423 -6.91 23.12 21.34
N SER A 424 -7.19 24.19 20.58
CA SER A 424 -8.59 24.53 20.27
C SER A 424 -9.24 23.57 19.28
N LYS A 425 -10.57 23.66 19.23
CA LYS A 425 -11.41 22.90 18.30
C LYS A 425 -10.91 23.08 16.86
N HIS A 426 -10.49 24.32 16.57
CA HIS A 426 -10.11 24.78 15.21
C HIS A 426 -8.84 24.14 14.68
N LEU A 427 -8.03 23.65 15.60
CA LEU A 427 -6.84 22.86 15.32
C LEU A 427 -7.09 21.37 15.49
N GLY A 428 -8.35 20.98 15.62
CA GLY A 428 -8.75 19.58 15.56
C GLY A 428 -8.90 18.85 16.89
N ALA A 429 -9.11 19.55 17.98
CA ALA A 429 -9.40 18.91 19.26
C ALA A 429 -10.65 18.07 19.14
N ASP A 430 -10.60 16.90 19.72
CA ASP A 430 -11.70 15.97 19.72
C ASP A 430 -12.75 16.35 20.75
N VAL A 432 -13.60 19.71 23.61
CA VAL A 432 -13.28 20.92 24.34
C VAL A 432 -14.31 21.15 25.43
N LEU A 433 -13.82 21.18 26.66
CA LEU A 433 -14.63 21.36 27.85
C LEU A 433 -14.27 22.71 28.41
N ALA A 434 -15.26 23.49 28.83
CA ALA A 434 -14.99 24.75 29.50
C ALA A 434 -15.54 24.68 30.91
N TRP A 435 -14.76 25.12 31.89
CA TRP A 435 -15.29 25.38 33.20
C TRP A 435 -16.14 26.65 33.11
N PRO A 436 -17.03 26.88 34.07
CA PRO A 436 -17.85 28.09 34.09
C PRO A 436 -17.06 29.39 34.23
N SER A 437 -15.86 29.27 34.77
CA SER A 437 -14.92 30.35 34.95
C SER A 437 -14.16 30.74 33.67
N ALA A 438 -14.37 29.96 32.61
CA ALA A 438 -13.74 30.21 31.33
C ALA A 438 -14.20 31.54 30.73
N GLU A 439 -13.27 32.21 30.08
CA GLU A 439 -13.50 33.53 29.56
C GLU A 439 -12.80 33.54 28.22
N ILE A 440 -13.58 33.32 27.16
CA ILE A 440 -13.06 33.16 25.79
C ILE A 440 -13.35 34.44 25.03
N ALA A 441 -12.32 35.07 24.47
CA ALA A 441 -12.49 36.36 23.84
C ALA A 441 -11.51 36.60 22.70
N VAL A 442 -11.91 37.39 21.71
CA VAL A 442 -11.08 37.67 20.52
C VAL A 442 -9.78 38.37 20.87
N GLY A 444 -8.13 40.53 24.80
CA GLY A 444 -8.45 40.99 26.14
C GLY A 444 -9.68 41.86 26.09
N PRO A 445 -10.71 41.52 26.88
CA PRO A 445 -11.96 42.26 26.99
C PRO A 445 -11.84 43.76 27.12
N GLU A 446 -10.89 44.25 27.92
CA GLU A 446 -10.73 45.70 28.09
C GLU A 446 -10.36 46.37 26.76
N GLY A 447 -9.30 45.85 26.11
CA GLY A 447 -8.89 46.31 24.79
C GLY A 447 -9.94 46.12 23.69
N ALA A 448 -10.75 45.07 23.78
CA ALA A 448 -11.87 44.88 22.84
C ALA A 448 -12.93 45.96 23.04
N ALA A 449 -13.40 46.16 24.26
CA ALA A 449 -14.41 47.22 24.51
C ALA A 449 -13.93 48.62 24.13
N ASN A 450 -12.65 48.89 24.35
CA ASN A 450 -12.10 50.21 24.04
C ASN A 450 -12.12 50.52 22.55
N ILE A 451 -11.93 49.50 21.71
CA ILE A 451 -12.00 49.70 20.26
C ILE A 451 -13.46 49.81 19.77
N ILE A 452 -14.25 48.79 20.10
CA ILE A 452 -15.65 48.69 19.64
C ILE A 452 -16.49 49.88 20.11
N PHE A 453 -16.25 50.36 21.33
CA PHE A 453 -16.99 51.50 21.88
C PHE A 453 -16.16 52.79 21.94
N LYS A 454 -15.16 52.90 21.08
CA LYS A 454 -14.29 54.08 21.02
C LYS A 454 -15.12 55.38 21.02
N ARG A 455 -16.10 55.46 20.12
CA ARG A 455 -16.88 56.69 19.88
C ARG A 455 -17.99 56.99 20.93
N GLU A 456 -18.43 55.96 21.64
CA GLU A 456 -19.43 56.10 22.70
C GLU A 456 -18.77 56.52 24.02
N ILE A 457 -17.61 55.93 24.30
CA ILE A 457 -16.81 56.37 25.43
C ILE A 457 -16.47 57.86 25.22
N GLU A 458 -15.97 58.19 24.02
CA GLU A 458 -15.46 59.53 23.72
C GLU A 458 -16.55 60.59 23.66
N ALA A 459 -17.74 60.20 23.26
CA ALA A 459 -18.88 61.13 23.22
C ALA A 459 -19.47 61.45 24.62
N SER A 460 -19.41 60.49 25.55
CA SER A 460 -20.13 60.62 26.84
C SER A 460 -19.62 61.73 27.77
N SER A 461 -20.52 62.21 28.62
CA SER A 461 -20.15 63.16 29.69
C SER A 461 -19.60 62.46 30.95
N ASN A 462 -19.09 61.25 30.78
CA ASN A 462 -18.30 60.59 31.83
C ASN A 462 -17.61 59.35 31.25
N PRO A 463 -16.57 59.59 30.42
CA PRO A 463 -15.89 58.51 29.68
C PRO A 463 -15.37 57.37 30.54
N GLU A 464 -14.93 57.65 31.76
CA GLU A 464 -14.36 56.57 32.57
C GLU A 464 -15.46 55.73 33.20
N GLU A 465 -16.57 56.37 33.56
CA GLU A 465 -17.76 55.67 34.03
C GLU A 465 -18.32 54.75 32.94
N THR A 466 -18.52 55.28 31.73
CA THR A 466 -19.09 54.45 30.64
C THR A 466 -18.10 53.39 30.13
N ARG A 467 -16.82 53.73 30.09
CA ARG A 467 -15.79 52.75 29.78
C ARG A 467 -15.88 51.55 30.73
N ARG A 468 -16.14 51.81 32.01
CA ARG A 468 -16.18 50.74 33.03
C ARG A 468 -17.46 49.88 32.90
N LYS A 469 -18.59 50.51 32.59
CA LYS A 469 -19.84 49.79 32.39
C LYS A 469 -19.73 48.92 31.12
N LEU A 470 -19.18 49.49 30.05
CA LEU A 470 -19.06 48.77 28.79
C LEU A 470 -18.03 47.62 28.82
N ILE A 471 -16.99 47.72 29.65
CA ILE A 471 -16.03 46.61 29.79
C ILE A 471 -16.66 45.47 30.57
N GLU A 472 -17.36 45.82 31.64
CA GLU A 472 -18.12 44.88 32.46
C GLU A 472 -19.21 44.17 31.66
N GLU A 473 -19.95 44.94 30.89
CA GLU A 473 -21.01 44.44 30.02
C GLU A 473 -20.44 43.54 28.93
N TYR A 474 -19.29 43.94 28.37
CA TYR A 474 -18.59 43.12 27.40
C TYR A 474 -18.13 41.78 27.94
N LYS A 475 -17.47 41.79 29.10
CA LYS A 475 -17.05 40.55 29.78
C LYS A 475 -18.23 39.62 30.10
N GLN A 476 -19.32 40.16 30.60
CA GLN A 476 -20.50 39.33 30.86
C GLN A 476 -21.18 38.78 29.59
N GLN A 477 -21.40 39.65 28.61
CA GLN A 477 -22.17 39.27 27.44
C GLN A 477 -21.34 38.59 26.36
N PHE A 478 -20.05 38.89 26.24
CA PHE A 478 -19.31 38.35 25.10
C PHE A 478 -18.21 37.37 25.44
N ALA A 479 -17.63 37.47 26.61
CA ALA A 479 -16.49 36.60 26.94
C ALA A 479 -16.87 35.39 27.79
N ASN A 480 -18.15 35.14 28.04
CA ASN A 480 -18.55 33.96 28.81
C ASN A 480 -18.39 32.70 27.93
N PRO A 481 -18.29 31.50 28.55
CA PRO A 481 -18.00 30.32 27.72
C PRO A 481 -19.21 29.86 26.89
N TYR A 482 -20.38 30.43 27.16
CA TYR A 482 -21.59 30.07 26.43
C TYR A 482 -21.65 30.48 24.96
N ILE A 483 -20.95 31.56 24.59
CA ILE A 483 -20.92 31.98 23.20
C ILE A 483 -20.17 30.94 22.35
N ALA A 484 -19.01 30.49 22.79
CA ALA A 484 -18.25 29.45 22.05
C ALA A 484 -19.00 28.10 22.06
N ALA A 485 -19.62 27.78 23.18
CA ALA A 485 -20.52 26.64 23.29
C ALA A 485 -21.73 26.68 22.34
N SER A 486 -22.30 27.87 22.13
CA SER A 486 -23.43 28.05 21.25
C SER A 486 -23.13 27.76 19.80
N ARG A 487 -21.85 27.82 19.43
CA ARG A 487 -21.36 27.47 18.11
C ARG A 487 -20.80 26.03 18.01
N GLY A 488 -20.67 25.35 19.17
CA GLY A 488 -20.07 24.03 19.23
C GLY A 488 -18.57 24.04 19.24
N TYR A 489 -17.95 25.20 19.44
CA TYR A 489 -16.48 25.30 19.51
C TYR A 489 -16.04 24.67 20.80
N VAL A 490 -16.81 24.94 21.85
CA VAL A 490 -16.71 24.26 23.13
C VAL A 490 -17.85 23.25 23.12
N ASP A 491 -17.54 21.99 23.39
CA ASP A 491 -18.54 20.90 23.32
C ASP A 491 -19.50 20.94 24.53
N VAL A 493 -19.90 23.11 28.50
CA VAL A 493 -19.56 23.85 29.70
C VAL A 493 -19.93 22.93 30.83
N ILE A 494 -18.99 22.73 31.77
CA ILE A 494 -19.07 21.66 32.77
C ILE A 494 -18.78 22.16 34.17
N ASP A 495 -19.27 21.43 35.15
CA ASP A 495 -18.90 21.61 36.56
C ASP A 495 -17.49 21.05 36.67
N PRO A 496 -16.54 21.81 37.25
CA PRO A 496 -15.13 21.37 37.41
C PRO A 496 -14.93 19.97 38.06
N ARG A 497 -15.86 19.61 38.94
CA ARG A 497 -15.90 18.32 39.58
C ARG A 497 -16.25 17.13 38.66
N GLU A 498 -16.68 17.41 37.43
CA GLU A 498 -16.94 16.37 36.45
C GLU A 498 -15.74 16.24 35.49
N THR A 499 -14.70 17.01 35.69
CA THR A 499 -13.60 17.07 34.78
C THR A 499 -12.97 15.70 34.48
N ARG A 500 -12.60 14.96 35.52
CA ARG A 500 -11.98 13.63 35.40
C ARG A 500 -12.85 12.67 34.63
N LYS A 501 -14.10 12.54 35.05
CA LYS A 501 -15.05 11.65 34.40
C LYS A 501 -15.23 11.95 32.90
N TYR A 502 -15.27 13.23 32.51
CA TYR A 502 -15.35 13.59 31.09
C TYR A 502 -14.12 13.18 30.29
N ILE A 503 -12.95 13.38 30.89
CA ILE A 503 -11.69 13.05 30.25
C ILE A 503 -11.59 11.53 30.10
N ARG A 505 -14.12 9.28 29.92
CA ARG A 505 -15.05 8.90 28.87
C ARG A 505 -14.61 9.29 27.45
N ALA A 506 -14.06 10.49 27.29
CA ALA A 506 -13.50 10.94 25.99
C ALA A 506 -12.41 10.00 25.51
N LEU A 507 -11.45 9.74 26.38
CA LEU A 507 -10.34 8.83 26.05
C LEU A 507 -10.73 7.37 25.76
N GLU A 508 -11.78 6.89 26.42
CA GLU A 508 -12.33 5.58 26.09
C GLU A 508 -12.82 5.54 24.65
N VAL A 509 -13.59 6.54 24.26
CA VAL A 509 -14.10 6.63 22.89
C VAL A 509 -12.95 6.79 21.91
N CYS A 510 -12.09 7.76 22.19
CA CYS A 510 -10.96 8.10 21.34
C CYS A 510 -9.86 7.02 21.17
N GLU A 511 -9.89 5.95 21.95
CA GLU A 511 -8.95 4.84 21.73
C GLU A 511 -8.93 4.32 20.31
N THR A 512 -10.05 4.47 19.61
CA THR A 512 -10.19 3.98 18.24
C THR A 512 -10.19 5.11 17.19
N LYS A 513 -9.72 6.29 17.57
CA LYS A 513 -9.59 7.44 16.66
C LYS A 513 -8.59 7.15 15.52
N VAL A 514 -9.09 7.17 14.29
CA VAL A 514 -8.29 7.02 13.08
C VAL A 514 -8.44 8.33 12.28
N GLU A 515 -7.31 8.96 11.97
CA GLU A 515 -7.29 10.21 11.23
C GLU A 515 -6.15 10.17 10.21
N TYR A 516 -6.47 10.52 8.98
CA TYR A 516 -5.50 10.48 7.90
C TYR A 516 -4.92 11.86 7.58
N ARG A 517 -3.65 11.86 7.18
CA ARG A 517 -2.92 13.06 6.81
C ARG A 517 -2.53 12.99 5.33
N PRO A 518 -2.44 14.15 4.65
CA PRO A 518 -2.03 14.11 3.23
C PRO A 518 -0.65 13.48 3.04
N LYS A 519 -0.48 12.78 1.94
CA LYS A 519 0.79 12.13 1.67
C LYS A 519 1.91 13.16 1.42
N LYS A 520 3.00 13.00 2.15
CA LYS A 520 4.14 13.87 2.01
C LYS A 520 5.39 13.16 2.56
N LYS A 521 6.58 13.52 2.07
CA LYS A 521 7.81 13.05 2.71
C LYS A 521 7.84 13.51 4.17
N HIS A 522 7.45 14.76 4.36
CA HIS A 522 7.36 15.41 5.67
C HIS A 522 6.75 16.81 5.40
N GLY A 523 6.41 17.52 6.45
CA GLY A 523 6.07 18.92 6.32
C GLY A 523 7.27 19.87 6.33
N ASN A 524 6.94 21.14 6.51
CA ASN A 524 7.90 22.22 6.57
C ASN A 524 7.55 23.12 7.77
N ILE A 525 7.54 22.50 8.95
CA ILE A 525 7.27 23.24 10.18
C ILE A 525 8.30 24.38 10.24
N PRO A 526 7.86 25.55 10.73
CA PRO A 526 8.81 26.64 10.95
C PRO A 526 9.89 26.29 11.97
N LEU A 527 11.09 26.82 11.79
CA LEU A 527 12.20 26.55 12.71
C LEU A 527 12.77 27.84 13.38
N SER B 14 -18.84 34.37 42.12
CA SER B 14 -17.81 33.34 42.41
C SER B 14 -17.93 32.13 41.47
N LEU B 15 -16.94 31.24 41.51
CA LEU B 15 -16.98 30.00 40.75
C LEU B 15 -18.24 29.17 41.04
N ARG B 16 -18.60 29.06 42.32
CA ARG B 16 -19.78 28.32 42.74
C ARG B 16 -21.08 29.00 42.31
N ASP B 17 -21.11 30.33 42.36
CA ASP B 17 -22.20 31.08 41.73
C ASP B 17 -22.35 30.79 40.22
N LYS B 18 -21.22 30.68 39.53
CA LYS B 18 -21.20 30.28 38.11
C LYS B 18 -21.61 28.84 37.84
N ILE B 19 -21.35 27.95 38.80
CA ILE B 19 -21.85 26.59 38.75
C ILE B 19 -23.38 26.55 38.96
N GLU B 20 -23.88 27.26 39.96
CA GLU B 20 -25.33 27.37 40.15
C GLU B 20 -26.01 27.93 38.89
N GLU B 21 -25.42 28.96 38.28
CA GLU B 21 -25.91 29.52 36.99
C GLU B 21 -25.91 28.52 35.84
N LEU B 22 -24.77 27.85 35.64
CA LEU B 22 -24.66 26.76 34.69
C LEU B 22 -25.77 25.72 34.85
N LYS B 23 -26.03 25.28 36.08
CA LYS B 23 -27.09 24.30 36.34
C LYS B 23 -28.46 24.81 35.93
N LYS B 24 -28.71 26.10 36.11
CA LYS B 24 -29.98 26.71 35.69
C LYS B 24 -30.13 26.74 34.16
N ILE B 25 -29.05 27.13 33.49
CA ILE B 25 -28.99 27.13 32.03
C ILE B 25 -29.28 25.74 31.46
N GLU B 26 -28.71 24.71 32.07
CA GLU B 26 -28.92 23.31 31.70
C GLU B 26 -30.35 22.79 31.91
N LYS B 27 -30.90 23.07 33.10
CA LYS B 27 -32.27 22.69 33.43
C LYS B 27 -33.28 23.30 32.44
N GLU B 28 -33.05 24.55 32.05
CA GLU B 28 -33.86 25.22 31.04
C GLU B 28 -33.78 24.55 29.67
N ILE B 29 -32.58 24.18 29.25
CA ILE B 29 -32.38 23.40 28.03
C ILE B 29 -33.08 22.03 28.07
N GLU B 30 -33.04 21.38 29.23
CA GLU B 30 -33.66 20.06 29.40
C GLU B 30 -35.21 20.07 29.38
N GLN B 31 -35.84 21.24 29.57
CA GLN B 31 -37.29 21.36 29.40
C GLN B 31 -37.74 21.03 27.97
N GLY B 32 -36.83 21.20 27.00
CA GLY B 32 -37.17 21.03 25.59
C GLY B 32 -38.11 22.15 25.16
N GLY B 33 -39.21 21.78 24.54
CA GLY B 33 -40.17 22.75 24.06
C GLY B 33 -41.13 23.24 25.13
N GLY B 34 -40.99 22.76 26.36
CA GLY B 34 -41.86 23.12 27.46
C GLY B 34 -42.78 22.01 27.93
N PRO B 35 -43.26 22.11 29.18
CA PRO B 35 -44.16 21.10 29.78
C PRO B 35 -45.39 20.75 28.94
N GLU B 36 -45.99 21.73 28.24
CA GLU B 36 -47.22 21.48 27.47
C GLU B 36 -46.93 20.71 26.21
N LYS B 37 -45.88 21.09 25.50
CA LYS B 37 -45.42 20.30 24.34
C LYS B 37 -45.04 18.84 24.74
N VAL B 38 -44.46 18.67 25.92
CA VAL B 38 -44.11 17.32 26.43
C VAL B 38 -45.37 16.48 26.75
N GLU B 39 -46.38 17.12 27.34
CA GLU B 39 -47.68 16.50 27.60
C GLU B 39 -48.37 16.04 26.31
N LYS B 40 -48.34 16.93 25.32
CA LYS B 40 -48.83 16.65 23.98
C LYS B 40 -48.12 15.45 23.32
N GLN B 41 -46.80 15.40 23.45
CA GLN B 41 -45.97 14.31 22.94
C GLN B 41 -46.43 12.99 23.55
N HIS B 42 -46.56 12.97 24.88
CA HIS B 42 -47.02 11.79 25.64
C HIS B 42 -48.47 11.37 25.36
N ARG B 43 -49.33 12.35 25.09
CA ARG B 43 -50.71 12.09 24.69
C ARG B 43 -50.77 11.46 23.32
N ALA B 44 -49.82 11.81 22.45
CA ALA B 44 -49.71 11.17 21.13
C ALA B 44 -49.20 9.72 21.16
N GLY B 45 -48.90 9.20 22.35
CA GLY B 45 -48.34 7.89 22.51
C GLY B 45 -46.85 7.86 22.23
N LYS B 46 -46.17 9.02 22.33
CA LYS B 46 -44.74 9.09 22.01
C LYS B 46 -43.97 9.45 23.26
N LEU B 47 -42.75 8.94 23.37
CA LEU B 47 -41.83 9.36 24.41
C LEU B 47 -41.05 10.60 23.96
N THR B 48 -40.42 11.30 24.91
CA THR B 48 -39.52 12.40 24.57
C THR B 48 -38.17 11.88 24.03
N ALA B 49 -37.42 12.78 23.41
CA ALA B 49 -36.13 12.48 22.83
C ALA B 49 -35.17 11.93 23.88
N TRP B 50 -35.26 12.48 25.09
CA TRP B 50 -34.42 12.05 26.21
C TRP B 50 -34.91 10.75 26.85
N GLU B 51 -36.23 10.57 26.98
CA GLU B 51 -36.77 9.28 27.47
C GLU B 51 -36.38 8.11 26.58
N ARG B 52 -36.35 8.34 25.27
CA ARG B 52 -35.88 7.35 24.30
C ARG B 52 -34.41 6.93 24.45
N LEU B 53 -33.53 7.89 24.66
CA LEU B 53 -32.09 7.62 24.92
C LEU B 53 -31.88 6.85 26.22
N GLU B 54 -32.64 7.23 27.22
CA GLU B 54 -32.66 6.55 28.50
C GLU B 54 -32.91 5.04 28.37
N LEU B 55 -33.82 4.64 27.49
CA LEU B 55 -34.12 3.21 27.29
C LEU B 55 -33.10 2.55 26.39
N LEU B 56 -32.65 3.31 25.41
CA LEU B 56 -31.76 2.79 24.42
C LEU B 56 -30.36 2.46 24.99
N LEU B 57 -29.79 3.36 25.80
CA LEU B 57 -28.40 3.25 26.23
C LEU B 57 -28.23 2.59 27.62
N ASP B 58 -27.10 1.93 27.87
CA ASP B 58 -26.83 1.39 29.19
C ASP B 58 -26.99 2.54 30.21
N PRO B 59 -27.58 2.26 31.40
CA PRO B 59 -27.78 3.28 32.41
C PRO B 59 -26.55 4.14 32.76
N GLY B 60 -26.69 5.44 32.57
CA GLY B 60 -25.69 6.43 33.00
C GLY B 60 -24.47 6.48 32.12
N THR B 61 -24.55 5.98 30.89
CA THR B 61 -23.36 5.95 30.03
C THR B 61 -23.36 7.04 28.98
N PHE B 62 -24.49 7.72 28.80
CA PHE B 62 -24.62 8.77 27.78
C PHE B 62 -23.85 10.02 28.16
N VAL B 63 -23.01 10.45 27.23
CA VAL B 63 -22.31 11.73 27.30
C VAL B 63 -22.83 12.62 26.16
N GLU B 64 -23.57 13.66 26.51
CA GLU B 64 -24.05 14.64 25.51
C GLU B 64 -22.95 15.59 25.08
N ILE B 65 -22.98 15.98 23.82
CA ILE B 65 -22.20 17.09 23.34
C ILE B 65 -23.12 18.11 22.70
N ASP B 66 -22.66 19.34 22.61
CA ASP B 66 -23.36 20.40 21.85
C ASP B 66 -24.73 20.69 22.43
N LYS B 67 -24.86 20.49 23.74
CA LYS B 67 -26.10 20.78 24.48
C LYS B 67 -26.45 22.27 24.45
N PHE B 68 -25.40 23.11 24.44
CA PHE B 68 -25.56 24.57 24.49
C PHE B 68 -25.65 25.25 23.13
N VAL B 69 -25.63 24.49 22.03
CA VAL B 69 -25.80 25.06 20.69
C VAL B 69 -27.13 25.85 20.57
N GLU B 70 -27.05 27.04 19.99
CA GLU B 70 -28.20 27.91 19.71
C GLU B 70 -28.21 28.25 18.20
N HIS B 71 -29.40 28.39 17.61
CA HIS B 71 -29.53 28.78 16.21
C HIS B 71 -28.99 30.18 15.99
N ARG B 72 -28.61 30.47 14.75
CA ARG B 72 -28.09 31.80 14.39
C ARG B 72 -28.96 32.63 13.45
N ASN B 73 -29.74 31.97 12.60
CA ASN B 73 -30.63 32.69 11.67
C ASN B 73 -31.71 33.46 12.46
N THR B 74 -31.99 34.68 12.00
CA THR B 74 -32.85 35.65 12.64
C THR B 74 -34.17 35.89 11.87
N TYR B 75 -34.33 35.23 10.73
CA TYR B 75 -35.48 35.44 9.83
C TYR B 75 -36.81 35.10 10.46
N PHE B 76 -37.81 35.88 10.12
CA PHE B 76 -39.22 35.56 10.41
C PHE B 76 -39.49 35.35 11.89
N GLY B 77 -38.97 36.22 12.74
CA GLY B 77 -39.10 36.10 14.20
C GLY B 77 -38.18 35.12 14.90
N LEU B 78 -37.25 34.50 14.19
CA LEU B 78 -36.32 33.56 14.82
C LEU B 78 -35.34 34.22 15.82
N ASP B 79 -35.06 35.50 15.64
CA ASP B 79 -34.27 36.25 16.63
C ASP B 79 -34.98 36.54 17.98
N LYS B 80 -36.27 36.22 18.10
CA LYS B 80 -37.01 36.46 19.34
C LYS B 80 -37.33 35.17 20.15
N VAL B 81 -36.68 34.06 19.81
CA VAL B 81 -36.93 32.80 20.53
C VAL B 81 -35.65 32.01 20.82
N LYS B 82 -35.64 31.29 21.95
CA LYS B 82 -34.60 30.28 22.24
C LYS B 82 -35.13 28.88 21.86
N LEU B 83 -34.29 28.11 21.18
CA LEU B 83 -34.64 26.76 20.75
C LEU B 83 -33.64 25.78 21.36
N PRO B 84 -33.99 25.17 22.51
CA PRO B 84 -33.07 24.28 23.26
C PRO B 84 -32.47 23.14 22.44
N ARG B 85 -31.15 22.97 22.52
CA ARG B 85 -30.40 22.02 21.71
C ARG B 85 -30.58 22.16 20.21
N ASP B 86 -31.19 23.25 19.78
CA ASP B 86 -31.74 23.40 18.43
C ASP B 86 -32.62 22.25 17.94
N GLY B 87 -33.19 21.49 18.86
CA GLY B 87 -34.11 20.39 18.53
C GLY B 87 -33.55 19.01 18.37
N VAL B 88 -32.30 18.80 18.77
CA VAL B 88 -31.69 17.46 18.67
C VAL B 88 -30.66 17.21 19.79
N ILE B 89 -30.76 16.05 20.42
CA ILE B 89 -29.77 15.59 21.37
C ILE B 89 -28.76 14.72 20.61
N THR B 90 -27.48 15.05 20.73
CA THR B 90 -26.41 14.26 20.16
C THR B 90 -25.45 13.84 21.27
N GLY B 91 -24.85 12.66 21.15
CA GLY B 91 -23.81 12.23 22.04
C GLY B 91 -23.37 10.79 21.79
N VAL B 92 -22.58 10.28 22.74
CA VAL B 92 -22.04 8.93 22.70
C VAL B 92 -22.39 8.24 24.01
N GLY B 93 -22.87 7.02 23.89
CA GLY B 93 -23.22 6.17 25.03
C GLY B 93 -22.68 4.78 24.82
N GLU B 94 -23.11 3.85 25.66
CA GLU B 94 -22.78 2.45 25.48
C GLU B 94 -24.07 1.65 25.32
N ILE B 95 -23.99 0.61 24.50
CA ILE B 95 -25.03 -0.40 24.45
C ILE B 95 -24.37 -1.76 24.63
N ASN B 96 -24.74 -2.43 25.73
CA ASN B 96 -24.10 -3.68 26.10
C ASN B 96 -22.58 -3.54 26.08
N GLY B 97 -22.09 -2.45 26.66
CA GLY B 97 -20.65 -2.27 26.84
C GLY B 97 -19.88 -1.75 25.64
N ARG B 98 -20.56 -1.47 24.52
CA ARG B 98 -19.85 -0.99 23.33
C ARG B 98 -20.27 0.42 23.00
N LYS B 99 -19.32 1.23 22.54
CA LYS B 99 -19.57 2.63 22.28
C LYS B 99 -20.46 2.79 21.06
N VAL B 100 -21.42 3.70 21.17
CA VAL B 100 -22.30 3.99 20.07
C VAL B 100 -22.58 5.49 20.01
N ALA B 101 -22.58 6.05 18.80
CA ALA B 101 -23.00 7.44 18.56
C ALA B 101 -24.51 7.46 18.38
N VAL B 102 -25.15 8.45 18.99
CA VAL B 102 -26.59 8.55 18.98
C VAL B 102 -27.08 9.98 18.69
N PHE B 103 -28.14 10.12 17.91
CA PHE B 103 -28.92 11.38 17.94
C PHE B 103 -30.38 11.10 18.09
N SER B 104 -31.06 12.06 18.70
CA SER B 104 -32.47 11.97 19.06
C SER B 104 -33.11 13.34 18.87
N GLN B 105 -33.87 13.47 17.79
CA GLN B 105 -34.64 14.67 17.51
C GLN B 105 -35.75 14.91 18.50
N ASP B 106 -35.93 16.19 18.84
CA ASP B 106 -36.90 16.66 19.82
C ASP B 106 -38.02 17.42 19.14
N PHE B 107 -39.13 16.70 18.93
CA PHE B 107 -40.32 17.19 18.31
C PHE B 107 -40.97 18.37 19.04
N THR B 108 -40.71 18.51 20.35
CA THR B 108 -41.25 19.64 21.14
C THR B 108 -40.56 21.00 20.84
N VAL B 109 -39.44 21.00 20.13
CA VAL B 109 -38.81 22.26 19.70
C VAL B 109 -39.11 22.45 18.21
N GLY B 111 -41.54 21.49 16.20
CA GLY B 111 -41.87 20.27 15.47
C GLY B 111 -40.67 19.44 15.10
N GLY B 112 -39.58 19.56 15.86
CA GLY B 112 -38.36 18.81 15.57
C GLY B 112 -37.77 19.19 14.24
N SER B 113 -38.13 20.39 13.74
CA SER B 113 -37.68 20.91 12.45
C SER B 113 -36.14 20.98 12.40
N LEU B 114 -35.59 20.71 11.23
CA LEU B 114 -34.17 20.76 11.07
C LEU B 114 -33.71 22.17 10.70
N GLY B 115 -33.03 22.83 11.63
CA GLY B 115 -32.34 24.05 11.36
C GLY B 115 -30.90 23.78 10.97
N GLU B 116 -30.19 24.88 10.79
CA GLU B 116 -28.81 24.85 10.39
C GLU B 116 -27.93 24.20 11.45
N HIS B 118 -28.93 22.44 14.33
CA HIS B 118 -29.43 21.07 14.43
C HIS B 118 -28.70 20.13 13.46
N ALA B 119 -28.72 20.49 12.17
CA ALA B 119 -28.02 19.71 11.14
C ALA B 119 -26.52 19.62 11.38
N LYS B 120 -25.89 20.74 11.73
CA LYS B 120 -24.44 20.73 12.00
C LYS B 120 -24.09 19.82 13.18
N LYS B 121 -24.99 19.73 14.15
CA LYS B 121 -24.80 18.83 15.30
C LYS B 121 -24.78 17.40 14.84
N ILE B 122 -25.73 17.06 13.98
CA ILE B 122 -25.85 15.72 13.43
C ILE B 122 -24.68 15.39 12.53
N VAL B 123 -24.28 16.33 11.68
CA VAL B 123 -23.06 16.20 10.88
C VAL B 123 -21.81 15.94 11.78
N LYS B 124 -21.65 16.73 12.84
CA LYS B 124 -20.53 16.54 13.75
C LYS B 124 -20.57 15.12 14.34
N LEU B 125 -21.75 14.67 14.76
CA LEU B 125 -21.91 13.35 15.32
C LEU B 125 -21.52 12.22 14.34
N LEU B 126 -21.94 12.34 13.10
CA LEU B 126 -21.60 11.35 12.07
C LEU B 126 -20.12 11.34 11.72
N ASP B 127 -19.52 12.52 11.68
CA ASP B 127 -18.09 12.68 11.43
C ASP B 127 -17.30 11.90 12.50
N LEU B 128 -17.79 12.02 13.72
CA LEU B 128 -17.19 11.47 14.90
C LEU B 128 -17.29 9.96 14.94
N ALA B 129 -18.51 9.45 14.74
CA ALA B 129 -18.75 8.02 14.60
C ALA B 129 -17.84 7.35 13.57
N LEU B 130 -17.67 7.99 12.43
CA LEU B 130 -16.85 7.47 11.37
C LEU B 130 -15.36 7.38 11.79
N LYS B 131 -14.85 8.50 12.29
CA LYS B 131 -13.51 8.66 12.83
C LYS B 131 -13.16 7.72 13.99
N GLY B 133 -14.88 4.86 14.53
CA GLY B 133 -15.22 3.49 14.14
C GLY B 133 -16.33 2.88 14.97
N ILE B 134 -17.37 3.66 15.26
CA ILE B 134 -18.47 3.19 16.08
C ILE B 134 -19.85 3.41 15.35
N PRO B 135 -20.85 2.58 15.68
CA PRO B 135 -22.16 2.69 15.03
C PRO B 135 -22.93 3.98 15.34
N VAL B 136 -23.90 4.28 14.48
CA VAL B 136 -24.70 5.46 14.60
C VAL B 136 -26.14 5.09 14.68
N ILE B 137 -26.82 5.64 15.67
CA ILE B 137 -28.25 5.43 15.82
C ILE B 137 -28.94 6.78 15.75
N GLY B 138 -29.78 6.95 14.73
CA GLY B 138 -30.58 8.16 14.54
C GLY B 138 -32.03 7.92 14.91
N ILE B 139 -32.56 8.68 15.85
CA ILE B 139 -33.99 8.65 16.11
C ILE B 139 -34.62 9.91 15.53
N ASN B 140 -35.47 9.71 14.51
CA ASN B 140 -36.10 10.80 13.79
C ASN B 140 -37.48 11.03 14.30
N ASP B 141 -37.85 12.31 14.39
CA ASP B 141 -39.12 12.78 14.93
C ASP B 141 -39.22 14.28 14.62
N SER B 142 -39.59 14.56 13.37
CA SER B 142 -39.39 15.87 12.75
C SER B 142 -40.36 16.17 11.64
N GLY B 143 -41.05 17.30 11.76
CA GLY B 143 -41.83 17.87 10.65
C GLY B 143 -41.10 18.19 9.34
N GLY B 144 -39.77 18.20 9.35
CA GLY B 144 -38.95 18.42 8.13
C GLY B 144 -38.08 19.67 8.26
N ALA B 145 -37.70 20.26 7.13
CA ALA B 145 -36.91 21.50 7.08
C ALA B 145 -37.54 22.59 7.91
N ARG B 146 -36.70 23.31 8.65
CA ARG B 146 -37.16 24.55 9.26
C ARG B 146 -37.16 25.58 8.14
N ILE B 147 -38.36 25.86 7.62
CA ILE B 147 -38.47 26.64 6.37
C ILE B 147 -38.13 28.09 6.57
N GLN B 148 -38.25 28.54 7.83
CA GLN B 148 -37.81 29.86 8.24
C GLN B 148 -36.31 30.09 8.07
N GLU B 149 -35.53 29.02 8.08
CA GLU B 149 -34.10 29.11 7.83
C GLU B 149 -33.69 28.97 6.34
N GLY B 150 -34.61 28.56 5.46
CA GLY B 150 -34.39 28.61 4.02
C GLY B 150 -33.32 27.67 3.51
N VAL B 151 -32.49 28.13 2.57
CA VAL B 151 -31.45 27.28 1.95
C VAL B 151 -30.44 26.71 2.97
N ASP B 152 -30.22 27.37 4.11
CA ASP B 152 -29.41 26.76 5.19
C ASP B 152 -29.96 25.42 5.70
N ALA B 153 -31.27 25.30 5.77
CA ALA B 153 -31.88 24.02 6.11
C ALA B 153 -31.47 22.93 5.10
N LEU B 154 -31.53 23.28 3.82
CA LEU B 154 -31.18 22.37 2.71
C LEU B 154 -29.68 22.00 2.70
N ALA B 155 -28.85 23.02 2.91
CA ALA B 155 -27.42 22.86 3.13
C ALA B 155 -27.18 21.83 4.22
N GLY B 156 -27.83 22.00 5.36
CA GLY B 156 -27.82 21.01 6.43
C GLY B 156 -28.14 19.56 6.00
N TYR B 157 -29.30 19.35 5.39
CA TYR B 157 -29.65 17.98 4.97
C TYR B 157 -28.59 17.43 4.06
N GLY B 158 -28.11 18.25 3.13
CA GLY B 158 -27.17 17.82 2.14
C GLY B 158 -25.91 17.30 2.76
N GLU B 159 -25.39 18.03 3.75
CA GLU B 159 -24.18 17.63 4.46
C GLU B 159 -24.39 16.31 5.24
N ILE B 160 -25.57 16.14 5.81
CA ILE B 160 -25.93 14.90 6.46
C ILE B 160 -25.86 13.72 5.47
N PHE B 161 -26.45 13.88 4.28
CA PHE B 161 -26.47 12.82 3.28
C PHE B 161 -25.08 12.47 2.84
N LEU B 162 -24.23 13.46 2.63
CA LEU B 162 -22.83 13.19 2.34
C LEU B 162 -22.14 12.38 3.45
N ARG B 163 -22.27 12.78 4.71
CA ARG B 163 -21.77 11.95 5.85
C ARG B 163 -22.35 10.51 5.88
N ASN B 164 -23.64 10.33 5.57
CA ASN B 164 -24.22 9.00 5.54
C ASN B 164 -23.62 8.13 4.46
N THR B 165 -23.42 8.72 3.30
CA THR B 165 -22.83 8.06 2.18
C THR B 165 -21.36 7.62 2.44
N LEU B 166 -20.56 8.52 3.01
CA LEU B 166 -19.18 8.22 3.35
C LEU B 166 -19.09 7.09 4.37
N ALA B 167 -20.00 7.11 5.35
CA ALA B 167 -20.05 6.08 6.37
C ALA B 167 -20.60 4.74 5.90
N SER B 168 -21.24 4.70 4.74
CA SER B 168 -21.98 3.53 4.27
C SER B 168 -21.02 2.40 4.04
N GLY B 169 -21.29 1.28 4.71
CA GLY B 169 -20.40 0.10 4.75
C GLY B 169 -19.08 0.27 5.49
N VAL B 170 -18.99 1.30 6.34
CA VAL B 170 -17.83 1.52 7.20
C VAL B 170 -18.25 1.37 8.68
N VAL B 171 -19.31 2.06 9.07
CA VAL B 171 -19.95 1.82 10.36
C VAL B 171 -21.43 1.53 10.11
N PRO B 172 -22.03 0.61 10.91
CA PRO B 172 -23.44 0.36 10.82
C PRO B 172 -24.26 1.60 11.19
N GLN B 173 -25.25 1.91 10.38
CA GLN B 173 -26.09 3.08 10.56
C GLN B 173 -27.53 2.59 10.67
N ILE B 174 -28.16 2.88 11.81
CA ILE B 174 -29.52 2.45 12.11
C ILE B 174 -30.39 3.66 12.40
N THR B 175 -31.55 3.72 11.78
CA THR B 175 -32.48 4.79 11.91
C THR B 175 -33.75 4.26 12.57
N VAL B 176 -34.26 4.97 13.57
CA VAL B 176 -35.58 4.72 14.07
C VAL B 176 -36.48 5.87 13.68
N ILE B 177 -37.63 5.59 13.07
CA ILE B 177 -38.63 6.63 12.80
C ILE B 177 -39.68 6.51 13.88
N ALA B 178 -39.74 7.52 14.74
CA ALA B 178 -40.60 7.55 15.92
C ALA B 178 -41.55 8.75 15.93
N GLY B 179 -41.80 9.29 14.75
CA GLY B 179 -42.83 10.32 14.59
C GLY B 179 -42.87 10.67 13.13
N PRO B 180 -43.32 11.90 12.82
CA PRO B 180 -43.23 12.40 11.44
C PRO B 180 -41.82 12.33 10.91
N CYS B 181 -41.73 12.19 9.60
CA CYS B 181 -40.46 12.27 8.90
C CYS B 181 -40.86 12.66 7.50
N ALA B 182 -40.98 13.95 7.29
CA ALA B 182 -41.52 14.52 6.05
C ALA B 182 -40.44 15.27 5.21
N GLY B 183 -40.66 15.34 3.90
CA GLY B 183 -39.76 16.06 2.98
C GLY B 183 -38.38 15.43 2.83
N GLY B 184 -37.35 16.26 2.73
CA GLY B 184 -35.96 15.80 2.64
C GLY B 184 -35.45 15.02 3.85
N ALA B 185 -36.11 15.18 5.00
CA ALA B 185 -35.81 14.37 6.17
C ALA B 185 -35.79 12.86 5.89
N VAL B 186 -36.53 12.41 4.87
CA VAL B 186 -36.69 10.98 4.59
C VAL B 186 -35.43 10.30 4.03
N TYR B 187 -34.52 11.09 3.44
CA TYR B 187 -33.36 10.51 2.73
C TYR B 187 -32.18 10.05 3.59
N SER B 188 -31.95 10.66 4.75
CA SER B 188 -30.91 10.17 5.63
C SER B 188 -31.22 8.71 6.09
N PRO B 189 -32.46 8.46 6.61
CA PRO B 189 -32.94 7.10 6.83
C PRO B 189 -32.66 6.17 5.68
N ALA B 190 -33.03 6.57 4.46
CA ALA B 190 -32.83 5.75 3.26
C ALA B 190 -31.37 5.38 3.04
N LEU B 191 -30.46 6.28 3.41
CA LEU B 191 -29.03 6.04 3.25
C LEU B 191 -28.43 5.22 4.37
N THR B 192 -29.19 4.98 5.43
CA THR B 192 -28.73 4.17 6.53
C THR B 192 -29.02 2.73 6.18
N ASP B 193 -28.53 1.82 6.99
CA ASP B 193 -28.64 0.40 6.68
C ASP B 193 -30.01 -0.21 7.04
N PHE B 194 -30.58 0.20 8.17
CA PHE B 194 -31.83 -0.38 8.67
C PHE B 194 -32.71 0.69 9.29
N ILE B 195 -34.01 0.63 8.96
CA ILE B 195 -35.01 1.54 9.46
C ILE B 195 -36.05 0.80 10.29
N VAL B 196 -36.18 1.24 11.55
CA VAL B 196 -37.16 0.74 12.47
C VAL B 196 -38.26 1.79 12.52
N VAL B 198 -42.01 2.90 14.17
CA VAL B 198 -42.96 2.71 15.26
C VAL B 198 -44.39 2.77 14.77
N ASP B 199 -45.14 1.72 15.09
CA ASP B 199 -46.53 1.60 14.70
C ASP B 199 -47.42 2.73 15.22
N GLN B 200 -48.17 3.31 14.28
CA GLN B 200 -49.18 4.38 14.50
C GLN B 200 -48.63 5.79 14.64
N THR B 201 -47.51 5.95 15.33
CA THR B 201 -46.94 7.27 15.60
C THR B 201 -45.93 7.68 14.55
N ALA B 202 -45.25 6.71 13.93
CA ALA B 202 -44.32 6.99 12.84
C ALA B 202 -45.00 7.08 11.46
N ARG B 203 -44.53 8.04 10.66
CA ARG B 203 -45.00 8.29 9.29
C ARG B 203 -43.80 8.87 8.55
N PHE B 205 -42.91 10.39 4.54
CA PHE B 205 -43.18 10.70 3.13
C PHE B 205 -42.43 11.92 2.64
N ILE B 206 -42.00 11.87 1.37
CA ILE B 206 -41.45 13.07 0.75
C ILE B 206 -42.49 14.17 0.68
N THR B 207 -43.66 13.82 0.16
CA THR B 207 -44.75 14.77 -0.11
C THR B 207 -45.92 14.33 0.73
N GLY B 208 -46.61 15.29 1.33
CA GLY B 208 -47.76 15.01 2.14
C GLY B 208 -49.10 14.96 1.40
N PRO B 209 -50.14 14.48 2.10
CA PRO B 209 -51.44 14.24 1.49
C PRO B 209 -52.11 15.46 0.92
N ASN B 210 -51.89 16.62 1.52
CA ASN B 210 -52.52 17.84 1.03
C ASN B 210 -51.91 18.33 -0.30
N VAL B 211 -50.60 18.20 -0.44
CA VAL B 211 -49.94 18.46 -1.72
C VAL B 211 -50.36 17.43 -2.79
N ILE B 212 -50.34 16.14 -2.44
CA ILE B 212 -50.83 15.08 -3.32
C ILE B 212 -52.25 15.35 -3.82
N LYS B 213 -53.13 15.77 -2.91
CA LYS B 213 -54.51 16.08 -3.24
C LYS B 213 -54.59 17.27 -4.19
N ALA B 214 -53.77 18.31 -3.94
CA ALA B 214 -53.77 19.50 -4.78
C ALA B 214 -53.28 19.21 -6.21
N VAL B 215 -52.32 18.29 -6.34
CA VAL B 215 -51.67 17.96 -7.61
C VAL B 215 -52.28 16.75 -8.36
N THR B 216 -52.49 15.63 -7.68
CA THR B 216 -53.10 14.45 -8.31
C THR B 216 -54.63 14.24 -8.04
N GLY B 217 -55.21 14.99 -7.11
CA GLY B 217 -56.59 14.69 -6.67
C GLY B 217 -56.75 13.44 -5.79
N GLU B 218 -55.67 12.68 -5.56
CA GLU B 218 -55.73 11.52 -4.67
C GLU B 218 -55.90 12.01 -3.24
N GLU B 219 -56.83 11.34 -2.54
CA GLU B 219 -57.18 11.64 -1.16
C GLU B 219 -56.70 10.46 -0.31
N ILE B 220 -55.79 10.74 0.63
CA ILE B 220 -55.21 9.68 1.42
C ILE B 220 -54.81 10.21 2.80
N SER B 221 -54.97 9.37 3.83
CA SER B 221 -54.50 9.74 5.17
C SER B 221 -52.98 9.59 5.21
N GLN B 222 -52.36 10.20 6.21
CA GLN B 222 -50.92 10.06 6.41
C GLN B 222 -50.51 8.61 6.72
N GLU B 223 -51.31 7.92 7.52
CA GLU B 223 -51.06 6.54 7.90
C GLU B 223 -51.13 5.65 6.67
N ASP B 224 -52.11 5.87 5.81
CA ASP B 224 -52.24 5.06 4.59
C ASP B 224 -51.18 5.41 3.54
N LEU B 225 -50.73 6.67 3.53
CA LEU B 225 -49.64 7.12 2.66
C LEU B 225 -48.25 6.63 3.07
N GLY B 226 -47.93 6.78 4.34
CA GLY B 226 -46.55 6.59 4.82
C GLY B 226 -46.41 6.04 6.23
N GLY B 227 -47.44 5.37 6.73
CA GLY B 227 -47.37 4.72 8.02
C GLY B 227 -46.35 3.61 8.07
N ALA B 228 -46.10 3.11 9.27
CA ALA B 228 -45.04 2.13 9.50
C ALA B 228 -45.25 0.84 8.75
N VAL B 230 -47.18 0.48 5.99
CA VAL B 230 -46.99 0.76 4.55
C VAL B 230 -45.53 0.57 4.11
N HIS B 231 -44.59 1.19 4.82
CA HIS B 231 -43.20 1.11 4.48
C HIS B 231 -42.61 -0.27 4.77
N ASN B 232 -43.22 -1.01 5.66
CA ASN B 232 -42.77 -2.36 5.95
C ASN B 232 -43.29 -3.34 4.90
N GLN B 233 -44.54 -3.11 4.45
CA GLN B 233 -45.26 -4.02 3.55
C GLN B 233 -45.26 -3.67 2.03
N LYS B 234 -45.51 -2.40 1.71
CA LYS B 234 -45.70 -1.96 0.33
C LYS B 234 -44.42 -1.43 -0.33
N SER B 235 -43.82 -0.40 0.28
CA SER B 235 -42.75 0.35 -0.37
C SER B 235 -41.39 -0.34 -0.31
N GLY B 236 -41.18 -1.19 0.70
CA GLY B 236 -39.88 -1.80 0.90
C GLY B 236 -38.80 -0.91 1.53
N ASN B 237 -39.24 0.23 2.09
CA ASN B 237 -38.34 1.24 2.67
C ASN B 237 -37.89 0.91 4.08
N ALA B 238 -38.76 0.27 4.88
CA ALA B 238 -38.44 0.00 6.27
C ALA B 238 -38.20 -1.48 6.51
N HIS B 239 -37.45 -1.80 7.56
CA HIS B 239 -37.06 -3.20 7.88
C HIS B 239 -37.68 -3.81 9.13
N PHE B 240 -38.19 -2.97 10.02
CA PHE B 240 -38.79 -3.44 11.26
C PHE B 240 -39.94 -2.54 11.60
N LEU B 241 -40.89 -3.13 12.33
CA LEU B 241 -42.08 -2.49 12.80
C LEU B 241 -42.12 -2.75 14.31
N ALA B 242 -41.99 -1.70 15.11
CA ALA B 242 -42.09 -1.81 16.56
C ALA B 242 -43.44 -1.24 16.95
N ASP B 243 -44.04 -1.81 17.98
CA ASP B 243 -45.35 -1.36 18.49
C ASP B 243 -45.27 -0.01 19.09
N ASN B 244 -44.11 0.24 19.69
CA ASN B 244 -43.85 1.18 20.75
C ASN B 244 -42.49 1.76 20.58
N ASP B 245 -42.27 2.90 21.21
CA ASP B 245 -40.92 3.43 21.35
C ASP B 245 -40.05 2.49 22.22
N GLU B 246 -40.62 1.95 23.31
CA GLU B 246 -39.89 0.96 24.16
C GLU B 246 -39.44 -0.24 23.32
N LYS B 247 -40.34 -0.76 22.50
CA LYS B 247 -40.06 -1.93 21.70
C LYS B 247 -39.03 -1.58 20.63
N ALA B 248 -39.11 -0.39 20.06
CA ALA B 248 -38.12 0.06 19.08
C ALA B 248 -36.73 0.19 19.71
N SER B 250 -35.49 -1.60 22.36
CA SER B 250 -34.98 -2.95 22.59
C SER B 250 -34.58 -3.65 21.28
N LEU B 251 -35.40 -3.48 20.23
CA LEU B 251 -35.07 -3.96 18.89
C LEU B 251 -33.68 -3.46 18.41
N VAL B 252 -33.40 -2.17 18.59
CA VAL B 252 -32.11 -1.63 18.19
C VAL B 252 -30.96 -2.29 18.97
N ARG B 253 -31.12 -2.46 20.27
CA ARG B 253 -30.09 -3.14 21.06
C ARG B 253 -29.86 -4.58 20.60
N THR B 254 -30.93 -5.32 20.31
CA THR B 254 -30.77 -6.69 19.83
C THR B 254 -30.06 -6.75 18.47
N LEU B 255 -30.45 -5.87 17.58
CA LEU B 255 -29.86 -5.81 16.26
C LEU B 255 -28.36 -5.55 16.31
N LEU B 256 -27.98 -4.57 17.13
CA LEU B 256 -26.57 -4.21 17.26
C LEU B 256 -25.74 -5.34 17.82
N SER B 257 -26.37 -6.23 18.59
CA SER B 257 -25.67 -7.35 19.22
C SER B 257 -25.15 -8.34 18.17
N TYR B 258 -25.67 -8.26 16.95
CA TYR B 258 -25.23 -9.10 15.84
C TYR B 258 -24.09 -8.51 15.05
N LEU B 259 -23.91 -7.19 15.16
CA LEU B 259 -23.12 -6.42 14.21
C LEU B 259 -21.81 -6.02 14.82
N PRO B 260 -20.75 -5.89 13.99
CA PRO B 260 -19.52 -5.26 14.47
C PRO B 260 -19.70 -3.74 14.60
N SER B 261 -18.79 -3.09 15.33
CA SER B 261 -18.76 -1.65 15.48
C SER B 261 -18.41 -0.97 14.18
N ASN B 262 -17.63 -1.64 13.34
CA ASN B 262 -17.15 -1.10 12.07
C ASN B 262 -16.66 -2.22 11.14
N ASN B 263 -16.27 -1.87 9.91
CA ASN B 263 -15.95 -2.87 8.87
C ASN B 263 -14.59 -3.52 9.01
N ALA B 264 -13.79 -3.10 10.00
CA ALA B 264 -12.48 -3.68 10.25
C ALA B 264 -12.48 -4.68 11.42
N GLU B 265 -13.65 -5.03 11.89
CA GLU B 265 -13.81 -6.00 12.96
C GLU B 265 -14.63 -7.19 12.49
N GLU B 266 -14.26 -8.37 12.97
CA GLU B 266 -15.15 -9.55 12.99
C GLU B 266 -16.36 -9.22 13.86
N PRO B 267 -17.54 -9.80 13.53
CA PRO B 267 -18.71 -9.57 14.39
C PRO B 267 -18.61 -10.23 15.79
N PRO B 268 -19.39 -9.73 16.76
CA PRO B 268 -19.24 -10.21 18.14
C PRO B 268 -19.70 -11.66 18.27
N VAL B 269 -19.14 -12.34 19.28
CA VAL B 269 -19.42 -13.74 19.58
C VAL B 269 -20.22 -13.77 20.84
N GLU B 270 -21.34 -14.49 20.83
CA GLU B 270 -22.31 -14.41 21.91
C GLU B 270 -23.01 -15.74 22.14
N ASP B 271 -22.92 -16.23 23.38
CA ASP B 271 -23.64 -17.43 23.85
C ASP B 271 -23.65 -18.60 22.86
N PRO B 272 -22.47 -19.20 22.61
CA PRO B 272 -22.36 -20.28 21.64
C PRO B 272 -23.21 -21.47 21.99
N ASP B 273 -24.00 -21.92 21.02
CA ASP B 273 -24.54 -23.26 21.03
C ASP B 273 -23.45 -24.17 20.37
N THR B 274 -22.97 -25.12 21.16
CA THR B 274 -21.86 -25.99 20.76
C THR B 274 -22.32 -27.40 20.34
N SER B 275 -23.64 -27.67 20.47
CA SER B 275 -24.20 -28.93 19.99
C SER B 275 -24.12 -29.02 18.45
N LEU B 276 -23.94 -30.23 17.95
CA LEU B 276 -23.76 -30.47 16.53
C LEU B 276 -25.04 -30.93 15.88
N GLU B 277 -26.01 -31.36 16.69
CA GLU B 277 -27.14 -32.15 16.21
C GLU B 277 -28.25 -31.32 15.55
N THR B 278 -28.94 -31.91 14.60
CA THR B 278 -30.12 -31.33 13.96
C THR B 278 -31.26 -32.29 14.40
N PRO B 279 -32.37 -31.74 14.95
CA PRO B 279 -33.43 -32.66 15.43
C PRO B 279 -34.01 -33.56 14.34
N GLU B 280 -34.50 -34.71 14.74
CA GLU B 280 -35.09 -35.68 13.83
C GLU B 280 -36.21 -35.05 13.04
N ASP B 281 -37.01 -34.21 13.71
CA ASP B 281 -38.19 -33.61 13.07
C ASP B 281 -37.91 -32.67 11.91
N ILE B 282 -36.65 -32.35 11.62
CA ILE B 282 -36.32 -31.66 10.37
C ILE B 282 -36.74 -32.47 9.12
N LEU B 283 -36.85 -33.79 9.30
CA LEU B 283 -37.38 -34.68 8.28
C LEU B 283 -38.90 -34.55 8.07
N ASP B 284 -39.58 -33.90 8.98
CA ASP B 284 -41.02 -33.75 8.86
C ASP B 284 -41.48 -32.37 8.38
N ILE B 285 -40.57 -31.52 7.90
CA ILE B 285 -40.93 -30.16 7.50
C ILE B 285 -41.40 -30.07 6.05
N LEU B 286 -40.61 -30.62 5.12
CA LEU B 286 -40.95 -30.59 3.71
C LEU B 286 -42.10 -31.59 3.51
N PRO B 287 -43.18 -31.16 2.84
CA PRO B 287 -44.29 -32.09 2.62
C PRO B 287 -43.93 -33.23 1.66
N ASP B 288 -44.65 -34.34 1.68
CA ASP B 288 -44.44 -35.42 0.69
C ASP B 288 -44.78 -34.94 -0.75
N ASN B 289 -45.90 -34.22 -0.87
CA ASN B 289 -46.31 -33.57 -2.10
C ASN B 289 -45.39 -32.41 -2.51
N PRO B 290 -44.60 -32.56 -3.61
CA PRO B 290 -43.69 -31.49 -4.07
C PRO B 290 -44.38 -30.21 -4.58
N ASN B 291 -45.69 -30.27 -4.76
CA ASN B 291 -46.48 -29.08 -5.05
C ASN B 291 -46.94 -28.33 -3.81
N LYS B 292 -46.72 -28.90 -2.61
CA LYS B 292 -47.12 -28.22 -1.37
C LYS B 292 -45.96 -27.37 -0.82
N GLY B 293 -46.30 -26.28 -0.15
CA GLY B 293 -45.32 -25.37 0.43
C GLY B 293 -45.08 -25.72 1.88
N TYR B 294 -44.26 -24.89 2.53
CA TYR B 294 -44.01 -24.97 3.97
C TYR B 294 -43.36 -23.63 4.41
N ASP B 295 -43.14 -23.46 5.72
CA ASP B 295 -42.51 -22.29 6.24
C ASP B 295 -41.02 -22.59 6.38
N VAL B 296 -40.21 -21.99 5.51
CA VAL B 296 -38.77 -22.25 5.48
C VAL B 296 -38.15 -21.93 6.84
N ARG B 297 -38.79 -21.06 7.63
CA ARG B 297 -38.22 -20.71 8.94
C ARG B 297 -38.24 -21.87 9.91
N ASP B 298 -39.08 -22.88 9.68
CA ASP B 298 -39.01 -24.14 10.42
C ASP B 298 -37.73 -24.95 10.17
N VAL B 299 -37.14 -24.80 9.00
CA VAL B 299 -35.84 -25.39 8.68
C VAL B 299 -34.73 -24.54 9.29
N ILE B 300 -34.79 -23.23 9.08
CA ILE B 300 -33.78 -22.30 9.61
C ILE B 300 -33.61 -22.53 11.11
N LYS B 301 -34.74 -22.54 11.84
CA LYS B 301 -34.71 -22.63 13.28
C LYS B 301 -34.24 -23.98 13.84
N ARG B 302 -34.23 -25.03 13.02
CA ARG B 302 -33.70 -26.31 13.47
C ARG B 302 -32.20 -26.46 13.11
N VAL B 303 -31.60 -25.38 12.61
CA VAL B 303 -30.19 -25.39 12.18
C VAL B 303 -29.30 -24.36 12.92
N VAL B 304 -29.88 -23.22 13.30
CA VAL B 304 -29.17 -22.11 13.95
C VAL B 304 -29.20 -22.23 15.48
N ASP B 305 -28.26 -21.55 16.13
CA ASP B 305 -28.11 -21.61 17.57
C ASP B 305 -29.41 -21.34 18.28
N HIS B 306 -29.74 -22.25 19.20
CA HIS B 306 -30.86 -22.07 20.14
C HIS B 306 -32.24 -21.89 19.45
N GLY B 307 -32.28 -22.10 18.14
CA GLY B 307 -33.49 -21.89 17.37
C GLY B 307 -33.86 -20.46 17.18
N GLU B 308 -32.88 -19.55 17.35
CA GLU B 308 -33.13 -18.10 17.38
C GLU B 308 -32.95 -17.43 16.03
N PHE B 309 -34.03 -16.82 15.55
CA PHE B 309 -33.99 -16.14 14.27
C PHE B 309 -34.57 -14.73 14.35
N PHE B 310 -33.73 -13.77 13.96
CA PHE B 310 -34.05 -12.35 14.01
C PHE B 310 -34.30 -11.83 12.57
N GLU B 311 -35.58 -11.82 12.20
CA GLU B 311 -35.99 -11.58 10.83
C GLU B 311 -35.99 -10.10 10.45
N VAL B 312 -35.55 -9.83 9.23
CA VAL B 312 -35.46 -8.47 8.71
C VAL B 312 -36.49 -8.37 7.57
N GLN B 313 -37.19 -7.22 7.47
CA GLN B 313 -38.27 -6.97 6.49
C GLN B 313 -39.28 -8.13 6.37
N PRO B 314 -39.83 -8.60 7.49
CA PRO B 314 -40.75 -9.75 7.42
C PRO B 314 -42.10 -9.56 6.68
N TYR B 315 -42.50 -8.31 6.41
CA TYR B 315 -43.80 -7.99 5.78
C TYR B 315 -43.71 -7.64 4.29
N PHE B 316 -42.48 -7.52 3.81
CA PHE B 316 -42.20 -7.11 2.46
C PHE B 316 -41.58 -8.29 1.73
N ALA B 317 -42.05 -8.55 0.51
CA ALA B 317 -41.53 -9.65 -0.34
C ALA B 317 -41.30 -10.90 0.50
N LYS B 318 -42.43 -11.41 1.02
CA LYS B 318 -42.46 -12.49 1.96
C LYS B 318 -42.17 -13.84 1.31
N ASN B 319 -42.11 -13.86 -0.03
CA ASN B 319 -41.56 -14.99 -0.80
C ASN B 319 -40.05 -15.22 -0.65
N ILE B 320 -39.37 -14.28 -0.02
CA ILE B 320 -37.99 -14.50 0.43
C ILE B 320 -37.84 -14.10 1.90
N VAL B 321 -37.06 -14.89 2.65
CA VAL B 321 -36.81 -14.63 4.07
C VAL B 321 -35.35 -14.26 4.33
N ILE B 322 -35.18 -13.16 5.06
CA ILE B 322 -33.85 -12.70 5.49
C ILE B 322 -33.83 -12.36 6.98
N GLY B 323 -32.65 -12.52 7.57
CA GLY B 323 -32.44 -12.13 8.94
C GLY B 323 -31.09 -12.53 9.44
N PHE B 324 -30.89 -12.35 10.74
CA PHE B 324 -29.70 -12.72 11.47
C PHE B 324 -29.93 -13.92 12.37
N ALA B 325 -28.89 -14.74 12.48
CA ALA B 325 -28.87 -15.83 13.43
C ALA B 325 -27.43 -15.97 13.94
N ARG B 326 -27.14 -17.04 14.68
CA ARG B 326 -25.76 -17.39 15.05
C ARG B 326 -25.49 -18.85 14.78
N ILE B 327 -24.25 -19.16 14.42
CA ILE B 327 -23.76 -20.54 14.40
C ILE B 327 -22.56 -20.62 15.29
N GLN B 328 -22.66 -21.43 16.34
CA GLN B 328 -21.59 -21.46 17.33
C GLN B 328 -21.26 -20.06 17.89
N GLY B 329 -22.29 -19.25 18.14
CA GLY B 329 -22.14 -17.94 18.75
C GLY B 329 -21.78 -16.82 17.81
N LYS B 330 -21.51 -17.15 16.54
CA LYS B 330 -21.03 -16.18 15.56
C LYS B 330 -22.14 -15.75 14.63
N THR B 331 -22.26 -14.46 14.38
CA THR B 331 -23.32 -13.95 13.53
C THR B 331 -23.27 -14.54 12.11
N VAL B 332 -24.43 -14.97 11.62
CA VAL B 332 -24.63 -15.29 10.22
C VAL B 332 -25.84 -14.51 9.68
N GLY B 333 -25.84 -14.28 8.38
CA GLY B 333 -27.03 -13.74 7.72
C GLY B 333 -27.70 -14.86 6.95
N ILE B 334 -29.03 -14.85 6.96
CA ILE B 334 -29.84 -15.86 6.34
C ILE B 334 -30.55 -15.27 5.14
N VAL B 335 -30.49 -15.98 4.01
CA VAL B 335 -31.29 -15.73 2.82
C VAL B 335 -31.99 -17.06 2.40
N ALA B 336 -33.32 -17.07 2.28
CA ALA B 336 -34.05 -18.29 2.06
C ALA B 336 -35.32 -18.06 1.28
N ASN B 337 -35.54 -18.87 0.24
CA ASN B 337 -36.83 -18.87 -0.45
C ASN B 337 -37.90 -19.38 0.46
N GLN B 338 -39.09 -18.79 0.34
CA GLN B 338 -40.26 -19.11 1.14
C GLN B 338 -41.33 -19.79 0.28
N PRO B 339 -41.33 -21.14 0.18
CA PRO B 339 -42.31 -21.83 -0.64
C PRO B 339 -43.78 -21.61 -0.29
N SER B 340 -44.06 -21.15 0.92
CA SER B 340 -45.45 -20.96 1.35
C SER B 340 -46.06 -19.63 0.81
N VAL B 341 -45.24 -18.80 0.15
CA VAL B 341 -45.65 -17.51 -0.40
C VAL B 341 -45.17 -17.41 -1.86
N LEU B 342 -46.13 -17.31 -2.78
CA LEU B 342 -45.84 -17.23 -4.21
C LEU B 342 -44.96 -18.42 -4.67
N ALA B 343 -45.17 -19.57 -4.05
CA ALA B 343 -44.40 -20.79 -4.30
C ALA B 343 -42.90 -20.54 -4.29
N GLY B 344 -42.46 -19.54 -3.51
CA GLY B 344 -41.04 -19.29 -3.32
C GLY B 344 -40.29 -18.78 -4.53
N VAL B 345 -41.01 -18.17 -5.47
CA VAL B 345 -40.41 -17.50 -6.65
C VAL B 345 -39.55 -16.26 -6.31
N LEU B 346 -38.56 -15.99 -7.16
CA LEU B 346 -37.89 -14.69 -7.17
C LEU B 346 -38.72 -13.67 -7.94
N ASP B 347 -38.62 -12.41 -7.54
CA ASP B 347 -39.26 -11.35 -8.32
C ASP B 347 -38.54 -10.03 -8.08
N ILE B 348 -39.05 -8.94 -8.62
CA ILE B 348 -38.50 -7.61 -8.36
C ILE B 348 -38.25 -7.38 -6.86
N ASP B 349 -39.30 -7.40 -6.07
CA ASP B 349 -39.23 -7.04 -4.64
C ASP B 349 -38.31 -7.95 -3.79
N SER B 350 -38.42 -9.27 -3.96
CA SER B 350 -37.55 -10.21 -3.27
C SER B 350 -36.09 -10.03 -3.69
N SER B 351 -35.85 -9.71 -4.96
CA SER B 351 -34.49 -9.50 -5.44
C SER B 351 -33.85 -8.29 -4.77
N ASP B 352 -34.61 -7.21 -4.64
CA ASP B 352 -34.15 -6.00 -3.94
C ASP B 352 -33.85 -6.24 -2.47
N LYS B 353 -34.79 -6.91 -1.83
CA LYS B 353 -34.74 -7.20 -0.39
C LYS B 353 -33.49 -8.01 -0.07
N ALA B 354 -33.31 -9.10 -0.79
CA ALA B 354 -32.14 -9.96 -0.61
C ALA B 354 -30.82 -9.33 -1.04
N ALA B 355 -30.79 -8.65 -2.17
CA ALA B 355 -29.53 -8.12 -2.66
C ALA B 355 -28.97 -7.06 -1.68
N ARG B 356 -29.83 -6.18 -1.15
CA ARG B 356 -29.31 -5.15 -0.27
C ARG B 356 -28.83 -5.76 1.04
N PHE B 357 -29.56 -6.74 1.54
CA PHE B 357 -29.15 -7.41 2.76
C PHE B 357 -27.78 -8.08 2.64
N ILE B 358 -27.53 -8.71 1.51
CA ILE B 358 -26.30 -9.43 1.26
C ILE B 358 -25.11 -8.47 1.15
N ARG B 359 -25.28 -7.37 0.44
CA ARG B 359 -24.25 -6.34 0.41
C ARG B 359 -23.92 -5.79 1.80
N PHE B 360 -24.91 -5.61 2.66
CA PHE B 360 -24.64 -5.21 4.03
C PHE B 360 -23.81 -6.23 4.78
N LEU B 361 -24.22 -7.48 4.68
CA LEU B 361 -23.53 -8.58 5.33
C LEU B 361 -22.08 -8.64 4.92
N ASP B 362 -21.83 -8.58 3.61
CA ASP B 362 -20.48 -8.61 3.06
C ASP B 362 -19.66 -7.42 3.55
N ALA B 363 -20.26 -6.22 3.54
CA ALA B 363 -19.56 -5.00 3.99
C ALA B 363 -19.07 -5.11 5.44
N PHE B 364 -19.87 -5.78 6.27
CA PHE B 364 -19.58 -5.94 7.71
C PHE B 364 -19.14 -7.31 8.12
N ASN B 365 -18.59 -8.06 7.16
CA ASN B 365 -17.84 -9.32 7.40
C ASN B 365 -18.66 -10.51 7.92
N ILE B 366 -19.95 -10.52 7.63
CA ILE B 366 -20.86 -11.54 8.16
C ILE B 366 -21.08 -12.61 7.09
N PRO B 367 -20.87 -13.89 7.44
CA PRO B 367 -21.21 -14.96 6.51
C PRO B 367 -22.68 -14.99 6.07
N ILE B 368 -22.87 -15.46 4.85
CA ILE B 368 -24.17 -15.59 4.20
C ILE B 368 -24.54 -17.09 4.10
N LEU B 369 -25.66 -17.43 4.73
CA LEU B 369 -26.22 -18.76 4.74
C LEU B 369 -27.51 -18.75 3.94
N THR B 370 -27.49 -19.46 2.81
CA THR B 370 -28.62 -19.49 1.86
C THR B 370 -29.34 -20.83 1.87
N PHE B 371 -30.67 -20.78 1.88
CA PHE B 371 -31.52 -21.99 1.80
C PHE B 371 -32.36 -21.93 0.56
N VAL B 372 -32.19 -22.89 -0.35
CA VAL B 372 -32.75 -22.78 -1.70
C VAL B 372 -33.93 -23.74 -1.91
N ASP B 373 -35.06 -23.17 -2.32
CA ASP B 373 -36.24 -23.94 -2.73
C ASP B 373 -37.14 -23.03 -3.59
N THR B 374 -36.78 -22.94 -4.88
CA THR B 374 -37.41 -21.99 -5.82
C THR B 374 -37.55 -22.52 -7.27
N PRO B 375 -38.76 -22.44 -7.84
CA PRO B 375 -38.99 -22.86 -9.23
C PRO B 375 -38.53 -21.88 -10.32
N GLY B 376 -38.07 -20.70 -9.94
CA GLY B 376 -37.72 -19.64 -10.88
C GLY B 376 -38.29 -18.28 -10.50
N TYR B 377 -38.54 -17.48 -11.54
CA TYR B 377 -39.02 -16.10 -11.41
C TYR B 377 -40.51 -15.99 -11.63
N LEU B 378 -41.10 -14.95 -11.06
CA LEU B 378 -42.53 -14.70 -11.20
C LEU B 378 -42.83 -14.26 -12.64
N PRO B 379 -43.65 -15.05 -13.37
CA PRO B 379 -44.05 -14.63 -14.70
C PRO B 379 -45.13 -13.55 -14.61
N GLY B 380 -45.07 -12.60 -15.51
CA GLY B 380 -46.07 -11.56 -15.59
C GLY B 380 -45.54 -10.35 -16.31
N VAL B 381 -46.42 -9.68 -17.05
CA VAL B 381 -46.04 -8.52 -17.84
C VAL B 381 -45.49 -7.40 -16.94
N ALA B 382 -46.06 -7.25 -15.74
CA ALA B 382 -45.67 -6.17 -14.82
C ALA B 382 -44.25 -6.34 -14.31
N GLN B 383 -43.83 -7.59 -14.09
CA GLN B 383 -42.43 -7.92 -13.78
C GLN B 383 -41.48 -7.54 -14.92
N GLU B 384 -41.83 -7.89 -16.15
CA GLU B 384 -40.97 -7.55 -17.29
C GLU B 384 -40.88 -6.03 -17.47
N HIS B 385 -42.05 -5.40 -17.50
CA HIS B 385 -42.18 -3.98 -17.71
C HIS B 385 -41.64 -3.13 -16.54
N GLY B 386 -41.62 -3.70 -15.35
CA GLY B 386 -41.08 -3.03 -14.18
C GLY B 386 -39.61 -3.30 -13.93
N GLY B 387 -38.97 -4.06 -14.80
CA GLY B 387 -37.52 -4.19 -14.80
C GLY B 387 -36.96 -5.34 -14.01
N ILE B 388 -37.60 -6.52 -14.10
CA ILE B 388 -37.11 -7.73 -13.41
C ILE B 388 -35.66 -8.09 -13.84
N ILE B 389 -35.33 -7.81 -15.09
CA ILE B 389 -33.96 -7.98 -15.56
C ILE B 389 -32.96 -7.20 -14.68
N ARG B 390 -33.04 -5.87 -14.67
CA ARG B 390 -32.13 -5.08 -13.85
C ARG B 390 -32.24 -5.34 -12.32
N HIS B 391 -33.44 -5.53 -11.80
CA HIS B 391 -33.62 -5.85 -10.36
C HIS B 391 -33.14 -7.22 -9.97
N GLY B 392 -33.44 -8.21 -10.80
CA GLY B 392 -32.98 -9.55 -10.59
C GLY B 392 -31.48 -9.64 -10.64
N ALA B 393 -30.87 -8.94 -11.60
CA ALA B 393 -29.42 -8.87 -11.71
C ALA B 393 -28.72 -8.33 -10.43
N LYS B 394 -29.38 -7.54 -9.61
CA LYS B 394 -28.79 -7.06 -8.36
C LYS B 394 -28.42 -8.19 -7.40
N LEU B 395 -29.21 -9.24 -7.38
CA LEU B 395 -28.95 -10.35 -6.47
C LEU B 395 -27.70 -11.11 -6.91
N LEU B 396 -27.59 -11.35 -8.20
CA LEU B 396 -26.42 -11.99 -8.80
C LEU B 396 -25.12 -11.24 -8.53
N TYR B 397 -25.18 -9.92 -8.78
CA TYR B 397 -24.08 -9.03 -8.45
C TYR B 397 -23.71 -9.11 -6.98
N ALA B 398 -24.70 -9.01 -6.12
CA ALA B 398 -24.44 -8.98 -4.69
C ALA B 398 -23.72 -10.21 -4.20
N TYR B 399 -24.16 -11.40 -4.63
CA TYR B 399 -23.47 -12.67 -4.29
C TYR B 399 -22.09 -12.79 -4.93
N SER B 400 -22.00 -12.45 -6.22
CA SER B 400 -20.75 -12.56 -6.96
C SER B 400 -19.64 -11.71 -6.35
N GLU B 401 -20.03 -10.51 -5.97
CA GLU B 401 -19.17 -9.53 -5.35
C GLU B 401 -18.72 -9.88 -3.92
N ALA B 402 -19.58 -10.57 -3.18
CA ALA B 402 -19.29 -10.93 -1.79
C ALA B 402 -18.04 -11.77 -1.65
N THR B 403 -17.21 -11.42 -0.69
CA THR B 403 -16.00 -12.13 -0.37
C THR B 403 -16.10 -12.82 1.00
N VAL B 404 -17.15 -12.49 1.77
CA VAL B 404 -17.48 -13.22 3.00
C VAL B 404 -17.79 -14.67 2.68
N PRO B 405 -17.66 -15.58 3.66
CA PRO B 405 -18.07 -16.98 3.41
C PRO B 405 -19.53 -17.11 2.95
N LYS B 406 -19.75 -17.95 1.95
CA LYS B 406 -21.05 -18.21 1.39
C LYS B 406 -21.31 -19.73 1.43
N ILE B 407 -22.29 -20.12 2.26
CA ILE B 407 -22.72 -21.50 2.43
C ILE B 407 -24.16 -21.60 1.96
N THR B 408 -24.40 -22.49 1.02
CA THR B 408 -25.71 -22.65 0.44
C THR B 408 -26.22 -24.08 0.62
N VAL B 409 -27.44 -24.19 1.11
CA VAL B 409 -28.12 -25.46 1.28
C VAL B 409 -29.32 -25.53 0.35
N ILE B 410 -29.36 -26.51 -0.54
CA ILE B 410 -30.51 -26.71 -1.43
C ILE B 410 -31.45 -27.75 -0.86
N LEU B 411 -32.65 -27.30 -0.53
CA LEU B 411 -33.58 -28.19 0.16
C LEU B 411 -34.42 -28.97 -0.82
N ARG B 412 -34.89 -28.29 -1.86
CA ARG B 412 -35.84 -28.88 -2.79
C ARG B 412 -35.57 -28.29 -4.20
N LYS B 413 -36.44 -27.43 -4.72
CA LYS B 413 -36.33 -27.00 -6.11
C LYS B 413 -35.22 -25.97 -6.30
N ALA B 414 -34.56 -26.07 -7.44
CA ALA B 414 -33.61 -25.08 -7.85
C ALA B 414 -33.56 -25.13 -9.39
N TYR B 415 -34.43 -24.33 -10.00
CA TYR B 415 -34.62 -24.31 -11.46
C TYR B 415 -34.13 -23.04 -12.12
N GLY B 416 -33.40 -23.20 -13.22
CA GLY B 416 -33.12 -22.07 -14.13
C GLY B 416 -32.22 -21.02 -13.53
N GLY B 417 -32.48 -19.76 -13.89
CA GLY B 417 -31.79 -18.60 -13.33
C GLY B 417 -31.81 -18.43 -11.82
N ALA B 418 -32.85 -18.92 -11.18
CA ALA B 418 -32.99 -18.80 -9.73
C ALA B 418 -32.02 -19.72 -8.96
N TYR B 419 -31.79 -20.94 -9.48
CA TYR B 419 -30.71 -21.80 -9.00
C TYR B 419 -29.41 -20.99 -8.96
N ILE B 420 -29.13 -20.27 -10.04
CA ILE B 420 -27.88 -19.52 -10.15
C ILE B 420 -27.82 -18.42 -9.09
N ALA B 421 -28.90 -17.65 -9.00
CA ALA B 421 -28.95 -16.46 -8.17
C ALA B 421 -28.88 -16.78 -6.68
N GLY B 423 -27.15 -18.04 -4.38
CA GLY B 423 -25.87 -18.39 -3.81
C GLY B 423 -25.24 -19.66 -4.37
N SER B 424 -25.33 -19.82 -5.68
CA SER B 424 -24.76 -20.97 -6.36
C SER B 424 -23.23 -20.97 -6.34
N LYS B 425 -22.64 -22.12 -6.63
CA LYS B 425 -21.20 -22.29 -6.69
C LYS B 425 -20.55 -21.38 -7.75
N HIS B 426 -21.32 -21.08 -8.79
CA HIS B 426 -20.86 -20.34 -9.96
C HIS B 426 -20.67 -18.86 -9.68
N LEU B 427 -21.38 -18.37 -8.66
CA LEU B 427 -21.17 -17.04 -8.10
C LEU B 427 -20.21 -17.01 -6.91
N GLY B 428 -19.43 -18.08 -6.69
CA GLY B 428 -18.44 -18.13 -5.64
C GLY B 428 -18.78 -18.69 -4.26
N ALA B 429 -19.90 -19.40 -4.10
CA ALA B 429 -20.20 -20.13 -2.86
C ALA B 429 -19.06 -21.07 -2.46
N ASP B 430 -18.69 -21.05 -1.18
CA ASP B 430 -17.56 -21.84 -0.67
C ASP B 430 -17.95 -23.29 -0.40
N VAL B 432 -21.56 -25.88 -1.19
CA VAL B 432 -22.92 -26.08 -1.61
C VAL B 432 -23.31 -27.49 -1.18
N LEU B 433 -24.33 -27.56 -0.33
CA LEU B 433 -24.90 -28.83 0.10
C LEU B 433 -26.28 -29.05 -0.51
N ALA B 434 -26.60 -30.31 -0.84
CA ALA B 434 -27.93 -30.68 -1.32
C ALA B 434 -28.54 -31.77 -0.45
N TRP B 435 -29.79 -31.55 -0.03
CA TRP B 435 -30.61 -32.61 0.52
C TRP B 435 -30.95 -33.58 -0.62
N PRO B 436 -31.28 -34.83 -0.29
CA PRO B 436 -31.73 -35.78 -1.29
C PRO B 436 -33.07 -35.35 -1.96
N SER B 437 -33.84 -34.46 -1.33
CA SER B 437 -35.03 -33.85 -1.97
C SER B 437 -34.71 -32.77 -3.04
N ALA B 438 -33.45 -32.41 -3.20
CA ALA B 438 -33.06 -31.34 -4.10
C ALA B 438 -33.35 -31.72 -5.55
N GLU B 439 -33.74 -30.73 -6.33
CA GLU B 439 -34.10 -30.96 -7.70
C GLU B 439 -33.60 -29.77 -8.49
N ILE B 440 -32.44 -29.98 -9.08
CA ILE B 440 -31.68 -28.96 -9.78
C ILE B 440 -31.83 -29.20 -11.28
N ALA B 441 -32.38 -28.20 -11.97
CA ALA B 441 -32.60 -28.32 -13.40
C ALA B 441 -32.47 -26.98 -14.15
N VAL B 442 -32.22 -27.09 -15.44
CA VAL B 442 -31.88 -25.98 -16.28
C VAL B 442 -33.11 -25.12 -16.49
N GLY B 444 -37.72 -25.57 -15.33
CA GLY B 444 -38.76 -26.49 -14.88
C GLY B 444 -38.76 -27.76 -15.72
N PRO B 445 -38.74 -28.94 -15.08
CA PRO B 445 -38.68 -30.21 -15.82
C PRO B 445 -39.78 -30.46 -16.88
N GLU B 446 -40.96 -29.86 -16.70
CA GLU B 446 -42.04 -29.94 -17.70
C GLU B 446 -41.72 -29.15 -18.95
N GLY B 447 -41.25 -27.93 -18.75
CA GLY B 447 -40.84 -27.06 -19.84
C GLY B 447 -39.63 -27.60 -20.57
N ALA B 448 -38.70 -28.19 -19.83
CA ALA B 448 -37.53 -28.79 -20.48
C ALA B 448 -37.88 -30.04 -21.31
N ALA B 449 -38.72 -30.92 -20.80
CA ALA B 449 -39.14 -32.09 -21.57
C ALA B 449 -39.90 -31.66 -22.82
N ASN B 450 -40.73 -30.62 -22.69
CA ASN B 450 -41.47 -30.07 -23.83
C ASN B 450 -40.58 -29.56 -24.97
N ILE B 451 -39.37 -29.12 -24.63
CA ILE B 451 -38.42 -28.65 -25.62
C ILE B 451 -37.58 -29.81 -26.14
N ILE B 452 -36.94 -30.54 -25.23
CA ILE B 452 -36.04 -31.64 -25.62
C ILE B 452 -36.76 -32.70 -26.44
N PHE B 453 -37.99 -33.00 -26.08
CA PHE B 453 -38.75 -34.06 -26.72
C PHE B 453 -39.91 -33.57 -27.58
N LYS B 454 -39.76 -32.36 -28.11
CA LYS B 454 -40.79 -31.72 -28.94
C LYS B 454 -41.25 -32.62 -30.08
N ARG B 455 -40.29 -33.21 -30.80
CA ARG B 455 -40.58 -34.13 -31.90
C ARG B 455 -41.30 -35.44 -31.50
N GLU B 456 -40.86 -36.07 -30.41
CA GLU B 456 -41.46 -37.33 -29.94
C GLU B 456 -42.91 -37.11 -29.46
N ILE B 457 -43.14 -36.00 -28.80
CA ILE B 457 -44.44 -35.68 -28.21
C ILE B 457 -45.48 -35.32 -29.29
N GLU B 458 -45.07 -34.51 -30.26
CA GLU B 458 -45.94 -34.13 -31.37
C GLU B 458 -46.26 -35.28 -32.32
N ALA B 459 -45.28 -36.15 -32.54
CA ALA B 459 -45.45 -37.35 -33.36
C ALA B 459 -46.43 -38.39 -32.77
N SER B 460 -46.63 -38.33 -31.46
CA SER B 460 -47.29 -39.38 -30.72
C SER B 460 -48.79 -39.38 -30.90
N SER B 461 -49.36 -40.60 -30.87
CA SER B 461 -50.82 -40.80 -30.86
C SER B 461 -51.46 -40.28 -29.59
N ASN B 462 -50.68 -40.21 -28.52
CA ASN B 462 -51.14 -39.70 -27.24
C ASN B 462 -50.04 -38.85 -26.59
N PRO B 463 -49.96 -37.58 -27.03
CA PRO B 463 -48.96 -36.59 -26.62
C PRO B 463 -48.91 -36.32 -25.12
N GLU B 464 -50.06 -36.36 -24.45
CA GLU B 464 -50.13 -36.12 -23.02
C GLU B 464 -49.54 -37.27 -22.23
N GLU B 465 -49.90 -38.51 -22.56
CA GLU B 465 -49.26 -39.69 -21.98
C GLU B 465 -47.76 -39.66 -22.24
N THR B 466 -47.37 -39.51 -23.51
CA THR B 466 -45.94 -39.45 -23.89
C THR B 466 -45.20 -38.36 -23.13
N ARG B 467 -45.77 -37.17 -23.12
CA ARG B 467 -45.21 -36.05 -22.36
C ARG B 467 -45.05 -36.39 -20.88
N ARG B 468 -46.07 -37.00 -20.29
CA ARG B 468 -46.08 -37.33 -18.86
C ARG B 468 -44.98 -38.32 -18.45
N LYS B 469 -44.76 -39.33 -19.28
CA LYS B 469 -43.69 -40.30 -19.04
C LYS B 469 -42.30 -39.63 -19.13
N LEU B 470 -42.09 -38.79 -20.14
CA LEU B 470 -40.79 -38.10 -20.34
C LEU B 470 -40.46 -37.11 -19.22
N ILE B 471 -41.46 -36.42 -18.70
CA ILE B 471 -41.26 -35.52 -17.55
C ILE B 471 -40.79 -36.30 -16.31
N GLU B 472 -41.45 -37.41 -16.00
CA GLU B 472 -41.07 -38.31 -14.89
C GLU B 472 -39.64 -38.87 -15.07
N GLU B 473 -39.34 -39.40 -16.24
CA GLU B 473 -38.01 -39.92 -16.52
C GLU B 473 -36.95 -38.84 -16.48
N TYR B 474 -37.31 -37.62 -16.90
CA TYR B 474 -36.39 -36.49 -16.84
C TYR B 474 -36.10 -36.06 -15.39
N LYS B 475 -37.15 -35.94 -14.58
CA LYS B 475 -37.02 -35.59 -13.16
C LYS B 475 -36.09 -36.63 -12.52
N GLN B 476 -36.40 -37.92 -12.70
CA GLN B 476 -35.56 -39.01 -12.16
C GLN B 476 -34.13 -38.93 -12.67
N GLN B 477 -33.95 -38.86 -13.99
CA GLN B 477 -32.62 -39.06 -14.56
C GLN B 477 -31.76 -37.81 -14.70
N PHE B 478 -32.36 -36.63 -14.74
CA PHE B 478 -31.56 -35.40 -15.00
C PHE B 478 -31.62 -34.36 -13.90
N ALA B 479 -32.67 -34.38 -13.10
CA ALA B 479 -32.89 -33.33 -12.13
C ALA B 479 -32.51 -33.74 -10.69
N ASN B 480 -32.07 -34.99 -10.50
CA ASN B 480 -31.63 -35.41 -9.16
C ASN B 480 -30.36 -34.64 -8.78
N PRO B 481 -30.10 -34.46 -7.46
CA PRO B 481 -28.94 -33.65 -7.08
C PRO B 481 -27.54 -34.24 -7.43
N TYR B 482 -27.51 -35.49 -7.91
CA TYR B 482 -26.27 -36.22 -8.10
C TYR B 482 -25.58 -35.85 -9.42
N ILE B 483 -26.34 -35.31 -10.36
CA ILE B 483 -25.76 -34.74 -11.54
C ILE B 483 -24.91 -33.50 -11.27
N ALA B 484 -25.45 -32.52 -10.57
CA ALA B 484 -24.64 -31.36 -10.17
C ALA B 484 -23.48 -31.78 -9.24
N ALA B 485 -23.71 -32.75 -8.35
CA ALA B 485 -22.65 -33.27 -7.48
C ALA B 485 -21.55 -34.07 -8.23
N SER B 486 -21.92 -34.69 -9.35
CA SER B 486 -20.98 -35.40 -10.21
C SER B 486 -19.99 -34.48 -10.88
N ARG B 487 -20.36 -33.20 -11.03
CA ARG B 487 -19.51 -32.14 -11.60
C ARG B 487 -18.80 -31.33 -10.53
N GLY B 488 -19.13 -31.55 -9.26
CA GLY B 488 -18.57 -30.73 -8.18
C GLY B 488 -19.25 -29.40 -7.95
N TYR B 489 -20.37 -29.15 -8.63
CA TYR B 489 -21.15 -27.95 -8.39
C TYR B 489 -21.80 -28.00 -7.01
N VAL B 490 -22.35 -29.15 -6.67
CA VAL B 490 -22.76 -29.48 -5.32
C VAL B 490 -21.57 -30.21 -4.72
N ASP B 491 -21.09 -29.73 -3.57
CA ASP B 491 -19.94 -30.32 -2.93
C ASP B 491 -20.30 -31.64 -2.31
N VAL B 493 -24.05 -34.16 -1.36
CA VAL B 493 -25.43 -34.52 -1.10
C VAL B 493 -25.44 -35.10 0.32
N ILE B 494 -26.26 -34.52 1.18
CA ILE B 494 -26.23 -34.84 2.59
C ILE B 494 -27.60 -35.30 3.13
N ASP B 495 -27.56 -36.06 4.21
CA ASP B 495 -28.70 -36.31 5.09
C ASP B 495 -29.08 -34.98 5.77
N PRO B 496 -30.35 -34.56 5.68
CA PRO B 496 -30.81 -33.28 6.30
C PRO B 496 -30.48 -33.09 7.77
N ARG B 497 -30.40 -34.19 8.52
CA ARG B 497 -30.00 -34.14 9.90
C ARG B 497 -28.49 -33.81 10.10
N GLU B 498 -27.71 -33.79 9.01
CA GLU B 498 -26.28 -33.46 9.05
C GLU B 498 -26.07 -31.97 8.77
N THR B 499 -27.15 -31.23 8.48
CA THR B 499 -27.05 -29.88 7.95
C THR B 499 -26.29 -28.95 8.90
N ARG B 500 -26.62 -28.97 10.18
CA ARG B 500 -26.02 -28.06 11.16
C ARG B 500 -24.51 -28.30 11.29
N LYS B 501 -24.14 -29.57 11.40
CA LYS B 501 -22.74 -29.96 11.55
C LYS B 501 -21.93 -29.49 10.37
N TYR B 502 -22.45 -29.67 9.16
CA TYR B 502 -21.78 -29.23 7.95
C TYR B 502 -21.57 -27.72 7.94
N ILE B 503 -22.59 -26.97 8.35
CA ILE B 503 -22.53 -25.53 8.34
C ILE B 503 -21.50 -25.02 9.34
N ARG B 505 -18.80 -26.65 10.63
CA ARG B 505 -17.47 -27.06 10.22
C ARG B 505 -16.95 -26.20 9.08
N ALA B 506 -17.80 -25.98 8.09
CA ALA B 506 -17.45 -25.12 6.96
C ALA B 506 -17.12 -23.71 7.47
N LEU B 507 -17.98 -23.17 8.36
CA LEU B 507 -17.79 -21.84 8.88
C LEU B 507 -16.47 -21.68 9.67
N GLU B 508 -16.13 -22.66 10.51
CA GLU B 508 -14.81 -22.74 11.15
C GLU B 508 -13.61 -22.57 10.20
N VAL B 509 -13.61 -23.33 9.12
CA VAL B 509 -12.59 -23.21 8.08
C VAL B 509 -12.62 -21.81 7.48
N CYS B 510 -13.80 -21.38 7.08
CA CYS B 510 -13.97 -20.10 6.38
C CYS B 510 -13.74 -18.82 7.20
N GLU B 511 -13.49 -18.95 8.50
CA GLU B 511 -13.06 -17.81 9.29
C GLU B 511 -11.80 -17.12 8.76
N THR B 512 -10.92 -17.86 8.07
CA THR B 512 -9.66 -17.31 7.55
C THR B 512 -9.67 -17.10 6.03
N LYS B 513 -10.87 -17.09 5.45
CA LYS B 513 -11.07 -16.92 4.02
C LYS B 513 -10.63 -15.53 3.59
N VAL B 514 -9.69 -15.49 2.66
CA VAL B 514 -9.26 -14.22 2.10
C VAL B 514 -9.49 -14.29 0.61
N GLU B 515 -10.28 -13.34 0.11
CA GLU B 515 -10.52 -13.27 -1.31
C GLU B 515 -10.33 -11.84 -1.83
N TYR B 516 -9.60 -11.71 -2.93
CA TYR B 516 -9.41 -10.41 -3.54
C TYR B 516 -10.41 -10.08 -4.66
N ARG B 517 -10.47 -8.80 -4.96
CA ARG B 517 -11.36 -8.25 -5.94
C ARG B 517 -10.54 -7.22 -6.72
N PRO B 518 -10.83 -7.03 -8.03
CA PRO B 518 -10.01 -6.06 -8.79
C PRO B 518 -10.10 -4.65 -8.23
N LYS B 519 -9.01 -3.90 -8.26
CA LYS B 519 -9.06 -2.51 -7.84
C LYS B 519 -10.10 -1.72 -8.65
N LYS B 520 -10.92 -0.96 -7.92
CA LYS B 520 -11.88 -0.05 -8.53
C LYS B 520 -12.33 1.02 -7.53
N LYS B 521 -12.79 2.17 -8.00
CA LYS B 521 -13.38 3.14 -7.06
C LYS B 521 -14.57 2.49 -6.44
N HIS B 522 -15.30 1.77 -7.27
CA HIS B 522 -16.49 1.03 -6.89
C HIS B 522 -16.96 0.35 -8.18
N GLY B 523 -18.03 -0.44 -8.11
CA GLY B 523 -18.61 -1.09 -9.29
C GLY B 523 -19.79 -0.33 -9.86
N ASN B 524 -20.53 -1.01 -10.75
CA ASN B 524 -21.69 -0.39 -11.39
C ASN B 524 -22.86 -1.32 -11.33
N ILE B 525 -23.24 -1.66 -10.11
CA ILE B 525 -24.41 -2.47 -9.88
C ILE B 525 -25.64 -1.88 -10.59
N PRO B 526 -26.49 -2.74 -11.19
CA PRO B 526 -27.73 -2.17 -11.77
C PRO B 526 -28.62 -1.59 -10.69
N LEU B 527 -29.31 -0.51 -10.97
CA LEU B 527 -30.17 0.15 -9.97
C LEU B 527 -31.67 0.17 -10.38
N SER C 14 -40.26 -41.01 -0.87
CA SER C 14 -40.43 -40.06 0.26
C SER C 14 -39.04 -39.58 0.70
N LEU C 15 -38.97 -38.52 1.51
CA LEU C 15 -37.65 -37.96 1.87
C LEU C 15 -36.78 -39.04 2.52
N ARG C 16 -37.41 -39.87 3.37
CA ARG C 16 -36.69 -40.95 4.04
C ARG C 16 -36.21 -42.04 3.08
N ASP C 17 -36.98 -42.32 2.01
CA ASP C 17 -36.54 -43.27 0.97
C ASP C 17 -35.35 -42.73 0.17
N LYS C 18 -35.35 -41.42 -0.08
CA LYS C 18 -34.23 -40.76 -0.72
C LYS C 18 -32.98 -40.72 0.16
N ILE C 19 -33.17 -40.65 1.48
CA ILE C 19 -32.04 -40.75 2.41
C ILE C 19 -31.46 -42.17 2.36
N GLU C 20 -32.33 -43.19 2.28
CA GLU C 20 -31.90 -44.60 2.16
C GLU C 20 -31.08 -44.83 0.87
N GLU C 21 -31.56 -44.27 -0.24
CA GLU C 21 -30.85 -44.29 -1.53
C GLU C 21 -29.50 -43.57 -1.47
N LEU C 22 -29.44 -42.44 -0.78
CA LEU C 22 -28.19 -41.73 -0.59
C LEU C 22 -27.17 -42.61 0.14
N LYS C 23 -27.62 -43.29 1.19
CA LYS C 23 -26.73 -44.16 1.95
C LYS C 23 -26.15 -45.30 1.07
N LYS C 24 -26.97 -45.85 0.17
CA LYS C 24 -26.54 -46.90 -0.74
C LYS C 24 -25.55 -46.37 -1.81
N ILE C 25 -25.88 -45.23 -2.43
CA ILE C 25 -24.93 -44.57 -3.38
C ILE C 25 -23.58 -44.29 -2.70
N GLU C 26 -23.63 -43.89 -1.44
CA GLU C 26 -22.41 -43.56 -0.68
C GLU C 26 -21.56 -44.78 -0.33
N LYS C 27 -22.19 -45.86 0.11
CA LYS C 27 -21.51 -47.13 0.41
C LYS C 27 -20.81 -47.70 -0.83
N GLU C 28 -21.43 -47.55 -1.97
CA GLU C 28 -20.86 -47.99 -3.23
C GLU C 28 -19.59 -47.20 -3.60
N ILE C 29 -19.64 -45.89 -3.39
CA ILE C 29 -18.48 -45.03 -3.59
C ILE C 29 -17.35 -45.39 -2.62
N GLU C 30 -17.73 -45.70 -1.40
CA GLU C 30 -16.79 -46.07 -0.34
C GLU C 30 -16.10 -47.40 -0.57
N GLN C 31 -16.65 -48.27 -1.43
CA GLN C 31 -15.95 -49.52 -1.78
C GLN C 31 -14.57 -49.27 -2.42
N GLY C 32 -14.39 -48.11 -3.05
CA GLY C 32 -13.17 -47.80 -3.81
C GLY C 32 -13.21 -48.65 -5.07
N GLY C 33 -12.09 -49.29 -5.41
CA GLY C 33 -12.08 -50.22 -6.55
C GLY C 33 -12.62 -51.63 -6.30
N GLY C 34 -13.23 -51.85 -5.14
CA GLY C 34 -13.83 -53.11 -4.80
C GLY C 34 -12.99 -53.90 -3.83
N PRO C 35 -13.58 -54.93 -3.23
CA PRO C 35 -12.91 -55.71 -2.19
C PRO C 35 -11.63 -56.46 -2.63
N GLU C 36 -11.61 -57.00 -3.86
CA GLU C 36 -10.40 -57.62 -4.39
C GLU C 36 -9.24 -56.62 -4.49
N LYS C 37 -9.49 -55.41 -5.01
CA LYS C 37 -8.45 -54.38 -5.14
C LYS C 37 -7.97 -53.88 -3.79
N VAL C 38 -8.87 -53.88 -2.80
CA VAL C 38 -8.52 -53.46 -1.43
C VAL C 38 -7.65 -54.48 -0.74
N GLU C 39 -8.04 -55.75 -0.84
CA GLU C 39 -7.21 -56.84 -0.31
C GLU C 39 -5.83 -56.84 -0.97
N LYS C 40 -5.77 -56.63 -2.28
CA LYS C 40 -4.49 -56.59 -2.99
C LYS C 40 -3.60 -55.45 -2.48
N GLN C 41 -4.24 -54.33 -2.11
CA GLN C 41 -3.55 -53.17 -1.50
C GLN C 41 -2.94 -53.54 -0.14
N HIS C 42 -3.76 -54.14 0.73
CA HIS C 42 -3.30 -54.65 2.03
C HIS C 42 -2.19 -55.67 1.92
N ARG C 43 -2.39 -56.70 1.08
CA ARG C 43 -1.36 -57.69 0.75
C ARG C 43 -0.03 -57.10 0.27
N ALA C 44 -0.08 -55.95 -0.38
CA ALA C 44 1.13 -55.26 -0.81
C ALA C 44 1.79 -54.49 0.34
N GLY C 45 1.18 -54.50 1.52
CA GLY C 45 1.71 -53.80 2.67
C GLY C 45 1.32 -52.33 2.72
N LYS C 46 0.28 -51.96 1.99
CA LYS C 46 -0.17 -50.59 1.89
C LYS C 46 -1.55 -50.48 2.57
N LEU C 47 -1.80 -49.33 3.20
CA LEU C 47 -3.14 -49.00 3.68
C LEU C 47 -3.95 -48.44 2.53
N THR C 48 -5.27 -48.38 2.69
CA THR C 48 -6.09 -47.68 1.68
C THR C 48 -6.03 -46.15 1.89
N ALA C 49 -6.55 -45.43 0.90
CA ALA C 49 -6.59 -43.97 0.90
C ALA C 49 -7.37 -43.40 2.10
N TRP C 50 -8.47 -44.08 2.45
CA TRP C 50 -9.30 -43.66 3.58
C TRP C 50 -8.69 -44.07 4.94
N GLU C 51 -8.02 -45.22 4.99
CA GLU C 51 -7.32 -45.68 6.19
C GLU C 51 -6.19 -44.73 6.55
N ARG C 52 -5.50 -44.21 5.54
CA ARG C 52 -4.46 -43.21 5.75
C ARG C 52 -5.02 -41.94 6.35
N LEU C 53 -6.12 -41.43 5.83
CA LEU C 53 -6.74 -40.22 6.40
C LEU C 53 -7.19 -40.45 7.84
N GLU C 54 -7.72 -41.63 8.13
CA GLU C 54 -8.16 -41.96 9.48
C GLU C 54 -7.02 -41.85 10.51
N LEU C 55 -5.81 -42.18 10.09
CA LEU C 55 -4.64 -42.12 10.94
C LEU C 55 -4.06 -40.72 11.05
N LEU C 56 -4.06 -39.99 9.94
CA LEU C 56 -3.43 -38.67 9.86
C LEU C 56 -4.21 -37.58 10.60
N LEU C 57 -5.54 -37.70 10.59
CA LEU C 57 -6.41 -36.64 11.03
C LEU C 57 -6.92 -36.93 12.42
N ASP C 58 -7.18 -35.87 13.19
CA ASP C 58 -7.87 -35.99 14.48
C ASP C 58 -9.18 -36.76 14.27
N PRO C 59 -9.50 -37.72 15.16
CA PRO C 59 -10.71 -38.54 15.04
C PRO C 59 -12.00 -37.78 14.79
N GLY C 60 -12.67 -38.13 13.70
CA GLY C 60 -13.96 -37.56 13.34
C GLY C 60 -13.92 -36.09 12.97
N THR C 61 -12.77 -35.57 12.52
CA THR C 61 -12.69 -34.16 12.09
C THR C 61 -12.73 -33.97 10.58
N PHE C 62 -12.57 -35.05 9.83
CA PHE C 62 -12.47 -34.96 8.37
C PHE C 62 -13.83 -34.70 7.74
N VAL C 63 -13.90 -33.73 6.85
CA VAL C 63 -15.10 -33.43 6.10
C VAL C 63 -14.75 -33.58 4.64
N GLU C 64 -15.34 -34.57 3.96
CA GLU C 64 -15.10 -34.78 2.54
C GLU C 64 -15.89 -33.79 1.68
N ILE C 65 -15.29 -33.40 0.57
CA ILE C 65 -15.99 -32.71 -0.50
C ILE C 65 -15.78 -33.50 -1.79
N ASP C 66 -16.65 -33.25 -2.75
CA ASP C 66 -16.58 -33.85 -4.09
C ASP C 66 -16.56 -35.39 -4.14
N LYS C 67 -17.14 -36.01 -3.12
CA LYS C 67 -17.29 -37.45 -3.06
C LYS C 67 -18.02 -38.07 -4.30
N PHE C 68 -18.97 -37.32 -4.84
CA PHE C 68 -19.87 -37.79 -5.88
C PHE C 68 -19.38 -37.46 -7.30
N VAL C 69 -18.18 -36.90 -7.42
CA VAL C 69 -17.59 -36.59 -8.71
C VAL C 69 -17.41 -37.87 -9.53
N GLU C 70 -17.75 -37.75 -10.82
CA GLU C 70 -17.62 -38.81 -11.77
C GLU C 70 -16.95 -38.24 -13.01
N HIS C 71 -16.13 -39.08 -13.64
CA HIS C 71 -15.44 -38.74 -14.87
C HIS C 71 -16.41 -38.46 -16.02
N ARG C 72 -15.92 -37.69 -17.00
CA ARG C 72 -16.74 -37.34 -18.14
C ARG C 72 -16.27 -37.90 -19.45
N ASN C 73 -14.98 -38.22 -19.56
CA ASN C 73 -14.42 -38.72 -20.81
C ASN C 73 -14.93 -40.13 -21.08
N THR C 74 -15.19 -40.40 -22.34
CA THR C 74 -15.89 -41.61 -22.75
C THR C 74 -14.94 -42.57 -23.50
N TYR C 75 -13.70 -42.15 -23.71
CA TYR C 75 -12.77 -42.80 -24.64
C TYR C 75 -12.39 -44.17 -24.16
N PHE C 76 -12.15 -45.06 -25.13
CA PHE C 76 -11.56 -46.40 -24.90
C PHE C 76 -12.26 -47.14 -23.75
N GLY C 77 -13.59 -47.18 -23.85
CA GLY C 77 -14.46 -47.82 -22.88
C GLY C 77 -14.58 -47.18 -21.53
N LEU C 78 -14.16 -45.91 -21.37
CA LEU C 78 -14.41 -45.16 -20.13
C LEU C 78 -15.90 -44.94 -19.86
N ASP C 79 -16.70 -44.92 -20.91
CA ASP C 79 -18.15 -44.80 -20.79
C ASP C 79 -18.85 -46.09 -20.32
N LYS C 80 -18.07 -47.15 -20.06
CA LYS C 80 -18.63 -48.43 -19.60
C LYS C 80 -18.42 -48.64 -18.09
N VAL C 81 -17.75 -47.70 -17.42
CA VAL C 81 -17.33 -47.89 -16.04
C VAL C 81 -17.78 -46.73 -15.14
N LYS C 82 -17.98 -47.03 -13.85
CA LYS C 82 -18.05 -46.02 -12.79
C LYS C 82 -16.71 -46.05 -12.08
N LEU C 83 -16.16 -44.87 -11.76
CA LEU C 83 -14.87 -44.75 -11.08
C LEU C 83 -15.07 -43.92 -9.80
N PRO C 84 -15.24 -44.59 -8.63
CA PRO C 84 -15.55 -43.91 -7.34
C PRO C 84 -14.61 -42.78 -6.93
N ARG C 85 -15.17 -41.60 -6.66
CA ARG C 85 -14.44 -40.37 -6.38
C ARG C 85 -13.42 -39.99 -7.47
N ASP C 86 -13.54 -40.56 -8.68
CA ASP C 86 -12.49 -40.54 -9.71
C ASP C 86 -11.09 -40.83 -9.20
N GLY C 87 -10.98 -41.60 -8.12
CA GLY C 87 -9.69 -42.07 -7.63
C GLY C 87 -8.99 -41.18 -6.64
N VAL C 88 -9.71 -40.23 -6.01
CA VAL C 88 -9.09 -39.37 -5.01
C VAL C 88 -10.07 -38.79 -3.97
N ILE C 89 -9.69 -38.90 -2.69
CA ILE C 89 -10.45 -38.36 -1.60
C ILE C 89 -9.88 -36.99 -1.32
N THR C 90 -10.72 -35.96 -1.36
CA THR C 90 -10.33 -34.61 -0.95
C THR C 90 -11.18 -34.09 0.21
N GLY C 91 -10.60 -33.22 1.03
CA GLY C 91 -11.34 -32.58 2.10
C GLY C 91 -10.47 -31.84 3.12
N VAL C 92 -11.09 -31.50 4.24
CA VAL C 92 -10.49 -30.72 5.30
C VAL C 92 -10.70 -31.44 6.63
N GLY C 93 -9.66 -31.48 7.45
CA GLY C 93 -9.68 -32.13 8.75
C GLY C 93 -8.92 -31.31 9.75
N GLU C 94 -8.72 -31.83 10.96
CA GLU C 94 -7.88 -31.18 11.93
C GLU C 94 -6.70 -32.07 12.25
N ILE C 95 -5.55 -31.43 12.50
CA ILE C 95 -4.39 -32.10 13.03
C ILE C 95 -3.91 -31.29 14.21
N ASN C 96 -3.96 -31.92 15.38
CA ASN C 96 -3.73 -31.26 16.67
C ASN C 96 -4.57 -29.97 16.79
N GLY C 97 -5.81 -30.05 16.33
CA GLY C 97 -6.78 -28.97 16.51
C GLY C 97 -6.74 -27.88 15.44
N ARG C 98 -5.86 -28.02 14.47
CA ARG C 98 -5.68 -27.00 13.45
C ARG C 98 -6.15 -27.54 12.07
N LYS C 99 -6.82 -26.69 11.31
CA LYS C 99 -7.36 -27.07 10.02
C LYS C 99 -6.26 -27.34 8.99
N VAL C 100 -6.40 -28.48 8.28
CA VAL C 100 -5.49 -28.81 7.20
C VAL C 100 -6.31 -29.38 6.04
N ALA C 101 -5.91 -29.02 4.82
CA ALA C 101 -6.46 -29.58 3.59
C ALA C 101 -5.63 -30.77 3.17
N VAL C 102 -6.33 -31.81 2.77
CA VAL C 102 -5.75 -33.10 2.47
C VAL C 102 -6.36 -33.72 1.22
N PHE C 103 -5.51 -34.34 0.41
CA PHE C 103 -5.94 -35.28 -0.63
C PHE C 103 -5.17 -36.60 -0.51
N SER C 104 -5.88 -37.69 -0.80
CA SER C 104 -5.40 -39.04 -0.68
C SER C 104 -5.82 -39.82 -1.93
N GLN C 105 -4.86 -40.17 -2.77
CA GLN C 105 -5.13 -40.89 -3.99
C GLN C 105 -5.46 -42.36 -3.68
N ASP C 106 -6.46 -42.87 -4.41
CA ASP C 106 -6.98 -44.24 -4.26
C ASP C 106 -6.47 -45.16 -5.39
N PHE C 107 -5.44 -45.94 -5.08
CA PHE C 107 -4.80 -46.80 -6.04
C PHE C 107 -5.71 -47.93 -6.52
N THR C 108 -6.76 -48.27 -5.74
CA THR C 108 -7.71 -49.32 -6.10
C THR C 108 -8.60 -49.00 -7.30
N VAL C 109 -8.67 -47.71 -7.65
CA VAL C 109 -9.45 -47.19 -8.76
C VAL C 109 -8.54 -46.86 -9.96
N GLY C 111 -5.60 -47.80 -10.75
CA GLY C 111 -4.21 -47.57 -10.37
C GLY C 111 -3.91 -46.20 -9.81
N GLY C 112 -4.92 -45.58 -9.21
CA GLY C 112 -4.83 -44.21 -8.75
C GLY C 112 -4.54 -43.21 -9.85
N SER C 113 -4.88 -43.56 -11.08
CA SER C 113 -4.50 -42.76 -12.23
C SER C 113 -5.25 -41.44 -12.25
N LEU C 114 -4.58 -40.44 -12.80
CA LEU C 114 -5.10 -39.12 -12.82
C LEU C 114 -5.89 -38.86 -14.09
N GLY C 115 -7.19 -38.77 -13.90
CA GLY C 115 -8.05 -38.28 -14.93
C GLY C 115 -8.33 -36.80 -14.71
N GLU C 116 -9.09 -36.25 -15.65
CA GLU C 116 -9.50 -34.86 -15.65
C GLU C 116 -10.11 -34.44 -14.30
N HIS C 118 -10.50 -36.14 -11.33
CA HIS C 118 -9.51 -36.37 -10.29
C HIS C 118 -8.64 -35.12 -10.12
N ALA C 119 -8.02 -34.68 -11.21
CA ALA C 119 -7.16 -33.53 -11.15
C ALA C 119 -7.92 -32.26 -10.78
N LYS C 120 -9.13 -32.05 -11.32
CA LYS C 120 -9.92 -30.87 -10.89
C LYS C 120 -10.26 -30.92 -9.39
N LYS C 121 -10.46 -32.11 -8.83
CA LYS C 121 -10.65 -32.23 -7.39
C LYS C 121 -9.45 -31.79 -6.56
N ILE C 122 -8.27 -32.21 -6.99
CA ILE C 122 -7.02 -31.75 -6.35
C ILE C 122 -6.81 -30.23 -6.50
N VAL C 123 -6.93 -29.70 -7.73
CA VAL C 123 -6.88 -28.26 -7.97
C VAL C 123 -7.82 -27.43 -7.05
N LYS C 124 -9.08 -27.83 -7.01
CA LYS C 124 -10.11 -27.16 -6.17
C LYS C 124 -9.67 -27.13 -4.70
N LEU C 125 -9.10 -28.25 -4.27
CA LEU C 125 -8.57 -28.37 -2.94
C LEU C 125 -7.35 -27.46 -2.67
N LEU C 126 -6.37 -27.44 -3.58
CA LEU C 126 -5.27 -26.51 -3.46
C LEU C 126 -5.77 -25.07 -3.46
N ASP C 127 -6.73 -24.75 -4.32
CA ASP C 127 -7.34 -23.40 -4.31
C ASP C 127 -7.92 -23.06 -2.93
N LEU C 128 -8.71 -23.99 -2.37
CA LEU C 128 -9.31 -23.79 -1.04
C LEU C 128 -8.27 -23.57 0.05
N ALA C 129 -7.20 -24.36 0.03
CA ALA C 129 -6.12 -24.24 1.03
C ALA C 129 -5.44 -22.88 1.02
N LEU C 130 -5.11 -22.40 -0.18
CA LEU C 130 -4.53 -21.08 -0.38
C LEU C 130 -5.46 -19.96 0.09
N LYS C 131 -6.72 -20.04 -0.31
CA LYS C 131 -7.73 -19.06 0.06
C LYS C 131 -8.05 -19.02 1.56
N GLY C 133 -5.88 -20.23 3.80
CA GLY C 133 -4.58 -20.13 4.49
C GLY C 133 -4.27 -21.31 5.41
N ILE C 134 -4.50 -22.53 4.94
CA ILE C 134 -4.16 -23.73 5.69
C ILE C 134 -3.16 -24.62 4.93
N PRO C 135 -2.39 -25.46 5.66
CA PRO C 135 -1.49 -26.37 4.97
C PRO C 135 -2.18 -27.39 4.07
N VAL C 136 -1.44 -27.96 3.13
CA VAL C 136 -1.92 -29.03 2.26
C VAL C 136 -1.08 -30.26 2.45
N ILE C 137 -1.76 -31.40 2.63
CA ILE C 137 -1.09 -32.68 2.65
C ILE C 137 -1.64 -33.53 1.52
N GLY C 138 -0.75 -33.86 0.57
CA GLY C 138 -1.08 -34.76 -0.52
C GLY C 138 -0.44 -36.12 -0.33
N ILE C 139 -1.26 -37.16 -0.34
CA ILE C 139 -0.78 -38.53 -0.26
C ILE C 139 -0.93 -39.10 -1.64
N ASN C 140 0.22 -39.38 -2.24
CA ASN C 140 0.31 -39.85 -3.61
C ASN C 140 0.40 -41.38 -3.67
N ASP C 141 -0.41 -41.96 -4.55
CA ASP C 141 -0.44 -43.43 -4.76
C ASP C 141 -1.10 -43.69 -6.09
N SER C 142 -0.30 -43.61 -7.14
CA SER C 142 -0.77 -43.45 -8.53
C SER C 142 0.27 -43.88 -9.58
N GLY C 143 -0.15 -44.74 -10.51
CA GLY C 143 0.67 -45.09 -11.68
C GLY C 143 0.88 -44.01 -12.76
N GLY C 144 0.22 -42.86 -12.61
CA GLY C 144 0.48 -41.70 -13.47
C GLY C 144 -0.78 -41.22 -14.17
N ALA C 145 -0.62 -40.57 -15.32
CA ALA C 145 -1.76 -40.11 -16.10
C ALA C 145 -2.64 -41.29 -16.51
N ARG C 146 -3.96 -41.09 -16.41
CA ARG C 146 -4.93 -41.97 -17.05
C ARG C 146 -4.85 -41.70 -18.54
N ILE C 147 -4.16 -42.60 -19.23
CA ILE C 147 -3.75 -42.46 -20.63
C ILE C 147 -4.94 -42.41 -21.58
N GLN C 148 -6.02 -43.11 -21.21
CA GLN C 148 -7.29 -43.08 -21.92
C GLN C 148 -7.96 -41.68 -22.02
N GLU C 149 -7.68 -40.79 -21.04
CA GLU C 149 -8.23 -39.42 -21.05
C GLU C 149 -7.38 -38.47 -21.92
N GLY C 150 -6.20 -38.94 -22.33
CA GLY C 150 -5.37 -38.21 -23.28
C GLY C 150 -4.83 -36.90 -22.73
N VAL C 151 -4.91 -35.84 -23.52
CA VAL C 151 -4.43 -34.52 -23.13
C VAL C 151 -5.18 -33.87 -21.97
N ASP C 152 -6.40 -34.29 -21.67
CA ASP C 152 -7.13 -33.81 -20.46
C ASP C 152 -6.42 -34.18 -19.16
N ALA C 153 -5.73 -35.33 -19.16
CA ALA C 153 -4.93 -35.73 -18.03
C ALA C 153 -3.71 -34.79 -17.81
N LEU C 154 -3.08 -34.39 -18.93
CA LEU C 154 -1.93 -33.44 -18.90
C LEU C 154 -2.34 -32.04 -18.47
N ALA C 155 -3.49 -31.61 -18.96
CA ALA C 155 -4.09 -30.37 -18.52
C ALA C 155 -4.25 -30.34 -17.00
N GLY C 156 -4.74 -31.47 -16.48
CA GLY C 156 -4.94 -31.67 -15.06
C GLY C 156 -3.67 -31.47 -14.28
N TYR C 157 -2.62 -32.19 -14.66
CA TYR C 157 -1.33 -32.05 -13.98
C TYR C 157 -0.79 -30.64 -14.00
N GLY C 158 -0.85 -30.00 -15.16
CA GLY C 158 -0.42 -28.61 -15.29
C GLY C 158 -1.15 -27.64 -14.37
N GLU C 159 -2.46 -27.80 -14.25
CA GLU C 159 -3.25 -26.99 -13.32
C GLU C 159 -2.81 -27.24 -11.88
N ILE C 160 -2.54 -28.49 -11.53
CA ILE C 160 -2.01 -28.80 -10.21
C ILE C 160 -0.64 -28.10 -10.03
N PHE C 161 0.19 -28.10 -11.05
CA PHE C 161 1.54 -27.52 -10.92
C PHE C 161 1.47 -26.02 -10.69
N LEU C 162 0.59 -25.38 -11.42
CA LEU C 162 0.33 -23.98 -11.26
C LEU C 162 -0.08 -23.67 -9.82
N ARG C 163 -1.02 -24.46 -9.29
CA ARG C 163 -1.52 -24.24 -7.92
C ARG C 163 -0.44 -24.43 -6.87
N ASN C 164 0.42 -25.43 -7.06
CA ASN C 164 1.56 -25.65 -6.19
C ASN C 164 2.51 -24.48 -6.20
N THR C 165 2.78 -23.95 -7.39
CA THR C 165 3.64 -22.79 -7.56
C THR C 165 3.09 -21.56 -6.83
N LEU C 166 1.81 -21.30 -7.00
CA LEU C 166 1.22 -20.09 -6.41
C LEU C 166 1.18 -20.18 -4.88
N ALA C 167 1.03 -21.40 -4.37
CA ALA C 167 0.93 -21.62 -2.92
C ALA C 167 2.31 -21.67 -2.25
N SER C 168 3.37 -21.80 -3.05
CA SER C 168 4.75 -21.94 -2.61
C SER C 168 5.20 -20.74 -1.78
N GLY C 169 5.57 -21.02 -0.54
CA GLY C 169 5.95 -19.98 0.41
C GLY C 169 4.76 -19.23 0.94
N VAL C 170 3.55 -19.78 0.70
CA VAL C 170 2.34 -19.13 1.22
C VAL C 170 1.65 -20.00 2.27
N VAL C 171 1.41 -21.25 1.89
CA VAL C 171 1.01 -22.27 2.84
C VAL C 171 1.96 -23.46 2.73
N PRO C 172 2.28 -24.10 3.85
CA PRO C 172 3.09 -25.30 3.77
C PRO C 172 2.41 -26.47 3.06
N GLN C 173 3.24 -27.12 2.24
CA GLN C 173 2.84 -28.22 1.37
C GLN C 173 3.73 -29.41 1.62
N ILE C 174 3.11 -30.49 2.11
CA ILE C 174 3.81 -31.72 2.42
C ILE C 174 3.22 -32.81 1.56
N THR C 175 4.11 -33.65 1.03
CA THR C 175 3.73 -34.77 0.18
C THR C 175 4.15 -36.09 0.86
N VAL C 176 3.30 -37.09 0.79
CA VAL C 176 3.72 -38.44 1.14
C VAL C 176 3.63 -39.27 -0.12
N ILE C 177 4.72 -39.93 -0.50
CA ILE C 177 4.70 -40.88 -1.59
C ILE C 177 4.49 -42.20 -0.85
N ALA C 178 3.34 -42.82 -1.10
CA ALA C 178 2.94 -44.01 -0.37
C ALA C 178 2.62 -45.17 -1.32
N GLY C 179 3.13 -45.08 -2.54
CA GLY C 179 2.99 -46.11 -3.54
C GLY C 179 3.72 -45.65 -4.79
N PRO C 180 3.40 -46.22 -5.95
CA PRO C 180 3.98 -45.65 -7.16
C PRO C 180 3.68 -44.16 -7.37
N CYS C 181 4.59 -43.54 -8.10
CA CYS C 181 4.49 -42.16 -8.48
C CYS C 181 5.36 -42.02 -9.74
N ALA C 182 4.73 -42.27 -10.88
CA ALA C 182 5.44 -42.36 -12.18
C ALA C 182 5.06 -41.21 -13.15
N GLY C 183 6.03 -40.77 -13.96
CA GLY C 183 5.75 -39.80 -15.01
C GLY C 183 5.55 -38.40 -14.48
N GLY C 184 4.59 -37.69 -15.07
CA GLY C 184 4.21 -36.32 -14.64
C GLY C 184 3.69 -36.19 -13.21
N ALA C 185 3.18 -37.26 -12.63
CA ALA C 185 2.88 -37.28 -11.21
C ALA C 185 4.00 -36.62 -10.35
N VAL C 186 5.26 -36.95 -10.65
CA VAL C 186 6.44 -36.62 -9.81
C VAL C 186 6.68 -35.13 -9.56
N TYR C 187 6.24 -34.27 -10.47
CA TYR C 187 6.51 -32.85 -10.34
C TYR C 187 5.73 -32.12 -9.25
N SER C 188 4.54 -32.59 -8.90
CA SER C 188 3.78 -31.95 -7.85
C SER C 188 4.46 -32.10 -6.48
N PRO C 189 4.81 -33.34 -6.06
CA PRO C 189 5.72 -33.51 -4.95
C PRO C 189 6.96 -32.61 -5.00
N ALA C 190 7.65 -32.58 -6.14
CA ALA C 190 8.86 -31.75 -6.28
C ALA C 190 8.59 -30.30 -5.91
N LEU C 191 7.43 -29.78 -6.29
CA LEU C 191 7.06 -28.39 -6.06
C LEU C 191 6.59 -28.14 -4.64
N THR C 192 6.27 -29.19 -3.89
CA THR C 192 5.90 -29.03 -2.49
C THR C 192 7.16 -28.83 -1.67
N ASP C 193 6.99 -28.44 -0.40
CA ASP C 193 8.13 -28.13 0.48
C ASP C 193 8.88 -29.36 1.03
N PHE C 194 8.13 -30.39 1.40
CA PHE C 194 8.68 -31.61 1.97
C PHE C 194 8.02 -32.87 1.42
N ILE C 195 8.84 -33.88 1.12
CA ILE C 195 8.39 -35.21 0.68
C ILE C 195 8.76 -36.31 1.68
N VAL C 196 7.74 -37.02 2.17
CA VAL C 196 7.92 -38.24 2.92
C VAL C 196 7.71 -39.41 1.96
N VAL C 198 7.53 -43.72 1.86
CA VAL C 198 7.37 -44.92 2.64
C VAL C 198 8.28 -45.99 2.03
N ASP C 199 9.14 -46.54 2.89
CA ASP C 199 10.11 -47.54 2.48
C ASP C 199 9.49 -48.82 1.89
N GLN C 200 10.08 -49.25 0.77
CA GLN C 200 9.72 -50.47 -0.01
C GLN C 200 8.45 -50.38 -0.89
N THR C 201 7.38 -49.81 -0.36
CA THR C 201 6.14 -49.63 -1.10
C THR C 201 6.07 -48.36 -1.95
N ALA C 202 6.78 -47.30 -1.57
CA ALA C 202 6.89 -46.11 -2.42
C ALA C 202 7.99 -46.23 -3.48
N ARG C 203 7.65 -45.80 -4.70
CA ARG C 203 8.61 -45.62 -5.79
C ARG C 203 8.26 -44.35 -6.56
N PHE C 205 9.61 -42.01 -10.11
CA PHE C 205 10.48 -41.76 -11.27
C PHE C 205 9.71 -41.15 -12.43
N ILE C 206 10.43 -40.44 -13.29
CA ILE C 206 9.90 -39.86 -14.51
C ILE C 206 9.65 -40.94 -15.57
N THR C 207 10.66 -41.71 -15.91
CA THR C 207 10.48 -42.86 -16.79
C THR C 207 10.84 -44.09 -15.99
N GLY C 208 10.10 -45.17 -16.24
CA GLY C 208 10.30 -46.44 -15.57
C GLY C 208 11.41 -47.24 -16.21
N PRO C 209 11.77 -48.38 -15.58
CA PRO C 209 12.90 -49.25 -15.98
C PRO C 209 12.88 -49.81 -17.41
N ASN C 210 11.68 -50.00 -17.96
CA ASN C 210 11.53 -50.63 -19.29
C ASN C 210 11.82 -49.66 -20.42
N VAL C 211 11.32 -48.43 -20.28
CA VAL C 211 11.69 -47.36 -21.21
C VAL C 211 13.22 -47.13 -21.17
N ILE C 212 13.77 -47.05 -19.96
CA ILE C 212 15.22 -46.90 -19.78
C ILE C 212 16.02 -48.03 -20.42
N LYS C 213 15.58 -49.26 -20.18
CA LYS C 213 16.20 -50.45 -20.77
C LYS C 213 16.13 -50.39 -22.30
N ALA C 214 14.98 -49.95 -22.82
CA ALA C 214 14.78 -49.85 -24.27
C ALA C 214 15.67 -48.82 -24.97
N VAL C 215 15.95 -47.73 -24.29
CA VAL C 215 16.58 -46.54 -24.85
C VAL C 215 18.09 -46.54 -24.57
N THR C 216 18.48 -46.86 -23.32
CA THR C 216 19.88 -46.84 -22.87
C THR C 216 20.53 -48.24 -22.76
N GLY C 217 19.71 -49.29 -22.61
CA GLY C 217 20.22 -50.62 -22.33
C GLY C 217 20.49 -50.89 -20.85
N GLU C 218 20.23 -49.90 -19.98
CA GLU C 218 20.46 -50.05 -18.54
C GLU C 218 19.34 -50.89 -17.90
N GLU C 219 19.74 -51.95 -17.18
CA GLU C 219 18.81 -52.83 -16.47
C GLU C 219 18.76 -52.49 -14.98
N ILE C 220 17.60 -52.06 -14.50
CA ILE C 220 17.46 -51.68 -13.11
C ILE C 220 16.02 -51.98 -12.61
N SER C 221 15.93 -52.34 -11.32
CA SER C 221 14.66 -52.52 -10.66
C SER C 221 14.08 -51.17 -10.35
N GLN C 222 12.76 -51.16 -10.16
CA GLN C 222 12.04 -49.96 -9.72
C GLN C 222 12.53 -49.39 -8.38
N GLU C 223 12.89 -50.29 -7.47
CA GLU C 223 13.40 -49.92 -6.13
C GLU C 223 14.77 -49.26 -6.26
N ASP C 224 15.65 -49.84 -7.08
CA ASP C 224 16.97 -49.29 -7.29
C ASP C 224 16.97 -48.03 -8.15
N LEU C 225 15.96 -47.88 -9.00
CA LEU C 225 15.78 -46.66 -9.79
C LEU C 225 15.21 -45.50 -8.97
N GLY C 226 14.16 -45.79 -8.20
CA GLY C 226 13.35 -44.74 -7.56
C GLY C 226 12.67 -45.11 -6.23
N GLY C 227 13.20 -46.07 -5.48
CA GLY C 227 12.69 -46.36 -4.14
C GLY C 227 12.91 -45.21 -3.14
N ALA C 228 12.35 -45.36 -1.95
CA ALA C 228 12.40 -44.30 -0.91
C ALA C 228 13.81 -43.95 -0.47
N VAL C 230 16.68 -44.46 -2.35
CA VAL C 230 17.34 -43.79 -3.48
C VAL C 230 17.04 -42.28 -3.46
N HIS C 231 15.79 -41.90 -3.26
CA HIS C 231 15.44 -40.47 -3.22
C HIS C 231 15.79 -39.74 -1.91
N ASN C 232 16.02 -40.49 -0.84
CA ASN C 232 16.56 -39.96 0.42
C ASN C 232 18.08 -39.86 0.42
N GLN C 233 18.75 -40.73 -0.33
CA GLN C 233 20.21 -40.85 -0.30
C GLN C 233 20.93 -40.27 -1.51
N LYS C 234 20.46 -40.56 -2.73
CA LYS C 234 21.20 -40.22 -3.96
C LYS C 234 20.71 -38.97 -4.63
N SER C 235 19.42 -38.98 -4.92
CA SER C 235 18.83 -37.97 -5.80
C SER C 235 18.58 -36.67 -5.08
N GLY C 236 18.43 -36.71 -3.76
CA GLY C 236 18.11 -35.50 -3.01
C GLY C 236 16.67 -35.06 -3.15
N ASN C 237 15.82 -35.87 -3.75
CA ASN C 237 14.44 -35.46 -4.00
C ASN C 237 13.53 -35.49 -2.75
N ALA C 238 13.83 -36.39 -1.82
CA ALA C 238 12.97 -36.60 -0.66
C ALA C 238 13.68 -36.31 0.65
N HIS C 239 12.87 -36.02 1.67
CA HIS C 239 13.30 -35.44 2.92
C HIS C 239 13.16 -36.37 4.11
N PHE C 240 12.24 -37.33 4.02
CA PHE C 240 12.04 -38.31 5.06
C PHE C 240 11.77 -39.69 4.45
N LEU C 241 12.10 -40.68 5.26
CA LEU C 241 11.90 -42.06 4.98
C LEU C 241 11.12 -42.65 6.15
N ALA C 242 9.87 -43.03 5.90
CA ALA C 242 9.04 -43.71 6.86
C ALA C 242 9.01 -45.21 6.54
N ASP C 243 9.00 -46.03 7.58
CA ASP C 243 8.98 -47.49 7.42
C ASP C 243 7.69 -48.03 6.82
N ASN C 244 6.58 -47.37 7.15
CA ASN C 244 5.27 -47.80 6.67
C ASN C 244 4.31 -46.64 6.74
N ASP C 245 3.10 -46.83 6.24
CA ASP C 245 2.14 -45.74 6.13
C ASP C 245 1.82 -45.12 7.48
N GLU C 246 1.59 -45.94 8.49
CA GLU C 246 1.38 -45.49 9.85
C GLU C 246 2.46 -44.50 10.32
N LYS C 247 3.73 -44.90 10.30
CA LYS C 247 4.83 -44.01 10.67
C LYS C 247 4.86 -42.74 9.84
N ALA C 248 4.58 -42.86 8.55
CA ALA C 248 4.52 -41.69 7.69
C ALA C 248 3.44 -40.66 8.13
N SER C 250 2.12 -40.26 11.26
CA SER C 250 2.60 -39.64 12.50
C SER C 250 3.76 -38.63 12.26
N LEU C 251 4.64 -38.92 11.32
CA LEU C 251 5.73 -38.01 10.96
C LEU C 251 5.21 -36.67 10.42
N VAL C 252 4.27 -36.75 9.51
CA VAL C 252 3.63 -35.58 8.98
C VAL C 252 2.99 -34.75 10.10
N ARG C 253 2.35 -35.42 11.07
CA ARG C 253 1.69 -34.71 12.20
C ARG C 253 2.72 -33.96 13.06
N THR C 254 3.87 -34.58 13.26
CA THR C 254 4.96 -34.01 14.04
C THR C 254 5.59 -32.82 13.32
N LEU C 255 5.79 -32.99 12.03
CA LEU C 255 6.31 -31.93 11.18
C LEU C 255 5.46 -30.66 11.21
N LEU C 256 4.16 -30.82 11.04
CA LEU C 256 3.23 -29.71 11.12
C LEU C 256 3.23 -28.99 12.46
N SER C 257 3.59 -29.66 13.55
CA SER C 257 3.63 -29.02 14.87
C SER C 257 4.71 -27.93 15.00
N TYR C 258 5.65 -27.89 14.05
CA TYR C 258 6.70 -26.89 13.98
C TYR C 258 6.36 -25.73 13.06
N LEU C 259 5.41 -25.92 12.17
CA LEU C 259 5.14 -25.00 11.08
C LEU C 259 3.93 -24.13 11.38
N PRO C 260 3.91 -22.89 10.86
CA PRO C 260 2.69 -22.09 10.89
C PRO C 260 1.67 -22.61 9.86
N SER C 261 0.42 -22.19 9.94
CA SER C 261 -0.59 -22.54 8.94
C SER C 261 -0.34 -21.87 7.59
N ASN C 262 0.28 -20.70 7.67
CA ASN C 262 0.53 -19.87 6.51
C ASN C 262 1.62 -18.84 6.83
N ASN C 263 1.96 -18.04 5.83
CA ASN C 263 3.12 -17.17 5.93
C ASN C 263 2.86 -15.87 6.67
N ALA C 264 1.60 -15.63 7.07
CA ALA C 264 1.24 -14.43 7.79
C ALA C 264 1.15 -14.72 9.29
N GLU C 265 1.56 -15.90 9.70
CA GLU C 265 1.53 -16.31 11.09
C GLU C 265 2.92 -16.65 11.61
N GLU C 266 3.03 -16.48 12.92
CA GLU C 266 4.19 -16.88 13.68
C GLU C 266 4.06 -18.38 13.83
N PRO C 267 5.18 -19.10 13.87
CA PRO C 267 5.02 -20.52 14.14
C PRO C 267 4.45 -20.78 15.53
N PRO C 268 3.93 -21.98 15.75
CA PRO C 268 3.24 -22.23 17.00
C PRO C 268 4.21 -22.50 18.18
N VAL C 269 3.69 -22.35 19.41
CA VAL C 269 4.47 -22.49 20.63
C VAL C 269 4.09 -23.77 21.35
N GLU C 270 5.07 -24.62 21.61
CA GLU C 270 4.80 -25.92 22.18
C GLU C 270 5.76 -26.23 23.30
N ASP C 271 5.20 -26.57 24.47
CA ASP C 271 5.91 -27.17 25.60
C ASP C 271 7.29 -26.55 25.89
N PRO C 272 7.31 -25.26 26.31
CA PRO C 272 8.58 -24.53 26.45
C PRO C 272 9.48 -25.04 27.58
N ASP C 273 10.70 -25.44 27.20
CA ASP C 273 11.82 -25.69 28.12
C ASP C 273 12.33 -24.32 28.52
N THR C 274 12.18 -24.01 29.81
CA THR C 274 12.45 -22.68 30.35
C THR C 274 13.86 -22.56 30.94
N SER C 275 14.54 -23.69 31.07
CA SER C 275 15.90 -23.71 31.61
C SER C 275 16.86 -22.95 30.70
N LEU C 276 17.86 -22.34 31.31
CA LEU C 276 18.87 -21.51 30.66
C LEU C 276 20.19 -22.24 30.47
N GLU C 277 20.37 -23.33 31.20
CA GLU C 277 21.69 -23.92 31.32
C GLU C 277 22.02 -24.85 30.18
N THR C 278 23.32 -24.96 29.95
CA THR C 278 23.89 -25.91 29.01
C THR C 278 24.69 -26.94 29.83
N PRO C 279 24.46 -28.25 29.59
CA PRO C 279 25.20 -29.23 30.37
C PRO C 279 26.72 -29.13 30.21
N GLU C 280 27.45 -29.52 31.25
CA GLU C 280 28.93 -29.50 31.28
C GLU C 280 29.55 -30.33 30.18
N ASP C 281 29.00 -31.54 30.01
CA ASP C 281 29.05 -32.34 28.79
C ASP C 281 29.49 -31.64 27.51
N ILE C 282 28.89 -30.49 27.25
CA ILE C 282 29.12 -29.77 26.00
C ILE C 282 30.63 -29.49 25.77
N LEU C 283 31.40 -29.44 26.87
CA LEU C 283 32.83 -29.21 26.80
C LEU C 283 33.63 -30.45 26.39
N ASP C 284 32.96 -31.60 26.34
CA ASP C 284 33.59 -32.90 26.06
C ASP C 284 33.29 -33.41 24.65
N ILE C 285 32.52 -32.68 23.87
CA ILE C 285 32.09 -33.17 22.56
C ILE C 285 33.13 -32.96 21.47
N LEU C 286 33.70 -31.77 21.38
CA LEU C 286 34.78 -31.51 20.45
C LEU C 286 36.03 -32.27 20.92
N PRO C 287 36.68 -33.02 20.00
CA PRO C 287 37.93 -33.68 20.38
C PRO C 287 39.07 -32.71 20.65
N ASP C 288 40.04 -33.15 21.46
CA ASP C 288 41.24 -32.35 21.66
C ASP C 288 42.11 -32.27 20.39
N ASN C 289 42.10 -33.34 19.60
CA ASN C 289 42.75 -33.31 18.30
C ASN C 289 41.87 -32.56 17.33
N PRO C 290 42.36 -31.41 16.81
CA PRO C 290 41.56 -30.65 15.83
C PRO C 290 41.31 -31.39 14.50
N ASN C 291 42.10 -32.42 14.21
CA ASN C 291 41.93 -33.23 13.01
C ASN C 291 40.83 -34.27 13.13
N LYS C 292 40.35 -34.53 14.34
CA LYS C 292 39.29 -35.50 14.56
C LYS C 292 37.91 -34.85 14.35
N GLY C 293 36.95 -35.66 13.93
CA GLY C 293 35.58 -35.22 13.80
C GLY C 293 34.78 -35.54 15.04
N TYR C 294 33.50 -35.19 15.00
CA TYR C 294 32.52 -35.53 16.03
C TYR C 294 31.14 -35.41 15.37
N ASP C 295 30.09 -35.68 16.13
CA ASP C 295 28.72 -35.55 15.65
C ASP C 295 28.14 -34.24 16.16
N VAL C 296 27.90 -33.30 15.26
CA VAL C 296 27.41 -31.98 15.63
C VAL C 296 26.03 -32.00 16.34
N ARG C 297 25.23 -33.00 16.06
CA ARG C 297 23.94 -33.21 16.74
C ARG C 297 24.10 -33.40 18.26
N ASP C 298 25.28 -33.83 18.67
CA ASP C 298 25.58 -33.87 20.09
C ASP C 298 25.66 -32.49 20.72
N VAL C 299 26.10 -31.51 19.96
CA VAL C 299 26.08 -30.12 20.38
C VAL C 299 24.66 -29.55 20.29
N ILE C 300 24.01 -29.76 19.16
CA ILE C 300 22.64 -29.27 18.92
C ILE C 300 21.71 -29.71 20.07
N LYS C 301 21.78 -31.00 20.39
CA LYS C 301 20.87 -31.58 21.35
C LYS C 301 21.13 -31.10 22.78
N ARG C 302 22.29 -30.50 23.01
CA ARG C 302 22.63 -29.89 24.32
C ARG C 302 22.27 -28.41 24.44
N VAL C 303 21.80 -27.85 23.35
CA VAL C 303 21.43 -26.46 23.29
C VAL C 303 19.91 -26.27 23.15
N VAL C 304 19.20 -27.18 22.47
CA VAL C 304 17.78 -26.98 22.13
C VAL C 304 16.86 -27.53 23.23
N ASP C 305 15.60 -27.09 23.23
CA ASP C 305 14.60 -27.52 24.22
C ASP C 305 14.56 -29.03 24.31
N HIS C 306 14.64 -29.55 25.55
CA HIS C 306 14.47 -30.98 25.87
C HIS C 306 15.36 -31.89 25.04
N GLY C 307 16.44 -31.37 24.50
CA GLY C 307 17.31 -32.17 23.60
C GLY C 307 16.69 -32.78 22.35
N GLU C 308 15.51 -32.30 21.95
CA GLU C 308 14.77 -32.85 20.81
C GLU C 308 15.19 -32.20 19.48
N PHE C 309 15.60 -33.02 18.52
CA PHE C 309 15.95 -32.56 17.20
C PHE C 309 15.21 -33.41 16.15
N PHE C 310 14.41 -32.75 15.29
CA PHE C 310 13.69 -33.40 14.18
C PHE C 310 14.45 -33.18 12.84
N GLU C 311 15.22 -34.17 12.41
CA GLU C 311 16.13 -34.02 11.30
C GLU C 311 15.49 -34.22 9.91
N VAL C 312 15.93 -33.37 8.98
CA VAL C 312 15.42 -33.31 7.62
C VAL C 312 16.55 -33.76 6.68
N GLN C 313 16.19 -34.53 5.65
CA GLN C 313 17.15 -35.15 4.71
C GLN C 313 18.36 -35.78 5.38
N PRO C 314 18.13 -36.68 6.37
CA PRO C 314 19.25 -37.26 7.13
C PRO C 314 20.23 -38.10 6.34
N TYR C 315 19.79 -38.62 5.18
CA TYR C 315 20.57 -39.60 4.40
C TYR C 315 21.22 -38.99 3.18
N PHE C 316 20.90 -37.75 2.92
CA PHE C 316 21.42 -37.03 1.77
C PHE C 316 22.42 -36.00 2.26
N ALA C 317 23.60 -35.98 1.65
CA ALA C 317 24.60 -34.95 1.89
C ALA C 317 24.84 -34.86 3.37
N LYS C 318 25.30 -35.96 3.95
CA LYS C 318 25.43 -36.06 5.41
C LYS C 318 26.50 -35.14 6.02
N ASN C 319 27.30 -34.48 5.18
CA ASN C 319 28.27 -33.47 5.65
C ASN C 319 27.64 -32.17 6.15
N ILE C 320 26.32 -32.04 6.03
CA ILE C 320 25.55 -30.94 6.63
C ILE C 320 24.28 -31.48 7.27
N VAL C 321 23.90 -30.89 8.41
CA VAL C 321 22.72 -31.37 9.14
C VAL C 321 21.72 -30.24 9.22
N ILE C 322 20.47 -30.56 8.87
CA ILE C 322 19.38 -29.61 8.94
C ILE C 322 18.18 -30.22 9.64
N GLY C 323 17.35 -29.37 10.22
CA GLY C 323 16.08 -29.82 10.77
C GLY C 323 15.42 -28.82 11.71
N PHE C 324 14.45 -29.33 12.46
CA PHE C 324 13.65 -28.50 13.33
C PHE C 324 13.91 -28.77 14.80
N ALA C 325 13.80 -27.70 15.59
CA ALA C 325 13.89 -27.79 17.03
C ALA C 325 13.10 -26.62 17.63
N ARG C 326 13.20 -26.44 18.92
CA ARG C 326 12.52 -25.36 19.61
C ARG C 326 13.49 -24.71 20.57
N ILE C 327 13.35 -23.40 20.72
CA ILE C 327 14.02 -22.65 21.79
C ILE C 327 12.95 -21.92 22.58
N GLN C 328 12.82 -22.27 23.86
CA GLN C 328 11.79 -21.73 24.71
C GLN C 328 10.38 -21.94 24.08
N GLY C 329 10.13 -23.16 23.59
CA GLY C 329 8.87 -23.49 22.92
C GLY C 329 8.68 -23.04 21.47
N LYS C 330 9.59 -22.21 20.95
CA LYS C 330 9.44 -21.64 19.63
C LYS C 330 10.26 -22.38 18.60
N THR C 331 9.69 -22.60 17.42
CA THR C 331 10.38 -23.30 16.37
C THR C 331 11.60 -22.49 15.91
N VAL C 332 12.69 -23.22 15.74
CA VAL C 332 13.87 -22.77 15.01
C VAL C 332 14.25 -23.85 13.97
N GLY C 333 14.90 -23.42 12.90
CA GLY C 333 15.53 -24.34 11.96
C GLY C 333 17.03 -24.39 12.26
N ILE C 334 17.63 -25.56 12.11
CA ILE C 334 19.02 -25.76 12.39
C ILE C 334 19.74 -26.04 11.08
N VAL C 335 20.87 -25.39 10.88
CA VAL C 335 21.77 -25.67 9.78
C VAL C 335 23.13 -25.89 10.42
N ALA C 336 23.77 -27.04 10.16
CA ALA C 336 25.00 -27.41 10.89
C ALA C 336 25.97 -28.23 10.08
N ASN C 337 27.21 -27.74 9.98
CA ASN C 337 28.28 -28.56 9.42
C ASN C 337 28.49 -29.81 10.26
N GLN C 338 28.83 -30.89 9.57
CA GLN C 338 29.00 -32.18 10.17
C GLN C 338 30.46 -32.65 9.98
N PRO C 339 31.34 -32.37 10.98
CA PRO C 339 32.77 -32.70 10.86
C PRO C 339 33.13 -34.17 10.75
N SER C 340 32.22 -35.06 11.17
CA SER C 340 32.41 -36.50 11.06
C SER C 340 32.08 -37.04 9.66
N VAL C 341 31.54 -36.20 8.79
CA VAL C 341 31.27 -36.63 7.41
C VAL C 341 31.97 -35.71 6.45
N LEU C 342 32.86 -36.28 5.64
CA LEU C 342 33.68 -35.50 4.70
C LEU C 342 34.20 -34.25 5.37
N ALA C 343 34.70 -34.38 6.59
CA ALA C 343 35.33 -33.27 7.29
C ALA C 343 34.45 -32.02 7.41
N GLY C 344 33.14 -32.17 7.24
CA GLY C 344 32.21 -31.03 7.26
C GLY C 344 32.44 -29.98 6.19
N VAL C 345 33.03 -30.37 5.06
CA VAL C 345 33.19 -29.45 3.92
C VAL C 345 31.80 -29.11 3.40
N LEU C 346 31.72 -28.01 2.65
CA LEU C 346 30.56 -27.72 1.83
C LEU C 346 30.80 -28.24 0.42
N ASP C 347 29.73 -28.54 -0.31
CA ASP C 347 29.84 -29.08 -1.67
C ASP C 347 28.54 -28.86 -2.40
N ILE C 348 28.47 -29.33 -3.64
CA ILE C 348 27.25 -29.24 -4.44
C ILE C 348 25.98 -29.66 -3.67
N ASP C 349 25.95 -30.89 -3.18
CA ASP C 349 24.72 -31.46 -2.52
C ASP C 349 24.30 -30.81 -1.20
N SER C 350 25.25 -30.55 -0.32
CA SER C 350 24.95 -29.86 0.95
C SER C 350 24.52 -28.38 0.73
N SER C 351 25.07 -27.73 -0.31
CA SER C 351 24.70 -26.36 -0.61
C SER C 351 23.22 -26.29 -1.02
N ASP C 352 22.79 -27.30 -1.81
CA ASP C 352 21.40 -27.43 -2.28
C ASP C 352 20.46 -27.74 -1.13
N LYS C 353 20.86 -28.72 -0.31
CA LYS C 353 20.12 -29.18 0.87
C LYS C 353 19.83 -28.04 1.86
N ALA C 354 20.89 -27.36 2.28
CA ALA C 354 20.75 -26.25 3.22
C ALA C 354 20.04 -25.04 2.62
N ALA C 355 20.43 -24.66 1.42
CA ALA C 355 19.83 -23.49 0.77
C ALA C 355 18.30 -23.57 0.67
N ARG C 356 17.78 -24.71 0.25
CA ARG C 356 16.33 -24.83 0.12
C ARG C 356 15.64 -24.83 1.50
N PHE C 357 16.24 -25.50 2.46
CA PHE C 357 15.74 -25.47 3.83
C PHE C 357 15.65 -24.05 4.35
N ILE C 358 16.73 -23.29 4.15
CA ILE C 358 16.79 -21.92 4.61
C ILE C 358 15.72 -21.07 3.93
N ARG C 359 15.53 -21.23 2.62
CA ARG C 359 14.45 -20.48 1.92
C ARG C 359 13.07 -20.78 2.52
N PHE C 360 12.84 -22.05 2.85
CA PHE C 360 11.60 -22.46 3.47
C PHE C 360 11.37 -21.78 4.84
N LEU C 361 12.37 -21.85 5.72
CA LEU C 361 12.30 -21.21 7.03
C LEU C 361 12.00 -19.76 6.89
N ASP C 362 12.77 -19.09 6.04
CA ASP C 362 12.52 -17.68 5.79
C ASP C 362 11.10 -17.36 5.34
N ALA C 363 10.61 -18.05 4.31
CA ALA C 363 9.22 -17.87 3.83
C ALA C 363 8.18 -17.97 4.95
N PHE C 364 8.43 -18.86 5.92
CA PHE C 364 7.46 -19.19 6.99
C PHE C 364 7.84 -18.67 8.37
N ASN C 365 8.69 -17.65 8.38
CA ASN C 365 8.94 -16.84 9.55
C ASN C 365 9.62 -17.57 10.68
N ILE C 366 10.46 -18.56 10.38
CA ILE C 366 11.12 -19.37 11.41
C ILE C 366 12.60 -18.95 11.48
N PRO C 367 13.09 -18.57 12.67
CA PRO C 367 14.52 -18.28 12.89
C PRO C 367 15.46 -19.41 12.44
N ILE C 368 16.63 -19.02 11.99
CA ILE C 368 17.66 -19.92 11.51
C ILE C 368 18.83 -19.94 12.51
N LEU C 369 19.13 -21.12 13.04
CA LEU C 369 20.22 -21.27 13.98
C LEU C 369 21.32 -22.07 13.31
N THR C 370 22.49 -21.46 13.12
CA THR C 370 23.59 -22.08 12.37
C THR C 370 24.78 -22.47 13.25
N PHE C 371 25.30 -23.68 13.05
CA PHE C 371 26.49 -24.17 13.76
C PHE C 371 27.61 -24.45 12.78
N VAL C 372 28.73 -23.78 13.00
CA VAL C 372 29.78 -23.70 12.00
C VAL C 372 31.00 -24.52 12.41
N ASP C 373 31.45 -25.40 11.52
CA ASP C 373 32.70 -26.15 11.72
C ASP C 373 33.14 -26.76 10.39
N THR C 374 33.61 -25.92 9.48
CA THR C 374 33.88 -26.29 8.10
C THR C 374 35.23 -25.75 7.64
N PRO C 375 36.08 -26.64 7.07
CA PRO C 375 37.37 -26.23 6.54
C PRO C 375 37.33 -25.70 5.11
N GLY C 376 36.16 -25.63 4.49
CA GLY C 376 36.02 -25.11 3.14
C GLY C 376 35.18 -25.99 2.24
N TYR C 377 35.37 -25.80 0.94
CA TYR C 377 34.67 -26.58 -0.08
C TYR C 377 35.47 -27.82 -0.50
N LEU C 378 34.75 -28.88 -0.82
CA LEU C 378 35.34 -30.12 -1.29
C LEU C 378 36.13 -29.91 -2.61
N PRO C 379 37.45 -30.15 -2.58
CA PRO C 379 38.20 -30.15 -3.84
C PRO C 379 37.89 -31.33 -4.74
N GLY C 380 37.82 -31.07 -6.03
CA GLY C 380 37.69 -32.13 -7.01
C GLY C 380 37.23 -31.64 -8.35
N VAL C 381 37.71 -32.27 -9.39
CA VAL C 381 37.34 -31.88 -10.75
C VAL C 381 35.82 -31.94 -10.94
N ALA C 382 35.19 -32.98 -10.37
CA ALA C 382 33.74 -33.17 -10.52
C ALA C 382 32.92 -32.10 -9.84
N GLN C 383 33.43 -31.55 -8.74
CA GLN C 383 32.74 -30.47 -8.08
C GLN C 383 32.76 -29.25 -9.00
N GLU C 384 33.92 -28.91 -9.52
CA GLU C 384 34.04 -27.78 -10.47
C GLU C 384 33.17 -27.96 -11.73
N HIS C 385 33.37 -29.07 -12.42
CA HIS C 385 32.61 -29.40 -13.63
C HIS C 385 31.10 -29.62 -13.41
N GLY C 386 30.70 -29.87 -12.18
CA GLY C 386 29.27 -30.04 -11.82
C GLY C 386 28.57 -28.76 -11.37
N GLY C 387 29.26 -27.63 -11.46
CA GLY C 387 28.68 -26.36 -11.13
C GLY C 387 28.63 -26.03 -9.65
N ILE C 388 29.68 -26.37 -8.92
CA ILE C 388 29.77 -26.00 -7.50
C ILE C 388 29.62 -24.50 -7.30
N ILE C 389 30.13 -23.70 -8.25
CA ILE C 389 29.99 -22.23 -8.20
C ILE C 389 28.50 -21.82 -8.15
N ARG C 390 27.71 -22.22 -9.13
CA ARG C 390 26.29 -21.87 -9.11
C ARG C 390 25.56 -22.53 -7.96
N HIS C 391 25.88 -23.79 -7.65
CA HIS C 391 25.24 -24.47 -6.50
C HIS C 391 25.66 -23.89 -5.15
N GLY C 392 26.96 -23.68 -4.96
CA GLY C 392 27.45 -22.97 -3.78
C GLY C 392 26.80 -21.60 -3.50
N ALA C 393 26.58 -20.83 -4.58
CA ALA C 393 26.00 -19.47 -4.50
C ALA C 393 24.56 -19.45 -4.00
N LYS C 394 23.82 -20.53 -4.27
CA LYS C 394 22.46 -20.69 -3.75
C LYS C 394 22.34 -20.47 -2.25
N LEU C 395 23.33 -20.99 -1.53
CA LEU C 395 23.40 -20.89 -0.07
C LEU C 395 23.72 -19.46 0.44
N LEU C 396 24.64 -18.76 -0.22
CA LEU C 396 24.90 -17.34 0.06
C LEU C 396 23.65 -16.48 -0.20
N TYR C 397 22.95 -16.76 -1.30
CA TYR C 397 21.71 -16.07 -1.66
C TYR C 397 20.66 -16.27 -0.60
N ALA C 398 20.49 -17.53 -0.17
CA ALA C 398 19.46 -17.91 0.77
C ALA C 398 19.58 -17.19 2.10
N TYR C 399 20.78 -17.21 2.70
CA TYR C 399 21.04 -16.45 3.91
C TYR C 399 20.91 -14.95 3.68
N SER C 400 21.57 -14.45 2.64
CA SER C 400 21.50 -12.99 2.32
C SER C 400 20.04 -12.50 2.18
N GLU C 401 19.24 -13.27 1.47
CA GLU C 401 17.83 -12.91 1.22
C GLU C 401 16.92 -12.93 2.48
N ALA C 402 17.27 -13.83 3.39
CA ALA C 402 16.52 -14.11 4.61
C ALA C 402 16.34 -12.93 5.55
N THR C 403 15.11 -12.71 5.99
CA THR C 403 14.81 -11.62 6.94
C THR C 403 14.42 -12.13 8.36
N VAL C 404 14.24 -13.45 8.50
CA VAL C 404 14.02 -14.00 9.81
C VAL C 404 15.28 -13.81 10.65
N PRO C 405 15.17 -13.96 11.98
CA PRO C 405 16.38 -13.93 12.81
C PRO C 405 17.40 -14.99 12.40
N LYS C 406 18.66 -14.59 12.40
CA LYS C 406 19.76 -15.45 12.03
C LYS C 406 20.80 -15.39 13.11
N ILE C 407 21.03 -16.51 13.76
CA ILE C 407 21.93 -16.61 14.90
C ILE C 407 22.92 -17.72 14.58
N THR C 408 24.19 -17.36 14.67
CA THR C 408 25.25 -18.24 14.22
C THR C 408 26.24 -18.46 15.37
N VAL C 409 26.54 -19.72 15.60
CA VAL C 409 27.51 -20.14 16.57
C VAL C 409 28.70 -20.82 15.88
N ILE C 410 29.91 -20.33 16.09
CA ILE C 410 31.08 -20.93 15.47
C ILE C 410 31.77 -21.84 16.49
N LEU C 411 31.82 -23.14 16.19
CA LEU C 411 32.29 -24.12 17.13
C LEU C 411 33.77 -24.30 17.00
N ARG C 412 34.24 -24.37 15.76
CA ARG C 412 35.62 -24.70 15.48
C ARG C 412 36.08 -24.06 14.15
N LYS C 413 36.43 -24.82 13.12
CA LYS C 413 36.97 -24.24 11.90
C LYS C 413 35.92 -23.40 11.19
N ALA C 414 36.36 -22.29 10.61
CA ALA C 414 35.54 -21.47 9.73
C ALA C 414 36.48 -20.76 8.76
N TYR C 415 36.75 -21.43 7.64
CA TYR C 415 37.81 -21.00 6.71
C TYR C 415 37.26 -20.58 5.36
N GLY C 416 37.71 -19.43 4.86
CA GLY C 416 37.45 -19.02 3.48
C GLY C 416 35.99 -18.77 3.19
N GLY C 417 35.61 -19.08 1.95
CA GLY C 417 34.23 -18.90 1.49
C GLY C 417 33.18 -19.65 2.30
N ALA C 418 33.58 -20.78 2.86
CA ALA C 418 32.72 -21.55 3.73
C ALA C 418 32.37 -20.81 5.00
N TYR C 419 33.29 -20.04 5.56
CA TYR C 419 32.95 -19.13 6.67
C TYR C 419 31.86 -18.07 6.28
N ILE C 420 32.03 -17.43 5.13
CA ILE C 420 31.07 -16.46 4.63
C ILE C 420 29.70 -17.12 4.42
N ALA C 421 29.70 -18.24 3.69
CA ALA C 421 28.47 -19.00 3.42
C ALA C 421 27.65 -19.43 4.64
N GLY C 423 26.08 -18.54 7.40
CA GLY C 423 25.43 -17.52 8.20
C GLY C 423 26.35 -16.49 8.84
N SER C 424 27.35 -15.97 8.12
CA SER C 424 28.22 -14.96 8.69
C SER C 424 27.45 -13.65 8.88
N LYS C 425 28.00 -12.82 9.76
CA LYS C 425 27.59 -11.45 9.91
C LYS C 425 27.46 -10.68 8.58
N HIS C 426 28.33 -10.99 7.63
CA HIS C 426 28.41 -10.24 6.38
C HIS C 426 27.22 -10.48 5.46
N LEU C 427 26.52 -11.59 5.70
CA LEU C 427 25.32 -11.97 4.99
C LEU C 427 24.09 -11.53 5.81
N GLY C 428 24.31 -10.78 6.89
CA GLY C 428 23.26 -10.22 7.72
C GLY C 428 22.84 -11.01 8.95
N ALA C 429 23.73 -11.82 9.49
CA ALA C 429 23.44 -12.51 10.76
C ALA C 429 23.18 -11.52 11.88
N ASP C 430 22.14 -11.76 12.67
CA ASP C 430 21.80 -10.82 13.76
C ASP C 430 22.72 -10.97 14.98
N VAL C 432 26.46 -13.35 16.02
CA VAL C 432 27.46 -14.37 15.79
C VAL C 432 28.26 -14.54 17.09
N LEU C 433 28.18 -15.74 17.62
CA LEU C 433 28.92 -16.13 18.82
C LEU C 433 30.05 -17.06 18.37
N ALA C 434 31.19 -16.99 19.04
CA ALA C 434 32.28 -17.92 18.76
C ALA C 434 32.67 -18.62 20.05
N TRP C 435 32.85 -19.92 19.99
CA TRP C 435 33.50 -20.65 21.08
C TRP C 435 34.98 -20.29 21.05
N PRO C 436 35.68 -20.41 22.19
CA PRO C 436 37.11 -20.10 22.21
C PRO C 436 37.93 -21.03 21.30
N SER C 437 37.34 -22.15 20.92
CA SER C 437 37.91 -23.10 19.96
C SER C 437 37.72 -22.68 18.48
N ALA C 438 36.91 -21.66 18.22
CA ALA C 438 36.72 -21.16 16.86
C ALA C 438 38.04 -20.78 16.20
N GLU C 439 38.16 -21.06 14.91
CA GLU C 439 39.38 -20.79 14.15
C GLU C 439 38.97 -20.12 12.84
N ILE C 440 39.04 -18.79 12.80
CA ILE C 440 38.54 -18.02 11.65
C ILE C 440 39.72 -17.49 10.81
N ALA C 441 39.74 -17.88 9.53
CA ALA C 441 40.89 -17.68 8.66
C ALA C 441 40.50 -17.53 7.19
N VAL C 442 41.18 -16.60 6.50
CA VAL C 442 40.96 -16.30 5.07
C VAL C 442 40.99 -17.59 4.23
N GLY C 444 42.70 -22.00 4.85
CA GLY C 444 43.42 -22.92 5.73
C GLY C 444 44.74 -22.29 6.18
N PRO C 445 44.94 -22.18 7.51
CA PRO C 445 46.18 -21.62 8.09
C PRO C 445 47.54 -22.07 7.52
N GLU C 446 47.64 -23.34 7.10
CA GLU C 446 48.89 -23.88 6.54
C GLU C 446 49.13 -23.36 5.14
N GLY C 447 48.07 -23.28 4.35
CA GLY C 447 48.14 -22.70 3.02
C GLY C 447 48.43 -21.23 3.08
N ALA C 448 47.74 -20.52 3.96
CA ALA C 448 47.92 -19.08 4.12
C ALA C 448 49.38 -18.78 4.45
N ALA C 449 49.87 -19.42 5.52
CA ALA C 449 51.23 -19.21 6.00
C ALA C 449 52.26 -19.52 4.91
N ASN C 450 52.04 -20.60 4.19
CA ASN C 450 52.96 -21.01 3.13
C ASN C 450 53.10 -19.96 2.03
N ILE C 451 51.99 -19.31 1.69
CA ILE C 451 52.00 -18.19 0.73
C ILE C 451 52.65 -16.93 1.32
N ILE C 452 52.11 -16.44 2.43
CA ILE C 452 52.57 -15.18 3.04
C ILE C 452 54.05 -15.19 3.42
N PHE C 453 54.56 -16.35 3.85
CA PHE C 453 55.95 -16.45 4.27
C PHE C 453 56.76 -17.28 3.27
N LYS C 454 56.40 -17.20 1.99
CA LYS C 454 57.05 -17.99 0.93
C LYS C 454 58.56 -17.75 0.91
N ARG C 455 58.95 -16.47 0.86
CA ARG C 455 60.37 -16.07 0.77
C ARG C 455 61.20 -16.41 2.03
N GLU C 456 60.60 -16.17 3.19
CA GLU C 456 61.25 -16.42 4.49
C GLU C 456 61.55 -17.90 4.69
N ILE C 457 60.55 -18.75 4.40
CA ILE C 457 60.69 -20.21 4.53
C ILE C 457 61.81 -20.74 3.64
N GLU C 458 61.78 -20.36 2.36
CA GLU C 458 62.78 -20.78 1.39
C GLU C 458 64.20 -20.42 1.82
N ALA C 459 64.35 -19.17 2.27
CA ALA C 459 65.69 -18.60 2.60
C ALA C 459 66.29 -19.09 3.92
N SER C 460 65.50 -19.69 4.80
CA SER C 460 66.04 -20.27 6.04
C SER C 460 66.85 -21.55 5.72
N SER C 461 67.86 -21.85 6.54
CA SER C 461 68.64 -23.10 6.39
C SER C 461 67.98 -24.30 7.10
N ASN C 462 66.71 -24.14 7.50
CA ASN C 462 65.86 -25.26 7.87
C ASN C 462 64.41 -24.83 7.61
N PRO C 463 64.01 -24.87 6.33
CA PRO C 463 62.64 -24.54 5.88
C PRO C 463 61.50 -25.33 6.54
N GLU C 464 61.72 -26.61 6.83
CA GLU C 464 60.64 -27.41 7.45
C GLU C 464 60.46 -27.03 8.93
N GLU C 465 61.51 -26.53 9.57
CA GLU C 465 61.40 -26.01 10.95
C GLU C 465 60.68 -24.68 10.95
N THR C 466 61.23 -23.69 10.24
CA THR C 466 60.63 -22.34 10.20
C THR C 466 59.17 -22.42 9.74
N ARG C 467 58.89 -23.23 8.72
CA ARG C 467 57.53 -23.44 8.25
C ARG C 467 56.58 -23.79 9.38
N ARG C 468 56.97 -24.78 10.19
CA ARG C 468 56.10 -25.33 11.24
C ARG C 468 55.83 -24.31 12.34
N LYS C 469 56.86 -23.55 12.70
CA LYS C 469 56.75 -22.49 13.68
C LYS C 469 55.84 -21.33 13.22
N LEU C 470 56.03 -20.89 11.96
CA LEU C 470 55.21 -19.83 11.34
C LEU C 470 53.75 -20.21 11.15
N ILE C 471 53.48 -21.49 10.86
CA ILE C 471 52.11 -22.03 10.82
C ILE C 471 51.47 -21.97 12.21
N GLU C 472 52.23 -22.38 13.23
CA GLU C 472 51.78 -22.31 14.60
C GLU C 472 51.54 -20.84 14.96
N GLU C 473 52.51 -19.98 14.65
CA GLU C 473 52.40 -18.53 14.93
C GLU C 473 51.14 -17.93 14.31
N TYR C 474 50.93 -18.19 13.01
CA TYR C 474 49.78 -17.64 12.26
C TYR C 474 48.46 -18.13 12.83
N LYS C 475 48.42 -19.40 13.22
CA LYS C 475 47.19 -19.95 13.80
C LYS C 475 46.86 -19.22 15.09
N GLN C 476 47.86 -19.09 15.95
CA GLN C 476 47.69 -18.44 17.25
C GLN C 476 47.35 -16.95 17.14
N GLN C 477 47.99 -16.23 16.23
CA GLN C 477 47.95 -14.76 16.22
C GLN C 477 46.87 -14.21 15.32
N PHE C 478 46.56 -14.94 14.26
CA PHE C 478 45.63 -14.46 13.24
C PHE C 478 44.35 -15.26 13.13
N ALA C 479 44.41 -16.57 13.35
CA ALA C 479 43.23 -17.42 13.22
C ALA C 479 42.33 -17.50 14.49
N ASN C 480 42.83 -17.05 15.64
CA ASN C 480 42.01 -17.04 16.86
C ASN C 480 40.74 -16.22 16.62
N PRO C 481 39.68 -16.48 17.39
CA PRO C 481 38.40 -15.81 17.16
C PRO C 481 38.35 -14.30 17.53
N TYR C 482 39.40 -13.79 18.18
CA TYR C 482 39.43 -12.42 18.70
C TYR C 482 39.74 -11.40 17.64
N ILE C 483 40.33 -11.83 16.51
CA ILE C 483 40.57 -10.95 15.38
C ILE C 483 39.23 -10.50 14.81
N ALA C 484 38.37 -11.46 14.50
CA ALA C 484 37.01 -11.16 14.06
C ALA C 484 36.15 -10.43 15.11
N ALA C 485 36.32 -10.77 16.37
CA ALA C 485 35.60 -10.12 17.46
C ALA C 485 35.97 -8.65 17.60
N SER C 486 37.25 -8.33 17.31
CA SER C 486 37.80 -6.99 17.43
C SER C 486 37.35 -6.06 16.33
N ARG C 487 36.82 -6.67 15.26
CA ARG C 487 36.18 -5.97 14.14
C ARG C 487 34.63 -5.88 14.27
N GLY C 488 34.04 -6.67 15.15
CA GLY C 488 32.61 -6.72 15.31
C GLY C 488 31.95 -7.82 14.49
N TYR C 489 32.74 -8.59 13.72
CA TYR C 489 32.20 -9.65 12.88
C TYR C 489 31.66 -10.75 13.76
N VAL C 490 32.41 -11.06 14.81
CA VAL C 490 31.94 -11.88 15.92
C VAL C 490 31.51 -10.87 16.97
N ASP C 491 30.25 -10.97 17.38
CA ASP C 491 29.71 -10.12 18.45
C ASP C 491 30.31 -10.43 19.80
N VAL C 493 32.84 -13.62 21.90
CA VAL C 493 33.46 -14.90 22.13
C VAL C 493 32.94 -15.36 23.46
N ILE C 494 32.40 -16.58 23.48
CA ILE C 494 31.68 -17.09 24.63
C ILE C 494 32.22 -18.42 25.19
N ASP C 495 31.83 -18.70 26.43
CA ASP C 495 32.00 -20.02 27.05
C ASP C 495 30.90 -20.94 26.47
N PRO C 496 31.27 -22.12 25.93
CA PRO C 496 30.26 -23.04 25.34
C PRO C 496 29.03 -23.31 26.23
N ARG C 497 29.26 -23.29 27.53
CA ARG C 497 28.21 -23.49 28.53
C ARG C 497 27.22 -22.34 28.64
N GLU C 498 27.47 -21.24 27.92
CA GLU C 498 26.53 -20.11 27.82
C GLU C 498 25.80 -20.11 26.46
N THR C 499 26.01 -21.13 25.64
CA THR C 499 25.46 -21.16 24.28
C THR C 499 23.92 -21.05 24.24
N ARG C 500 23.24 -21.81 25.08
CA ARG C 500 21.77 -21.84 25.08
C ARG C 500 21.16 -20.51 25.55
N LYS C 501 21.74 -19.92 26.59
CA LYS C 501 21.26 -18.68 27.18
C LYS C 501 21.36 -17.51 26.17
N TYR C 502 22.52 -17.37 25.54
CA TYR C 502 22.71 -16.40 24.48
C TYR C 502 21.67 -16.49 23.34
N ILE C 503 21.45 -17.70 22.86
CA ILE C 503 20.52 -17.96 21.77
C ILE C 503 19.11 -17.62 22.17
N ARG C 505 18.15 -15.50 24.62
CA ARG C 505 17.98 -14.07 24.80
C ARG C 505 17.98 -13.30 23.46
N ALA C 506 18.84 -13.70 22.52
CA ALA C 506 18.80 -13.20 21.15
C ALA C 506 17.48 -13.43 20.46
N LEU C 507 16.90 -14.62 20.57
CA LEU C 507 15.60 -14.85 19.96
C LEU C 507 14.47 -14.06 20.63
N GLU C 508 14.54 -13.83 21.95
CA GLU C 508 13.61 -12.92 22.60
C GLU C 508 13.61 -11.51 21.99
N VAL C 509 14.80 -10.97 21.75
CA VAL C 509 14.95 -9.65 21.13
C VAL C 509 14.45 -9.66 19.69
N CYS C 510 14.94 -10.64 18.93
CA CYS C 510 14.68 -10.82 17.51
C CYS C 510 13.26 -11.19 17.11
N GLU C 511 12.38 -11.41 18.08
CA GLU C 511 10.98 -11.69 17.81
C GLU C 511 10.30 -10.52 17.10
N THR C 512 10.86 -9.31 17.26
CA THR C 512 10.31 -8.09 16.66
C THR C 512 11.22 -7.51 15.55
N LYS C 513 12.12 -8.31 15.01
CA LYS C 513 12.98 -7.93 13.89
C LYS C 513 12.11 -7.66 12.65
N VAL C 514 12.21 -6.43 12.14
CA VAL C 514 11.60 -6.06 10.89
C VAL C 514 12.75 -5.64 9.98
N GLU C 515 12.80 -6.24 8.81
CA GLU C 515 13.83 -5.94 7.81
C GLU C 515 13.21 -5.99 6.41
N TYR C 516 13.43 -4.92 5.66
CA TYR C 516 12.91 -4.76 4.30
C TYR C 516 13.87 -5.22 3.18
N ARG C 517 13.29 -5.41 2.01
CA ARG C 517 13.96 -5.89 0.84
C ARG C 517 13.47 -5.10 -0.35
N PRO C 518 14.35 -4.93 -1.38
CA PRO C 518 13.90 -4.16 -2.53
C PRO C 518 12.68 -4.79 -3.21
N LYS C 519 11.79 -3.94 -3.73
CA LYS C 519 10.62 -4.44 -4.46
C LYS C 519 11.09 -5.14 -5.73
N LYS C 520 10.55 -6.33 -5.92
CA LYS C 520 10.86 -7.13 -7.09
C LYS C 520 9.74 -8.12 -7.20
N LYS C 521 9.49 -8.59 -8.41
CA LYS C 521 8.54 -9.68 -8.59
C LYS C 521 9.08 -10.86 -7.83
N HIS C 522 10.38 -11.07 -7.99
CA HIS C 522 11.14 -12.14 -7.32
C HIS C 522 12.59 -11.87 -7.73
N GLY C 523 13.53 -12.60 -7.16
CA GLY C 523 14.91 -12.51 -7.55
C GLY C 523 15.26 -13.51 -8.66
N ASN C 524 16.56 -13.63 -8.89
CA ASN C 524 17.11 -14.51 -9.87
C ASN C 524 18.20 -15.38 -9.25
N ILE C 525 17.80 -16.17 -8.27
CA ILE C 525 18.68 -17.10 -7.60
C ILE C 525 19.32 -18.06 -8.65
N PRO C 526 20.64 -18.36 -8.50
CA PRO C 526 21.27 -19.30 -9.45
C PRO C 526 20.64 -20.68 -9.30
N LEU C 527 20.44 -21.38 -10.42
CA LEU C 527 19.83 -22.70 -10.41
C LEU C 527 20.79 -23.75 -11.05
N SER D 14 -37.26 40.38 -16.84
CA SER D 14 -36.90 39.36 -17.86
C SER D 14 -35.47 38.80 -17.61
N LEU D 15 -35.00 37.88 -18.44
CA LEU D 15 -33.63 37.37 -18.27
C LEU D 15 -32.58 38.49 -18.45
N ARG D 16 -32.76 39.33 -19.46
CA ARG D 16 -31.82 40.42 -19.73
C ARG D 16 -31.86 41.56 -18.67
N ASP D 17 -33.06 41.82 -18.12
CA ASP D 17 -33.21 42.69 -16.95
C ASP D 17 -32.48 42.14 -15.72
N LYS D 18 -32.61 40.85 -15.48
CA LYS D 18 -31.84 40.19 -14.43
C LYS D 18 -30.33 40.17 -14.67
N ILE D 19 -29.90 40.15 -15.95
CA ILE D 19 -28.45 40.25 -16.26
C ILE D 19 -27.93 41.66 -15.96
N GLU D 20 -28.71 42.66 -16.32
CA GLU D 20 -28.39 44.05 -15.99
C GLU D 20 -28.35 44.29 -14.47
N GLU D 21 -29.31 43.74 -13.73
CA GLU D 21 -29.27 43.75 -12.26
C GLU D 21 -28.03 43.07 -11.70
N LEU D 22 -27.66 41.91 -12.24
CA LEU D 22 -26.42 41.23 -11.85
C LEU D 22 -25.23 42.15 -12.06
N LYS D 23 -25.16 42.84 -13.19
CA LYS D 23 -24.04 43.77 -13.46
C LYS D 23 -23.95 44.94 -12.45
N LYS D 24 -25.10 45.45 -12.02
CA LYS D 24 -25.15 46.48 -10.99
C LYS D 24 -24.54 45.95 -9.73
N ILE D 25 -24.95 44.75 -9.32
CA ILE D 25 -24.51 44.15 -8.05
C ILE D 25 -23.00 43.91 -8.04
N GLU D 26 -22.46 43.42 -9.17
CA GLU D 26 -21.01 43.20 -9.33
C GLU D 26 -20.18 44.49 -9.31
N LYS D 27 -20.63 45.56 -9.97
CA LYS D 27 -19.91 46.85 -9.99
C LYS D 27 -19.79 47.40 -8.59
N GLU D 28 -20.87 47.30 -7.83
CA GLU D 28 -20.92 47.73 -6.44
C GLU D 28 -19.92 46.95 -5.57
N ILE D 29 -19.97 45.63 -5.63
CA ILE D 29 -18.96 44.78 -4.96
C ILE D 29 -17.52 45.16 -5.37
N GLU D 30 -17.30 45.42 -6.66
CA GLU D 30 -15.99 45.79 -7.17
C GLU D 30 -15.48 47.21 -6.72
N GLN D 31 -16.35 48.03 -6.13
CA GLN D 31 -15.92 49.28 -5.44
C GLN D 31 -14.98 49.04 -4.24
N GLY D 32 -15.07 47.85 -3.64
CA GLY D 32 -14.37 47.58 -2.39
C GLY D 32 -14.96 48.46 -1.31
N GLY D 33 -14.12 49.18 -0.59
CA GLY D 33 -14.59 50.01 0.51
C GLY D 33 -14.92 51.42 0.07
N GLY D 34 -14.79 51.67 -1.23
CA GLY D 34 -15.24 52.90 -1.88
C GLY D 34 -14.08 53.75 -2.39
N PRO D 35 -14.40 54.79 -3.21
CA PRO D 35 -13.40 55.63 -3.89
C PRO D 35 -12.47 56.36 -2.95
N GLU D 36 -12.96 56.73 -1.78
CA GLU D 36 -12.17 57.44 -0.80
C GLU D 36 -11.18 56.53 -0.09
N LYS D 37 -11.62 55.31 0.25
CA LYS D 37 -10.75 54.32 0.84
C LYS D 37 -9.73 53.83 -0.17
N VAL D 38 -10.16 53.73 -1.41
CA VAL D 38 -9.25 53.34 -2.49
C VAL D 38 -8.20 54.41 -2.71
N GLU D 39 -8.58 55.69 -2.66
CA GLU D 39 -7.64 56.78 -2.87
C GLU D 39 -6.59 56.83 -1.76
N LYS D 40 -7.00 56.53 -0.55
CA LYS D 40 -6.13 56.47 0.62
C LYS D 40 -5.13 55.32 0.49
N GLN D 41 -5.59 54.17 -0.03
CA GLN D 41 -4.71 53.02 -0.28
C GLN D 41 -3.56 53.45 -1.19
N HIS D 42 -3.91 54.08 -2.31
CA HIS D 42 -2.95 54.57 -3.28
C HIS D 42 -2.00 55.65 -2.75
N ARG D 43 -2.50 56.58 -1.92
CA ARG D 43 -1.66 57.60 -1.26
C ARG D 43 -0.62 57.01 -0.31
N ALA D 44 -0.97 55.90 0.33
CA ALA D 44 -0.06 55.18 1.21
C ALA D 44 1.00 54.40 0.44
N GLY D 45 1.00 54.51 -0.89
CA GLY D 45 1.94 53.75 -1.72
C GLY D 45 1.54 52.31 -2.01
N LYS D 46 0.26 52.00 -1.84
CA LYS D 46 -0.24 50.64 -1.89
C LYS D 46 -1.23 50.42 -3.04
N LEU D 47 -1.09 49.28 -3.74
CA LEU D 47 -2.08 48.87 -4.76
C LEU D 47 -3.30 48.24 -4.10
N THR D 48 -4.44 48.25 -4.77
CA THR D 48 -5.63 47.57 -4.28
C THR D 48 -5.52 46.04 -4.42
N ALA D 49 -6.37 45.32 -3.70
CA ALA D 49 -6.41 43.87 -3.75
C ALA D 49 -6.55 43.32 -5.17
N TRP D 50 -7.34 44.01 -5.99
CA TRP D 50 -7.54 43.59 -7.37
C TRP D 50 -6.42 44.03 -8.35
N GLU D 51 -5.77 45.16 -8.10
CA GLU D 51 -4.66 45.57 -8.92
C GLU D 51 -3.47 44.63 -8.78
N ARG D 52 -3.27 44.10 -7.58
CA ARG D 52 -2.21 43.18 -7.32
C ARG D 52 -2.36 41.89 -8.12
N LEU D 53 -3.57 41.32 -8.08
CA LEU D 53 -3.91 40.13 -8.85
C LEU D 53 -3.70 40.32 -10.33
N GLU D 54 -4.05 41.52 -10.80
CA GLU D 54 -3.96 41.87 -12.19
C GLU D 54 -2.51 41.93 -12.69
N LEU D 55 -1.59 42.23 -11.77
CA LEU D 55 -0.16 42.13 -12.04
C LEU D 55 0.41 40.72 -11.83
N LEU D 56 -0.12 40.00 -10.86
CA LEU D 56 0.39 38.69 -10.52
C LEU D 56 0.11 37.62 -11.58
N LEU D 57 -1.10 37.63 -12.12
CA LEU D 57 -1.61 36.52 -12.94
C LEU D 57 -1.45 36.75 -14.43
N ASP D 58 -1.28 35.66 -15.19
CA ASP D 58 -1.38 35.74 -16.65
C ASP D 58 -2.68 36.49 -17.03
N PRO D 59 -2.60 37.51 -17.90
CA PRO D 59 -3.79 38.29 -18.28
C PRO D 59 -5.02 37.50 -18.75
N GLY D 60 -6.18 37.82 -18.19
CA GLY D 60 -7.42 37.15 -18.47
C GLY D 60 -7.57 35.74 -17.94
N THR D 61 -6.75 35.31 -16.99
CA THR D 61 -6.82 33.91 -16.60
C THR D 61 -7.45 33.70 -15.25
N PHE D 62 -7.69 34.79 -14.52
CA PHE D 62 -8.23 34.71 -13.18
C PHE D 62 -9.74 34.48 -13.16
N VAL D 63 -10.15 33.43 -12.45
CA VAL D 63 -11.55 33.16 -12.11
C VAL D 63 -11.76 33.36 -10.60
N GLU D 64 -12.50 34.39 -10.26
CA GLU D 64 -12.97 34.63 -8.92
C GLU D 64 -14.05 33.64 -8.52
N ILE D 65 -14.06 33.28 -7.25
CA ILE D 65 -15.14 32.58 -6.63
C ILE D 65 -15.54 33.29 -5.33
N ASP D 66 -16.77 33.05 -4.92
CA ASP D 66 -17.32 33.65 -3.69
C ASP D 66 -17.30 35.18 -3.66
N LYS D 67 -17.46 35.81 -4.82
CA LYS D 67 -17.55 37.27 -4.93
C LYS D 67 -18.76 37.87 -4.17
N PHE D 68 -19.84 37.09 -4.12
CA PHE D 68 -21.14 37.51 -3.58
C PHE D 68 -21.31 37.14 -2.10
N VAL D 69 -20.28 36.56 -1.48
CA VAL D 69 -20.31 36.26 -0.05
C VAL D 69 -20.54 37.52 0.77
N GLU D 70 -21.39 37.40 1.77
CA GLU D 70 -21.70 38.47 2.71
C GLU D 70 -21.59 37.90 4.16
N HIS D 71 -21.13 38.74 5.08
CA HIS D 71 -21.02 38.39 6.52
C HIS D 71 -22.40 38.13 7.12
N ARG D 72 -22.42 37.30 8.17
CA ARG D 72 -23.66 36.90 8.85
C ARG D 72 -23.80 37.51 10.24
N ASN D 73 -22.68 37.84 10.88
CA ASN D 73 -22.72 38.39 12.23
C ASN D 73 -23.28 39.81 12.26
N THR D 74 -24.17 40.04 13.22
CA THR D 74 -24.96 41.25 13.35
C THR D 74 -24.41 42.20 14.45
N TYR D 75 -23.41 41.77 15.21
CA TYR D 75 -22.99 42.52 16.39
C TYR D 75 -22.42 43.89 16.07
N PHE D 76 -22.72 44.83 16.96
CA PHE D 76 -22.07 46.13 17.03
C PHE D 76 -22.20 46.93 15.74
N GLY D 77 -23.35 46.79 15.07
CA GLY D 77 -23.65 47.55 13.88
C GLY D 77 -23.30 46.86 12.58
N LEU D 78 -22.84 45.61 12.67
CA LEU D 78 -22.55 44.84 11.48
C LEU D 78 -23.83 44.56 10.67
N ASP D 79 -24.98 44.49 11.33
CA ASP D 79 -26.25 44.31 10.62
C ASP D 79 -26.70 45.50 9.75
N LYS D 80 -25.95 46.60 9.74
CA LYS D 80 -26.36 47.80 9.01
C LYS D 80 -25.45 48.17 7.85
N VAL D 81 -24.47 47.32 7.58
CA VAL D 81 -23.43 47.61 6.62
C VAL D 81 -23.30 46.43 5.67
N LYS D 82 -22.84 46.70 4.45
CA LYS D 82 -22.46 45.71 3.47
C LYS D 82 -20.94 45.77 3.34
N LEU D 83 -20.32 44.60 3.26
CA LEU D 83 -18.86 44.50 3.26
C LEU D 83 -18.47 43.67 2.06
N PRO D 84 -18.17 44.35 0.93
CA PRO D 84 -17.85 43.71 -0.38
C PRO D 84 -16.79 42.62 -0.30
N ARG D 85 -17.18 41.43 -0.77
CA ARG D 85 -16.37 40.19 -0.72
C ARG D 85 -15.99 39.77 0.69
N ASP D 86 -16.63 40.38 1.69
CA ASP D 86 -16.21 40.32 3.08
C ASP D 86 -14.72 40.60 3.26
N GLY D 87 -14.13 41.37 2.34
CA GLY D 87 -12.76 41.84 2.44
C GLY D 87 -11.68 41.01 1.82
N VAL D 88 -12.04 40.01 1.05
CA VAL D 88 -11.00 39.20 0.40
C VAL D 88 -11.46 38.66 -0.94
N ILE D 89 -10.56 38.75 -1.92
CA ILE D 89 -10.75 38.15 -3.24
C ILE D 89 -10.07 36.77 -3.24
N THR D 90 -10.81 35.71 -3.61
CA THR D 90 -10.29 34.37 -3.77
C THR D 90 -10.58 33.83 -5.18
N GLY D 91 -9.66 33.05 -5.72
CA GLY D 91 -9.84 32.44 -7.00
C GLY D 91 -8.61 31.71 -7.50
N VAL D 92 -8.69 31.26 -8.75
CA VAL D 92 -7.62 30.50 -9.40
C VAL D 92 -7.32 31.22 -10.70
N GLY D 93 -6.03 31.30 -11.02
CA GLY D 93 -5.58 31.92 -12.27
C GLY D 93 -4.39 31.11 -12.72
N GLU D 94 -3.63 31.65 -13.67
CA GLU D 94 -2.40 31.04 -14.14
C GLU D 94 -1.21 31.97 -13.93
N ILE D 95 -0.04 31.37 -13.74
CA ILE D 95 1.22 32.11 -13.78
C ILE D 95 2.11 31.33 -14.70
N ASN D 96 2.49 31.92 -15.84
CA ASN D 96 3.23 31.22 -16.89
C ASN D 96 2.59 29.86 -17.28
N GLY D 97 1.28 29.85 -17.44
CA GLY D 97 0.60 28.69 -17.96
C GLY D 97 0.24 27.63 -16.92
N ARG D 98 0.59 27.86 -15.66
CA ARG D 98 0.29 26.92 -14.59
C ARG D 98 -0.72 27.47 -13.60
N LYS D 99 -1.68 26.63 -13.20
CA LYS D 99 -2.73 27.00 -12.25
C LYS D 99 -2.18 27.29 -10.87
N VAL D 100 -2.64 28.40 -10.30
CA VAL D 100 -2.30 28.83 -8.94
C VAL D 100 -3.57 29.39 -8.27
N ALA D 101 -3.74 29.02 -7.01
CA ALA D 101 -4.80 29.50 -6.16
C ALA D 101 -4.25 30.72 -5.48
N VAL D 102 -5.04 31.80 -5.48
CA VAL D 102 -4.61 33.08 -4.95
C VAL D 102 -5.69 33.67 -4.03
N PHE D 103 -5.28 34.29 -2.93
CA PHE D 103 -6.17 35.18 -2.19
C PHE D 103 -5.50 36.49 -1.99
N SER D 104 -6.32 37.52 -1.93
CA SER D 104 -5.86 38.92 -1.87
C SER D 104 -6.82 39.75 -0.98
N GLN D 105 -6.34 40.03 0.23
CA GLN D 105 -7.08 40.80 1.22
C GLN D 105 -7.23 42.24 0.79
N ASP D 106 -8.43 42.78 0.98
CA ASP D 106 -8.78 44.12 0.59
C ASP D 106 -8.87 45.00 1.81
N PHE D 107 -7.86 45.85 1.98
CA PHE D 107 -7.71 46.67 3.16
C PHE D 107 -8.79 47.76 3.23
N THR D 108 -9.39 48.10 2.08
CA THR D 108 -10.41 49.14 1.97
C THR D 108 -11.72 48.77 2.66
N VAL D 109 -11.92 47.48 2.94
CA VAL D 109 -13.10 46.97 3.58
C VAL D 109 -12.70 46.62 5.01
N GLY D 111 -10.43 47.74 7.10
CA GLY D 111 -9.03 47.50 7.40
C GLY D 111 -8.56 46.10 7.04
N GLY D 112 -9.25 45.49 6.09
CA GLY D 112 -8.94 44.14 5.66
C GLY D 112 -9.11 43.12 6.76
N SER D 113 -9.89 43.50 7.78
CA SER D 113 -10.08 42.65 8.95
C SER D 113 -10.75 41.34 8.59
N LEU D 114 -10.36 40.32 9.33
CA LEU D 114 -10.76 38.98 9.07
C LEU D 114 -12.05 38.65 9.84
N GLY D 115 -13.16 38.62 9.08
CA GLY D 115 -14.45 38.16 9.57
C GLY D 115 -14.54 36.66 9.41
N GLU D 116 -15.62 36.11 9.90
CA GLU D 116 -15.90 34.69 9.81
C GLU D 116 -15.98 34.25 8.34
N HIS D 118 -14.98 35.89 5.53
CA HIS D 118 -13.63 36.15 5.00
C HIS D 118 -12.69 34.94 5.23
N ALA D 119 -12.61 34.49 6.49
CA ALA D 119 -11.89 33.27 6.85
C ALA D 119 -12.40 32.04 6.11
N LYS D 120 -13.72 31.89 6.01
CA LYS D 120 -14.27 30.74 5.33
C LYS D 120 -13.92 30.69 3.86
N LYS D 121 -13.79 31.85 3.21
CA LYS D 121 -13.37 31.93 1.82
C LYS D 121 -11.92 31.48 1.61
N ILE D 122 -11.05 31.86 2.54
CA ILE D 122 -9.65 31.50 2.47
C ILE D 122 -9.49 30.01 2.75
N VAL D 123 -10.18 29.51 3.78
CA VAL D 123 -10.23 28.09 4.08
C VAL D 123 -10.70 27.28 2.84
N LYS D 124 -11.81 27.70 2.25
CA LYS D 124 -12.28 27.06 1.02
C LYS D 124 -11.21 27.05 -0.10
N LEU D 125 -10.47 28.14 -0.27
CA LEU D 125 -9.48 28.26 -1.31
C LEU D 125 -8.24 27.35 -1.05
N LEU D 126 -7.82 27.27 0.21
CA LEU D 126 -6.77 26.36 0.67
C LEU D 126 -7.10 24.86 0.54
N ASP D 127 -8.32 24.52 0.92
CA ASP D 127 -8.87 23.17 0.73
C ASP D 127 -8.77 22.78 -0.75
N LEU D 128 -9.15 23.73 -1.58
CA LEU D 128 -9.21 23.53 -3.02
C LEU D 128 -7.82 23.42 -3.64
N ALA D 129 -6.88 24.26 -3.18
CA ALA D 129 -5.52 24.20 -3.68
C ALA D 129 -4.90 22.85 -3.39
N LEU D 130 -5.11 22.38 -2.16
CA LEU D 130 -4.62 21.09 -1.71
C LEU D 130 -5.17 19.91 -2.53
N LYS D 131 -6.49 19.91 -2.69
CA LYS D 131 -7.21 18.87 -3.43
C LYS D 131 -6.82 18.80 -4.90
N GLY D 133 -3.95 20.08 -6.05
CA GLY D 133 -2.51 20.01 -6.14
C GLY D 133 -1.84 21.20 -6.83
N ILE D 134 -2.27 22.43 -6.48
CA ILE D 134 -1.71 23.67 -7.01
C ILE D 134 -1.17 24.61 -5.90
N PRO D 135 -0.12 25.40 -6.21
CA PRO D 135 0.37 26.34 -5.22
C PRO D 135 -0.69 27.35 -4.75
N VAL D 136 -0.52 27.83 -3.52
CA VAL D 136 -1.32 28.93 -2.98
C VAL D 136 -0.50 30.18 -2.81
N ILE D 137 -1.03 31.32 -3.24
CA ILE D 137 -0.43 32.65 -2.97
C ILE D 137 -1.41 33.48 -2.12
N GLY D 138 -0.96 33.87 -0.94
CA GLY D 138 -1.74 34.71 -0.07
C GLY D 138 -1.16 36.11 -0.07
N ILE D 139 -1.97 37.10 -0.41
CA ILE D 139 -1.55 38.49 -0.28
C ILE D 139 -2.24 39.08 0.93
N ASN D 140 -1.45 39.32 1.97
CA ASN D 140 -1.94 39.81 3.22
C ASN D 140 -1.84 41.34 3.32
N ASP D 141 -2.88 41.95 3.90
CA ASP D 141 -3.00 43.38 4.04
C ASP D 141 -4.20 43.64 4.97
N SER D 142 -3.96 43.53 6.29
CA SER D 142 -5.03 43.38 7.27
C SER D 142 -4.66 43.82 8.69
N GLY D 143 -5.48 44.69 9.29
CA GLY D 143 -5.33 45.03 10.71
C GLY D 143 -5.47 43.88 11.74
N GLY D 144 -5.98 42.73 11.28
CA GLY D 144 -6.17 41.53 12.12
C GLY D 144 -7.63 41.12 12.21
N ALA D 145 -7.99 40.46 13.31
CA ALA D 145 -9.32 40.00 13.57
C ALA D 145 -10.35 41.12 13.49
N ARG D 146 -11.44 40.89 12.77
CA ARG D 146 -12.59 41.76 12.92
C ARG D 146 -13.12 41.53 14.33
N ILE D 147 -12.87 42.50 15.19
CA ILE D 147 -13.11 42.42 16.63
C ILE D 147 -14.59 42.22 16.93
N GLN D 148 -15.43 42.81 16.08
CA GLN D 148 -16.90 42.77 16.25
C GLN D 148 -17.46 41.37 16.09
N GLU D 149 -16.74 40.49 15.39
CA GLU D 149 -17.21 39.12 15.18
C GLU D 149 -16.85 38.17 16.30
N GLY D 150 -16.11 38.64 17.31
CA GLY D 150 -15.78 37.84 18.48
C GLY D 150 -15.00 36.56 18.15
N VAL D 151 -15.32 35.50 18.88
CA VAL D 151 -14.69 34.19 18.74
C VAL D 151 -14.80 33.53 17.36
N ASP D 152 -15.83 33.86 16.59
CA ASP D 152 -15.93 33.37 15.20
C ASP D 152 -14.75 33.75 14.31
N ALA D 153 -14.14 34.91 14.61
CA ALA D 153 -12.95 35.35 13.90
C ALA D 153 -11.73 34.50 14.26
N LEU D 154 -11.63 34.08 15.53
CA LEU D 154 -10.57 33.17 16.00
C LEU D 154 -10.73 31.76 15.46
N ALA D 155 -11.98 31.29 15.44
CA ALA D 155 -12.33 30.05 14.76
C ALA D 155 -11.88 30.10 13.32
N GLY D 156 -12.26 31.17 12.61
CA GLY D 156 -11.73 31.48 11.28
C GLY D 156 -10.23 31.33 11.12
N TYR D 157 -9.44 32.09 11.88
CA TYR D 157 -7.96 31.91 11.85
C TYR D 157 -7.47 30.50 12.10
N GLY D 158 -8.02 29.85 13.12
CA GLY D 158 -7.60 28.51 13.48
C GLY D 158 -7.77 27.52 12.35
N GLU D 159 -8.93 27.56 11.71
CA GLU D 159 -9.18 26.74 10.54
C GLU D 159 -8.22 27.01 9.40
N ILE D 160 -7.80 28.27 9.21
CA ILE D 160 -6.79 28.60 8.21
C ILE D 160 -5.45 27.96 8.58
N PHE D 161 -5.07 28.08 9.84
CA PHE D 161 -3.79 27.52 10.30
C PHE D 161 -3.80 26.04 10.10
N LEU D 162 -4.93 25.39 10.44
CA LEU D 162 -5.09 23.97 10.16
C LEU D 162 -4.87 23.63 8.67
N ARG D 163 -5.46 24.42 7.77
CA ARG D 163 -5.27 24.19 6.33
C ARG D 163 -3.82 24.38 5.84
N ASN D 164 -3.14 25.40 6.37
CA ASN D 164 -1.72 25.63 6.09
C ASN D 164 -0.84 24.45 6.51
N THR D 165 -1.09 23.91 7.69
CA THR D 165 -0.37 22.73 8.22
C THR D 165 -0.59 21.47 7.39
N LEU D 166 -1.81 21.20 6.99
CA LEU D 166 -2.07 20.01 6.16
C LEU D 166 -1.42 20.14 4.78
N ALA D 167 -1.40 21.36 4.28
CA ALA D 167 -0.82 21.64 2.95
C ALA D 167 0.69 21.71 2.95
N SER D 168 1.30 21.76 4.13
CA SER D 168 2.74 21.97 4.28
C SER D 168 3.57 20.76 3.77
N GLY D 169 4.45 21.00 2.81
CA GLY D 169 5.14 19.93 2.07
C GLY D 169 4.31 19.19 1.01
N VAL D 170 3.11 19.69 0.73
CA VAL D 170 2.21 19.09 -0.28
C VAL D 170 2.09 19.96 -1.50
N VAL D 171 1.72 21.22 -1.27
CA VAL D 171 1.72 22.27 -2.30
C VAL D 171 2.48 23.46 -1.73
N PRO D 172 3.28 24.13 -2.58
CA PRO D 172 4.01 25.31 -2.11
C PRO D 172 3.07 26.44 -1.69
N GLN D 173 3.41 27.15 -0.62
CA GLN D 173 2.59 28.23 -0.11
C GLN D 173 3.46 29.48 0.00
N ILE D 174 3.06 30.52 -0.70
CA ILE D 174 3.83 31.76 -0.69
C ILE D 174 2.93 32.83 -0.14
N THR D 175 3.46 33.62 0.76
CA THR D 175 2.74 34.73 1.32
C THR D 175 3.43 36.04 0.91
N VAL D 176 2.62 37.04 0.55
CA VAL D 176 3.07 38.40 0.38
C VAL D 176 2.45 39.28 1.48
N ILE D 177 3.29 39.96 2.24
CA ILE D 177 2.81 40.94 3.21
C ILE D 177 2.88 42.28 2.50
N ALA D 178 1.72 42.84 2.15
CA ALA D 178 1.67 44.10 1.41
C ALA D 178 0.99 45.23 2.20
N GLY D 179 0.94 45.07 3.52
CA GLY D 179 0.36 46.07 4.40
C GLY D 179 0.49 45.60 5.83
N PRO D 180 -0.42 46.05 6.71
CA PRO D 180 -0.36 45.44 8.04
C PRO D 180 -0.68 43.93 8.05
N CYS D 181 -0.18 43.29 9.09
CA CYS D 181 -0.49 41.93 9.39
C CYS D 181 -0.28 41.91 10.91
N ALA D 182 -1.36 41.92 11.66
CA ALA D 182 -1.23 42.10 13.10
C ALA D 182 -2.02 41.05 13.87
N GLY D 183 -1.60 40.77 15.09
CA GLY D 183 -2.27 39.78 15.94
C GLY D 183 -2.17 38.38 15.35
N GLY D 184 -3.28 37.63 15.38
CA GLY D 184 -3.34 36.26 14.83
C GLY D 184 -3.09 36.13 13.35
N ALA D 185 -3.29 37.22 12.60
CA ALA D 185 -2.99 37.23 11.17
C ALA D 185 -1.54 36.80 10.82
N VAL D 186 -0.61 36.91 11.77
CA VAL D 186 0.80 36.68 11.48
C VAL D 186 1.15 35.19 11.27
N TYR D 187 0.37 34.29 11.85
CA TYR D 187 0.72 32.87 11.91
C TYR D 187 0.48 32.05 10.64
N SER D 188 -0.44 32.49 9.81
CA SER D 188 -0.63 31.83 8.52
C SER D 188 0.63 32.07 7.64
N PRO D 189 1.04 33.35 7.45
CA PRO D 189 2.31 33.59 6.76
C PRO D 189 3.44 32.73 7.31
N ALA D 190 3.50 32.60 8.65
CA ALA D 190 4.57 31.84 9.33
C ALA D 190 4.57 30.36 8.99
N LEU D 191 3.36 29.82 8.74
CA LEU D 191 3.16 28.44 8.35
C LEU D 191 3.34 28.18 6.84
N THR D 192 3.45 29.22 6.02
CA THR D 192 3.73 29.07 4.60
C THR D 192 5.22 28.91 4.40
N ASP D 193 5.64 28.63 3.18
CA ASP D 193 7.04 28.30 2.93
C ASP D 193 7.96 29.51 2.77
N PHE D 194 7.44 30.59 2.21
CA PHE D 194 8.19 31.78 1.91
C PHE D 194 7.29 33.00 2.09
N ILE D 195 7.86 34.02 2.73
CA ILE D 195 7.19 35.29 2.98
C ILE D 195 7.95 36.40 2.22
N VAL D 196 7.23 37.09 1.33
CA VAL D 196 7.72 38.32 0.71
C VAL D 196 7.12 39.53 1.45
N VAL D 198 6.84 43.85 1.50
CA VAL D 198 6.99 45.05 0.76
C VAL D 198 7.54 46.13 1.66
N ASP D 199 8.68 46.66 1.24
CA ASP D 199 9.36 47.72 1.95
C ASP D 199 8.46 48.93 2.23
N GLN D 200 8.50 49.40 3.48
CA GLN D 200 7.87 50.64 3.95
C GLN D 200 6.39 50.50 4.26
N THR D 201 5.65 49.76 3.45
CA THR D 201 4.20 49.59 3.58
C THR D 201 3.78 48.31 4.35
N ALA D 202 4.58 47.26 4.28
CA ALA D 202 4.37 46.05 5.07
C ALA D 202 4.90 46.19 6.51
N ARG D 203 4.11 45.74 7.46
CA ARG D 203 4.49 45.65 8.87
C ARG D 203 3.81 44.41 9.39
N PHE D 205 3.44 42.07 13.12
CA PHE D 205 3.70 41.86 14.52
C PHE D 205 2.49 41.25 15.20
N ILE D 206 2.73 40.45 16.23
CA ILE D 206 1.65 39.95 17.08
C ILE D 206 1.06 41.08 17.90
N THR D 207 1.91 41.77 18.63
CA THR D 207 1.49 42.86 19.50
C THR D 207 2.08 44.14 18.93
N GLY D 208 1.29 45.21 18.93
CA GLY D 208 1.73 46.46 18.37
C GLY D 208 2.35 47.35 19.41
N PRO D 209 2.93 48.49 18.99
CA PRO D 209 3.68 49.44 19.85
C PRO D 209 2.98 49.96 21.12
N ASN D 210 1.69 50.29 21.02
CA ASN D 210 0.94 50.86 22.15
C ASN D 210 0.76 49.85 23.27
N VAL D 211 0.46 48.61 22.91
CA VAL D 211 0.41 47.51 23.88
C VAL D 211 1.82 47.25 24.47
N ILE D 212 2.84 47.18 23.61
CA ILE D 212 4.21 46.99 24.10
C ILE D 212 4.57 48.08 25.07
N LYS D 213 4.30 49.33 24.66
CA LYS D 213 4.54 50.52 25.48
C LYS D 213 3.81 50.49 26.83
N ALA D 214 2.54 50.10 26.81
CA ALA D 214 1.72 49.99 28.02
C ALA D 214 2.20 48.92 28.98
N VAL D 215 2.86 47.89 28.46
CA VAL D 215 3.22 46.72 29.23
C VAL D 215 4.72 46.71 29.60
N THR D 216 5.61 47.08 28.69
CA THR D 216 7.06 47.03 28.94
C THR D 216 7.70 48.43 29.04
N GLY D 217 6.95 49.49 28.72
CA GLY D 217 7.50 50.84 28.64
C GLY D 217 8.37 51.15 27.42
N GLU D 218 8.56 50.19 26.51
CA GLU D 218 9.41 50.39 25.33
C GLU D 218 8.64 51.20 24.29
N GLU D 219 9.25 52.31 23.85
CA GLU D 219 8.73 53.15 22.77
C GLU D 219 9.35 52.67 21.47
N ILE D 220 8.52 52.36 20.48
CA ILE D 220 9.02 51.89 19.20
C ILE D 220 8.00 52.17 18.11
N SER D 221 8.51 52.43 16.90
CA SER D 221 7.66 52.68 15.72
C SER D 221 7.18 51.35 15.14
N GLN D 222 6.16 51.39 14.30
CA GLN D 222 5.68 50.16 13.70
C GLN D 222 6.71 49.60 12.73
N GLU D 223 7.46 50.49 12.07
CA GLU D 223 8.46 50.11 11.09
C GLU D 223 9.67 49.46 11.75
N ASP D 224 10.17 50.05 12.84
CA ASP D 224 11.28 49.44 13.56
C ASP D 224 10.90 48.17 14.33
N LEU D 225 9.62 48.02 14.67
CA LEU D 225 9.10 46.85 15.40
C LEU D 225 8.98 45.63 14.49
N GLY D 226 8.32 45.84 13.36
CA GLY D 226 7.98 44.77 12.45
C GLY D 226 7.90 45.15 10.99
N GLY D 227 8.64 46.19 10.60
CA GLY D 227 8.82 46.51 9.19
C GLY D 227 9.43 45.35 8.40
N ALA D 228 9.44 45.51 7.08
CA ALA D 228 9.98 44.51 6.17
C ALA D 228 11.46 44.18 6.40
N VAL D 230 13.25 44.67 9.20
CA VAL D 230 13.31 43.94 10.48
C VAL D 230 13.10 42.44 10.29
N HIS D 231 12.02 42.04 9.62
CA HIS D 231 11.74 40.61 9.49
C HIS D 231 12.70 39.93 8.51
N ASN D 232 13.29 40.70 7.61
CA ASN D 232 14.31 40.16 6.70
C ASN D 232 15.71 40.05 7.29
N GLN D 233 16.01 40.90 8.26
CA GLN D 233 17.34 41.09 8.80
C GLN D 233 17.51 40.53 10.23
N LYS D 234 16.58 40.82 11.13
CA LYS D 234 16.72 40.48 12.56
C LYS D 234 15.97 39.21 12.96
N SER D 235 14.68 39.19 12.67
CA SER D 235 13.81 38.15 13.19
C SER D 235 13.95 36.83 12.41
N GLY D 236 14.33 36.91 11.13
CA GLY D 236 14.40 35.72 10.29
C GLY D 236 13.05 35.17 9.89
N ASN D 237 11.99 35.95 10.08
CA ASN D 237 10.62 35.56 9.75
C ASN D 237 10.35 35.69 8.24
N ALA D 238 10.96 36.68 7.58
CA ALA D 238 10.71 36.87 6.15
C ALA D 238 11.89 36.50 5.24
N HIS D 239 11.59 36.24 3.98
CA HIS D 239 12.55 35.63 3.04
C HIS D 239 12.95 36.51 1.91
N PHE D 240 12.15 37.52 1.61
CA PHE D 240 12.40 38.42 0.49
C PHE D 240 11.95 39.81 0.85
N LEU D 241 12.60 40.80 0.25
CA LEU D 241 12.22 42.19 0.41
C LEU D 241 11.96 42.80 -0.97
N ALA D 242 10.74 43.24 -1.20
CA ALA D 242 10.40 43.88 -2.48
C ALA D 242 10.25 45.37 -2.26
N ASP D 243 10.76 46.18 -3.19
CA ASP D 243 10.62 47.64 -3.05
C ASP D 243 9.18 48.16 -3.07
N ASN D 244 8.31 47.49 -3.82
CA ASN D 244 6.92 47.90 -3.95
C ASN D 244 6.07 46.73 -4.39
N ASP D 245 4.77 46.94 -4.54
CA ASP D 245 3.85 45.82 -4.85
C ASP D 245 4.14 45.17 -6.19
N GLU D 246 4.39 46.00 -7.20
CA GLU D 246 4.75 45.52 -8.52
C GLU D 246 5.87 44.53 -8.45
N LYS D 247 6.96 44.90 -7.76
CA LYS D 247 8.13 44.03 -7.61
C LYS D 247 7.85 42.78 -6.82
N ALA D 248 6.98 42.86 -5.81
CA ALA D 248 6.56 41.67 -5.05
C ALA D 248 5.88 40.65 -5.95
N SER D 250 6.27 40.20 -9.28
CA SER D 250 7.19 39.59 -10.28
C SER D 250 8.18 38.64 -9.64
N LEU D 251 8.42 38.90 -8.36
CA LEU D 251 9.22 38.03 -7.52
C LEU D 251 8.51 36.68 -7.21
N VAL D 252 7.22 36.75 -6.92
CA VAL D 252 6.43 35.54 -6.74
C VAL D 252 6.37 34.71 -8.01
N ARG D 253 6.16 35.38 -9.15
CA ARG D 253 6.21 34.70 -10.45
C ARG D 253 7.56 34.05 -10.70
N THR D 254 8.66 34.76 -10.39
CA THR D 254 10.00 34.18 -10.57
C THR D 254 10.25 32.98 -9.62
N LEU D 255 9.87 33.11 -8.36
CA LEU D 255 9.98 32.04 -7.35
C LEU D 255 9.27 30.76 -7.79
N LEU D 256 8.03 30.91 -8.22
CA LEU D 256 7.22 29.78 -8.67
C LEU D 256 7.81 29.07 -9.88
N SER D 257 8.52 29.79 -10.73
CA SER D 257 9.15 29.23 -11.92
C SER D 257 10.17 28.14 -11.61
N TYR D 258 10.66 28.11 -10.38
CA TYR D 258 11.60 27.13 -9.89
C TYR D 258 10.88 25.93 -9.26
N LEU D 259 9.61 26.08 -8.90
CA LEU D 259 8.94 25.14 -8.01
C LEU D 259 8.00 24.23 -8.75
N PRO D 260 7.82 23.00 -8.26
CA PRO D 260 6.75 22.18 -8.83
C PRO D 260 5.39 22.70 -8.35
N SER D 261 4.33 22.18 -8.95
CA SER D 261 2.97 22.53 -8.51
C SER D 261 2.60 21.88 -7.20
N ASN D 262 3.19 20.70 -6.94
CA ASN D 262 2.99 19.94 -5.74
C ASN D 262 4.13 18.93 -5.52
N ASN D 263 4.08 18.20 -4.40
CA ASN D 263 5.12 17.24 -4.02
C ASN D 263 5.14 15.93 -4.83
N ALA D 264 4.22 15.72 -5.78
CA ALA D 264 4.21 14.47 -6.56
C ALA D 264 4.78 14.71 -7.94
N GLU D 265 5.36 15.87 -8.13
CA GLU D 265 5.94 16.27 -9.40
C GLU D 265 7.38 16.72 -9.24
N GLU D 266 8.09 16.59 -10.36
CA GLU D 266 9.42 17.12 -10.50
C GLU D 266 9.33 18.58 -10.79
N PRO D 267 10.31 19.36 -10.33
CA PRO D 267 10.28 20.80 -10.64
C PRO D 267 10.37 21.05 -12.16
N PRO D 268 9.89 22.23 -12.59
CA PRO D 268 9.88 22.43 -14.03
C PRO D 268 11.30 22.56 -14.62
N VAL D 269 11.41 22.25 -15.90
CA VAL D 269 12.63 22.41 -16.67
C VAL D 269 12.51 23.69 -17.49
N GLU D 270 13.53 24.54 -17.43
CA GLU D 270 13.47 25.86 -18.09
C GLU D 270 14.79 26.32 -18.66
N ASP D 271 14.92 26.25 -19.99
CA ASP D 271 16.02 26.94 -20.72
C ASP D 271 17.44 26.42 -20.36
N PRO D 272 17.77 25.18 -20.73
CA PRO D 272 19.07 24.58 -20.37
C PRO D 272 20.31 25.35 -20.89
N ASP D 273 21.29 25.52 -20.02
CA ASP D 273 22.60 25.99 -20.44
C ASP D 273 23.34 24.70 -20.67
N THR D 274 23.75 24.52 -21.91
CA THR D 274 24.25 23.23 -22.37
C THR D 274 25.76 23.11 -22.13
N SER D 275 26.43 24.26 -22.07
CA SER D 275 27.81 24.43 -21.64
C SER D 275 28.23 23.54 -20.45
N LEU D 276 29.28 22.77 -20.64
CA LEU D 276 29.82 21.91 -19.58
C LEU D 276 30.93 22.60 -18.79
N GLU D 277 31.57 23.57 -19.41
CA GLU D 277 32.77 24.15 -18.82
C GLU D 277 32.50 25.26 -17.80
N THR D 278 33.45 25.42 -16.88
CA THR D 278 33.51 26.57 -15.99
C THR D 278 34.54 27.53 -16.60
N PRO D 279 34.37 28.85 -16.36
CA PRO D 279 35.43 29.79 -16.73
C PRO D 279 36.75 29.59 -15.96
N GLU D 280 37.89 29.84 -16.61
CA GLU D 280 39.22 29.88 -15.97
C GLU D 280 39.24 30.70 -14.68
N ASP D 281 38.62 31.87 -14.77
CA ASP D 281 38.15 32.72 -13.66
C ASP D 281 37.92 32.10 -12.29
N ILE D 282 37.38 30.89 -12.26
CA ILE D 282 37.03 30.24 -11.03
C ILE D 282 38.27 30.04 -10.14
N LEU D 283 39.45 29.95 -10.76
CA LEU D 283 40.71 29.82 -10.05
C LEU D 283 41.14 31.10 -9.32
N ASP D 284 40.60 32.25 -9.72
CA ASP D 284 41.00 33.54 -9.19
C ASP D 284 40.06 34.09 -8.12
N ILE D 285 39.15 33.28 -7.63
CA ILE D 285 38.20 33.73 -6.63
C ILE D 285 38.67 33.58 -5.20
N LEU D 286 39.23 32.43 -4.84
CA LEU D 286 39.71 32.26 -3.47
C LEU D 286 41.04 33.00 -3.37
N PRO D 287 41.25 33.74 -2.28
CA PRO D 287 42.53 34.41 -2.07
C PRO D 287 43.71 33.46 -1.88
N ASP D 288 44.93 33.90 -2.18
CA ASP D 288 46.12 33.12 -1.80
C ASP D 288 46.18 33.01 -0.29
N ASN D 289 45.86 34.11 0.39
CA ASN D 289 45.80 34.12 1.84
C ASN D 289 44.56 33.38 2.37
N PRO D 290 44.77 32.25 3.08
CA PRO D 290 43.65 31.46 3.56
C PRO D 290 42.90 32.07 4.74
N ASN D 291 43.42 33.16 5.28
CA ASN D 291 42.76 33.93 6.33
C ASN D 291 41.86 35.01 5.75
N LYS D 292 41.93 35.25 4.44
CA LYS D 292 41.13 36.25 3.77
C LYS D 292 39.82 35.60 3.30
N GLY D 293 38.76 36.40 3.19
CA GLY D 293 37.47 35.90 2.75
C GLY D 293 37.23 36.18 1.27
N TYR D 294 36.06 35.79 0.79
CA TYR D 294 35.64 36.06 -0.58
C TYR D 294 34.13 35.91 -0.58
N ASP D 295 33.49 36.29 -1.67
CA ASP D 295 32.04 36.14 -1.82
C ASP D 295 31.74 34.79 -2.48
N VAL D 296 31.15 33.85 -1.73
CA VAL D 296 30.85 32.51 -2.26
C VAL D 296 29.91 32.54 -3.47
N ARG D 297 29.11 33.59 -3.60
CA ARG D 297 28.25 33.80 -4.76
C ARG D 297 29.02 33.99 -6.06
N ASP D 298 30.30 34.31 -5.98
CA ASP D 298 31.16 34.36 -7.17
C ASP D 298 31.58 32.97 -7.65
N VAL D 299 31.65 32.01 -6.74
CA VAL D 299 31.84 30.61 -7.12
C VAL D 299 30.52 30.03 -7.64
N ILE D 300 29.44 30.17 -6.87
CA ILE D 300 28.12 29.68 -7.25
C ILE D 300 27.77 30.08 -8.70
N LYS D 301 27.94 31.37 -9.00
CA LYS D 301 27.53 31.93 -10.29
C LYS D 301 28.40 31.49 -11.47
N ARG D 302 29.57 30.90 -11.19
CA ARG D 302 30.43 30.36 -12.25
C ARG D 302 30.16 28.87 -12.50
N VAL D 303 29.22 28.31 -11.75
CA VAL D 303 28.87 26.89 -11.81
C VAL D 303 27.46 26.62 -12.34
N VAL D 304 26.50 27.49 -12.00
CA VAL D 304 25.09 27.31 -12.34
C VAL D 304 24.76 27.86 -13.73
N ASP D 305 23.61 27.46 -14.25
CA ASP D 305 23.18 27.89 -15.60
C ASP D 305 23.12 29.41 -15.71
N HIS D 306 23.80 29.95 -16.72
CA HIS D 306 23.69 31.35 -17.13
C HIS D 306 24.13 32.33 -16.03
N GLY D 307 24.91 31.86 -15.06
CA GLY D 307 25.34 32.68 -13.94
C GLY D 307 24.22 33.19 -13.05
N GLU D 308 23.06 32.53 -13.10
CA GLU D 308 21.83 33.02 -12.46
C GLU D 308 21.55 32.38 -11.12
N PHE D 309 21.46 33.21 -10.09
CA PHE D 309 21.18 32.76 -8.73
C PHE D 309 20.15 33.66 -8.07
N PHE D 310 19.05 33.03 -7.65
CA PHE D 310 17.91 33.69 -7.00
C PHE D 310 17.99 33.47 -5.47
N GLU D 311 18.50 34.47 -4.77
CA GLU D 311 18.82 34.33 -3.37
C GLU D 311 17.59 34.44 -2.45
N VAL D 312 17.60 33.63 -1.41
CA VAL D 312 16.54 33.55 -0.42
C VAL D 312 17.10 34.06 0.91
N GLN D 313 16.29 34.81 1.64
CA GLN D 313 16.71 35.40 2.91
C GLN D 313 18.12 36.00 2.88
N PRO D 314 18.41 36.91 1.91
CA PRO D 314 19.73 37.48 1.71
C PRO D 314 20.25 38.36 2.84
N TYR D 315 19.35 38.92 3.65
CA TYR D 315 19.69 39.90 4.70
C TYR D 315 19.80 39.34 6.11
N PHE D 316 19.42 38.09 6.28
CA PHE D 316 19.46 37.41 7.56
C PHE D 316 20.53 36.35 7.59
N ALA D 317 21.28 36.24 8.70
CA ALA D 317 22.34 35.21 8.82
C ALA D 317 23.14 35.11 7.51
N LYS D 318 23.83 36.19 7.20
CA LYS D 318 24.53 36.36 5.94
C LYS D 318 25.81 35.52 5.87
N ASN D 319 26.15 34.86 6.99
CA ASN D 319 27.25 33.89 7.04
C ASN D 319 26.92 32.59 6.29
N ILE D 320 25.66 32.42 5.88
CA ILE D 320 25.23 31.33 5.00
C ILE D 320 24.34 31.84 3.85
N VAL D 321 24.60 31.31 2.66
CA VAL D 321 23.90 31.70 1.45
C VAL D 321 23.01 30.55 0.99
N ILE D 322 21.72 30.86 0.81
CA ILE D 322 20.78 29.92 0.24
C ILE D 322 20.03 30.53 -0.94
N GLY D 323 19.63 29.67 -1.86
CA GLY D 323 18.73 30.10 -2.92
C GLY D 323 18.52 29.06 -3.99
N PHE D 324 17.96 29.53 -5.10
CA PHE D 324 17.64 28.70 -6.23
C PHE D 324 18.49 29.03 -7.44
N ALA D 325 18.77 28.02 -8.23
CA ALA D 325 19.44 28.13 -9.47
C ALA D 325 19.01 26.93 -10.33
N ARG D 326 19.60 26.80 -11.50
CA ARG D 326 19.33 25.70 -12.39
C ARG D 326 20.65 25.06 -12.79
N ILE D 327 20.61 23.74 -12.98
CA ILE D 327 21.70 23.00 -13.61
C ILE D 327 21.09 22.25 -14.76
N GLN D 328 21.58 22.51 -15.96
CA GLN D 328 21.00 21.94 -17.17
C GLN D 328 19.47 22.12 -17.22
N GLY D 329 18.99 23.30 -16.83
CA GLY D 329 17.56 23.63 -16.96
C GLY D 329 16.74 23.22 -15.75
N LYS D 330 17.35 22.46 -14.86
CA LYS D 330 16.64 21.88 -13.74
C LYS D 330 16.94 22.64 -12.49
N THR D 331 15.90 22.89 -11.71
CA THR D 331 16.01 23.57 -10.46
C THR D 331 16.99 22.86 -9.51
N VAL D 332 17.94 23.61 -8.92
CA VAL D 332 18.66 23.12 -7.76
C VAL D 332 18.53 24.16 -6.65
N GLY D 333 18.67 23.67 -5.43
CA GLY D 333 18.69 24.47 -4.22
C GLY D 333 20.14 24.51 -3.81
N ILE D 334 20.59 25.70 -3.41
CA ILE D 334 21.97 25.96 -3.00
C ILE D 334 22.11 26.31 -1.49
N VAL D 335 23.13 25.73 -0.87
CA VAL D 335 23.50 25.99 0.52
C VAL D 335 25.03 26.18 0.53
N ALA D 336 25.48 27.34 1.01
CA ALA D 336 26.92 27.67 1.01
C ALA D 336 27.35 28.60 2.14
N ASN D 337 28.49 28.26 2.72
CA ASN D 337 29.10 29.14 3.69
C ASN D 337 29.61 30.38 2.99
N GLN D 338 29.49 31.50 3.69
CA GLN D 338 29.94 32.80 3.23
C GLN D 338 31.14 33.22 4.08
N PRO D 339 32.38 32.91 3.60
CA PRO D 339 33.61 33.26 4.33
C PRO D 339 33.83 34.75 4.59
N SER D 340 33.24 35.62 3.76
CA SER D 340 33.29 37.05 3.96
C SER D 340 32.34 37.61 5.04
N VAL D 341 31.51 36.77 5.65
CA VAL D 341 30.71 37.20 6.80
C VAL D 341 30.92 36.25 7.98
N LEU D 342 31.45 36.82 9.08
CA LEU D 342 31.78 36.08 10.32
C LEU D 342 32.59 34.84 10.00
N ALA D 343 33.55 34.98 9.10
CA ALA D 343 34.43 33.87 8.76
C ALA D 343 33.71 32.58 8.29
N GLY D 344 32.45 32.70 7.90
CA GLY D 344 31.69 31.55 7.40
C GLY D 344 31.35 30.52 8.45
N VAL D 345 31.28 30.92 9.70
CA VAL D 345 30.92 30.01 10.79
C VAL D 345 29.45 29.63 10.71
N LEU D 346 29.10 28.53 11.35
CA LEU D 346 27.70 28.19 11.64
C LEU D 346 27.32 28.82 12.99
N ASP D 347 26.05 29.16 13.14
CA ASP D 347 25.56 29.78 14.37
C ASP D 347 24.07 29.49 14.50
N ILE D 348 23.41 29.99 15.55
CA ILE D 348 21.95 29.75 15.71
C ILE D 348 21.14 30.11 14.48
N ASP D 349 21.34 31.32 13.97
CA ASP D 349 20.57 31.82 12.85
C ASP D 349 20.85 31.14 11.52
N SER D 350 22.12 30.91 11.20
CA SER D 350 22.49 30.24 9.94
C SER D 350 21.98 28.78 9.90
N SER D 351 22.05 28.10 11.03
CA SER D 351 21.47 26.75 11.17
C SER D 351 19.96 26.71 10.91
N ASP D 352 19.19 27.64 11.48
CA ASP D 352 17.76 27.76 11.19
C ASP D 352 17.55 27.98 9.70
N LYS D 353 18.25 29.00 9.21
CA LYS D 353 18.09 29.48 7.85
C LYS D 353 18.27 28.33 6.90
N ALA D 354 19.40 27.64 7.01
CA ALA D 354 19.70 26.57 6.06
C ALA D 354 18.79 25.35 6.25
N ALA D 355 18.52 24.97 7.51
CA ALA D 355 17.73 23.76 7.83
C ALA D 355 16.35 23.80 7.24
N ARG D 356 15.66 24.94 7.44
CA ARG D 356 14.34 25.09 6.88
C ARG D 356 14.34 25.05 5.36
N PHE D 357 15.31 25.73 4.73
CA PHE D 357 15.38 25.71 3.29
C PHE D 357 15.56 24.29 2.78
N ILE D 358 16.46 23.54 3.40
CA ILE D 358 16.68 22.12 3.02
C ILE D 358 15.42 21.24 3.19
N ARG D 359 14.65 21.46 4.24
CA ARG D 359 13.45 20.68 4.39
C ARG D 359 12.46 21.03 3.30
N PHE D 360 12.42 22.30 2.89
CA PHE D 360 11.57 22.68 1.79
C PHE D 360 12.02 21.97 0.50
N LEU D 361 13.32 22.05 0.18
CA LEU D 361 13.81 21.41 -1.04
C LEU D 361 13.48 19.95 -1.10
N ASP D 362 13.60 19.27 0.04
CA ASP D 362 13.34 17.83 0.12
C ASP D 362 11.88 17.46 -0.09
N ALA D 363 10.98 18.25 0.53
CA ALA D 363 9.55 17.98 0.41
C ALA D 363 9.09 18.11 -1.06
N PHE D 364 9.70 19.04 -1.80
CA PHE D 364 9.35 19.31 -3.20
C PHE D 364 10.35 18.83 -4.27
N ASN D 365 11.14 17.83 -3.91
CA ASN D 365 11.89 17.02 -4.86
C ASN D 365 13.01 17.77 -5.56
N ILE D 366 13.58 18.75 -4.89
CA ILE D 366 14.63 19.57 -5.47
C ILE D 366 15.98 19.19 -4.89
N PRO D 367 16.94 18.85 -5.78
CA PRO D 367 18.29 18.53 -5.32
C PRO D 367 18.94 19.63 -4.46
N ILE D 368 19.80 19.22 -3.53
CA ILE D 368 20.54 20.13 -2.68
C ILE D 368 22.02 20.22 -3.06
N LEU D 369 22.46 21.39 -3.45
CA LEU D 369 23.85 21.60 -3.81
C LEU D 369 24.53 22.42 -2.72
N THR D 370 25.52 21.83 -2.05
CA THR D 370 26.21 22.44 -0.94
C THR D 370 27.66 22.86 -1.27
N PHE D 371 28.04 24.10 -0.91
CA PHE D 371 29.44 24.56 -1.00
C PHE D 371 30.04 24.81 0.35
N VAL D 372 31.19 24.20 0.65
CA VAL D 372 31.67 24.16 2.06
C VAL D 372 32.96 24.99 2.22
N ASP D 373 32.91 25.96 3.12
CA ASP D 373 34.07 26.68 3.56
C ASP D 373 33.77 27.31 4.95
N THR D 374 34.01 26.55 6.02
CA THR D 374 33.61 26.93 7.39
C THR D 374 34.63 26.40 8.39
N PRO D 375 35.10 27.26 9.31
CA PRO D 375 35.99 26.83 10.40
C PRO D 375 35.29 26.20 11.63
N GLY D 376 33.97 26.17 11.65
CA GLY D 376 33.25 25.63 12.78
C GLY D 376 32.15 26.59 13.21
N TYR D 377 31.77 26.47 14.48
CA TYR D 377 30.66 27.21 15.04
C TYR D 377 31.14 28.48 15.73
N LEU D 378 30.29 29.50 15.70
CA LEU D 378 30.56 30.76 16.37
C LEU D 378 30.70 30.56 17.88
N PRO D 379 31.90 30.85 18.44
CA PRO D 379 32.01 30.85 19.89
C PRO D 379 31.33 32.04 20.55
N GLY D 380 30.76 31.80 21.72
CA GLY D 380 30.15 32.83 22.50
C GLY D 380 29.20 32.20 23.48
N VAL D 381 29.13 32.82 24.64
CA VAL D 381 28.23 32.41 25.69
C VAL D 381 26.78 32.50 25.25
N ALA D 382 26.42 33.55 24.52
CA ALA D 382 25.05 33.74 24.01
C ALA D 382 24.65 32.68 22.99
N GLN D 383 25.63 32.14 22.26
CA GLN D 383 25.35 30.99 21.41
C GLN D 383 24.99 29.73 22.23
N GLU D 384 25.77 29.40 23.26
CA GLU D 384 25.43 28.26 24.17
C GLU D 384 24.09 28.42 24.86
N HIS D 385 23.91 29.57 25.51
CA HIS D 385 22.75 29.87 26.34
C HIS D 385 21.49 30.05 25.49
N GLY D 386 21.67 30.34 24.20
CA GLY D 386 20.58 30.49 23.26
C GLY D 386 20.23 29.19 22.56
N GLY D 387 20.91 28.11 22.93
CA GLY D 387 20.62 26.81 22.40
C GLY D 387 21.21 26.55 21.03
N ILE D 388 22.50 26.84 20.85
CA ILE D 388 23.19 26.42 19.62
C ILE D 388 23.13 24.90 19.46
N ILE D 389 23.16 24.14 20.55
CA ILE D 389 23.04 22.66 20.46
C ILE D 389 21.74 22.21 19.73
N ARG D 390 20.59 22.59 20.23
CA ARG D 390 19.34 22.22 19.57
C ARG D 390 19.09 22.87 18.19
N HIS D 391 19.49 24.13 18.03
CA HIS D 391 19.40 24.81 16.72
C HIS D 391 20.37 24.25 15.70
N GLY D 392 21.60 23.97 16.11
CA GLY D 392 22.55 23.35 15.20
C GLY D 392 22.12 21.98 14.72
N ALA D 393 21.46 21.23 15.62
CA ALA D 393 21.02 19.88 15.33
C ALA D 393 19.96 19.85 14.23
N LYS D 394 19.20 20.95 14.07
CA LYS D 394 18.17 21.04 13.04
C LYS D 394 18.73 20.83 11.62
N LEU D 395 19.96 21.32 11.39
CA LEU D 395 20.62 21.25 10.10
C LEU D 395 21.11 19.83 9.78
N LEU D 396 21.69 19.21 10.79
CA LEU D 396 22.04 17.82 10.75
C LEU D 396 20.83 16.96 10.43
N TYR D 397 19.72 17.28 11.09
CA TYR D 397 18.50 16.49 10.92
C TYR D 397 18.01 16.66 9.49
N ALA D 398 17.98 17.92 9.03
CA ALA D 398 17.47 18.22 7.71
C ALA D 398 18.26 17.50 6.59
N TYR D 399 19.60 17.50 6.65
CA TYR D 399 20.36 16.79 5.61
C TYR D 399 20.18 15.28 5.72
N SER D 400 20.23 14.74 6.92
CA SER D 400 20.10 13.29 7.15
C SER D 400 18.79 12.71 6.63
N GLU D 401 17.72 13.43 6.92
CA GLU D 401 16.36 13.07 6.54
C GLU D 401 16.12 13.13 5.03
N ALA D 402 16.81 14.05 4.36
CA ALA D 402 16.59 14.31 2.93
C ALA D 402 16.95 13.11 2.04
N THR D 403 16.07 12.85 1.08
CA THR D 403 16.18 11.74 0.13
C THR D 403 16.41 12.24 -1.30
N VAL D 404 16.22 13.53 -1.53
CA VAL D 404 16.63 14.17 -2.75
C VAL D 404 18.14 14.05 -2.92
N PRO D 405 18.62 14.13 -4.18
CA PRO D 405 20.07 14.17 -4.43
C PRO D 405 20.80 15.26 -3.60
N LYS D 406 21.94 14.89 -3.04
CA LYS D 406 22.75 15.78 -2.21
C LYS D 406 24.18 15.75 -2.75
N ILE D 407 24.58 16.86 -3.37
CA ILE D 407 25.89 16.98 -3.94
C ILE D 407 26.61 18.08 -3.16
N THR D 408 27.83 17.76 -2.74
CA THR D 408 28.58 18.64 -1.89
C THR D 408 29.94 18.94 -2.45
N VAL D 409 30.29 20.22 -2.44
CA VAL D 409 31.61 20.68 -2.92
C VAL D 409 32.37 21.43 -1.81
N ILE D 410 33.53 20.90 -1.41
CA ILE D 410 34.34 21.50 -0.35
C ILE D 410 35.38 22.37 -1.02
N LEU D 411 35.30 23.67 -0.74
CA LEU D 411 36.10 24.65 -1.43
C LEU D 411 37.42 24.85 -0.70
N ARG D 412 37.31 24.91 0.62
CA ARG D 412 38.47 25.29 1.43
C ARG D 412 38.27 24.64 2.80
N LYS D 413 38.04 25.40 3.88
CA LYS D 413 37.97 24.85 5.24
C LYS D 413 36.74 23.96 5.47
N ALA D 414 36.94 22.88 6.22
CA ALA D 414 35.86 22.07 6.70
C ALA D 414 36.29 21.39 8.02
N TYR D 415 36.05 22.10 9.13
CA TYR D 415 36.55 21.71 10.45
C TYR D 415 35.44 21.23 11.40
N GLY D 416 35.68 20.09 12.03
CA GLY D 416 34.85 19.59 13.13
C GLY D 416 33.41 19.33 12.75
N GLY D 417 32.49 19.65 13.66
CA GLY D 417 31.07 19.40 13.46
C GLY D 417 30.46 20.12 12.28
N ALA D 418 31.06 21.25 11.92
CA ALA D 418 30.62 22.05 10.78
C ALA D 418 30.83 21.31 9.50
N TYR D 419 31.96 20.59 9.38
CA TYR D 419 32.21 19.70 8.26
C TYR D 419 31.09 18.65 8.13
N ILE D 420 30.72 18.04 9.26
CA ILE D 420 29.70 17.00 9.27
C ILE D 420 28.35 17.59 8.84
N ALA D 421 28.04 18.79 9.35
CA ALA D 421 26.76 19.45 9.11
C ALA D 421 26.52 19.92 7.67
N GLY D 423 26.39 19.03 4.66
CA GLY D 423 26.12 18.03 3.66
C GLY D 423 27.19 16.98 3.49
N SER D 424 27.67 16.40 4.59
CA SER D 424 28.76 15.41 4.52
C SER D 424 28.30 14.05 4.01
N LYS D 425 29.26 13.23 3.62
CA LYS D 425 28.97 11.88 3.20
C LYS D 425 28.27 11.10 4.33
N HIS D 426 28.56 11.48 5.56
CA HIS D 426 28.13 10.72 6.72
C HIS D 426 26.67 10.99 7.04
N LEU D 427 26.18 12.14 6.61
CA LEU D 427 24.74 12.38 6.60
C LEU D 427 24.04 11.89 5.32
N GLY D 428 24.76 11.25 4.39
CA GLY D 428 24.15 10.66 3.22
C GLY D 428 24.23 11.44 1.91
N ALA D 429 25.22 12.30 1.76
CA ALA D 429 25.52 12.92 0.46
C ALA D 429 25.80 11.83 -0.58
N ASP D 430 25.30 12.05 -1.80
CA ASP D 430 25.41 11.09 -2.88
C ASP D 430 26.77 11.20 -3.55
N VAL D 432 30.53 13.67 -2.90
CA VAL D 432 31.32 14.70 -2.25
C VAL D 432 32.58 14.93 -3.05
N LEU D 433 32.73 16.17 -3.50
CA LEU D 433 33.88 16.62 -4.26
C LEU D 433 34.68 17.59 -3.41
N ALA D 434 35.99 17.57 -3.58
CA ALA D 434 36.87 18.48 -2.90
C ALA D 434 37.81 19.16 -3.88
N TRP D 435 37.88 20.49 -3.80
CA TRP D 435 38.97 21.21 -4.45
C TRP D 435 40.29 20.86 -3.71
N PRO D 436 41.43 21.07 -4.39
CA PRO D 436 42.75 20.90 -3.77
C PRO D 436 43.02 21.89 -2.63
N SER D 437 42.30 23.00 -2.59
CA SER D 437 42.27 23.93 -1.45
C SER D 437 41.48 23.45 -0.21
N ALA D 438 40.70 22.38 -0.32
CA ALA D 438 39.97 21.88 0.84
C ALA D 438 40.93 21.49 1.96
N GLU D 439 40.53 21.81 3.18
CA GLU D 439 41.28 21.45 4.36
C GLU D 439 40.27 20.85 5.33
N ILE D 440 40.37 19.54 5.54
CA ILE D 440 39.38 18.81 6.32
C ILE D 440 40.03 18.31 7.61
N ALA D 441 39.44 18.67 8.75
CA ALA D 441 40.10 18.40 10.01
C ALA D 441 39.12 18.24 11.13
N VAL D 442 39.54 17.40 12.08
CA VAL D 442 38.75 17.04 13.24
C VAL D 442 38.45 18.30 14.07
N GLY D 444 40.13 22.76 14.25
CA GLY D 444 41.20 23.65 13.82
C GLY D 444 42.58 22.99 13.91
N PRO D 445 43.31 22.94 12.78
CA PRO D 445 44.66 22.40 12.76
C PRO D 445 45.60 22.94 13.83
N GLU D 446 45.53 24.24 14.12
CA GLU D 446 46.35 24.83 15.17
C GLU D 446 46.01 24.29 16.56
N GLY D 447 44.72 24.19 16.86
CA GLY D 447 44.27 23.62 18.13
C GLY D 447 44.61 22.14 18.31
N ALA D 448 44.51 21.37 17.24
CA ALA D 448 44.76 19.94 17.30
C ALA D 448 46.25 19.62 17.47
N ALA D 449 47.09 20.32 16.73
CA ALA D 449 48.53 20.11 16.82
C ALA D 449 49.06 20.52 18.19
N ASN D 450 48.45 21.55 18.77
CA ASN D 450 48.77 21.99 20.14
C ASN D 450 48.38 20.99 21.23
N ILE D 451 47.32 20.23 21.00
CA ILE D 451 46.98 19.14 21.90
C ILE D 451 47.86 17.91 21.58
N ILE D 452 47.88 17.51 20.31
CA ILE D 452 48.55 16.27 19.92
C ILE D 452 50.05 16.29 20.21
N PHE D 453 50.70 17.41 19.91
CA PHE D 453 52.14 17.52 20.08
C PHE D 453 52.55 18.32 21.30
N LYS D 454 51.68 18.37 22.31
CA LYS D 454 51.95 19.11 23.55
C LYS D 454 53.31 18.74 24.13
N ARG D 455 53.58 17.44 24.22
CA ARG D 455 54.81 16.92 24.85
C ARG D 455 56.04 17.27 24.05
N GLU D 456 56.00 16.99 22.75
CA GLU D 456 57.08 17.36 21.82
C GLU D 456 57.44 18.84 21.83
N ILE D 457 56.43 19.71 21.87
CA ILE D 457 56.65 21.15 21.89
C ILE D 457 57.39 21.60 23.17
N GLU D 458 56.84 21.22 24.33
CA GLU D 458 57.41 21.63 25.65
C GLU D 458 58.79 21.02 25.94
N ALA D 459 59.10 19.91 25.29
CA ALA D 459 60.41 19.25 25.46
C ALA D 459 61.49 19.81 24.55
N SER D 460 61.15 20.75 23.67
CA SER D 460 62.15 21.31 22.77
C SER D 460 62.79 22.58 23.36
N SER D 461 64.01 22.87 22.91
CA SER D 461 64.75 24.04 23.39
C SER D 461 64.30 25.34 22.68
N ASN D 462 63.28 25.24 21.84
CA ASN D 462 62.55 26.40 21.30
C ASN D 462 61.15 25.93 20.90
N PRO D 463 60.24 25.84 21.89
CA PRO D 463 58.85 25.40 21.67
C PRO D 463 58.10 26.14 20.56
N GLU D 464 58.29 27.46 20.43
CA GLU D 464 57.51 28.24 19.45
C GLU D 464 57.89 27.88 18.02
N GLU D 465 59.16 27.58 17.80
CA GLU D 465 59.66 27.15 16.50
C GLU D 465 59.16 25.74 16.18
N THR D 466 59.26 24.82 17.16
CA THR D 466 58.73 23.46 16.96
C THR D 466 57.19 23.46 16.82
N ARG D 467 56.52 24.32 17.57
CA ARG D 467 55.06 24.46 17.43
C ARG D 467 54.64 24.88 16.01
N ARG D 468 55.34 25.86 15.46
CA ARG D 468 55.05 26.36 14.12
C ARG D 468 55.34 25.29 13.05
N LYS D 469 56.48 24.62 13.17
CA LYS D 469 56.83 23.49 12.30
C LYS D 469 55.76 22.38 12.33
N LEU D 470 55.24 22.07 13.52
CA LEU D 470 54.31 20.94 13.69
C LEU D 470 52.89 21.25 13.22
N ILE D 471 52.49 22.51 13.32
CA ILE D 471 51.19 22.95 12.81
C ILE D 471 51.18 22.84 11.27
N GLU D 472 52.24 23.36 10.65
CA GLU D 472 52.41 23.29 9.20
C GLU D 472 52.38 21.82 8.73
N GLU D 473 53.11 20.97 9.44
CA GLU D 473 53.16 19.54 9.15
C GLU D 473 51.79 18.86 9.34
N TYR D 474 51.13 19.17 10.46
CA TYR D 474 49.76 18.69 10.64
C TYR D 474 48.87 19.06 9.44
N LYS D 475 48.84 20.35 9.08
CA LYS D 475 48.01 20.87 7.96
C LYS D 475 48.26 20.14 6.65
N GLN D 476 49.53 19.87 6.38
CA GLN D 476 49.94 19.30 5.11
C GLN D 476 49.75 17.80 5.05
N GLN D 477 50.04 17.10 6.14
CA GLN D 477 50.00 15.65 6.13
C GLN D 477 48.65 15.10 6.60
N PHE D 478 47.92 15.87 7.39
CA PHE D 478 46.67 15.38 8.00
C PHE D 478 45.39 16.12 7.63
N ALA D 479 45.50 17.36 7.17
CA ALA D 479 44.29 18.14 6.88
C ALA D 479 44.04 18.32 5.36
N ASN D 480 44.91 17.79 4.50
CA ASN D 480 44.67 17.85 3.06
C ASN D 480 43.47 16.96 2.66
N PRO D 481 42.85 17.26 1.51
CA PRO D 481 41.65 16.55 1.11
C PRO D 481 41.80 15.04 0.81
N TYR D 482 43.05 14.60 0.64
CA TYR D 482 43.38 13.24 0.20
C TYR D 482 43.22 12.20 1.28
N ILE D 483 43.24 12.62 2.55
CA ILE D 483 43.03 11.70 3.67
C ILE D 483 41.55 11.24 3.71
N ALA D 484 40.61 12.18 3.69
CA ALA D 484 39.20 11.82 3.54
C ALA D 484 38.92 11.02 2.26
N ALA D 485 39.55 11.39 1.16
CA ALA D 485 39.36 10.70 -0.11
C ALA D 485 39.98 9.27 -0.11
N SER D 486 41.05 9.06 0.66
CA SER D 486 41.60 7.74 0.86
C SER D 486 40.63 6.78 1.55
N ARG D 487 39.64 7.34 2.24
CA ARG D 487 38.58 6.56 2.91
C ARG D 487 37.31 6.49 2.07
N GLY D 488 37.22 7.30 1.02
CA GLY D 488 36.02 7.36 0.22
C GLY D 488 34.95 8.29 0.77
N TYR D 489 35.27 9.05 1.82
CA TYR D 489 34.36 10.06 2.36
C TYR D 489 34.19 11.21 1.35
N VAL D 490 35.32 11.58 0.75
CA VAL D 490 35.37 12.39 -0.43
C VAL D 490 35.47 11.43 -1.60
N ASP D 491 34.54 11.60 -2.55
CA ASP D 491 34.51 10.73 -3.72
C ASP D 491 35.66 11.02 -4.69
N VAL D 493 38.89 14.22 -5.48
CA VAL D 493 39.54 15.52 -5.40
C VAL D 493 39.65 15.95 -6.84
N ILE D 494 39.10 17.12 -7.14
CA ILE D 494 38.98 17.57 -8.51
C ILE D 494 39.66 18.92 -8.77
N ASP D 495 39.98 19.14 -10.03
CA ASP D 495 40.22 20.48 -10.55
C ASP D 495 38.96 21.35 -10.36
N PRO D 496 39.12 22.52 -9.74
CA PRO D 496 38.00 23.45 -9.61
C PRO D 496 37.30 23.78 -10.93
N ARG D 497 38.05 23.65 -12.03
CA ARG D 497 37.50 23.91 -13.36
C ARG D 497 36.59 22.82 -13.91
N GLU D 498 36.44 21.72 -13.17
CA GLU D 498 35.63 20.58 -13.56
C GLU D 498 34.36 20.53 -12.70
N THR D 499 34.13 21.55 -11.88
CA THR D 499 33.07 21.50 -10.89
C THR D 499 31.69 21.41 -11.52
N ARG D 500 31.41 22.28 -12.48
CA ARG D 500 30.08 22.29 -13.13
C ARG D 500 29.83 20.93 -13.82
N LYS D 501 30.81 20.43 -14.54
CA LYS D 501 30.71 19.15 -15.22
C LYS D 501 30.43 17.98 -14.27
N TYR D 502 31.06 17.99 -13.10
CA TYR D 502 30.82 16.96 -12.08
C TYR D 502 29.43 17.09 -11.53
N ILE D 503 28.98 18.30 -11.25
CA ILE D 503 27.65 18.48 -10.69
C ILE D 503 26.57 18.03 -11.68
N ARG D 505 26.78 15.91 -14.31
CA ARG D 505 26.82 14.47 -14.50
C ARG D 505 26.26 13.70 -13.30
N ALA D 506 26.54 14.19 -12.10
CA ALA D 506 26.03 13.57 -10.91
C ALA D 506 24.52 13.73 -10.79
N LEU D 507 24.01 14.91 -11.12
CA LEU D 507 22.56 15.12 -11.05
C LEU D 507 21.83 14.35 -12.12
N GLU D 508 22.47 14.09 -13.25
CA GLU D 508 21.89 13.23 -14.28
C GLU D 508 21.66 11.82 -13.75
N VAL D 509 22.70 11.24 -13.13
CA VAL D 509 22.60 9.91 -12.54
C VAL D 509 21.54 9.91 -11.44
N CYS D 510 21.59 10.92 -10.57
CA CYS D 510 20.68 11.06 -9.43
C CYS D 510 19.21 11.37 -9.70
N GLU D 511 18.85 11.64 -10.96
CA GLU D 511 17.46 11.82 -11.34
C GLU D 511 16.59 10.63 -10.97
N THR D 512 17.19 9.45 -10.96
CA THR D 512 16.50 8.21 -10.65
C THR D 512 16.79 7.69 -9.22
N LYS D 513 17.30 8.54 -8.32
CA LYS D 513 17.62 8.14 -6.95
C LYS D 513 16.36 7.78 -6.17
N VAL D 514 16.32 6.59 -5.59
CA VAL D 514 15.20 6.19 -4.75
C VAL D 514 15.71 5.78 -3.38
N GLU D 515 15.28 6.50 -2.36
CA GLU D 515 15.74 6.27 -1.00
C GLU D 515 14.53 6.22 -0.08
N TYR D 516 14.39 5.08 0.59
CA TYR D 516 13.32 4.95 1.56
C TYR D 516 13.69 5.46 2.98
N ARG D 517 12.64 5.66 3.76
CA ARG D 517 12.74 6.08 5.13
C ARG D 517 11.85 5.18 6.03
N PRO D 518 12.24 5.03 7.32
CA PRO D 518 11.38 4.22 8.21
C PRO D 518 9.99 4.82 8.30
N LYS D 519 8.96 3.99 8.30
CA LYS D 519 7.57 4.46 8.54
C LYS D 519 7.41 5.23 9.88
N LYS D 520 6.81 6.41 9.80
CA LYS D 520 6.55 7.20 10.97
C LYS D 520 5.51 8.23 10.62
N LYS D 521 4.76 8.71 11.60
CA LYS D 521 3.83 9.81 11.36
C LYS D 521 4.63 11.05 10.96
N HIS D 522 5.78 11.22 11.62
CA HIS D 522 6.71 12.30 11.41
C HIS D 522 7.84 12.02 12.40
N GLY D 523 8.92 12.75 12.24
CA GLY D 523 10.06 12.69 13.14
C GLY D 523 9.86 13.60 14.35
N ASN D 524 10.94 13.83 15.09
CA ASN D 524 10.87 14.75 16.23
C ASN D 524 12.06 15.65 16.16
N ILE D 525 12.14 16.38 15.06
CA ILE D 525 13.23 17.32 14.86
C ILE D 525 13.33 18.25 16.09
N PRO D 526 14.57 18.63 16.47
CA PRO D 526 14.71 19.65 17.51
C PRO D 526 14.05 20.99 17.11
N LEU D 527 13.40 21.63 18.07
CA LEU D 527 12.76 22.94 17.88
C LEU D 527 13.38 23.95 18.86
N SER E 14 1.89 -34.46 -45.95
CA SER E 14 2.96 -33.47 -45.82
C SER E 14 2.47 -32.23 -45.03
N LEU E 15 3.36 -31.28 -44.77
CA LEU E 15 2.95 -30.08 -44.02
C LEU E 15 1.95 -29.26 -44.86
N ARG E 16 2.24 -29.15 -46.15
CA ARG E 16 1.34 -28.44 -47.07
C ARG E 16 -0.05 -29.09 -47.23
N ASP E 17 -0.11 -30.41 -47.21
CA ASP E 17 -1.38 -31.15 -47.20
C ASP E 17 -2.15 -30.92 -45.90
N LYS E 18 -1.41 -30.84 -44.79
CA LYS E 18 -1.98 -30.54 -43.48
C LYS E 18 -2.47 -29.12 -43.38
N ILE E 19 -1.81 -28.20 -44.09
CA ILE E 19 -2.29 -26.82 -44.25
C ILE E 19 -3.58 -26.80 -45.10
N GLU E 20 -3.64 -27.60 -46.18
CA GLU E 20 -4.89 -27.72 -46.97
C GLU E 20 -6.05 -28.30 -46.13
N GLU E 21 -5.75 -29.34 -45.36
CA GLU E 21 -6.69 -29.93 -44.40
C GLU E 21 -7.20 -28.87 -43.40
N LEU E 22 -6.28 -28.03 -42.90
CA LEU E 22 -6.65 -26.96 -41.97
C LEU E 22 -7.61 -25.95 -42.58
N LYS E 23 -7.35 -25.54 -43.81
CA LYS E 23 -8.22 -24.56 -44.48
C LYS E 23 -9.63 -25.10 -44.69
N LYS E 24 -9.74 -26.40 -44.97
CA LYS E 24 -11.04 -27.05 -45.16
C LYS E 24 -11.84 -27.12 -43.88
N ILE E 25 -11.18 -27.51 -42.79
CA ILE E 25 -11.76 -27.53 -41.45
C ILE E 25 -12.26 -26.14 -41.03
N GLU E 26 -11.43 -25.13 -41.28
CA GLU E 26 -11.81 -23.74 -41.01
C GLU E 26 -13.00 -23.25 -41.84
N LYS E 27 -13.00 -23.59 -43.13
CA LYS E 27 -14.11 -23.30 -44.07
C LYS E 27 -15.43 -23.89 -43.59
N GLU E 28 -15.36 -25.12 -43.07
CA GLU E 28 -16.52 -25.84 -42.59
C GLU E 28 -17.07 -25.21 -41.30
N ILE E 29 -16.16 -24.70 -40.46
CA ILE E 29 -16.53 -23.98 -39.26
C ILE E 29 -17.18 -22.63 -39.57
N GLU E 30 -16.61 -21.93 -40.54
CA GLU E 30 -17.11 -20.60 -40.97
C GLU E 30 -18.51 -20.63 -41.62
N GLN E 31 -19.00 -21.84 -41.92
CA GLN E 31 -20.35 -22.04 -42.44
C GLN E 31 -21.43 -21.76 -41.40
N GLY E 32 -21.04 -21.77 -40.13
CA GLY E 32 -21.96 -21.63 -39.02
C GLY E 32 -22.98 -22.74 -39.12
N GLY E 33 -24.26 -22.40 -38.95
CA GLY E 33 -25.35 -23.37 -39.13
C GLY E 33 -25.57 -23.84 -40.56
N GLY E 34 -24.91 -23.23 -41.53
CA GLY E 34 -25.04 -23.62 -42.92
C GLY E 34 -25.83 -22.63 -43.74
N PRO E 35 -25.80 -22.82 -45.07
CA PRO E 35 -26.38 -21.80 -45.98
C PRO E 35 -27.86 -21.47 -45.78
N GLU E 36 -28.71 -22.45 -45.46
CA GLU E 36 -30.14 -22.21 -45.27
C GLU E 36 -30.45 -21.40 -44.02
N LYS E 37 -29.76 -21.73 -42.94
CA LYS E 37 -29.88 -20.99 -41.71
C LYS E 37 -29.40 -19.55 -41.88
N VAL E 38 -28.31 -19.39 -42.58
CA VAL E 38 -27.74 -18.06 -42.81
C VAL E 38 -28.70 -17.17 -43.60
N GLU E 39 -29.35 -17.74 -44.61
CA GLU E 39 -30.25 -16.94 -45.41
C GLU E 39 -31.57 -16.67 -44.68
N LYS E 40 -31.97 -17.58 -43.80
CA LYS E 40 -33.09 -17.34 -42.86
C LYS E 40 -32.78 -16.19 -41.90
N GLN E 41 -31.54 -16.14 -41.40
CA GLN E 41 -31.05 -15.03 -40.59
C GLN E 41 -31.15 -13.69 -41.36
N HIS E 42 -30.76 -13.72 -42.63
CA HIS E 42 -30.84 -12.55 -43.49
C HIS E 42 -32.26 -12.13 -43.82
N ARG E 43 -33.11 -13.10 -44.12
CA ARG E 43 -34.54 -12.81 -44.32
C ARG E 43 -35.25 -12.25 -43.10
N ALA E 44 -34.81 -12.63 -41.90
CA ALA E 44 -35.37 -12.11 -40.66
C ALA E 44 -34.94 -10.66 -40.41
N GLY E 45 -34.14 -10.09 -41.32
CA GLY E 45 -33.60 -8.74 -41.18
C GLY E 45 -32.37 -8.64 -40.29
N LYS E 46 -31.62 -9.73 -40.16
CA LYS E 46 -30.48 -9.79 -39.24
C LYS E 46 -29.21 -10.09 -40.01
N LEU E 47 -28.07 -9.65 -39.51
CA LEU E 47 -26.76 -10.06 -40.04
C LEU E 47 -26.26 -11.27 -39.32
N THR E 48 -25.23 -11.91 -39.89
CA THR E 48 -24.56 -13.02 -39.18
C THR E 48 -23.60 -12.47 -38.10
N ALA E 49 -23.18 -13.40 -37.22
CA ALA E 49 -22.30 -13.09 -36.11
C ALA E 49 -21.01 -12.51 -36.63
N TRP E 50 -20.56 -12.99 -37.78
CA TRP E 50 -19.32 -12.58 -38.39
C TRP E 50 -19.44 -11.30 -39.21
N GLU E 51 -20.56 -11.14 -39.91
CA GLU E 51 -20.88 -9.88 -40.59
C GLU E 51 -20.94 -8.71 -39.61
N ARG E 52 -21.46 -8.94 -38.42
CA ARG E 52 -21.59 -7.89 -37.41
C ARG E 52 -20.23 -7.48 -36.90
N LEU E 53 -19.35 -8.46 -36.69
CA LEU E 53 -17.95 -8.16 -36.32
C LEU E 53 -17.19 -7.35 -37.36
N GLU E 54 -17.38 -7.70 -38.63
CA GLU E 54 -16.77 -6.98 -39.75
C GLU E 54 -17.13 -5.47 -39.75
N LEU E 55 -18.35 -5.16 -39.31
CA LEU E 55 -18.82 -3.78 -39.27
C LEU E 55 -18.37 -3.06 -38.04
N LEU E 56 -18.30 -3.78 -36.94
CA LEU E 56 -17.84 -3.23 -35.68
C LEU E 56 -16.34 -2.87 -35.63
N LEU E 57 -15.50 -3.72 -36.23
CA LEU E 57 -14.06 -3.66 -36.00
C LEU E 57 -13.37 -2.99 -37.14
N ASP E 58 -12.30 -2.25 -36.85
CA ASP E 58 -11.43 -1.69 -37.88
C ASP E 58 -11.05 -2.87 -38.80
N PRO E 59 -11.10 -2.68 -40.13
CA PRO E 59 -10.78 -3.76 -41.07
C PRO E 59 -9.44 -4.46 -40.86
N GLY E 60 -9.50 -5.78 -40.89
CA GLY E 60 -8.34 -6.65 -40.80
C GLY E 60 -7.71 -6.76 -39.42
N THR E 61 -8.39 -6.27 -38.38
CA THR E 61 -7.76 -6.25 -37.03
C THR E 61 -8.17 -7.37 -36.09
N PHE E 62 -9.25 -8.08 -36.43
CA PHE E 62 -9.83 -9.13 -35.58
C PHE E 62 -8.98 -10.36 -35.57
N VAL E 63 -8.60 -10.78 -34.37
CA VAL E 63 -7.93 -12.05 -34.13
C VAL E 63 -8.85 -12.90 -33.27
N GLU E 64 -9.38 -13.95 -33.90
CA GLU E 64 -10.22 -14.92 -33.28
C GLU E 64 -9.38 -15.88 -32.47
N ILE E 65 -9.96 -16.31 -31.36
CA ILE E 65 -9.44 -17.37 -30.54
C ILE E 65 -10.56 -18.40 -30.32
N ASP E 66 -10.17 -19.64 -30.04
CA ASP E 66 -11.08 -20.74 -29.74
C ASP E 66 -12.05 -21.08 -30.90
N LYS E 67 -11.54 -20.98 -32.12
CA LYS E 67 -12.31 -21.26 -33.31
C LYS E 67 -12.65 -22.77 -33.40
N PHE E 68 -11.75 -23.59 -32.91
CA PHE E 68 -11.83 -25.04 -33.04
C PHE E 68 -12.49 -25.74 -31.84
N VAL E 69 -13.02 -24.96 -30.89
CA VAL E 69 -13.74 -25.52 -29.76
C VAL E 69 -14.96 -26.34 -30.23
N GLU E 70 -15.11 -27.53 -29.65
CA GLU E 70 -16.26 -28.40 -29.85
C GLU E 70 -16.88 -28.72 -28.48
N HIS E 71 -18.21 -28.86 -28.47
CA HIS E 71 -18.94 -29.27 -27.27
C HIS E 71 -18.55 -30.70 -26.90
N ARG E 72 -18.74 -31.02 -25.61
CA ARG E 72 -18.42 -32.35 -25.05
C ARG E 72 -19.65 -33.13 -24.59
N ASN E 73 -20.71 -32.42 -24.20
CA ASN E 73 -21.89 -33.10 -23.70
C ASN E 73 -22.53 -33.89 -24.79
N THR E 74 -22.99 -35.09 -24.45
CA THR E 74 -23.45 -36.08 -25.43
C THR E 74 -24.97 -36.27 -25.43
N TYR E 75 -25.65 -35.59 -24.51
CA TYR E 75 -27.03 -35.93 -24.20
C TYR E 75 -27.96 -35.65 -25.34
N PHE E 76 -28.99 -36.48 -25.48
CA PHE E 76 -30.11 -36.22 -26.38
C PHE E 76 -29.63 -36.03 -27.81
N GLY E 77 -28.71 -36.89 -28.23
CA GLY E 77 -28.13 -36.81 -29.57
C GLY E 77 -27.15 -35.67 -29.83
N LEU E 78 -26.61 -35.05 -28.79
CA LEU E 78 -25.56 -34.04 -28.97
C LEU E 78 -24.26 -34.69 -29.49
N ASP E 79 -24.08 -35.95 -29.17
CA ASP E 79 -22.92 -36.70 -29.64
C ASP E 79 -22.96 -37.03 -31.13
N LYS E 80 -24.06 -36.76 -31.83
CA LYS E 80 -24.15 -37.04 -33.26
C LYS E 80 -24.00 -35.81 -34.17
N VAL E 81 -23.75 -34.62 -33.61
CA VAL E 81 -23.64 -33.39 -34.43
C VAL E 81 -22.36 -32.60 -34.16
N LYS E 82 -21.92 -31.87 -35.18
CA LYS E 82 -20.89 -30.85 -35.04
C LYS E 82 -21.60 -29.50 -34.87
N LEU E 83 -21.10 -28.67 -33.95
CA LEU E 83 -21.64 -27.33 -33.70
C LEU E 83 -20.50 -26.28 -33.78
N PRO E 84 -20.28 -25.70 -34.98
CA PRO E 84 -19.18 -24.75 -35.28
C PRO E 84 -18.99 -23.65 -34.25
N ARG E 85 -17.78 -23.56 -33.71
CA ARG E 85 -17.44 -22.60 -32.67
C ARG E 85 -18.29 -22.67 -31.36
N ASP E 86 -19.08 -23.72 -31.22
CA ASP E 86 -20.17 -23.83 -30.24
C ASP E 86 -21.11 -22.61 -30.21
N GLY E 87 -21.32 -21.99 -31.38
CA GLY E 87 -22.26 -20.89 -31.54
C GLY E 87 -21.82 -19.52 -31.08
N VAL E 88 -20.49 -19.35 -30.90
CA VAL E 88 -19.98 -18.05 -30.50
C VAL E 88 -18.58 -17.76 -31.06
N ILE E 89 -18.42 -16.55 -31.62
CA ILE E 89 -17.13 -16.02 -32.08
C ILE E 89 -16.58 -15.12 -30.98
N THR E 90 -15.35 -15.43 -30.53
CA THR E 90 -14.65 -14.63 -29.54
C THR E 90 -13.31 -14.16 -30.03
N GLY E 91 -12.89 -12.99 -29.58
CA GLY E 91 -11.59 -12.48 -30.00
C GLY E 91 -11.38 -11.03 -29.63
N VAL E 92 -10.32 -10.49 -30.22
CA VAL E 92 -9.86 -9.16 -29.92
C VAL E 92 -9.61 -8.46 -31.22
N GLY E 93 -10.10 -7.24 -31.36
CA GLY E 93 -9.82 -6.46 -32.55
C GLY E 93 -9.54 -5.02 -32.17
N GLU E 94 -9.53 -4.13 -33.15
CA GLU E 94 -9.39 -2.72 -32.88
C GLU E 94 -10.65 -2.00 -33.33
N ILE E 95 -10.99 -0.99 -32.54
CA ILE E 95 -12.02 -0.02 -32.87
C ILE E 95 -11.37 1.33 -32.69
N ASN E 96 -11.18 2.03 -33.81
CA ASN E 96 -10.44 3.28 -33.89
C ASN E 96 -9.05 3.17 -33.30
N GLY E 97 -8.35 2.08 -33.67
CA GLY E 97 -6.97 1.88 -33.27
C GLY E 97 -6.82 1.51 -31.82
N ARG E 98 -7.89 1.14 -31.13
CA ARG E 98 -7.78 0.72 -29.73
C ARG E 98 -8.28 -0.71 -29.58
N LYS E 99 -7.57 -1.47 -28.76
CA LYS E 99 -7.89 -2.87 -28.57
C LYS E 99 -9.17 -3.06 -27.78
N VAL E 100 -10.04 -3.93 -28.29
CA VAL E 100 -11.31 -4.26 -27.67
C VAL E 100 -11.54 -5.79 -27.79
N ALA E 101 -12.10 -6.36 -26.74
CA ALA E 101 -12.48 -7.76 -26.71
C ALA E 101 -13.93 -7.90 -27.13
N VAL E 102 -14.22 -8.85 -27.99
CA VAL E 102 -15.59 -9.00 -28.51
C VAL E 102 -16.07 -10.45 -28.48
N PHE E 103 -17.36 -10.63 -28.22
CA PHE E 103 -18.02 -11.88 -28.61
C PHE E 103 -19.29 -11.63 -29.40
N SER E 104 -19.59 -12.56 -30.30
CA SER E 104 -20.73 -12.48 -31.20
C SER E 104 -21.43 -13.84 -31.28
N GLN E 105 -22.59 -13.96 -30.63
CA GLN E 105 -23.37 -15.17 -30.76
C GLN E 105 -23.94 -15.39 -32.15
N ASP E 106 -23.89 -16.67 -32.55
CA ASP E 106 -24.27 -17.16 -33.88
C ASP E 106 -25.56 -17.95 -33.76
N PHE E 107 -26.64 -17.23 -33.96
CA PHE E 107 -27.96 -17.79 -33.98
C PHE E 107 -28.11 -18.99 -34.89
N THR E 108 -27.32 -19.08 -35.94
CA THR E 108 -27.46 -20.21 -36.91
C THR E 108 -27.07 -21.57 -36.36
N VAL E 109 -26.28 -21.60 -35.28
CA VAL E 109 -25.92 -22.85 -34.62
C VAL E 109 -26.87 -23.02 -33.42
N GLY E 111 -29.90 -22.10 -32.59
CA GLY E 111 -30.49 -20.87 -32.06
C GLY E 111 -29.58 -20.01 -31.22
N GLY E 112 -28.28 -20.11 -31.43
CA GLY E 112 -27.30 -19.47 -30.54
C GLY E 112 -27.45 -19.85 -29.06
N SER E 113 -27.97 -21.06 -28.81
CA SER E 113 -28.11 -21.57 -27.46
C SER E 113 -26.74 -21.59 -26.76
N LEU E 114 -26.75 -21.23 -25.49
CA LEU E 114 -25.55 -21.26 -24.67
C LEU E 114 -25.30 -22.65 -24.11
N GLY E 115 -24.29 -23.33 -24.67
CA GLY E 115 -23.82 -24.57 -24.08
C GLY E 115 -22.65 -24.34 -23.17
N GLU E 116 -22.07 -25.43 -22.69
CA GLU E 116 -21.02 -25.36 -21.72
C GLU E 116 -19.78 -24.72 -22.32
N HIS E 118 -19.38 -22.97 -25.31
CA HIS E 118 -19.81 -21.62 -25.63
C HIS E 118 -19.64 -20.66 -24.47
N ALA E 119 -20.22 -21.03 -23.33
CA ALA E 119 -20.09 -20.26 -22.10
C ALA E 119 -18.61 -20.12 -21.63
N LYS E 120 -17.82 -21.19 -21.72
CA LYS E 120 -16.38 -21.11 -21.40
C LYS E 120 -15.61 -20.16 -22.32
N LYS E 121 -15.98 -20.15 -23.59
CA LYS E 121 -15.41 -19.20 -24.53
C LYS E 121 -15.61 -17.74 -24.10
N ILE E 122 -16.83 -17.41 -23.69
CA ILE E 122 -17.14 -16.08 -23.23
C ILE E 122 -16.37 -15.77 -21.93
N VAL E 123 -16.41 -16.68 -20.96
CA VAL E 123 -15.68 -16.50 -19.67
C VAL E 123 -14.21 -16.20 -19.93
N LYS E 124 -13.59 -17.03 -20.76
CA LYS E 124 -12.22 -16.85 -21.15
C LYS E 124 -11.98 -15.47 -21.75
N LEU E 125 -12.91 -15.00 -22.57
CA LEU E 125 -12.76 -13.70 -23.19
C LEU E 125 -12.87 -12.56 -22.18
N LEU E 126 -13.85 -12.66 -21.29
CA LEU E 126 -14.06 -11.69 -20.20
C LEU E 126 -12.88 -11.62 -19.27
N ASP E 127 -12.31 -12.78 -18.94
CA ASP E 127 -11.13 -12.91 -18.11
C ASP E 127 -9.92 -12.24 -18.78
N LEU E 128 -9.79 -12.42 -20.08
CA LEU E 128 -8.72 -11.80 -20.82
C LEU E 128 -8.86 -10.28 -20.90
N ALA E 129 -10.05 -9.79 -21.18
CA ALA E 129 -10.32 -8.35 -21.18
C ALA E 129 -9.98 -7.70 -19.84
N LEU E 130 -10.39 -8.35 -18.76
CA LEU E 130 -10.10 -7.82 -17.45
C LEU E 130 -8.60 -7.75 -17.26
N LYS E 131 -7.90 -8.81 -17.62
CA LYS E 131 -6.45 -8.91 -17.44
C LYS E 131 -5.66 -7.93 -18.30
N GLY E 133 -6.99 -5.05 -19.48
CA GLY E 133 -7.54 -3.70 -19.29
C GLY E 133 -8.20 -3.14 -20.52
N ILE E 134 -9.01 -3.95 -21.18
CA ILE E 134 -9.68 -3.51 -22.40
C ILE E 134 -11.15 -3.71 -22.30
N PRO E 135 -11.93 -2.90 -23.02
CA PRO E 135 -13.37 -3.02 -22.98
C PRO E 135 -13.88 -4.27 -23.67
N VAL E 136 -15.07 -4.69 -23.27
CA VAL E 136 -15.70 -5.86 -23.81
C VAL E 136 -16.97 -5.39 -24.51
N ILE E 137 -17.21 -5.95 -25.70
CA ILE E 137 -18.44 -5.80 -26.42
C ILE E 137 -19.03 -7.18 -26.64
N GLY E 138 -20.29 -7.35 -26.23
CA GLY E 138 -20.96 -8.62 -26.39
C GLY E 138 -22.18 -8.44 -27.25
N ILE E 139 -22.29 -9.23 -28.32
CA ILE E 139 -23.44 -9.19 -29.24
C ILE E 139 -24.22 -10.46 -28.97
N ASN E 140 -25.44 -10.28 -28.45
CA ASN E 140 -26.30 -11.35 -28.02
C ASN E 140 -27.35 -11.66 -29.11
N ASP E 141 -27.55 -12.94 -29.36
CA ASP E 141 -28.49 -13.42 -30.40
C ASP E 141 -28.69 -14.92 -30.13
N SER E 142 -29.59 -15.19 -29.21
CA SER E 142 -29.65 -16.49 -28.52
C SER E 142 -31.03 -16.78 -27.95
N GLY E 143 -31.56 -17.97 -28.25
CA GLY E 143 -32.74 -18.47 -27.54
C GLY E 143 -32.53 -18.80 -26.05
N GLY E 144 -31.30 -18.68 -25.56
CA GLY E 144 -30.99 -18.94 -24.15
C GLY E 144 -30.16 -20.20 -23.92
N ALA E 145 -30.29 -20.76 -22.73
CA ALA E 145 -29.60 -21.97 -22.33
C ALA E 145 -29.83 -23.10 -23.31
N ARG E 146 -28.77 -23.82 -23.65
CA ARG E 146 -28.93 -25.07 -24.38
C ARG E 146 -29.44 -26.13 -23.39
N ILE E 147 -30.73 -26.39 -23.50
CA ILE E 147 -31.49 -27.19 -22.55
C ILE E 147 -30.91 -28.58 -22.48
N GLN E 148 -30.48 -29.09 -23.64
CA GLN E 148 -29.92 -30.44 -23.78
C GLN E 148 -28.65 -30.65 -22.92
N GLU E 149 -27.94 -29.54 -22.65
CA GLU E 149 -26.73 -29.57 -21.78
C GLU E 149 -27.01 -29.41 -20.27
N GLY E 150 -28.25 -29.06 -19.91
CA GLY E 150 -28.67 -29.17 -18.53
C GLY E 150 -28.03 -28.15 -17.61
N VAL E 151 -27.64 -28.62 -16.42
CA VAL E 151 -27.06 -27.77 -15.38
C VAL E 151 -25.68 -27.20 -15.75
N ASP E 152 -24.93 -27.88 -16.62
CA ASP E 152 -23.74 -27.30 -17.26
C ASP E 152 -24.02 -25.96 -18.00
N ALA E 153 -25.17 -25.82 -18.62
CA ALA E 153 -25.53 -24.52 -19.22
C ALA E 153 -25.73 -23.42 -18.15
N LEU E 154 -26.35 -23.75 -17.03
CA LEU E 154 -26.52 -22.80 -15.92
C LEU E 154 -25.19 -22.44 -15.28
N ALA E 155 -24.32 -23.44 -15.15
CA ALA E 155 -22.98 -23.24 -14.63
C ALA E 155 -22.17 -22.24 -15.48
N GLY E 156 -22.30 -22.33 -16.80
CA GLY E 156 -21.71 -21.34 -17.71
C GLY E 156 -22.24 -19.93 -17.54
N TYR E 157 -23.57 -19.78 -17.52
CA TYR E 157 -24.20 -18.50 -17.30
C TYR E 157 -23.68 -17.88 -16.04
N GLY E 158 -23.70 -18.65 -14.96
CA GLY E 158 -23.23 -18.15 -13.67
C GLY E 158 -21.77 -17.72 -13.69
N GLU E 159 -20.93 -18.46 -14.40
CA GLU E 159 -19.50 -18.14 -14.49
C GLU E 159 -19.38 -16.80 -15.22
N ILE E 160 -20.20 -16.63 -16.27
CA ILE E 160 -20.26 -15.38 -16.99
C ILE E 160 -20.65 -14.24 -16.05
N PHE E 161 -21.72 -14.39 -15.27
CA PHE E 161 -22.20 -13.31 -14.41
C PHE E 161 -21.14 -12.85 -13.42
N LEU E 162 -20.37 -13.79 -12.89
CA LEU E 162 -19.33 -13.49 -11.93
C LEU E 162 -18.25 -12.62 -12.56
N ARG E 163 -17.83 -12.99 -13.77
CA ARG E 163 -16.88 -12.23 -14.55
C ARG E 163 -17.36 -10.82 -14.84
N ASN E 164 -18.60 -10.69 -15.31
CA ASN E 164 -19.25 -9.38 -15.47
C ASN E 164 -19.20 -8.54 -14.19
N THR E 165 -19.50 -9.15 -13.05
CA THR E 165 -19.43 -8.46 -11.75
C THR E 165 -17.99 -8.05 -11.40
N LEU E 166 -17.02 -8.94 -11.62
CA LEU E 166 -15.62 -8.60 -11.33
C LEU E 166 -15.12 -7.45 -12.24
N ALA E 167 -15.55 -7.45 -13.48
CA ALA E 167 -15.09 -6.45 -14.42
C ALA E 167 -15.85 -5.09 -14.26
N SER E 168 -16.88 -5.10 -13.43
CA SER E 168 -17.81 -3.99 -13.35
C SER E 168 -17.08 -2.82 -12.72
N GLY E 169 -17.00 -1.72 -13.45
CA GLY E 169 -16.27 -0.56 -13.00
C GLY E 169 -14.76 -0.64 -13.21
N VAL E 170 -14.28 -1.67 -13.94
CA VAL E 170 -12.84 -1.87 -14.22
C VAL E 170 -12.56 -1.66 -15.72
N VAL E 171 -13.31 -2.34 -16.58
CA VAL E 171 -13.31 -2.10 -18.02
C VAL E 171 -14.77 -1.91 -18.44
N PRO E 172 -15.06 -1.01 -19.40
CA PRO E 172 -16.42 -0.82 -19.90
C PRO E 172 -16.95 -2.05 -20.60
N GLN E 173 -18.21 -2.36 -20.32
CA GLN E 173 -18.87 -3.52 -20.90
C GLN E 173 -20.08 -3.04 -21.66
N ILE E 174 -20.11 -3.28 -22.96
CA ILE E 174 -21.23 -2.88 -23.79
C ILE E 174 -21.85 -4.13 -24.39
N THR E 175 -23.17 -4.17 -24.38
CA THR E 175 -23.95 -5.31 -24.88
C THR E 175 -24.81 -4.85 -26.02
N VAL E 176 -24.95 -5.65 -27.05
CA VAL E 176 -25.90 -5.40 -28.13
C VAL E 176 -26.82 -6.61 -28.14
N ILE E 177 -28.13 -6.35 -28.03
CA ILE E 177 -29.14 -7.39 -28.25
C ILE E 177 -29.51 -7.25 -29.71
N ALA E 178 -29.10 -8.26 -30.49
CA ALA E 178 -29.28 -8.26 -31.93
C ALA E 178 -30.16 -9.44 -32.39
N GLY E 179 -31.01 -9.89 -31.48
CA GLY E 179 -31.87 -11.03 -31.70
C GLY E 179 -32.58 -11.37 -30.42
N PRO E 180 -33.06 -12.61 -30.30
CA PRO E 180 -33.65 -13.09 -29.05
C PRO E 180 -32.63 -13.09 -27.94
N CYS E 181 -33.14 -12.98 -26.72
CA CYS E 181 -32.30 -12.97 -25.53
C CYS E 181 -33.21 -13.36 -24.38
N ALA E 182 -33.28 -14.65 -24.08
CA ALA E 182 -34.36 -15.18 -23.27
C ALA E 182 -33.83 -15.93 -22.06
N GLY E 183 -34.62 -15.93 -20.99
CA GLY E 183 -34.23 -16.63 -19.77
C GLY E 183 -32.99 -16.04 -19.10
N GLY E 184 -32.13 -16.91 -18.61
CA GLY E 184 -30.94 -16.50 -17.85
C GLY E 184 -29.97 -15.69 -18.67
N ALA E 185 -30.01 -15.86 -19.98
CA ALA E 185 -29.27 -15.00 -20.87
C ALA E 185 -29.35 -13.52 -20.48
N VAL E 186 -30.53 -13.05 -20.04
CA VAL E 186 -30.75 -11.59 -19.88
C VAL E 186 -29.86 -10.91 -18.84
N TYR E 187 -29.40 -11.67 -17.85
CA TYR E 187 -28.68 -11.10 -16.71
C TYR E 187 -27.29 -10.62 -17.03
N SER E 188 -26.63 -11.21 -18.02
CA SER E 188 -25.30 -10.74 -18.37
C SER E 188 -25.41 -9.33 -18.93
N PRO E 189 -26.28 -9.10 -19.94
CA PRO E 189 -26.53 -7.74 -20.40
C PRO E 189 -26.87 -6.76 -19.28
N ALA E 190 -27.67 -7.20 -18.32
CA ALA E 190 -28.06 -6.32 -17.21
C ALA E 190 -26.87 -5.95 -16.34
N LEU E 191 -25.88 -6.83 -16.29
CA LEU E 191 -24.68 -6.61 -15.48
C LEU E 191 -23.60 -5.77 -16.21
N THR E 192 -23.75 -5.60 -17.53
CA THR E 192 -22.88 -4.67 -18.29
C THR E 192 -23.37 -3.22 -18.14
N ASP E 193 -22.60 -2.27 -18.66
CA ASP E 193 -22.83 -0.85 -18.43
C ASP E 193 -23.91 -0.24 -19.35
N PHE E 194 -23.93 -0.68 -20.60
CA PHE E 194 -24.83 -0.15 -21.60
C PHE E 194 -25.35 -1.24 -22.48
N ILE E 195 -26.67 -1.19 -22.73
CA ILE E 195 -27.35 -2.13 -23.62
C ILE E 195 -27.89 -1.39 -24.85
N VAL E 196 -27.41 -1.77 -26.02
CA VAL E 196 -27.98 -1.36 -27.30
C VAL E 196 -28.93 -2.49 -27.79
N VAL E 198 -31.56 -3.59 -31.05
CA VAL E 198 -31.91 -3.37 -32.44
C VAL E 198 -33.42 -3.45 -32.58
N ASP E 199 -34.01 -2.45 -33.25
CA ASP E 199 -35.45 -2.28 -33.23
C ASP E 199 -36.28 -3.58 -33.38
N GLN E 200 -36.52 -4.05 -34.58
CA GLN E 200 -37.62 -5.06 -34.70
C GLN E 200 -37.19 -6.49 -34.33
N THR E 201 -35.88 -6.72 -34.35
CA THR E 201 -35.36 -8.08 -34.28
C THR E 201 -34.98 -8.46 -32.87
N ALA E 202 -34.61 -7.48 -32.04
CA ALA E 202 -34.20 -7.78 -30.68
C ALA E 202 -35.43 -7.95 -29.80
N ARG E 203 -35.33 -8.97 -28.94
CA ARG E 203 -36.31 -9.21 -27.89
C ARG E 203 -35.59 -9.74 -26.65
N PHE E 205 -36.50 -10.94 -22.51
CA PHE E 205 -37.39 -11.21 -21.38
C PHE E 205 -36.90 -12.43 -20.61
N ILE E 206 -37.14 -12.48 -19.29
CA ILE E 206 -36.84 -13.70 -18.52
C ILE E 206 -37.81 -14.82 -18.85
N THR E 207 -39.08 -14.47 -18.92
CA THR E 207 -40.14 -15.44 -19.21
C THR E 207 -40.87 -15.01 -20.48
N GLY E 208 -41.12 -15.97 -21.36
CA GLY E 208 -41.81 -15.69 -22.62
C GLY E 208 -43.33 -15.67 -22.50
N PRO E 209 -44.00 -15.21 -23.57
CA PRO E 209 -45.46 -15.03 -23.61
C PRO E 209 -46.32 -16.29 -23.30
N ASN E 210 -45.83 -17.48 -23.66
CA ASN E 210 -46.55 -18.72 -23.43
C ASN E 210 -46.65 -19.08 -21.97
N VAL E 211 -45.55 -18.95 -21.27
CA VAL E 211 -45.49 -19.25 -19.86
C VAL E 211 -46.33 -18.21 -19.08
N ILE E 212 -46.20 -16.94 -19.45
CA ILE E 212 -47.00 -15.86 -18.84
C ILE E 212 -48.51 -16.14 -19.02
N LYS E 213 -48.91 -16.49 -20.24
CA LYS E 213 -50.29 -16.86 -20.54
C LYS E 213 -50.76 -18.08 -19.73
N ALA E 214 -49.88 -19.07 -19.54
CA ALA E 214 -50.26 -20.30 -18.82
C ALA E 214 -50.40 -20.05 -17.33
N VAL E 215 -49.69 -19.07 -16.81
CA VAL E 215 -49.63 -18.79 -15.37
C VAL E 215 -50.57 -17.63 -14.98
N THR E 216 -50.51 -16.52 -15.72
CA THR E 216 -51.28 -15.33 -15.37
C THR E 216 -52.54 -15.16 -16.20
N GLY E 217 -52.60 -15.81 -17.37
CA GLY E 217 -53.67 -15.56 -18.33
C GLY E 217 -53.40 -14.41 -19.30
N GLU E 218 -52.29 -13.71 -19.14
CA GLU E 218 -52.06 -12.50 -19.93
C GLU E 218 -51.61 -12.85 -21.35
N GLU E 219 -52.29 -12.28 -22.33
CA GLU E 219 -51.97 -12.48 -23.74
C GLU E 219 -51.12 -11.31 -24.24
N ILE E 220 -49.89 -11.58 -24.64
CA ILE E 220 -48.99 -10.53 -25.12
C ILE E 220 -48.01 -11.06 -26.16
N SER E 221 -47.69 -10.23 -27.15
CA SER E 221 -46.69 -10.57 -28.15
C SER E 221 -45.27 -10.40 -27.59
N GLN E 222 -44.29 -11.08 -28.19
CA GLN E 222 -42.88 -10.92 -27.79
C GLN E 222 -42.37 -9.49 -27.91
N GLU E 223 -42.77 -8.80 -28.99
CA GLU E 223 -42.42 -7.40 -29.21
C GLU E 223 -42.92 -6.50 -28.07
N ASP E 224 -44.21 -6.62 -27.75
CA ASP E 224 -44.83 -5.84 -26.67
C ASP E 224 -44.33 -6.21 -25.27
N LEU E 225 -43.92 -7.46 -25.08
CA LEU E 225 -43.36 -7.89 -23.81
C LEU E 225 -41.94 -7.37 -23.61
N GLY E 226 -41.10 -7.59 -24.62
CA GLY E 226 -39.66 -7.34 -24.51
C GLY E 226 -38.97 -6.80 -25.75
N GLY E 227 -39.69 -6.11 -26.62
CA GLY E 227 -39.06 -5.50 -27.78
C GLY E 227 -38.12 -4.35 -27.41
N ALA E 228 -37.41 -3.82 -28.40
CA ALA E 228 -36.38 -2.82 -28.11
C ALA E 228 -36.97 -1.53 -27.57
N VAL E 230 -39.86 -1.29 -25.78
CA VAL E 230 -40.29 -1.57 -24.42
C VAL E 230 -39.15 -1.40 -23.44
N HIS E 231 -37.97 -1.92 -23.75
CA HIS E 231 -36.85 -1.82 -22.81
C HIS E 231 -36.16 -0.47 -22.79
N ASN E 232 -36.21 0.26 -23.90
CA ASN E 232 -35.81 1.65 -23.93
C ASN E 232 -36.80 2.65 -23.25
N GLN E 233 -38.11 2.36 -23.27
CA GLN E 233 -39.15 3.29 -22.84
C GLN E 233 -39.81 2.96 -21.50
N LYS E 234 -40.12 1.68 -21.25
CA LYS E 234 -40.86 1.27 -20.04
C LYS E 234 -40.03 0.70 -18.89
N SER E 235 -39.20 -0.30 -19.21
CA SER E 235 -38.56 -1.13 -18.19
C SER E 235 -37.29 -0.50 -17.63
N GLY E 236 -36.72 0.46 -18.37
CA GLY E 236 -35.47 1.06 -17.98
C GLY E 236 -34.21 0.19 -18.13
N ASN E 237 -34.32 -0.93 -18.84
CA ASN E 237 -33.23 -1.91 -18.98
C ASN E 237 -32.20 -1.57 -20.06
N ALA E 238 -32.63 -0.93 -21.14
CA ALA E 238 -31.77 -0.67 -22.30
C ALA E 238 -31.49 0.81 -22.46
N HIS E 239 -30.36 1.16 -23.07
CA HIS E 239 -29.90 2.53 -23.14
C HIS E 239 -29.97 3.18 -24.51
N PHE E 240 -29.96 2.36 -25.55
CA PHE E 240 -29.98 2.81 -26.94
C PHE E 240 -30.92 1.90 -27.72
N LEU E 241 -31.53 2.48 -28.75
CA LEU E 241 -32.37 1.81 -29.73
C LEU E 241 -31.74 2.03 -31.10
N ALA E 242 -31.16 0.98 -31.67
CA ALA E 242 -30.62 1.09 -33.02
C ALA E 242 -31.65 0.54 -34.04
N ASP E 243 -31.79 1.21 -35.17
CA ASP E 243 -32.79 0.78 -36.16
C ASP E 243 -32.41 -0.55 -36.80
N ASN E 244 -31.11 -0.80 -36.94
CA ASN E 244 -30.63 -2.04 -37.51
C ASN E 244 -29.22 -2.34 -36.99
N ASP E 245 -28.68 -3.48 -37.42
CA ASP E 245 -27.38 -4.02 -36.94
C ASP E 245 -26.19 -3.13 -37.33
N GLU E 246 -26.23 -2.61 -38.55
CA GLU E 246 -25.30 -1.61 -39.03
C GLU E 246 -25.22 -0.40 -38.10
N LYS E 247 -26.38 0.19 -37.82
CA LYS E 247 -26.47 1.33 -36.93
C LYS E 247 -26.05 1.01 -35.53
N ALA E 248 -26.34 -0.19 -35.07
CA ALA E 248 -25.91 -0.60 -33.74
C ALA E 248 -24.38 -0.72 -33.72
N SER E 250 -22.12 1.02 -35.48
CA SER E 250 -21.60 2.40 -35.46
C SER E 250 -21.82 3.13 -34.13
N LEU E 251 -22.99 2.89 -33.55
CA LEU E 251 -23.36 3.41 -32.28
C LEU E 251 -22.37 2.93 -31.24
N VAL E 252 -22.02 1.66 -31.30
CA VAL E 252 -21.04 1.13 -30.34
C VAL E 252 -19.65 1.80 -30.49
N ARG E 253 -19.18 1.92 -31.73
CA ARG E 253 -17.92 2.61 -32.03
C ARG E 253 -17.91 4.05 -31.49
N THR E 254 -19.01 4.76 -31.70
CA THR E 254 -19.17 6.13 -31.18
C THR E 254 -19.20 6.21 -29.65
N LEU E 255 -19.92 5.32 -28.99
CA LEU E 255 -19.87 5.23 -27.53
C LEU E 255 -18.47 4.95 -26.98
N LEU E 256 -17.73 4.02 -27.60
CA LEU E 256 -16.36 3.77 -27.13
C LEU E 256 -15.43 4.99 -27.24
N SER E 257 -15.60 5.77 -28.29
CA SER E 257 -14.86 7.03 -28.49
C SER E 257 -14.90 8.03 -27.30
N TYR E 258 -15.89 7.92 -26.40
CA TYR E 258 -16.03 8.75 -25.21
C TYR E 258 -15.41 8.11 -23.96
N LEU E 259 -15.03 6.83 -24.07
CA LEU E 259 -14.68 6.04 -22.91
C LEU E 259 -13.21 5.65 -22.92
N PRO E 260 -12.61 5.46 -21.72
CA PRO E 260 -11.27 4.86 -21.58
C PRO E 260 -11.35 3.33 -21.66
N SER E 261 -10.20 2.67 -21.85
CA SER E 261 -10.16 1.20 -21.93
C SER E 261 -10.41 0.54 -20.58
N ASN E 262 -10.05 1.25 -19.52
CA ASN E 262 -10.16 0.77 -18.18
C ASN E 262 -10.19 1.96 -17.20
N ASN E 263 -10.36 1.65 -15.92
CA ASN E 263 -10.50 2.66 -14.89
C ASN E 263 -9.20 3.32 -14.43
N ALA E 264 -8.05 2.91 -15.02
CA ALA E 264 -6.77 3.46 -14.64
C ALA E 264 -6.31 4.50 -15.63
N GLU E 265 -7.15 4.76 -16.61
CA GLU E 265 -6.80 5.69 -17.68
C GLU E 265 -7.79 6.80 -17.70
N GLU E 266 -7.30 7.92 -18.18
CA GLU E 266 -8.11 9.10 -18.43
C GLU E 266 -8.93 8.80 -19.68
N PRO E 267 -10.14 9.35 -19.77
CA PRO E 267 -10.84 9.20 -21.05
C PRO E 267 -10.07 9.86 -22.23
N PRO E 268 -10.33 9.40 -23.45
CA PRO E 268 -9.61 9.92 -24.59
C PRO E 268 -9.98 11.39 -24.95
N VAL E 269 -9.05 12.06 -25.64
CA VAL E 269 -9.24 13.43 -26.13
C VAL E 269 -9.51 13.35 -27.60
N GLU E 270 -10.64 13.90 -28.06
CA GLU E 270 -11.01 13.86 -29.47
C GLU E 270 -11.59 15.19 -29.97
N ASP E 271 -11.12 15.63 -31.13
CA ASP E 271 -11.75 16.74 -31.89
C ASP E 271 -12.03 17.96 -30.98
N PRO E 272 -10.98 18.52 -30.37
CA PRO E 272 -11.22 19.56 -29.37
C PRO E 272 -11.85 20.83 -29.96
N ASP E 273 -12.82 21.38 -29.23
CA ASP E 273 -13.35 22.71 -29.46
C ASP E 273 -12.73 23.60 -28.35
N THR E 274 -11.92 24.56 -28.76
CA THR E 274 -11.20 25.44 -27.84
C THR E 274 -11.76 26.85 -27.83
N SER E 275 -12.83 27.12 -28.58
CA SER E 275 -13.53 28.39 -28.47
C SER E 275 -14.14 28.50 -27.09
N LEU E 276 -14.26 29.73 -26.63
CA LEU E 276 -14.74 30.04 -25.29
C LEU E 276 -16.17 30.51 -25.26
N GLU E 277 -16.64 31.02 -26.40
CA GLU E 277 -17.87 31.78 -26.45
C GLU E 277 -19.09 30.86 -26.44
N THR E 278 -20.11 31.33 -25.74
CA THR E 278 -21.45 30.76 -25.71
C THR E 278 -22.24 31.74 -26.58
N PRO E 279 -23.05 31.23 -27.53
CA PRO E 279 -23.84 32.14 -28.41
C PRO E 279 -24.87 32.99 -27.70
N GLU E 280 -25.10 34.19 -28.22
CA GLU E 280 -26.07 35.14 -27.69
C GLU E 280 -27.51 34.59 -27.52
N ASP E 281 -27.92 33.70 -28.43
CA ASP E 281 -29.28 33.14 -28.40
C ASP E 281 -29.50 32.10 -27.29
N ILE E 282 -28.47 31.76 -26.53
CA ILE E 282 -28.67 31.07 -25.25
C ILE E 282 -29.63 31.86 -24.35
N LEU E 283 -29.69 33.18 -24.55
CA LEU E 283 -30.59 34.05 -23.78
C LEU E 283 -32.08 33.91 -24.15
N ASP E 284 -32.38 33.21 -25.24
CA ASP E 284 -33.74 33.16 -25.75
C ASP E 284 -34.38 31.78 -25.58
N ILE E 285 -33.78 30.91 -24.80
CA ILE E 285 -34.24 29.54 -24.68
C ILE E 285 -35.23 29.43 -23.53
N LEU E 286 -34.88 30.00 -22.38
CA LEU E 286 -35.82 30.07 -21.29
C LEU E 286 -36.96 30.98 -21.68
N PRO E 287 -38.18 30.54 -21.44
CA PRO E 287 -39.33 31.42 -21.69
C PRO E 287 -39.39 32.59 -20.69
N ASP E 288 -40.06 33.67 -21.07
CA ASP E 288 -40.35 34.75 -20.12
C ASP E 288 -41.22 34.23 -18.98
N ASN E 289 -42.25 33.46 -19.33
CA ASN E 289 -43.16 32.88 -18.36
C ASN E 289 -42.48 31.72 -17.57
N PRO E 290 -42.37 31.86 -16.23
CA PRO E 290 -41.74 30.80 -15.45
C PRO E 290 -42.52 29.47 -15.39
N ASN E 291 -43.81 29.52 -15.74
CA ASN E 291 -44.67 28.34 -15.80
C ASN E 291 -44.48 27.51 -17.07
N LYS E 292 -43.81 28.06 -18.07
CA LYS E 292 -43.56 27.37 -19.33
C LYS E 292 -42.22 26.64 -19.28
N GLY E 293 -42.09 25.60 -20.07
CA GLY E 293 -40.86 24.84 -20.18
C GLY E 293 -40.07 25.13 -21.45
N TYR E 294 -39.06 24.31 -21.69
CA TYR E 294 -38.18 24.44 -22.82
C TYR E 294 -37.46 23.12 -22.82
N ASP E 295 -36.73 22.85 -23.90
CA ASP E 295 -35.92 21.67 -24.03
C ASP E 295 -34.53 22.01 -23.54
N VAL E 296 -34.07 21.30 -22.51
CA VAL E 296 -32.78 21.59 -21.88
C VAL E 296 -31.59 21.27 -22.80
N ARG E 297 -31.83 20.44 -23.81
CA ARG E 297 -30.83 20.13 -24.81
C ARG E 297 -30.42 21.32 -25.65
N ASP E 298 -31.30 22.33 -25.76
CA ASP E 298 -30.96 23.59 -26.42
C ASP E 298 -29.93 24.38 -25.63
N VAL E 299 -29.94 24.22 -24.31
CA VAL E 299 -28.90 24.81 -23.46
C VAL E 299 -27.63 23.95 -23.50
N ILE E 300 -27.76 22.66 -23.27
CA ILE E 300 -26.60 21.77 -23.34
C ILE E 300 -25.78 22.02 -24.61
N LYS E 301 -26.46 21.95 -25.76
CA LYS E 301 -25.79 22.05 -27.05
C LYS E 301 -25.15 23.41 -27.37
N ARG E 302 -25.55 24.45 -26.66
CA ARG E 302 -24.91 25.76 -26.78
C ARG E 302 -23.75 25.97 -25.83
N VAL E 303 -23.42 24.94 -25.04
CA VAL E 303 -22.30 24.92 -24.08
C VAL E 303 -21.23 23.86 -24.41
N VAL E 304 -21.60 22.73 -24.99
CA VAL E 304 -20.63 21.65 -25.25
C VAL E 304 -19.87 21.80 -26.61
N ASP E 305 -18.76 21.06 -26.77
CA ASP E 305 -17.96 21.20 -27.97
C ASP E 305 -18.84 20.94 -29.18
N HIS E 306 -18.76 21.84 -30.16
CA HIS E 306 -19.39 21.69 -31.46
C HIS E 306 -20.91 21.45 -31.42
N GLY E 307 -21.56 21.72 -30.29
CA GLY E 307 -22.96 21.36 -30.12
C GLY E 307 -23.29 19.86 -30.10
N GLU E 308 -22.29 19.00 -29.96
CA GLU E 308 -22.51 17.55 -30.09
C GLU E 308 -22.90 16.89 -28.77
N PHE E 309 -24.08 16.31 -28.74
CA PHE E 309 -24.55 15.62 -27.55
C PHE E 309 -25.03 14.22 -27.90
N PHE E 310 -24.49 13.22 -27.20
CA PHE E 310 -24.80 11.83 -27.44
C PHE E 310 -25.62 11.34 -26.26
N GLU E 311 -26.93 11.32 -26.47
CA GLU E 311 -27.90 11.00 -25.43
C GLU E 311 -28.00 9.50 -25.10
N VAL E 312 -28.08 9.23 -23.80
CA VAL E 312 -28.19 7.88 -23.27
C VAL E 312 -29.61 7.77 -22.68
N GLN E 313 -30.26 6.63 -22.95
CA GLN E 313 -31.57 6.33 -22.43
C GLN E 313 -32.58 7.42 -22.75
N PRO E 314 -32.61 7.89 -24.02
CA PRO E 314 -33.48 9.02 -24.37
C PRO E 314 -34.97 8.83 -24.24
N TYR E 315 -35.43 7.58 -24.23
CA TYR E 315 -36.87 7.24 -24.28
C TYR E 315 -37.48 6.96 -22.93
N PHE E 316 -36.61 6.75 -21.92
CA PHE E 316 -36.98 6.39 -20.56
C PHE E 316 -36.83 7.62 -19.66
N ALA E 317 -37.77 7.77 -18.73
CA ALA E 317 -37.74 8.86 -17.75
C ALA E 317 -37.24 10.19 -18.37
N LYS E 318 -38.01 10.67 -19.33
CA LYS E 318 -37.66 11.81 -20.17
C LYS E 318 -37.64 13.18 -19.45
N ASN E 319 -38.21 13.20 -18.24
CA ASN E 319 -38.09 14.33 -17.31
C ASN E 319 -36.64 14.62 -16.83
N ILE E 320 -35.73 13.67 -17.05
CA ILE E 320 -34.31 13.91 -16.93
C ILE E 320 -33.52 13.44 -18.19
N VAL E 321 -32.46 14.17 -18.49
CA VAL E 321 -31.67 13.98 -19.70
C VAL E 321 -30.30 13.60 -19.25
N ILE E 322 -29.72 12.57 -19.89
CA ILE E 322 -28.33 12.19 -19.60
C ILE E 322 -27.60 11.86 -20.88
N GLY E 323 -26.28 12.03 -20.87
CA GLY E 323 -25.49 11.63 -22.01
C GLY E 323 -24.04 12.03 -21.97
N PHE E 324 -23.37 11.87 -23.10
CA PHE E 324 -21.97 12.19 -23.29
C PHE E 324 -21.80 13.40 -24.22
N ALA E 325 -20.72 14.12 -23.97
CA ALA E 325 -20.37 15.30 -24.71
C ALA E 325 -18.87 15.53 -24.41
N ARG E 326 -18.33 16.63 -24.94
CA ARG E 326 -16.92 16.93 -24.77
C ARG E 326 -16.76 18.41 -24.45
N ILE E 327 -15.76 18.71 -23.61
CA ILE E 327 -15.36 20.10 -23.32
C ILE E 327 -13.88 20.13 -23.61
N GLN E 328 -13.47 20.97 -24.56
CA GLN E 328 -12.08 20.99 -25.01
C GLN E 328 -11.53 19.58 -25.37
N GLY E 329 -12.37 18.79 -26.02
CA GLY E 329 -12.01 17.44 -26.50
C GLY E 329 -12.15 16.32 -25.50
N LYS E 330 -12.40 16.65 -24.23
CA LYS E 330 -12.44 15.67 -23.16
C LYS E 330 -13.85 15.32 -22.78
N THR E 331 -14.08 14.03 -22.60
CA THR E 331 -15.40 13.56 -22.23
C THR E 331 -15.94 14.16 -20.93
N VAL E 332 -17.19 14.59 -20.99
CA VAL E 332 -17.99 14.90 -19.80
C VAL E 332 -19.31 14.13 -19.93
N GLY E 333 -19.88 13.81 -18.80
CA GLY E 333 -21.22 13.26 -18.73
C GLY E 333 -22.16 14.37 -18.30
N ILE E 334 -23.37 14.38 -18.87
CA ILE E 334 -24.37 15.40 -18.61
C ILE E 334 -25.56 14.83 -17.86
N VAL E 335 -26.01 15.50 -16.81
CA VAL E 335 -27.23 15.16 -16.10
C VAL E 335 -28.03 16.46 -16.08
N ALA E 336 -29.25 16.45 -16.60
CA ALA E 336 -30.03 17.67 -16.73
C ALA E 336 -31.50 17.42 -16.54
N ASN E 337 -32.14 18.25 -15.72
CA ASN E 337 -33.60 18.28 -15.66
C ASN E 337 -34.13 18.77 -17.03
N GLN E 338 -35.26 18.20 -17.42
CA GLN E 338 -35.95 18.48 -18.66
C GLN E 338 -37.32 19.11 -18.27
N PRO E 339 -37.41 20.45 -18.22
CA PRO E 339 -38.59 21.15 -17.78
C PRO E 339 -39.78 21.01 -18.69
N SER E 340 -39.52 20.59 -19.94
CA SER E 340 -40.57 20.32 -20.90
C SER E 340 -41.28 18.95 -20.68
N VAL E 341 -40.76 18.10 -19.79
CA VAL E 341 -41.38 16.81 -19.48
C VAL E 341 -41.60 16.68 -17.96
N LEU E 342 -42.87 16.56 -17.58
CA LEU E 342 -43.29 16.48 -16.18
C LEU E 342 -42.70 17.59 -15.33
N ALA E 343 -42.58 18.79 -15.90
CA ALA E 343 -42.11 19.98 -15.19
C ALA E 343 -40.67 19.91 -14.70
N GLY E 344 -39.94 18.90 -15.16
CA GLY E 344 -38.59 18.64 -14.70
C GLY E 344 -38.51 18.07 -13.29
N VAL E 345 -39.59 17.48 -12.80
CA VAL E 345 -39.57 16.81 -11.51
C VAL E 345 -38.59 15.67 -11.51
N LEU E 346 -38.15 15.31 -10.30
CA LEU E 346 -37.52 14.05 -10.03
C LEU E 346 -38.58 13.03 -9.60
N ASP E 347 -38.32 11.76 -9.91
CA ASP E 347 -39.19 10.66 -9.56
C ASP E 347 -38.38 9.37 -9.47
N ILE E 348 -39.07 8.26 -9.20
CA ILE E 348 -38.45 6.93 -9.13
C ILE E 348 -37.55 6.63 -10.34
N ASP E 349 -38.13 6.70 -11.55
CA ASP E 349 -37.45 6.31 -12.77
C ASP E 349 -36.31 7.24 -13.13
N SER E 350 -36.50 8.55 -12.97
CA SER E 350 -35.43 9.55 -13.27
C SER E 350 -34.24 9.42 -12.31
N SER E 351 -34.53 9.13 -11.05
CA SER E 351 -33.48 8.90 -10.07
C SER E 351 -32.57 7.70 -10.43
N ASP E 352 -33.20 6.60 -10.84
CA ASP E 352 -32.54 5.36 -11.25
C ASP E 352 -31.64 5.57 -12.44
N LYS E 353 -32.23 6.20 -13.45
CA LYS E 353 -31.59 6.58 -14.70
C LYS E 353 -30.34 7.41 -14.51
N ALA E 354 -30.43 8.49 -13.75
CA ALA E 354 -29.28 9.39 -13.54
C ALA E 354 -28.27 8.78 -12.60
N ALA E 355 -28.75 8.14 -11.53
CA ALA E 355 -27.86 7.59 -10.47
C ALA E 355 -26.88 6.55 -11.02
N ARG E 356 -27.40 5.59 -11.79
CA ARG E 356 -26.54 4.58 -12.42
C ARG E 356 -25.50 5.21 -13.38
N PHE E 357 -25.94 6.20 -14.15
CA PHE E 357 -25.06 6.91 -15.08
C PHE E 357 -23.93 7.64 -14.35
N ILE E 358 -24.28 8.38 -13.30
CA ILE E 358 -23.28 9.03 -12.45
C ILE E 358 -22.23 8.05 -11.93
N ARG E 359 -22.70 6.90 -11.46
CA ARG E 359 -21.79 5.90 -10.89
C ARG E 359 -20.85 5.33 -11.96
N PHE E 360 -21.36 5.17 -13.16
CA PHE E 360 -20.53 4.79 -14.28
C PHE E 360 -19.45 5.84 -14.59
N LEU E 361 -19.88 7.11 -14.76
CA LEU E 361 -18.96 8.22 -14.99
C LEU E 361 -17.88 8.25 -13.91
N ASP E 362 -18.28 8.21 -12.65
CA ASP E 362 -17.31 8.19 -11.55
C ASP E 362 -16.28 7.05 -11.69
N ALA E 363 -16.75 5.85 -11.96
CA ALA E 363 -15.89 4.67 -12.03
C ALA E 363 -14.82 4.79 -13.13
N PHE E 364 -15.18 5.44 -14.22
CA PHE E 364 -14.33 5.57 -15.38
C PHE E 364 -13.78 6.98 -15.59
N ASN E 365 -13.79 7.74 -14.49
CA ASN E 365 -12.97 8.95 -14.34
C ASN E 365 -13.47 10.06 -15.21
N ILE E 366 -14.77 10.08 -15.48
CA ILE E 366 -15.36 11.13 -16.34
C ILE E 366 -16.05 12.24 -15.51
N PRO E 367 -15.69 13.50 -15.77
CA PRO E 367 -16.39 14.62 -15.10
C PRO E 367 -17.90 14.64 -15.28
N ILE E 368 -18.58 15.18 -14.29
CA ILE E 368 -20.05 15.24 -14.31
C ILE E 368 -20.47 16.70 -14.37
N LEU E 369 -21.19 17.03 -15.44
CA LEU E 369 -21.75 18.34 -15.65
C LEU E 369 -23.30 18.30 -15.46
N THR E 370 -23.82 19.04 -14.48
CA THR E 370 -25.23 18.98 -14.16
C THR E 370 -25.92 20.32 -14.47
N PHE E 371 -27.12 20.25 -15.04
CA PHE E 371 -27.91 21.43 -15.34
C PHE E 371 -29.20 21.34 -14.56
N VAL E 372 -29.48 22.35 -13.74
CA VAL E 372 -30.57 22.27 -12.81
C VAL E 372 -31.72 23.20 -13.16
N ASP E 373 -32.90 22.62 -13.23
CA ASP E 373 -34.19 23.33 -13.29
C ASP E 373 -35.34 22.37 -12.92
N THR E 374 -35.65 22.31 -11.62
CA THR E 374 -36.60 21.33 -11.08
C THR E 374 -37.36 21.91 -9.86
N PRO E 375 -38.72 21.77 -9.82
CA PRO E 375 -39.51 22.20 -8.65
C PRO E 375 -39.61 21.19 -7.49
N GLY E 376 -39.03 19.99 -7.65
CA GLY E 376 -39.07 18.95 -6.63
C GLY E 376 -39.40 17.55 -7.13
N TYR E 377 -39.94 16.74 -6.22
CA TYR E 377 -40.29 15.34 -6.50
C TYR E 377 -41.71 15.26 -6.96
N LEU E 378 -41.96 14.35 -7.91
CA LEU E 378 -43.29 14.07 -8.40
C LEU E 378 -44.21 13.54 -7.28
N PRO E 379 -45.28 14.29 -6.94
CA PRO E 379 -46.22 13.80 -5.94
C PRO E 379 -47.13 12.68 -6.46
N GLY E 380 -47.41 11.72 -5.60
CA GLY E 380 -48.31 10.65 -5.97
C GLY E 380 -48.26 9.52 -4.99
N VAL E 381 -49.41 8.89 -4.77
CA VAL E 381 -49.46 7.75 -3.88
C VAL E 381 -48.54 6.65 -4.40
N ALA E 382 -48.51 6.45 -5.71
CA ALA E 382 -47.72 5.38 -6.33
C ALA E 382 -46.23 5.60 -6.27
N GLN E 383 -45.80 6.87 -6.30
CA GLN E 383 -44.41 7.23 -6.04
C GLN E 383 -43.96 6.82 -4.61
N GLU E 384 -44.75 7.17 -3.60
CA GLU E 384 -44.50 6.81 -2.20
C GLU E 384 -44.54 5.30 -1.93
N HIS E 385 -45.64 4.68 -2.36
CA HIS E 385 -45.81 3.23 -2.27
C HIS E 385 -44.84 2.48 -3.17
N GLY E 386 -44.27 3.13 -4.18
CA GLY E 386 -43.30 2.51 -5.06
C GLY E 386 -41.88 2.65 -4.54
N GLY E 387 -41.70 3.31 -3.41
CA GLY E 387 -40.37 3.50 -2.85
C GLY E 387 -39.62 4.68 -3.42
N ILE E 388 -40.26 5.84 -3.60
CA ILE E 388 -39.52 7.06 -4.02
C ILE E 388 -38.35 7.39 -3.05
N ILE E 389 -38.55 7.09 -1.77
CA ILE E 389 -37.51 7.27 -0.75
C ILE E 389 -36.22 6.49 -1.10
N ARG E 390 -36.27 5.17 -1.20
CA ARG E 390 -35.05 4.42 -1.49
C ARG E 390 -34.50 4.70 -2.90
N HIS E 391 -35.37 4.94 -3.88
CA HIS E 391 -34.92 5.21 -5.25
C HIS E 391 -34.26 6.56 -5.42
N GLY E 392 -34.91 7.58 -4.85
CA GLY E 392 -34.38 8.92 -4.82
C GLY E 392 -33.07 9.02 -4.08
N ALA E 393 -32.92 8.25 -3.00
CA ALA E 393 -31.66 8.25 -2.26
C ALA E 393 -30.46 7.77 -3.09
N LYS E 394 -30.68 7.01 -4.16
CA LYS E 394 -29.61 6.47 -4.99
C LYS E 394 -28.84 7.57 -5.70
N LEU E 395 -29.56 8.62 -6.07
CA LEU E 395 -29.00 9.77 -6.73
C LEU E 395 -28.16 10.62 -5.76
N LEU E 396 -28.63 10.78 -4.52
CA LEU E 396 -27.85 11.45 -3.49
C LEU E 396 -26.57 10.68 -3.22
N TYR E 397 -26.69 9.36 -3.12
CA TYR E 397 -25.55 8.51 -2.85
C TYR E 397 -24.54 8.62 -3.97
N ALA E 398 -25.02 8.50 -5.20
CA ALA E 398 -24.19 8.58 -6.37
C ALA E 398 -23.34 9.87 -6.46
N TYR E 399 -23.95 11.04 -6.31
CA TYR E 399 -23.22 12.28 -6.34
C TYR E 399 -22.26 12.41 -5.17
N SER E 400 -22.73 12.06 -3.98
CA SER E 400 -21.92 12.11 -2.77
C SER E 400 -20.67 11.25 -2.85
N GLU E 401 -20.80 10.07 -3.42
CA GLU E 401 -19.71 9.10 -3.49
C GLU E 401 -18.68 9.49 -4.55
N ALA E 402 -19.13 10.13 -5.60
CA ALA E 402 -18.31 10.49 -6.71
C ALA E 402 -17.14 11.43 -6.36
N THR E 403 -15.96 11.06 -6.88
CA THR E 403 -14.73 11.79 -6.67
C THR E 403 -14.24 12.47 -7.94
N VAL E 404 -14.87 12.17 -9.08
CA VAL E 404 -14.59 12.91 -10.32
C VAL E 404 -15.03 14.38 -10.14
N PRO E 405 -14.56 15.30 -11.03
CA PRO E 405 -15.04 16.67 -10.96
C PRO E 405 -16.57 16.76 -11.20
N LYS E 406 -17.24 17.62 -10.44
CA LYS E 406 -18.67 17.83 -10.49
C LYS E 406 -18.91 19.34 -10.65
N ILE E 407 -19.38 19.76 -11.81
CA ILE E 407 -19.71 21.18 -12.04
C ILE E 407 -21.19 21.22 -12.29
N THR E 408 -21.85 22.19 -11.68
CA THR E 408 -23.30 22.29 -11.68
C THR E 408 -23.69 23.70 -12.02
N VAL E 409 -24.66 23.80 -12.93
CA VAL E 409 -25.20 25.08 -13.39
C VAL E 409 -26.70 25.11 -13.10
N ILE E 410 -27.13 26.02 -12.26
CA ILE E 410 -28.55 26.16 -11.95
C ILE E 410 -29.15 27.15 -12.94
N LEU E 411 -30.06 26.70 -13.77
CA LEU E 411 -30.62 27.54 -14.84
C LEU E 411 -31.81 28.33 -14.32
N ARG E 412 -32.66 27.64 -13.58
CA ARG E 412 -33.92 28.22 -13.15
C ARG E 412 -34.28 27.63 -11.76
N LYS E 413 -35.38 26.87 -11.63
CA LYS E 413 -35.84 26.41 -10.32
C LYS E 413 -34.92 25.38 -9.71
N ALA E 414 -34.79 25.45 -8.39
CA ALA E 414 -34.09 24.43 -7.61
C ALA E 414 -34.68 24.45 -6.21
N TYR E 415 -35.74 23.67 -6.01
CA TYR E 415 -36.50 23.70 -4.77
C TYR E 415 -36.28 22.43 -3.97
N GLY E 416 -36.12 22.58 -2.65
CA GLY E 416 -36.22 21.47 -1.72
C GLY E 416 -35.17 20.41 -1.88
N GLY E 417 -35.58 19.16 -1.63
CA GLY E 417 -34.69 17.99 -1.76
C GLY E 417 -34.05 17.82 -3.12
N ALA E 418 -34.79 18.23 -4.15
CA ALA E 418 -34.36 18.21 -5.52
C ALA E 418 -33.16 19.12 -5.84
N TYR E 419 -33.14 20.34 -5.28
CA TYR E 419 -31.90 21.18 -5.27
C TYR E 419 -30.69 20.43 -4.72
N ILE E 420 -30.87 19.74 -3.59
CA ILE E 420 -29.78 19.02 -2.93
C ILE E 420 -29.25 17.90 -3.85
N ALA E 421 -30.18 17.14 -4.41
CA ALA E 421 -29.92 15.95 -5.22
C ALA E 421 -29.17 16.24 -6.50
N GLY E 423 -26.61 17.58 -7.88
CA GLY E 423 -25.22 18.01 -7.90
C GLY E 423 -24.95 19.24 -7.09
N SER E 424 -25.59 19.37 -5.92
CA SER E 424 -25.41 20.54 -5.07
C SER E 424 -24.01 20.57 -4.45
N LYS E 425 -23.65 21.76 -3.94
CA LYS E 425 -22.35 21.94 -3.28
C LYS E 425 -22.26 21.03 -2.07
N HIS E 426 -23.39 20.81 -1.42
CA HIS E 426 -23.47 20.07 -0.18
C HIS E 426 -23.16 18.60 -0.35
N LEU E 427 -23.28 18.07 -1.56
CA LEU E 427 -22.88 16.69 -1.89
C LEU E 427 -21.51 16.67 -2.56
N GLY E 428 -20.78 17.78 -2.49
CA GLY E 428 -19.38 17.81 -2.89
C GLY E 428 -19.06 18.30 -4.29
N ALA E 429 -19.97 19.02 -4.96
CA ALA E 429 -19.62 19.76 -6.19
C ALA E 429 -18.44 20.68 -6.00
N ASP E 430 -17.63 20.80 -7.04
CA ASP E 430 -16.42 21.57 -7.03
C ASP E 430 -16.70 22.99 -7.40
N VAL E 432 -20.33 25.53 -8.31
CA VAL E 432 -21.73 25.71 -8.58
C VAL E 432 -21.96 27.10 -9.10
N LEU E 433 -22.48 27.16 -10.33
CA LEU E 433 -22.83 28.41 -11.02
C LEU E 433 -24.32 28.58 -11.09
N ALA E 434 -24.80 29.80 -10.93
CA ALA E 434 -26.21 30.09 -11.06
C ALA E 434 -26.45 31.21 -12.08
N TRP E 435 -27.33 30.99 -13.05
CA TRP E 435 -27.79 32.05 -13.93
C TRP E 435 -28.62 33.01 -13.10
N PRO E 436 -28.79 34.27 -13.56
CA PRO E 436 -29.60 35.19 -12.78
C PRO E 436 -31.08 34.77 -12.68
N SER E 437 -31.50 33.86 -13.56
CA SER E 437 -32.84 33.28 -13.56
C SER E 437 -33.04 32.17 -12.52
N ALA E 438 -32.00 31.84 -11.75
CA ALA E 438 -32.06 30.76 -10.81
C ALA E 438 -32.94 31.13 -9.61
N GLU E 439 -33.65 30.16 -9.09
CA GLU E 439 -34.57 30.40 -8.02
C GLU E 439 -34.45 29.21 -7.08
N ILE E 440 -33.64 29.43 -6.05
CA ILE E 440 -33.26 28.43 -5.06
C ILE E 440 -34.06 28.68 -3.78
N ALA E 441 -34.77 27.66 -3.32
CA ALA E 441 -35.66 27.81 -2.17
C ALA E 441 -35.84 26.48 -1.48
N VAL E 442 -36.09 26.57 -0.18
CA VAL E 442 -36.26 25.43 0.69
C VAL E 442 -37.48 24.57 0.27
N GLY E 444 -41.24 25.12 -2.63
CA GLY E 444 -41.95 26.06 -3.49
C GLY E 444 -42.22 27.35 -2.74
N PRO E 445 -41.82 28.48 -3.33
CA PRO E 445 -42.12 29.81 -2.76
C PRO E 445 -43.56 30.01 -2.33
N GLU E 446 -44.52 29.53 -3.13
CA GLU E 446 -45.94 29.59 -2.75
C GLU E 446 -46.20 28.85 -1.45
N GLY E 447 -45.76 27.60 -1.37
CA GLY E 447 -46.04 26.77 -0.19
C GLY E 447 -45.33 27.24 1.05
N ALA E 448 -44.09 27.68 0.89
CA ALA E 448 -43.30 28.27 1.97
C ALA E 448 -44.02 29.47 2.53
N ALA E 449 -44.36 30.42 1.66
CA ALA E 449 -44.95 31.69 2.10
C ALA E 449 -46.32 31.50 2.77
N ASN E 450 -47.08 30.50 2.34
CA ASN E 450 -48.33 30.14 2.97
C ASN E 450 -48.16 29.68 4.42
N ILE E 451 -47.09 28.94 4.70
CA ILE E 451 -46.77 28.44 6.04
C ILE E 451 -46.21 29.56 6.92
N ILE E 452 -45.11 30.17 6.46
CA ILE E 452 -44.42 31.23 7.21
C ILE E 452 -45.32 32.42 7.58
N PHE E 453 -46.20 32.84 6.66
CA PHE E 453 -47.09 33.97 6.91
C PHE E 453 -48.52 33.52 7.21
N LYS E 454 -48.69 32.24 7.56
CA LYS E 454 -50.01 31.68 7.91
C LYS E 454 -50.88 32.62 8.74
N ARG E 455 -50.29 33.24 9.75
CA ARG E 455 -51.06 34.11 10.66
C ARG E 455 -51.47 35.39 9.99
N GLU E 456 -50.51 36.09 9.39
CA GLU E 456 -50.75 37.40 8.76
C GLU E 456 -51.74 37.33 7.60
N ILE E 457 -51.76 36.21 6.90
CA ILE E 457 -52.69 36.01 5.80
C ILE E 457 -54.13 35.85 6.36
N GLU E 458 -54.24 35.21 7.53
CA GLU E 458 -55.55 34.94 8.13
C GLU E 458 -56.08 36.12 8.95
N ALA E 459 -55.21 37.07 9.27
CA ALA E 459 -55.59 38.29 10.02
C ALA E 459 -55.74 39.55 9.14
N SER E 460 -55.51 39.42 7.83
CA SER E 460 -55.65 40.56 6.89
C SER E 460 -57.11 40.73 6.43
N SER E 461 -57.48 41.99 6.20
CA SER E 461 -58.82 42.34 5.70
C SER E 461 -59.00 42.05 4.19
N ASN E 462 -58.01 41.40 3.60
CA ASN E 462 -58.17 40.72 2.32
C ASN E 462 -56.99 39.73 2.18
N PRO E 463 -57.25 38.42 2.31
CA PRO E 463 -56.13 37.47 2.40
C PRO E 463 -55.37 37.31 1.09
N GLU E 464 -56.09 37.29 -0.02
CA GLU E 464 -55.48 36.93 -1.32
C GLU E 464 -54.62 38.06 -1.89
N GLU E 465 -54.95 39.31 -1.57
CA GLU E 465 -54.04 40.43 -1.83
C GLU E 465 -52.74 40.27 -1.03
N THR E 466 -52.85 40.13 0.31
CA THR E 466 -51.65 39.97 1.15
C THR E 466 -50.88 38.69 0.82
N ARG E 467 -51.57 37.57 0.60
CA ARG E 467 -50.90 36.30 0.25
C ARG E 467 -50.10 36.40 -1.06
N ARG E 468 -50.61 37.18 -2.01
CA ARG E 468 -49.99 37.33 -3.32
C ARG E 468 -48.88 38.37 -3.21
N LYS E 469 -49.09 39.42 -2.41
CA LYS E 469 -48.01 40.36 -2.09
C LYS E 469 -46.80 39.57 -1.51
N LEU E 470 -47.06 38.80 -0.46
CA LEU E 470 -46.05 38.09 0.28
C LEU E 470 -45.33 37.03 -0.54
N ILE E 471 -46.05 36.38 -1.48
CA ILE E 471 -45.42 35.32 -2.28
C ILE E 471 -44.37 35.90 -3.23
N GLU E 472 -44.77 36.98 -3.93
CA GLU E 472 -43.88 37.75 -4.81
C GLU E 472 -42.67 38.27 -4.05
N GLU E 473 -42.92 38.82 -2.87
CA GLU E 473 -41.88 39.30 -1.95
C GLU E 473 -40.94 38.18 -1.47
N TYR E 474 -41.50 37.05 -1.09
CA TYR E 474 -40.71 35.89 -0.74
C TYR E 474 -39.80 35.48 -1.91
N LYS E 475 -40.38 35.35 -3.10
CA LYS E 475 -39.60 35.03 -4.30
C LYS E 475 -38.47 36.04 -4.55
N GLN E 476 -38.78 37.32 -4.51
CA GLN E 476 -37.77 38.35 -4.75
C GLN E 476 -36.65 38.36 -3.69
N GLN E 477 -37.03 38.32 -2.42
CA GLN E 477 -36.10 38.56 -1.34
C GLN E 477 -35.35 37.31 -0.88
N PHE E 478 -35.95 36.12 -1.03
CA PHE E 478 -35.44 34.89 -0.42
C PHE E 478 -35.02 33.80 -1.42
N ALA E 479 -35.72 33.72 -2.55
CA ALA E 479 -35.48 32.70 -3.54
C ALA E 479 -34.48 33.12 -4.63
N ASN E 480 -34.01 34.35 -4.62
CA ASN E 480 -33.05 34.75 -5.64
C ASN E 480 -31.69 33.99 -5.42
N PRO E 481 -30.86 33.89 -6.47
CA PRO E 481 -29.65 33.08 -6.31
C PRO E 481 -28.56 33.70 -5.40
N TYR E 482 -28.76 34.94 -4.96
CA TYR E 482 -27.78 35.70 -4.19
C TYR E 482 -27.71 35.33 -2.74
N ILE E 483 -28.82 34.82 -2.19
CA ILE E 483 -28.83 34.27 -0.85
C ILE E 483 -27.85 33.09 -0.74
N ALA E 484 -27.94 32.15 -1.69
CA ALA E 484 -27.07 30.99 -1.65
C ALA E 484 -25.62 31.36 -2.06
N ALA E 485 -25.48 32.30 -2.98
CA ALA E 485 -24.17 32.86 -3.27
C ALA E 485 -23.51 33.59 -2.07
N SER E 486 -24.33 34.23 -1.22
CA SER E 486 -23.82 34.95 -0.06
C SER E 486 -23.22 34.04 1.02
N ARG E 487 -23.64 32.79 0.99
CA ARG E 487 -23.16 31.71 1.87
C ARG E 487 -22.05 30.89 1.23
N GLY E 488 -21.83 31.08 -0.06
CA GLY E 488 -20.83 30.32 -0.78
C GLY E 488 -21.36 29.01 -1.31
N TYR E 489 -22.68 28.79 -1.24
CA TYR E 489 -23.28 27.54 -1.72
C TYR E 489 -23.24 27.57 -3.25
N VAL E 490 -23.43 28.77 -3.80
CA VAL E 490 -23.26 29.05 -5.23
C VAL E 490 -21.96 29.85 -5.26
N ASP E 491 -20.97 29.35 -6.00
CA ASP E 491 -19.66 29.99 -6.12
C ASP E 491 -19.77 31.29 -6.88
N VAL E 493 -22.80 33.68 -9.27
CA VAL E 493 -23.91 34.04 -10.15
C VAL E 493 -23.34 34.66 -11.45
N ILE E 494 -23.75 34.13 -12.61
CA ILE E 494 -23.12 34.49 -13.89
C ILE E 494 -24.10 34.88 -14.99
N ASP E 495 -23.58 35.62 -15.97
CA ASP E 495 -24.26 35.84 -17.25
C ASP E 495 -24.30 34.49 -17.93
N PRO E 496 -25.48 34.06 -18.45
CA PRO E 496 -25.57 32.79 -19.15
C PRO E 496 -24.56 32.63 -20.32
N ARG E 497 -24.14 33.74 -20.89
CA ARG E 497 -23.19 33.76 -22.00
C ARG E 497 -21.77 33.46 -21.59
N GLU E 498 -21.51 33.37 -20.28
CA GLU E 498 -20.21 32.99 -19.71
C GLU E 498 -20.13 31.50 -19.34
N THR E 499 -21.20 30.75 -19.58
CA THR E 499 -21.34 29.39 -19.07
C THR E 499 -20.28 28.43 -19.59
N ARG E 500 -20.06 28.40 -20.90
CA ARG E 500 -19.06 27.53 -21.47
C ARG E 500 -17.66 27.84 -20.92
N LYS E 501 -17.32 29.13 -20.80
CA LYS E 501 -16.00 29.56 -20.37
C LYS E 501 -15.73 29.16 -18.91
N TYR E 502 -16.70 29.35 -18.03
CA TYR E 502 -16.58 28.88 -16.65
C TYR E 502 -16.38 27.38 -16.53
N ILE E 503 -17.09 26.62 -17.34
CA ILE E 503 -17.00 25.16 -17.29
C ILE E 503 -15.62 24.71 -17.76
N ARG E 505 -12.73 26.34 -17.85
CA ARG E 505 -11.73 26.66 -16.85
C ARG E 505 -11.79 25.85 -15.56
N ALA E 506 -13.00 25.63 -15.06
CA ALA E 506 -13.19 24.76 -13.91
C ALA E 506 -12.62 23.38 -14.22
N LEU E 507 -12.94 22.83 -15.39
CA LEU E 507 -12.44 21.51 -15.77
C LEU E 507 -10.91 21.42 -15.98
N GLU E 508 -10.27 22.50 -16.41
CA GLU E 508 -8.81 22.57 -16.52
C GLU E 508 -8.16 22.46 -15.14
N VAL E 509 -8.69 23.20 -14.19
CA VAL E 509 -8.26 23.09 -12.79
C VAL E 509 -8.52 21.67 -12.21
N CYS E 510 -9.71 21.13 -12.47
CA CYS E 510 -10.14 19.85 -11.87
C CYS E 510 -9.54 18.57 -12.47
N GLU E 511 -8.76 18.72 -13.53
CA GLU E 511 -8.05 17.59 -14.14
C GLU E 511 -7.12 16.89 -13.14
N THR E 512 -6.63 17.62 -12.14
CA THR E 512 -5.77 17.08 -11.10
C THR E 512 -6.47 16.89 -9.72
N LYS E 513 -7.80 16.94 -9.68
CA LYS E 513 -8.57 16.71 -8.47
C LYS E 513 -8.29 15.32 -7.94
N VAL E 514 -7.81 15.28 -6.71
CA VAL E 514 -7.66 14.04 -5.98
C VAL E 514 -8.52 14.12 -4.73
N GLU E 515 -9.34 13.10 -4.53
CA GLU E 515 -10.22 13.04 -3.37
C GLU E 515 -10.25 11.60 -2.85
N TYR E 516 -10.09 11.42 -1.55
CA TYR E 516 -10.12 10.07 -0.97
C TYR E 516 -11.44 9.73 -0.31
N ARG E 517 -11.70 8.42 -0.26
CA ARG E 517 -12.88 7.87 0.40
C ARG E 517 -12.49 6.91 1.51
N PRO E 518 -13.34 6.77 2.55
CA PRO E 518 -13.05 5.76 3.57
C PRO E 518 -12.82 4.37 2.93
N LYS E 519 -11.89 3.61 3.50
CA LYS E 519 -11.68 2.21 3.16
C LYS E 519 -12.90 1.39 3.50
N LYS E 520 -13.38 0.70 2.48
CA LYS E 520 -14.49 -0.21 2.60
C LYS E 520 -14.39 -1.25 1.50
N LYS E 521 -14.98 -2.42 1.71
CA LYS E 521 -15.13 -3.39 0.63
C LYS E 521 -15.95 -2.75 -0.51
N HIS E 522 -17.00 -2.05 -0.09
CA HIS E 522 -17.95 -1.35 -0.95
C HIS E 522 -18.95 -0.74 0.05
N GLY E 523 -19.82 0.11 -0.46
CA GLY E 523 -20.88 0.72 0.34
C GLY E 523 -22.15 -0.12 0.31
N ASN E 524 -23.22 0.47 0.83
CA ASN E 524 -24.51 -0.15 0.89
C ASN E 524 -25.55 0.79 0.27
N ILE E 525 -25.35 1.14 -0.99
CA ILE E 525 -26.31 2.03 -1.70
C ILE E 525 -27.70 1.44 -1.60
N PRO E 526 -28.75 2.29 -1.43
CA PRO E 526 -30.12 1.74 -1.48
C PRO E 526 -30.45 1.13 -2.86
N LEU E 527 -31.19 0.03 -2.89
CA LEU E 527 -31.43 -0.74 -4.11
C LEU E 527 -32.90 -0.88 -4.52
N SER F 14 50.19 27.52 -3.76
CA SER F 14 49.03 28.32 -4.28
C SER F 14 47.98 27.35 -4.80
N LEU F 15 46.77 27.82 -5.06
CA LEU F 15 45.72 26.92 -5.58
C LEU F 15 46.18 26.29 -6.88
N ARG F 16 46.86 27.06 -7.73
CA ARG F 16 47.36 26.52 -9.02
C ARG F 16 48.46 25.45 -8.84
N ASP F 17 49.34 25.65 -7.85
CA ASP F 17 50.30 24.60 -7.43
C ASP F 17 49.60 23.35 -6.87
N LYS F 18 48.55 23.55 -6.10
CA LYS F 18 47.77 22.40 -5.59
C LYS F 18 47.09 21.59 -6.71
N ILE F 19 46.75 22.26 -7.81
CA ILE F 19 46.20 21.57 -8.97
C ILE F 19 47.31 20.78 -9.67
N GLU F 20 48.53 21.37 -9.75
CA GLU F 20 49.73 20.66 -10.27
C GLU F 20 49.94 19.36 -9.54
N GLU F 21 49.97 19.43 -8.22
CA GLU F 21 50.22 18.26 -7.37
C GLU F 21 49.12 17.23 -7.53
N LEU F 22 47.87 17.68 -7.68
CA LEU F 22 46.73 16.79 -7.89
C LEU F 22 46.90 15.98 -9.15
N LYS F 23 47.34 16.64 -10.22
CA LYS F 23 47.63 15.97 -11.51
C LYS F 23 48.78 14.97 -11.39
N LYS F 24 49.84 15.32 -10.65
CA LYS F 24 50.92 14.37 -10.33
C LYS F 24 50.38 13.15 -9.58
N ILE F 25 49.53 13.39 -8.59
CA ILE F 25 48.97 12.28 -7.79
C ILE F 25 48.14 11.32 -8.66
N GLU F 26 47.29 11.87 -9.53
CA GLU F 26 46.46 11.09 -10.42
C GLU F 26 47.28 10.31 -11.45
N LYS F 27 48.33 10.91 -11.99
CA LYS F 27 49.21 10.21 -12.93
C LYS F 27 49.84 8.97 -12.29
N GLU F 28 50.22 9.06 -11.02
CA GLU F 28 50.81 7.92 -10.29
C GLU F 28 49.82 6.76 -10.05
N ILE F 29 48.60 7.11 -9.64
CA ILE F 29 47.51 6.16 -9.50
C ILE F 29 47.17 5.43 -10.81
N GLU F 30 47.28 6.16 -11.92
CA GLU F 30 46.90 5.66 -13.24
C GLU F 30 47.92 4.71 -13.88
N GLN F 31 49.11 4.61 -13.29
CA GLN F 31 50.12 3.63 -13.69
C GLN F 31 49.66 2.20 -13.31
N GLY F 32 48.76 2.10 -12.34
CA GLY F 32 48.38 0.82 -11.77
C GLY F 32 49.62 0.25 -11.07
N GLY F 33 49.98 -1.00 -11.39
CA GLY F 33 51.14 -1.67 -10.81
C GLY F 33 52.47 -1.33 -11.47
N GLY F 34 52.41 -0.54 -12.54
CA GLY F 34 53.60 -0.05 -13.20
C GLY F 34 53.74 -0.58 -14.60
N PRO F 35 54.65 0.02 -15.38
CA PRO F 35 54.86 -0.36 -16.80
C PRO F 35 55.21 -1.83 -17.06
N GLU F 36 56.03 -2.44 -16.20
CA GLU F 36 56.38 -3.86 -16.33
C GLU F 36 55.19 -4.77 -16.20
N LYS F 37 54.41 -4.57 -15.13
CA LYS F 37 53.14 -5.29 -14.90
C LYS F 37 52.14 -5.10 -16.03
N VAL F 38 52.13 -3.89 -16.59
CA VAL F 38 51.24 -3.56 -17.70
C VAL F 38 51.69 -4.29 -18.96
N GLU F 39 52.99 -4.30 -19.22
CA GLU F 39 53.53 -5.08 -20.35
C GLU F 39 53.25 -6.56 -20.21
N LYS F 40 53.42 -7.08 -18.99
CA LYS F 40 53.14 -8.48 -18.69
C LYS F 40 51.68 -8.84 -19.00
N GLN F 41 50.75 -7.96 -18.60
CA GLN F 41 49.30 -8.06 -18.88
C GLN F 41 49.01 -8.14 -20.37
N HIS F 42 49.64 -7.25 -21.15
CA HIS F 42 49.44 -7.22 -22.59
C HIS F 42 50.03 -8.45 -23.26
N ARG F 43 51.21 -8.89 -22.81
CA ARG F 43 51.85 -10.14 -23.31
C ARG F 43 51.01 -11.39 -23.07
N ALA F 44 50.28 -11.39 -21.98
CA ALA F 44 49.27 -12.42 -21.71
C ALA F 44 48.02 -12.27 -22.61
N GLY F 45 48.00 -11.23 -23.45
CA GLY F 45 46.88 -10.97 -24.35
C GLY F 45 45.66 -10.41 -23.64
N LYS F 46 45.89 -9.64 -22.58
CA LYS F 46 44.84 -9.04 -21.78
C LYS F 46 44.97 -7.52 -21.82
N LEU F 47 43.87 -6.80 -21.92
CA LEU F 47 43.90 -5.36 -21.79
C LEU F 47 43.93 -5.00 -20.29
N THR F 48 44.34 -3.76 -20.01
CA THR F 48 44.33 -3.26 -18.65
C THR F 48 42.88 -2.93 -18.25
N ALA F 49 42.71 -2.80 -16.95
CA ALA F 49 41.43 -2.45 -16.35
C ALA F 49 40.83 -1.18 -16.96
N TRP F 50 41.68 -0.20 -17.27
CA TRP F 50 41.24 1.11 -17.81
C TRP F 50 40.93 1.08 -19.32
N GLU F 51 41.72 0.31 -20.07
CA GLU F 51 41.47 0.02 -21.48
C GLU F 51 40.14 -0.69 -21.74
N ARG F 52 39.82 -1.68 -20.91
CA ARG F 52 38.51 -2.34 -21.00
C ARG F 52 37.34 -1.38 -20.86
N LEU F 53 37.43 -0.47 -19.90
CA LEU F 53 36.40 0.54 -19.70
C LEU F 53 36.24 1.46 -20.89
N GLU F 54 37.35 1.77 -21.52
CA GLU F 54 37.35 2.70 -22.63
C GLU F 54 36.55 2.10 -23.76
N LEU F 55 36.71 0.79 -23.98
CA LEU F 55 35.98 0.07 -25.03
C LEU F 55 34.49 -0.13 -24.67
N LEU F 56 34.21 -0.37 -23.41
CA LEU F 56 32.86 -0.66 -22.96
C LEU F 56 31.91 0.57 -23.03
N LEU F 57 32.45 1.73 -22.66
CA LEU F 57 31.67 2.91 -22.40
C LEU F 57 31.73 3.91 -23.55
N ASP F 58 30.64 4.65 -23.69
CA ASP F 58 30.58 5.72 -24.67
C ASP F 58 31.79 6.64 -24.37
N PRO F 59 32.53 7.06 -25.40
CA PRO F 59 33.68 7.95 -25.28
C PRO F 59 33.39 9.16 -24.42
N GLY F 60 34.29 9.41 -23.47
CA GLY F 60 34.21 10.52 -22.55
C GLY F 60 33.04 10.56 -21.57
N THR F 61 32.40 9.42 -21.28
CA THR F 61 31.20 9.47 -20.41
C THR F 61 31.46 8.93 -19.01
N PHE F 62 32.62 8.33 -18.80
CA PHE F 62 32.97 7.67 -17.53
C PHE F 62 33.40 8.66 -16.46
N VAL F 63 32.76 8.56 -15.30
CA VAL F 63 33.08 9.37 -14.14
C VAL F 63 33.53 8.39 -13.07
N GLU F 64 34.79 8.45 -12.71
CA GLU F 64 35.34 7.59 -11.64
C GLU F 64 34.98 8.09 -10.24
N ILE F 65 34.79 7.16 -9.32
CA ILE F 65 34.76 7.49 -7.89
C ILE F 65 35.76 6.63 -7.14
N ASP F 66 36.19 7.15 -5.99
CA ASP F 66 37.06 6.45 -5.06
C ASP F 66 38.43 6.14 -5.69
N LYS F 67 38.85 6.97 -6.64
CA LYS F 67 40.20 6.93 -7.21
C LYS F 67 41.30 7.07 -6.15
N PHE F 68 41.09 7.91 -5.14
CA PHE F 68 42.15 8.15 -4.16
C PHE F 68 42.12 7.20 -2.95
N VAL F 69 41.21 6.21 -2.99
CA VAL F 69 41.13 5.18 -1.94
C VAL F 69 42.48 4.47 -1.77
N GLU F 70 42.85 4.27 -0.50
CA GLU F 70 44.07 3.51 -0.11
C GLU F 70 43.72 2.45 0.96
N HIS F 71 44.45 1.34 0.93
CA HIS F 71 44.30 0.28 1.95
C HIS F 71 44.67 0.77 3.33
N ARG F 72 44.13 0.13 4.37
CA ARG F 72 44.41 0.50 5.75
C ARG F 72 45.18 -0.55 6.50
N ASN F 73 44.89 -1.82 6.21
CA ASN F 73 45.60 -2.92 6.89
C ASN F 73 47.10 -2.87 6.67
N THR F 74 47.84 -3.13 7.75
CA THR F 74 49.26 -2.94 7.79
C THR F 74 50.05 -4.27 7.80
N TYR F 75 49.36 -5.40 7.83
CA TYR F 75 49.98 -6.70 8.09
C TYR F 75 50.95 -7.11 7.00
N PHE F 76 52.01 -7.80 7.43
CA PHE F 76 52.91 -8.46 6.51
C PHE F 76 53.50 -7.51 5.47
N GLY F 77 53.98 -6.35 5.92
CA GLY F 77 54.52 -5.31 5.01
C GLY F 77 53.53 -4.50 4.15
N LEU F 78 52.23 -4.72 4.33
CA LEU F 78 51.22 -3.89 3.65
C LEU F 78 51.35 -2.40 3.98
N ASP F 79 51.90 -2.07 5.15
CA ASP F 79 52.19 -0.64 5.50
C ASP F 79 53.38 -0.01 4.77
N LYS F 80 54.17 -0.82 4.05
CA LYS F 80 55.34 -0.34 3.34
C LYS F 80 55.05 -0.02 1.86
N VAL F 81 53.84 -0.32 1.38
CA VAL F 81 53.52 -0.15 -0.05
C VAL F 81 52.23 0.65 -0.31
N LYS F 82 52.21 1.40 -1.43
CA LYS F 82 51.00 1.99 -2.00
C LYS F 82 50.42 1.05 -3.06
N LEU F 83 49.08 0.99 -3.09
CA LEU F 83 48.31 0.15 -4.03
C LEU F 83 47.26 1.01 -4.71
N PRO F 84 47.57 1.47 -5.93
CA PRO F 84 46.65 2.36 -6.69
C PRO F 84 45.22 1.86 -6.85
N ARG F 85 44.28 2.72 -6.43
CA ARG F 85 42.84 2.45 -6.41
C ARG F 85 42.42 1.22 -5.59
N ASP F 86 43.34 0.76 -4.74
CA ASP F 86 43.32 -0.59 -4.16
C ASP F 86 43.01 -1.73 -5.16
N GLY F 87 43.37 -1.56 -6.44
CA GLY F 87 43.21 -2.62 -7.46
C GLY F 87 41.86 -2.72 -8.17
N VAL F 88 40.96 -1.75 -7.97
CA VAL F 88 39.71 -1.73 -8.72
C VAL F 88 39.30 -0.31 -9.11
N ILE F 89 38.85 -0.16 -10.34
CA ILE F 89 38.29 1.06 -10.85
C ILE F 89 36.77 0.92 -10.75
N THR F 90 36.13 1.93 -10.14
CA THR F 90 34.67 2.00 -10.00
C THR F 90 34.15 3.36 -10.47
N GLY F 91 33.01 3.35 -11.15
CA GLY F 91 32.33 4.59 -11.49
C GLY F 91 31.07 4.35 -12.28
N VAL F 92 30.61 5.40 -12.92
CA VAL F 92 29.41 5.34 -13.70
C VAL F 92 29.68 5.92 -15.11
N GLY F 93 29.24 5.23 -16.15
CA GLY F 93 29.33 5.74 -17.50
C GLY F 93 28.04 5.63 -18.25
N GLU F 94 28.13 5.79 -19.56
CA GLU F 94 26.99 5.57 -20.43
C GLU F 94 27.33 4.50 -21.46
N ILE F 95 26.33 3.66 -21.74
CA ILE F 95 26.38 2.70 -22.83
C ILE F 95 25.17 2.97 -23.67
N ASN F 96 25.41 3.47 -24.89
CA ASN F 96 24.35 3.91 -25.79
C ASN F 96 23.40 4.87 -25.11
N GLY F 97 23.97 5.88 -24.46
CA GLY F 97 23.22 6.96 -23.84
C GLY F 97 22.59 6.66 -22.51
N ARG F 98 22.77 5.48 -21.96
CA ARG F 98 22.08 5.11 -20.73
C ARG F 98 23.10 4.84 -19.64
N LYS F 99 22.81 5.32 -18.44
CA LYS F 99 23.69 5.16 -17.28
C LYS F 99 23.89 3.70 -16.87
N VAL F 100 25.16 3.34 -16.67
CA VAL F 100 25.56 2.00 -16.17
C VAL F 100 26.65 2.18 -15.11
N ALA F 101 26.56 1.39 -14.05
CA ALA F 101 27.60 1.32 -13.01
C ALA F 101 28.60 0.25 -13.41
N VAL F 102 29.88 0.57 -13.30
CA VAL F 102 30.91 -0.36 -13.70
C VAL F 102 31.99 -0.51 -12.65
N PHE F 103 32.51 -1.74 -12.51
CA PHE F 103 33.85 -1.90 -11.88
C PHE F 103 34.76 -2.76 -12.73
N SER F 104 36.05 -2.50 -12.61
CA SER F 104 37.09 -3.14 -13.40
C SER F 104 38.28 -3.43 -12.49
N GLN F 105 38.48 -4.69 -12.12
CA GLN F 105 39.63 -5.06 -11.31
C GLN F 105 40.95 -4.95 -12.08
N ASP F 106 41.96 -4.44 -11.37
CA ASP F 106 43.27 -4.17 -11.93
C ASP F 106 44.27 -5.22 -11.52
N PHE F 107 44.46 -6.20 -12.39
CA PHE F 107 45.38 -7.31 -12.15
C PHE F 107 46.81 -6.86 -11.86
N THR F 108 47.23 -5.70 -12.37
CA THR F 108 48.60 -5.21 -12.11
C THR F 108 48.88 -4.83 -10.64
N VAL F 109 47.84 -4.67 -9.83
CA VAL F 109 47.98 -4.29 -8.43
C VAL F 109 47.74 -5.50 -7.53
N GLY F 111 48.05 -8.72 -8.13
CA GLY F 111 47.27 -9.76 -8.80
C GLY F 111 45.79 -9.48 -8.82
N GLY F 112 45.41 -8.21 -8.68
CA GLY F 112 44.03 -7.78 -8.54
C GLY F 112 43.35 -8.32 -7.29
N SER F 113 44.14 -8.77 -6.32
CA SER F 113 43.60 -9.38 -5.10
C SER F 113 42.62 -8.46 -4.38
N LEU F 114 41.58 -9.06 -3.81
CA LEU F 114 40.53 -8.33 -3.13
C LEU F 114 40.97 -8.01 -1.70
N GLY F 115 41.28 -6.74 -1.47
CA GLY F 115 41.51 -6.25 -0.11
C GLY F 115 40.21 -5.70 0.43
N GLU F 116 40.22 -5.33 1.71
CA GLU F 116 39.10 -4.68 2.38
C GLU F 116 38.56 -3.46 1.62
N HIS F 118 39.21 -2.30 -1.54
CA HIS F 118 38.80 -2.78 -2.85
C HIS F 118 37.38 -3.25 -2.74
N ALA F 119 37.10 -4.12 -1.77
CA ALA F 119 35.75 -4.64 -1.61
C ALA F 119 34.76 -3.55 -1.27
N LYS F 120 35.16 -2.58 -0.46
CA LYS F 120 34.22 -1.50 -0.11
C LYS F 120 33.91 -0.58 -1.27
N LYS F 121 34.89 -0.38 -2.16
CA LYS F 121 34.63 0.34 -3.42
C LYS F 121 33.51 -0.32 -4.25
N ILE F 122 33.63 -1.62 -4.43
CA ILE F 122 32.63 -2.43 -5.10
C ILE F 122 31.28 -2.41 -4.38
N VAL F 123 31.28 -2.59 -3.07
CA VAL F 123 30.04 -2.50 -2.29
C VAL F 123 29.34 -1.17 -2.49
N LYS F 124 30.10 -0.07 -2.37
CA LYS F 124 29.61 1.28 -2.59
C LYS F 124 28.98 1.44 -3.99
N LEU F 125 29.65 0.88 -5.00
CA LEU F 125 29.16 0.88 -6.35
C LEU F 125 27.84 0.12 -6.54
N LEU F 126 27.75 -1.09 -5.99
CA LEU F 126 26.50 -1.85 -6.01
C LEU F 126 25.36 -1.13 -5.26
N ASP F 127 25.67 -0.54 -4.11
CA ASP F 127 24.71 0.26 -3.32
C ASP F 127 24.18 1.37 -4.23
N LEU F 128 25.08 2.05 -4.96
CA LEU F 128 24.67 3.18 -5.77
C LEU F 128 23.87 2.74 -7.00
N ALA F 129 24.30 1.68 -7.68
CA ALA F 129 23.51 1.12 -8.80
C ALA F 129 22.03 0.86 -8.42
N LEU F 130 21.85 0.18 -7.29
CA LEU F 130 20.54 -0.19 -6.79
C LEU F 130 19.73 1.06 -6.45
N LYS F 131 20.35 2.02 -5.81
CA LYS F 131 19.70 3.27 -5.39
C LYS F 131 19.24 4.15 -6.56
N GLY F 133 18.81 2.82 -9.68
CA GLY F 133 18.11 1.96 -10.62
C GLY F 133 18.80 1.78 -11.96
N ILE F 134 20.12 1.55 -11.95
CA ILE F 134 20.90 1.36 -13.17
C ILE F 134 21.63 0.03 -13.09
N PRO F 135 21.98 -0.55 -14.25
CA PRO F 135 22.66 -1.84 -14.23
C PRO F 135 24.14 -1.79 -13.84
N VAL F 136 24.68 -2.96 -13.55
CA VAL F 136 26.05 -3.10 -13.08
C VAL F 136 26.77 -4.08 -13.95
N ILE F 137 27.96 -3.71 -14.36
CA ILE F 137 28.86 -4.58 -15.07
C ILE F 137 30.14 -4.62 -14.25
N GLY F 138 30.51 -5.81 -13.83
CA GLY F 138 31.75 -6.02 -13.14
C GLY F 138 32.66 -6.80 -14.03
N ILE F 139 33.86 -6.28 -14.22
CA ILE F 139 34.92 -6.94 -14.97
C ILE F 139 35.92 -7.50 -13.93
N ASN F 140 35.99 -8.83 -13.86
CA ASN F 140 36.82 -9.58 -12.94
C ASN F 140 38.15 -10.03 -13.54
N ASP F 141 39.22 -9.78 -12.80
CA ASP F 141 40.59 -10.11 -13.19
C ASP F 141 41.36 -10.02 -11.88
N SER F 142 41.29 -11.11 -11.12
CA SER F 142 41.78 -11.16 -9.72
C SER F 142 42.23 -12.56 -9.33
N GLY F 143 43.41 -12.65 -8.72
CA GLY F 143 43.90 -13.92 -8.16
C GLY F 143 43.16 -14.46 -6.93
N GLY F 144 42.36 -13.61 -6.29
CA GLY F 144 41.52 -14.00 -5.16
C GLY F 144 41.63 -13.02 -4.00
N ALA F 145 41.34 -13.50 -2.80
CA ALA F 145 41.41 -12.72 -1.58
C ALA F 145 42.83 -12.22 -1.40
N ARG F 146 42.97 -10.98 -0.94
CA ARG F 146 44.28 -10.50 -0.51
C ARG F 146 44.55 -11.15 0.86
N ILE F 147 45.33 -12.22 0.80
CA ILE F 147 45.57 -13.15 1.91
C ILE F 147 46.12 -12.43 3.14
N GLN F 148 46.98 -11.44 2.90
CA GLN F 148 47.62 -10.66 3.94
C GLN F 148 46.62 -9.86 4.79
N GLU F 149 45.50 -9.45 4.18
CA GLU F 149 44.41 -8.71 4.88
C GLU F 149 43.49 -9.64 5.68
N GLY F 150 43.68 -10.96 5.56
CA GLY F 150 42.99 -11.94 6.38
C GLY F 150 41.46 -11.89 6.29
N VAL F 151 40.85 -11.87 7.47
CA VAL F 151 39.40 -11.95 7.61
C VAL F 151 38.66 -10.71 7.09
N ASP F 152 39.34 -9.57 6.99
CA ASP F 152 38.70 -8.38 6.41
C ASP F 152 38.36 -8.61 4.95
N ALA F 153 39.17 -9.40 4.26
CA ALA F 153 38.91 -9.74 2.84
C ALA F 153 37.65 -10.60 2.70
N LEU F 154 37.49 -11.56 3.62
CA LEU F 154 36.27 -12.37 3.65
C LEU F 154 35.05 -11.52 3.95
N ALA F 155 35.16 -10.62 4.92
CA ALA F 155 34.10 -9.67 5.20
C ALA F 155 33.68 -8.89 3.93
N GLY F 156 34.68 -8.47 3.15
CA GLY F 156 34.47 -7.73 1.94
C GLY F 156 33.71 -8.54 0.92
N TYR F 157 34.20 -9.76 0.66
CA TYR F 157 33.49 -10.68 -0.21
C TYR F 157 32.03 -10.83 0.23
N GLY F 158 31.81 -11.13 1.50
CA GLY F 158 30.45 -11.31 2.02
C GLY F 158 29.51 -10.13 1.76
N GLU F 159 30.00 -8.91 1.94
CA GLU F 159 29.20 -7.69 1.76
C GLU F 159 28.82 -7.49 0.29
N ILE F 160 29.75 -7.78 -0.59
CA ILE F 160 29.49 -7.86 -2.02
C ILE F 160 28.34 -8.83 -2.34
N PHE F 161 28.42 -10.07 -1.85
CA PHE F 161 27.40 -11.10 -2.11
C PHE F 161 26.02 -10.68 -1.64
N LEU F 162 25.94 -10.11 -0.43
CA LEU F 162 24.70 -9.51 0.06
C LEU F 162 24.20 -8.46 -0.92
N ARG F 163 25.08 -7.59 -1.41
CA ARG F 163 24.68 -6.57 -2.39
C ARG F 163 24.16 -7.19 -3.68
N ASN F 164 24.80 -8.26 -4.18
CA ASN F 164 24.34 -8.94 -5.40
C ASN F 164 22.97 -9.57 -5.23
N THR F 165 22.73 -10.15 -4.06
CA THR F 165 21.46 -10.78 -3.70
C THR F 165 20.33 -9.72 -3.66
N LEU F 166 20.59 -8.58 -3.04
CA LEU F 166 19.56 -7.55 -2.90
C LEU F 166 19.18 -6.93 -4.24
N ALA F 167 20.17 -6.82 -5.13
CA ALA F 167 19.97 -6.19 -6.43
C ALA F 167 19.37 -7.15 -7.46
N SER F 168 19.27 -8.43 -7.07
CA SER F 168 18.89 -9.52 -7.97
C SER F 168 17.43 -9.39 -8.35
N GLY F 169 17.16 -9.33 -9.64
CA GLY F 169 15.81 -9.02 -10.11
C GLY F 169 15.35 -7.59 -9.88
N VAL F 170 16.28 -6.69 -9.53
CA VAL F 170 15.99 -5.26 -9.40
C VAL F 170 16.74 -4.47 -10.45
N VAL F 171 18.05 -4.68 -10.53
CA VAL F 171 18.83 -4.14 -11.65
C VAL F 171 19.60 -5.28 -12.34
N PRO F 172 19.77 -5.18 -13.66
CA PRO F 172 20.52 -6.25 -14.29
C PRO F 172 22.01 -6.24 -13.94
N GLN F 173 22.55 -7.45 -13.78
CA GLN F 173 23.89 -7.61 -13.32
C GLN F 173 24.64 -8.48 -14.28
N ILE F 174 25.66 -7.90 -14.87
CA ILE F 174 26.44 -8.61 -15.84
C ILE F 174 27.89 -8.66 -15.36
N THR F 175 28.48 -9.83 -15.50
CA THR F 175 29.86 -10.06 -15.11
C THR F 175 30.69 -10.45 -16.33
N VAL F 176 31.87 -9.87 -16.46
CA VAL F 176 32.85 -10.35 -17.44
C VAL F 176 34.03 -10.93 -16.69
N ILE F 177 34.37 -12.18 -16.96
CA ILE F 177 35.56 -12.81 -16.41
C ILE F 177 36.62 -12.72 -17.48
N ALA F 178 37.63 -11.92 -17.20
CA ALA F 178 38.65 -11.55 -18.16
C ALA F 178 40.04 -11.86 -17.63
N GLY F 179 40.11 -12.72 -16.62
CA GLY F 179 41.38 -13.07 -16.03
C GLY F 179 41.11 -14.18 -15.04
N PRO F 180 42.08 -14.47 -14.17
CA PRO F 180 41.77 -15.39 -13.10
C PRO F 180 40.59 -14.88 -12.23
N CYS F 181 39.93 -15.84 -11.60
CA CYS F 181 38.81 -15.57 -10.71
C CYS F 181 38.77 -16.82 -9.87
N ALA F 182 39.52 -16.80 -8.78
CA ALA F 182 39.74 -17.97 -7.96
C ALA F 182 39.14 -17.78 -6.56
N GLY F 183 38.72 -18.89 -5.96
CA GLY F 183 38.21 -18.92 -4.59
C GLY F 183 36.88 -18.22 -4.42
N GLY F 184 36.76 -17.46 -3.33
CA GLY F 184 35.51 -16.77 -2.95
C GLY F 184 35.07 -15.72 -3.94
N ALA F 185 35.99 -15.28 -4.79
CA ALA F 185 35.66 -14.34 -5.86
C ALA F 185 34.51 -14.87 -6.73
N VAL F 186 34.53 -16.17 -7.04
CA VAL F 186 33.63 -16.76 -8.03
C VAL F 186 32.13 -16.57 -7.75
N TYR F 187 31.79 -16.34 -6.49
CA TYR F 187 30.38 -16.31 -6.06
C TYR F 187 29.63 -15.03 -6.45
N SER F 188 30.36 -13.93 -6.59
CA SER F 188 29.75 -12.68 -7.03
C SER F 188 29.27 -12.83 -8.51
N PRO F 189 30.16 -13.26 -9.43
CA PRO F 189 29.71 -13.70 -10.75
C PRO F 189 28.48 -14.60 -10.78
N ALA F 190 28.48 -15.61 -9.91
CA ALA F 190 27.41 -16.61 -9.86
C ALA F 190 26.10 -16.00 -9.42
N LEU F 191 26.14 -15.03 -8.50
CA LEU F 191 24.95 -14.30 -8.10
C LEU F 191 24.50 -13.26 -9.14
N THR F 192 25.33 -12.93 -10.14
CA THR F 192 24.87 -11.98 -11.18
C THR F 192 24.02 -12.70 -12.22
N ASP F 193 23.42 -11.97 -13.16
CA ASP F 193 22.50 -12.58 -14.14
C ASP F 193 23.17 -13.29 -15.32
N PHE F 194 24.25 -12.73 -15.85
CA PHE F 194 24.97 -13.30 -16.98
C PHE F 194 26.47 -13.15 -16.77
N ILE F 195 27.20 -14.18 -17.19
CA ILE F 195 28.62 -14.22 -17.08
C ILE F 195 29.16 -14.41 -18.47
N VAL F 196 29.99 -13.45 -18.87
CA VAL F 196 30.79 -13.54 -20.05
C VAL F 196 32.18 -13.96 -19.64
N VAL F 198 36.16 -14.63 -21.25
CA VAL F 198 37.07 -14.45 -22.35
C VAL F 198 37.92 -15.70 -22.49
N ASP F 199 37.86 -16.28 -23.70
CA ASP F 199 38.74 -17.35 -24.11
C ASP F 199 40.11 -16.72 -24.30
N GLN F 200 41.21 -17.21 -23.77
CA GLN F 200 41.35 -18.18 -22.70
C GLN F 200 42.34 -17.55 -21.70
N THR F 201 42.17 -16.25 -21.51
CA THR F 201 42.82 -15.52 -20.47
C THR F 201 42.03 -15.74 -19.17
N ALA F 202 40.74 -16.05 -19.34
CA ALA F 202 39.82 -16.23 -18.22
C ALA F 202 39.81 -17.65 -17.67
N ARG F 203 39.86 -17.72 -16.35
CA ARG F 203 39.78 -18.98 -15.61
C ARG F 203 38.97 -18.70 -14.35
N PHE F 205 37.49 -20.85 -10.76
CA PHE F 205 37.37 -22.03 -9.90
C PHE F 205 37.43 -21.71 -8.41
N ILE F 206 36.67 -22.45 -7.60
CA ILE F 206 36.73 -22.36 -6.14
C ILE F 206 38.09 -22.83 -5.63
N THR F 207 38.45 -24.06 -5.91
CA THR F 207 39.71 -24.63 -5.50
C THR F 207 40.61 -24.80 -6.72
N GLY F 208 41.90 -24.50 -6.57
CA GLY F 208 42.84 -24.54 -7.67
C GLY F 208 43.43 -25.92 -7.85
N PRO F 209 44.08 -26.15 -9.01
CA PRO F 209 44.68 -27.45 -9.40
C PRO F 209 45.63 -28.07 -8.36
N ASN F 210 46.40 -27.24 -7.68
CA ASN F 210 47.38 -27.75 -6.70
C ASN F 210 46.72 -28.38 -5.46
N VAL F 211 45.73 -27.67 -4.92
CA VAL F 211 44.91 -28.17 -3.83
C VAL F 211 44.11 -29.44 -4.24
N ILE F 212 43.42 -29.40 -5.39
CA ILE F 212 42.78 -30.62 -5.95
C ILE F 212 43.76 -31.81 -6.00
N LYS F 213 44.96 -31.54 -6.48
CA LYS F 213 46.02 -32.54 -6.59
C LYS F 213 46.44 -33.13 -5.22
N ALA F 214 46.70 -32.25 -4.25
CA ALA F 214 47.10 -32.66 -2.90
C ALA F 214 46.02 -33.43 -2.11
N VAL F 215 44.75 -33.27 -2.48
CA VAL F 215 43.65 -33.87 -1.73
C VAL F 215 43.05 -35.10 -2.43
N THR F 216 42.89 -35.03 -3.76
CA THR F 216 42.30 -36.10 -4.56
C THR F 216 43.30 -36.87 -5.42
N GLY F 217 44.51 -36.33 -5.61
CA GLY F 217 45.44 -36.88 -6.62
C GLY F 217 45.13 -36.50 -8.07
N GLU F 218 43.96 -35.91 -8.33
CA GLU F 218 43.57 -35.50 -9.68
C GLU F 218 44.56 -34.47 -10.25
N GLU F 219 45.01 -34.66 -11.48
CA GLU F 219 45.94 -33.74 -12.15
C GLU F 219 45.27 -33.02 -13.32
N ILE F 220 45.29 -31.69 -13.29
CA ILE F 220 44.55 -30.92 -14.26
C ILE F 220 45.09 -29.49 -14.33
N SER F 221 45.13 -28.95 -15.54
CA SER F 221 45.51 -27.56 -15.80
C SER F 221 44.35 -26.62 -15.45
N GLN F 222 44.66 -25.34 -15.32
CA GLN F 222 43.64 -24.33 -14.98
C GLN F 222 42.59 -24.15 -16.06
N GLU F 223 43.03 -24.26 -17.32
CA GLU F 223 42.14 -24.18 -18.47
C GLU F 223 41.16 -25.38 -18.56
N ASP F 224 41.65 -26.57 -18.21
CA ASP F 224 40.82 -27.75 -18.26
C ASP F 224 39.89 -27.87 -17.07
N LEU F 225 40.29 -27.23 -15.96
CA LEU F 225 39.46 -27.16 -14.77
C LEU F 225 38.44 -26.03 -14.83
N GLY F 226 38.85 -24.86 -15.31
CA GLY F 226 38.05 -23.64 -15.19
C GLY F 226 38.09 -22.63 -16.33
N GLY F 227 38.53 -23.07 -17.49
CA GLY F 227 38.62 -22.20 -18.66
C GLY F 227 37.28 -21.74 -19.13
N ALA F 228 37.27 -20.80 -20.07
CA ALA F 228 36.01 -20.20 -20.58
C ALA F 228 35.05 -21.22 -21.19
N VAL F 230 35.03 -24.62 -20.64
CA VAL F 230 34.55 -25.51 -19.58
C VAL F 230 33.28 -24.98 -18.88
N HIS F 231 33.27 -23.68 -18.56
CA HIS F 231 32.07 -23.09 -17.91
C HIS F 231 30.94 -22.82 -18.89
N ASN F 232 31.26 -22.57 -20.15
CA ASN F 232 30.26 -22.42 -21.21
C ASN F 232 29.59 -23.74 -21.63
N GLN F 233 30.33 -24.84 -21.52
CA GLN F 233 29.91 -26.12 -22.05
C GLN F 233 29.52 -27.18 -21.02
N LYS F 234 30.30 -27.27 -19.92
CA LYS F 234 30.17 -28.40 -18.95
C LYS F 234 29.43 -27.96 -17.70
N SER F 235 29.98 -26.91 -17.06
CA SER F 235 29.48 -26.40 -15.77
C SER F 235 28.08 -25.84 -15.82
N GLY F 236 27.79 -25.08 -16.85
CA GLY F 236 26.57 -24.27 -16.90
C GLY F 236 26.70 -22.96 -16.13
N ASN F 237 27.90 -22.67 -15.65
CA ASN F 237 28.17 -21.46 -14.89
C ASN F 237 28.22 -20.19 -15.77
N ALA F 238 28.53 -20.32 -17.06
CA ALA F 238 28.73 -19.13 -17.91
C ALA F 238 27.87 -19.10 -19.16
N HIS F 239 27.59 -17.88 -19.61
CA HIS F 239 26.57 -17.60 -20.62
C HIS F 239 27.09 -17.26 -21.98
N PHE F 240 28.28 -16.68 -22.04
CA PHE F 240 28.83 -16.24 -23.30
C PHE F 240 30.31 -16.57 -23.31
N LEU F 241 30.82 -16.82 -24.52
CA LEU F 241 32.25 -17.01 -24.80
C LEU F 241 32.71 -15.93 -25.80
N ALA F 242 33.56 -15.02 -25.34
CA ALA F 242 34.14 -13.97 -26.16
C ALA F 242 35.55 -14.36 -26.44
N ASP F 243 36.01 -14.08 -27.64
CA ASP F 243 37.34 -14.53 -28.06
C ASP F 243 38.49 -13.70 -27.53
N ASN F 244 38.21 -12.45 -27.17
CA ASN F 244 39.19 -11.54 -26.62
C ASN F 244 38.44 -10.43 -25.89
N ASP F 245 39.15 -9.51 -25.24
CA ASP F 245 38.50 -8.51 -24.35
C ASP F 245 37.64 -7.56 -25.16
N GLU F 246 38.11 -7.11 -26.33
CA GLU F 246 37.32 -6.24 -27.24
C GLU F 246 35.95 -6.83 -27.60
N LYS F 247 35.94 -8.11 -27.97
CA LYS F 247 34.69 -8.84 -28.21
C LYS F 247 33.81 -8.95 -26.98
N ALA F 248 34.41 -9.19 -25.81
CA ALA F 248 33.65 -9.22 -24.56
C ALA F 248 32.92 -7.90 -24.26
N SER F 250 32.02 -5.55 -26.47
CA SER F 250 30.99 -5.30 -27.46
C SER F 250 29.75 -6.18 -27.24
N LEU F 251 29.96 -7.42 -26.80
CA LEU F 251 28.89 -8.32 -26.44
C LEU F 251 28.02 -7.77 -25.31
N VAL F 252 28.68 -7.16 -24.33
CA VAL F 252 28.01 -6.62 -23.15
C VAL F 252 27.13 -5.47 -23.59
N ARG F 253 27.67 -4.59 -24.41
CA ARG F 253 26.92 -3.48 -24.97
C ARG F 253 25.65 -3.94 -25.73
N THR F 254 25.75 -5.03 -26.49
CA THR F 254 24.60 -5.49 -27.23
C THR F 254 23.56 -6.22 -26.36
N LEU F 255 24.04 -6.99 -25.38
CA LEU F 255 23.16 -7.58 -24.36
C LEU F 255 22.37 -6.51 -23.64
N LEU F 256 23.04 -5.46 -23.17
CA LEU F 256 22.35 -4.35 -22.49
C LEU F 256 21.28 -3.69 -23.34
N SER F 257 21.41 -3.77 -24.65
CA SER F 257 20.50 -3.13 -25.58
C SER F 257 19.13 -3.82 -25.58
N TYR F 258 19.09 -5.03 -25.07
CA TYR F 258 17.87 -5.78 -24.91
C TYR F 258 17.20 -5.54 -23.57
N LEU F 259 17.93 -4.98 -22.61
CA LEU F 259 17.47 -5.01 -21.20
C LEU F 259 17.00 -3.66 -20.75
N PRO F 260 16.04 -3.62 -19.80
CA PRO F 260 15.69 -2.35 -19.15
C PRO F 260 16.80 -1.97 -18.16
N SER F 261 16.75 -0.79 -17.58
CA SER F 261 17.76 -0.34 -16.61
C SER F 261 17.47 -0.91 -15.24
N ASN F 262 16.20 -1.17 -15.01
CA ASN F 262 15.75 -1.75 -13.77
C ASN F 262 14.41 -2.46 -13.98
N ASN F 263 13.92 -3.08 -12.91
CA ASN F 263 12.67 -3.84 -12.95
C ASN F 263 11.39 -3.00 -12.98
N ALA F 264 11.51 -1.67 -12.86
CA ALA F 264 10.33 -0.79 -12.92
C ALA F 264 10.15 -0.18 -14.29
N GLU F 265 10.90 -0.67 -15.28
CA GLU F 265 10.82 -0.17 -16.64
C GLU F 265 10.53 -1.25 -17.67
N GLU F 266 9.85 -0.82 -18.74
CA GLU F 266 9.75 -1.61 -19.96
C GLU F 266 11.13 -1.73 -20.59
N PRO F 267 11.40 -2.88 -21.21
CA PRO F 267 12.63 -2.95 -21.99
C PRO F 267 12.64 -1.93 -23.15
N PRO F 268 13.82 -1.56 -23.63
CA PRO F 268 13.87 -0.51 -24.65
C PRO F 268 13.31 -0.97 -26.00
N VAL F 269 12.91 0.00 -26.82
CA VAL F 269 12.42 -0.22 -28.17
C VAL F 269 13.55 0.17 -29.11
N GLU F 270 13.92 -0.73 -30.03
CA GLU F 270 15.07 -0.49 -30.92
C GLU F 270 14.82 -1.02 -32.32
N ASP F 271 14.74 -0.10 -33.27
CA ASP F 271 14.70 -0.42 -34.73
C ASP F 271 13.59 -1.39 -35.20
N PRO F 272 12.31 -0.97 -35.10
CA PRO F 272 11.20 -1.90 -35.35
C PRO F 272 11.11 -2.43 -36.80
N ASP F 273 11.03 -3.75 -36.91
CA ASP F 273 10.70 -4.41 -38.16
C ASP F 273 9.18 -4.42 -38.13
N THR F 274 8.59 -3.70 -39.07
CA THR F 274 7.17 -3.47 -39.12
C THR F 274 6.47 -4.46 -40.05
N SER F 275 7.26 -5.25 -40.78
CA SER F 275 6.67 -6.25 -41.68
C SER F 275 5.97 -7.35 -40.90
N LEU F 276 4.92 -7.90 -41.49
CA LEU F 276 4.05 -8.91 -40.87
C LEU F 276 4.29 -10.32 -41.41
N GLU F 277 5.04 -10.42 -42.50
CA GLU F 277 5.11 -11.65 -43.26
C GLU F 277 6.18 -12.61 -42.71
N THR F 278 5.87 -13.89 -42.83
CA THR F 278 6.79 -14.95 -42.58
C THR F 278 7.14 -15.51 -43.96
N PRO F 279 8.44 -15.66 -44.26
CA PRO F 279 8.83 -16.16 -45.60
C PRO F 279 8.29 -17.55 -45.93
N GLU F 280 8.02 -17.80 -47.21
CA GLU F 280 7.49 -19.08 -47.68
C GLU F 280 8.33 -20.26 -47.23
N ASP F 281 9.65 -20.08 -47.32
CA ASP F 281 10.71 -20.83 -46.61
C ASP F 281 10.40 -21.55 -45.34
N ILE F 282 9.59 -20.92 -44.49
CA ILE F 282 9.33 -21.47 -43.18
C ILE F 282 8.72 -22.86 -43.34
N LEU F 283 8.10 -23.12 -44.50
CA LEU F 283 7.46 -24.40 -44.77
C LEU F 283 8.41 -25.53 -45.17
N ASP F 284 9.68 -25.19 -45.40
CA ASP F 284 10.70 -26.19 -45.80
C ASP F 284 11.72 -26.51 -44.71
N ILE F 285 11.47 -26.09 -43.48
CA ILE F 285 12.45 -26.27 -42.41
C ILE F 285 12.25 -27.58 -41.66
N LEU F 286 10.99 -27.90 -41.33
CA LEU F 286 10.71 -29.22 -40.77
C LEU F 286 10.85 -30.24 -41.88
N PRO F 287 11.53 -31.36 -41.60
CA PRO F 287 11.62 -32.47 -42.57
C PRO F 287 10.30 -33.24 -42.78
N ASP F 288 10.17 -33.84 -43.96
CA ASP F 288 9.05 -34.73 -44.26
C ASP F 288 9.06 -35.87 -43.27
N ASN F 289 10.23 -36.50 -43.10
CA ASN F 289 10.39 -37.56 -42.12
C ASN F 289 10.29 -37.01 -40.70
N PRO F 290 9.24 -37.39 -39.93
CA PRO F 290 9.08 -36.86 -38.55
C PRO F 290 10.12 -37.32 -37.52
N ASN F 291 10.99 -38.26 -37.88
CA ASN F 291 12.11 -38.70 -37.06
C ASN F 291 13.43 -38.00 -37.39
N LYS F 292 13.39 -37.05 -38.31
CA LYS F 292 14.56 -36.24 -38.61
C LYS F 292 14.47 -34.92 -37.86
N GLY F 293 15.62 -34.46 -37.38
CA GLY F 293 15.68 -33.20 -36.72
C GLY F 293 15.98 -32.07 -37.69
N TYR F 294 16.10 -30.90 -37.10
CA TYR F 294 16.36 -29.68 -37.83
C TYR F 294 16.89 -28.71 -36.79
N ASP F 295 17.36 -27.56 -37.25
CA ASP F 295 17.81 -26.52 -36.38
C ASP F 295 16.69 -25.51 -36.09
N VAL F 296 16.19 -25.51 -34.87
CA VAL F 296 15.07 -24.64 -34.51
C VAL F 296 15.34 -23.15 -34.71
N ARG F 297 16.62 -22.76 -34.74
CA ARG F 297 16.98 -21.35 -34.98
C ARG F 297 16.62 -20.87 -36.40
N ASP F 298 16.50 -21.82 -37.33
CA ASP F 298 15.93 -21.53 -38.65
C ASP F 298 14.46 -21.14 -38.59
N VAL F 299 13.74 -21.62 -37.59
CA VAL F 299 12.34 -21.17 -37.37
C VAL F 299 12.32 -19.82 -36.67
N ILE F 300 13.08 -19.70 -35.58
CA ILE F 300 13.16 -18.47 -34.79
C ILE F 300 13.48 -17.29 -35.70
N LYS F 301 14.53 -17.44 -36.49
CA LYS F 301 14.99 -16.38 -37.37
C LYS F 301 14.04 -16.00 -38.50
N ARG F 302 13.05 -16.82 -38.80
CA ARG F 302 12.10 -16.46 -39.84
C ARG F 302 10.85 -15.77 -39.26
N VAL F 303 10.86 -15.55 -37.94
CA VAL F 303 9.74 -15.00 -37.20
C VAL F 303 10.07 -13.68 -36.48
N VAL F 304 11.31 -13.54 -36.02
CA VAL F 304 11.75 -12.40 -35.23
C VAL F 304 12.25 -11.26 -36.12
N ASP F 305 12.22 -10.03 -35.61
CA ASP F 305 12.65 -8.84 -36.35
C ASP F 305 14.00 -9.04 -37.02
N HIS F 306 14.06 -8.75 -38.32
CA HIS F 306 15.29 -8.74 -39.10
C HIS F 306 16.06 -10.05 -39.10
N GLY F 307 15.41 -11.15 -38.75
CA GLY F 307 16.10 -12.44 -38.54
C GLY F 307 17.22 -12.49 -37.50
N GLU F 308 17.20 -11.56 -36.54
CA GLU F 308 18.28 -11.41 -35.55
C GLU F 308 18.01 -12.15 -34.24
N PHE F 309 18.95 -13.00 -33.84
CA PHE F 309 18.87 -13.77 -32.62
C PHE F 309 20.21 -13.72 -31.89
N PHE F 310 20.15 -13.29 -30.64
CA PHE F 310 21.30 -13.21 -29.75
C PHE F 310 21.21 -14.35 -28.71
N GLU F 311 21.99 -15.40 -28.96
CA GLU F 311 21.88 -16.65 -28.21
C GLU F 311 22.64 -16.60 -26.89
N VAL F 312 22.06 -17.24 -25.88
CA VAL F 312 22.58 -17.30 -24.53
C VAL F 312 22.88 -18.75 -24.21
N GLN F 313 24.03 -18.99 -23.58
CA GLN F 313 24.49 -20.31 -23.23
C GLN F 313 24.42 -21.27 -24.39
N PRO F 314 24.97 -20.86 -25.53
CA PRO F 314 24.86 -21.70 -26.71
C PRO F 314 25.65 -23.03 -26.68
N TYR F 315 26.60 -23.20 -25.75
CA TYR F 315 27.46 -24.40 -25.74
C TYR F 315 26.99 -25.43 -24.69
N PHE F 316 26.05 -25.04 -23.88
CA PHE F 316 25.62 -25.83 -22.75
C PHE F 316 24.21 -26.31 -23.07
N ALA F 317 23.93 -27.60 -22.81
CA ALA F 317 22.59 -28.15 -22.93
C ALA F 317 21.98 -27.64 -24.22
N LYS F 318 22.55 -28.09 -25.32
CA LYS F 318 22.27 -27.59 -26.66
C LYS F 318 20.93 -28.13 -27.19
N ASN F 319 20.32 -29.05 -26.44
CA ASN F 319 19.00 -29.58 -26.74
C ASN F 319 17.90 -28.58 -26.46
N ILE F 320 18.25 -27.48 -25.82
CA ILE F 320 17.37 -26.32 -25.67
C ILE F 320 18.12 -25.04 -26.06
N VAL F 321 17.43 -24.17 -26.78
CA VAL F 321 17.98 -22.91 -27.24
C VAL F 321 17.26 -21.75 -26.51
N ILE F 322 18.04 -20.84 -25.94
CA ILE F 322 17.46 -19.65 -25.31
C ILE F 322 18.18 -18.44 -25.85
N GLY F 323 17.52 -17.30 -25.80
CA GLY F 323 18.19 -16.06 -26.13
C GLY F 323 17.26 -14.90 -26.34
N PHE F 324 17.82 -13.82 -26.90
CA PHE F 324 17.08 -12.56 -27.11
C PHE F 324 16.84 -12.27 -28.57
N ALA F 325 15.72 -11.59 -28.81
CA ALA F 325 15.33 -11.12 -30.11
C ALA F 325 14.37 -9.93 -29.94
N ARG F 326 13.88 -9.38 -31.05
CA ARG F 326 12.84 -8.36 -31.02
C ARG F 326 11.64 -8.72 -31.87
N ILE F 327 10.48 -8.24 -31.44
CA ILE F 327 9.25 -8.31 -32.23
C ILE F 327 8.72 -6.89 -32.29
N GLN F 328 8.66 -6.33 -33.49
CA GLN F 328 8.24 -4.95 -33.64
C GLN F 328 9.11 -3.98 -32.76
N GLY F 329 10.39 -4.28 -32.66
CA GLY F 329 11.35 -3.50 -31.89
C GLY F 329 11.43 -3.75 -30.40
N LYS F 330 10.51 -4.56 -29.87
CA LYS F 330 10.40 -4.75 -28.44
C LYS F 330 11.07 -6.06 -28.08
N THR F 331 11.82 -6.08 -26.99
CA THR F 331 12.61 -7.27 -26.61
C THR F 331 11.68 -8.44 -26.28
N VAL F 332 12.05 -9.62 -26.76
CA VAL F 332 11.43 -10.87 -26.36
C VAL F 332 12.51 -11.86 -26.01
N GLY F 333 12.18 -12.75 -25.10
CA GLY F 333 13.06 -13.85 -24.76
C GLY F 333 12.50 -15.09 -25.42
N ILE F 334 13.39 -15.94 -25.90
CA ILE F 334 13.04 -17.14 -26.64
C ILE F 334 13.48 -18.41 -25.91
N VAL F 335 12.55 -19.35 -25.75
CA VAL F 335 12.88 -20.70 -25.27
C VAL F 335 12.42 -21.68 -26.36
N ALA F 336 13.32 -22.56 -26.82
CA ALA F 336 13.03 -23.42 -27.96
C ALA F 336 13.70 -24.77 -27.85
N ASN F 337 12.91 -25.85 -27.89
CA ASN F 337 13.52 -27.18 -27.95
C ASN F 337 14.33 -27.26 -29.22
N GLN F 338 15.44 -27.99 -29.19
CA GLN F 338 16.28 -28.21 -30.37
C GLN F 338 16.30 -29.69 -30.80
N PRO F 339 15.46 -30.07 -31.79
CA PRO F 339 15.34 -31.47 -32.19
C PRO F 339 16.59 -32.08 -32.83
N SER F 340 17.52 -31.25 -33.25
CA SER F 340 18.76 -31.73 -33.82
C SER F 340 19.75 -32.13 -32.73
N VAL F 341 19.45 -31.85 -31.46
CA VAL F 341 20.33 -32.27 -30.38
C VAL F 341 19.58 -33.09 -29.37
N LEU F 342 20.03 -34.33 -29.18
CA LEU F 342 19.37 -35.28 -28.27
C LEU F 342 17.87 -35.33 -28.48
N ALA F 343 17.48 -35.30 -29.75
CA ALA F 343 16.08 -35.41 -30.12
C ALA F 343 15.18 -34.31 -29.52
N GLY F 344 15.79 -33.23 -29.01
CA GLY F 344 15.05 -32.15 -28.38
C GLY F 344 14.40 -32.49 -27.03
N VAL F 345 14.93 -33.51 -26.36
CA VAL F 345 14.42 -33.92 -25.04
C VAL F 345 14.71 -32.86 -23.97
N LEU F 346 13.90 -32.84 -22.92
CA LEU F 346 14.27 -32.14 -21.72
C LEU F 346 15.13 -33.05 -20.83
N ASP F 347 16.08 -32.48 -20.12
CA ASP F 347 16.90 -33.22 -19.14
C ASP F 347 17.23 -32.28 -17.97
N ILE F 348 18.14 -32.66 -17.08
CA ILE F 348 18.54 -31.84 -15.92
C ILE F 348 19.13 -30.52 -16.36
N ASP F 349 20.07 -30.57 -17.28
CA ASP F 349 20.80 -29.36 -17.70
C ASP F 349 19.92 -28.36 -18.44
N SER F 350 19.11 -28.83 -19.40
CA SER F 350 18.26 -27.93 -20.21
C SER F 350 17.19 -27.25 -19.34
N SER F 351 16.74 -27.96 -18.30
CA SER F 351 15.76 -27.46 -17.38
C SER F 351 16.32 -26.29 -16.58
N ASP F 352 17.53 -26.44 -16.06
CA ASP F 352 18.23 -25.35 -15.33
C ASP F 352 18.49 -24.14 -16.22
N LYS F 353 19.02 -24.42 -17.42
CA LYS F 353 19.31 -23.41 -18.43
C LYS F 353 18.10 -22.56 -18.73
N ALA F 354 17.01 -23.21 -19.11
CA ALA F 354 15.77 -22.50 -19.47
C ALA F 354 15.07 -21.87 -18.27
N ALA F 355 15.04 -22.59 -17.15
CA ALA F 355 14.31 -22.11 -15.99
C ALA F 355 14.89 -20.78 -15.49
N ARG F 356 16.22 -20.70 -15.38
CA ARG F 356 16.83 -19.48 -14.87
C ARG F 356 16.64 -18.30 -15.82
N PHE F 357 16.64 -18.58 -17.11
CA PHE F 357 16.49 -17.53 -18.11
C PHE F 357 15.08 -16.97 -18.06
N ILE F 358 14.10 -17.85 -17.92
CA ILE F 358 12.72 -17.46 -17.79
C ILE F 358 12.51 -16.54 -16.56
N ARG F 359 13.07 -16.92 -15.43
CA ARG F 359 12.93 -16.11 -14.24
C ARG F 359 13.60 -14.75 -14.40
N PHE F 360 14.72 -14.69 -15.16
CA PHE F 360 15.34 -13.40 -15.52
C PHE F 360 14.40 -12.53 -16.36
N LEU F 361 13.85 -13.12 -17.43
CA LEU F 361 12.93 -12.44 -18.30
C LEU F 361 11.77 -11.92 -17.48
N ASP F 362 11.15 -12.76 -16.66
CA ASP F 362 10.04 -12.33 -15.86
C ASP F 362 10.36 -11.14 -14.89
N ALA F 363 11.52 -11.18 -14.22
CA ALA F 363 11.91 -10.14 -13.26
C ALA F 363 11.99 -8.78 -13.94
N PHE F 364 12.39 -8.81 -15.21
CA PHE F 364 12.69 -7.64 -15.99
C PHE F 364 11.70 -7.36 -17.09
N ASN F 365 10.48 -7.91 -16.91
CA ASN F 365 9.31 -7.54 -17.72
C ASN F 365 9.47 -7.85 -19.19
N ILE F 366 10.24 -8.88 -19.53
CA ILE F 366 10.42 -9.27 -20.94
C ILE F 366 9.52 -10.45 -21.30
N PRO F 367 8.69 -10.33 -22.37
CA PRO F 367 7.85 -11.42 -22.82
C PRO F 367 8.62 -12.71 -23.12
N ILE F 368 7.95 -13.84 -22.89
CA ILE F 368 8.48 -15.16 -23.21
C ILE F 368 7.81 -15.80 -24.44
N LEU F 369 8.62 -16.11 -25.45
CA LEU F 369 8.19 -16.74 -26.68
C LEU F 369 8.81 -18.14 -26.75
N THR F 370 7.97 -19.16 -26.73
CA THR F 370 8.39 -20.53 -26.60
C THR F 370 8.08 -21.28 -27.90
N PHE F 371 9.04 -22.07 -28.36
CA PHE F 371 8.89 -22.97 -29.53
C PHE F 371 8.99 -24.41 -29.09
N VAL F 372 7.92 -25.18 -29.33
CA VAL F 372 7.82 -26.52 -28.82
C VAL F 372 7.95 -27.64 -29.84
N ASP F 373 8.91 -28.54 -29.55
CA ASP F 373 9.11 -29.75 -30.32
C ASP F 373 10.00 -30.70 -29.53
N THR F 374 9.39 -31.45 -28.62
CA THR F 374 10.09 -32.34 -27.69
C THR F 374 9.25 -33.64 -27.51
N PRO F 375 9.89 -34.80 -27.61
CA PRO F 375 9.24 -36.06 -27.30
C PRO F 375 9.15 -36.41 -25.82
N GLY F 376 9.80 -35.65 -24.95
CA GLY F 376 9.67 -35.90 -23.52
C GLY F 376 11.00 -35.74 -22.82
N TYR F 377 11.14 -36.39 -21.66
CA TYR F 377 12.38 -36.31 -20.84
C TYR F 377 13.41 -37.34 -21.22
N LEU F 378 14.68 -37.00 -21.04
CA LEU F 378 15.78 -37.93 -21.31
C LEU F 378 15.76 -39.13 -20.38
N PRO F 379 15.53 -40.35 -20.92
CA PRO F 379 15.58 -41.51 -20.03
C PRO F 379 17.01 -41.85 -19.64
N GLY F 380 17.15 -42.32 -18.41
CA GLY F 380 18.43 -42.82 -17.92
C GLY F 380 18.46 -42.83 -16.41
N VAL F 381 19.34 -43.64 -15.85
CA VAL F 381 19.51 -43.76 -14.40
C VAL F 381 20.22 -42.53 -13.81
N ALA F 382 21.23 -42.03 -14.51
CA ALA F 382 21.92 -40.82 -14.05
C ALA F 382 20.98 -39.60 -14.04
N GLN F 383 19.99 -39.61 -14.92
CA GLN F 383 18.98 -38.56 -14.87
C GLN F 383 18.15 -38.67 -13.57
N GLU F 384 17.68 -39.88 -13.28
CA GLU F 384 16.85 -40.10 -12.08
C GLU F 384 17.66 -39.88 -10.77
N HIS F 385 18.79 -40.56 -10.66
CA HIS F 385 19.72 -40.45 -9.53
C HIS F 385 20.34 -39.06 -9.35
N GLY F 386 20.47 -38.31 -10.44
CA GLY F 386 20.95 -36.94 -10.42
C GLY F 386 19.87 -35.92 -10.09
N GLY F 387 18.61 -36.36 -9.96
CA GLY F 387 17.53 -35.50 -9.48
C GLY F 387 16.82 -34.71 -10.57
N ILE F 388 16.49 -35.37 -11.67
CA ILE F 388 15.68 -34.78 -12.75
C ILE F 388 14.32 -34.30 -12.23
N ILE F 389 13.78 -34.99 -11.23
CA ILE F 389 12.49 -34.62 -10.64
C ILE F 389 12.51 -33.21 -10.05
N ARG F 390 13.47 -32.92 -9.16
CA ARG F 390 13.60 -31.57 -8.65
C ARG F 390 14.12 -30.54 -9.70
N HIS F 391 15.02 -30.94 -10.60
CA HIS F 391 15.51 -30.01 -11.66
C HIS F 391 14.46 -29.69 -12.74
N GLY F 392 13.78 -30.71 -13.21
CA GLY F 392 12.65 -30.52 -14.12
C GLY F 392 11.58 -29.58 -13.59
N ALA F 393 11.29 -29.69 -12.28
CA ALA F 393 10.26 -28.87 -11.61
C ALA F 393 10.58 -27.40 -11.61
N LYS F 394 11.86 -27.03 -11.61
CA LYS F 394 12.29 -25.63 -11.77
C LYS F 394 11.68 -24.93 -12.98
N LEU F 395 11.63 -25.62 -14.13
CA LEU F 395 11.04 -25.05 -15.36
C LEU F 395 9.52 -24.82 -15.27
N LEU F 396 8.83 -25.73 -14.61
CA LEU F 396 7.40 -25.64 -14.42
C LEU F 396 7.05 -24.49 -13.48
N TYR F 397 7.91 -24.31 -12.47
CA TYR F 397 7.77 -23.26 -11.49
C TYR F 397 8.00 -21.91 -12.15
N ALA F 398 9.07 -21.81 -12.92
CA ALA F 398 9.45 -20.59 -13.57
C ALA F 398 8.38 -20.07 -14.52
N TYR F 399 7.81 -20.96 -15.36
CA TYR F 399 6.69 -20.59 -16.22
C TYR F 399 5.42 -20.24 -15.45
N SER F 400 5.09 -21.02 -14.42
CA SER F 400 3.90 -20.83 -13.61
C SER F 400 3.93 -19.49 -12.87
N GLU F 401 5.11 -19.13 -12.40
CA GLU F 401 5.29 -17.93 -11.62
C GLU F 401 5.27 -16.67 -12.50
N ALA F 402 5.82 -16.79 -13.71
CA ALA F 402 5.93 -15.67 -14.63
C ALA F 402 4.59 -15.03 -14.95
N THR F 403 4.57 -13.69 -14.86
CA THR F 403 3.38 -12.88 -15.08
C THR F 403 3.51 -12.04 -16.35
N VAL F 404 4.70 -11.97 -16.91
CA VAL F 404 4.90 -11.39 -18.24
C VAL F 404 4.09 -12.17 -19.30
N PRO F 405 3.88 -11.56 -20.48
CA PRO F 405 3.26 -12.29 -21.60
C PRO F 405 4.03 -13.58 -22.00
N LYS F 406 3.27 -14.66 -22.16
CA LYS F 406 3.74 -15.99 -22.50
C LYS F 406 2.99 -16.45 -23.74
N ILE F 407 3.70 -16.48 -24.85
CA ILE F 407 3.19 -16.89 -26.13
C ILE F 407 3.96 -18.15 -26.51
N THR F 408 3.21 -19.20 -26.87
CA THR F 408 3.78 -20.52 -27.15
C THR F 408 3.34 -21.06 -28.52
N VAL F 409 4.33 -21.46 -29.32
CA VAL F 409 4.09 -22.05 -30.64
C VAL F 409 4.56 -23.50 -30.67
N ILE F 410 3.65 -24.42 -30.97
CA ILE F 410 3.96 -25.84 -31.04
C ILE F 410 4.24 -26.17 -32.46
N LEU F 411 5.46 -26.63 -32.74
CA LEU F 411 5.94 -26.85 -34.08
C LEU F 411 5.68 -28.27 -34.53
N ARG F 412 5.99 -29.22 -33.66
CA ARG F 412 5.86 -30.61 -33.96
C ARG F 412 5.51 -31.38 -32.65
N LYS F 413 6.41 -32.18 -32.07
CA LYS F 413 6.02 -33.04 -30.94
C LYS F 413 5.82 -32.27 -29.65
N ALA F 414 4.85 -32.70 -28.86
CA ALA F 414 4.64 -32.22 -27.51
C ALA F 414 3.98 -33.35 -26.74
N TYR F 415 4.82 -34.20 -26.15
CA TYR F 415 4.42 -35.43 -25.49
C TYR F 415 4.66 -35.29 -24.01
N GLY F 416 3.67 -35.65 -23.21
CA GLY F 416 3.87 -35.90 -21.79
C GLY F 416 4.10 -34.64 -20.99
N GLY F 417 4.85 -34.78 -19.89
CA GLY F 417 5.26 -33.66 -19.02
C GLY F 417 5.96 -32.54 -19.77
N ALA F 418 6.63 -32.88 -20.86
CA ALA F 418 7.38 -31.89 -21.63
C ALA F 418 6.43 -30.89 -22.30
N TYR F 419 5.26 -31.38 -22.74
CA TYR F 419 4.24 -30.52 -23.31
C TYR F 419 3.80 -29.47 -22.25
N ILE F 420 3.57 -29.95 -21.03
CA ILE F 420 3.16 -29.11 -19.93
C ILE F 420 4.25 -28.09 -19.62
N ALA F 421 5.49 -28.58 -19.59
CA ALA F 421 6.63 -27.79 -19.14
C ALA F 421 6.99 -26.66 -20.11
N GLY F 423 5.83 -24.03 -21.58
CA GLY F 423 4.95 -22.85 -21.67
C GLY F 423 3.56 -23.21 -22.11
N SER F 424 3.04 -24.29 -21.56
CA SER F 424 1.70 -24.72 -21.87
C SER F 424 0.66 -23.74 -21.32
N LYS F 425 -0.56 -23.88 -21.80
CA LYS F 425 -1.70 -23.08 -21.35
C LYS F 425 -1.99 -23.30 -19.88
N HIS F 426 -1.67 -24.50 -19.41
CA HIS F 426 -1.99 -24.97 -18.06
C HIS F 426 -1.10 -24.32 -16.99
N LEU F 427 0.06 -23.82 -17.41
CA LEU F 427 0.96 -23.05 -16.57
C LEU F 427 0.80 -21.54 -16.82
N GLY F 428 -0.28 -21.13 -17.49
CA GLY F 428 -0.65 -19.72 -17.66
C GLY F 428 -0.26 -18.99 -18.96
N ALA F 429 0.11 -19.72 -20.01
CA ALA F 429 0.33 -19.08 -21.31
C ALA F 429 -0.87 -18.28 -21.76
N ASP F 430 -0.60 -17.14 -22.38
CA ASP F 430 -1.60 -16.21 -22.81
C ASP F 430 -2.13 -16.57 -24.21
N VAL F 432 -1.58 -19.89 -27.13
CA VAL F 432 -0.90 -21.06 -27.65
C VAL F 432 -1.36 -21.27 -29.06
N LEU F 433 -0.40 -21.37 -29.97
CA LEU F 433 -0.63 -21.60 -31.37
C LEU F 433 0.01 -22.93 -31.74
N ALA F 434 -0.67 -23.70 -32.59
CA ALA F 434 -0.09 -24.92 -33.12
C ALA F 434 -0.05 -24.86 -34.64
N TRP F 435 1.09 -25.20 -35.19
CA TRP F 435 1.21 -25.52 -36.60
C TRP F 435 0.44 -26.82 -36.83
N PRO F 436 0.03 -27.08 -38.09
CA PRO F 436 -0.66 -28.35 -38.40
C PRO F 436 0.21 -29.59 -38.20
N SER F 437 1.53 -29.41 -38.16
CA SER F 437 2.52 -30.49 -37.88
C SER F 437 2.62 -30.85 -36.37
N ALA F 438 1.92 -30.09 -35.50
CA ALA F 438 1.85 -30.38 -34.09
C ALA F 438 1.25 -31.76 -33.78
N GLU F 439 1.83 -32.41 -32.77
CA GLU F 439 1.39 -33.72 -32.34
C GLU F 439 1.45 -33.68 -30.83
N ILE F 440 0.27 -33.55 -30.21
CA ILE F 440 0.15 -33.40 -28.77
C ILE F 440 -0.45 -34.69 -28.19
N ALA F 441 0.22 -35.27 -27.20
CA ALA F 441 -0.20 -36.59 -26.67
C ALA F 441 0.14 -36.79 -25.20
N VAL F 442 -0.69 -37.56 -24.51
CA VAL F 442 -0.48 -37.89 -23.10
C VAL F 442 0.91 -38.46 -22.88
N GLY F 444 4.28 -40.57 -25.55
CA GLY F 444 4.65 -41.01 -26.88
C GLY F 444 3.58 -41.92 -27.46
N PRO F 445 3.09 -41.61 -28.67
CA PRO F 445 2.00 -42.43 -29.23
C PRO F 445 2.29 -43.94 -29.27
N GLU F 446 3.55 -44.33 -29.50
CA GLU F 446 3.89 -45.76 -29.50
C GLU F 446 3.59 -46.39 -28.15
N GLY F 447 4.07 -45.79 -27.07
CA GLY F 447 3.81 -46.31 -25.73
C GLY F 447 2.34 -46.28 -25.32
N ALA F 448 1.60 -45.27 -25.78
CA ALA F 448 0.21 -45.12 -25.39
C ALA F 448 -0.61 -46.21 -26.05
N ALA F 449 -0.42 -46.42 -27.35
CA ALA F 449 -1.13 -47.48 -28.06
C ALA F 449 -0.78 -48.85 -27.53
N ASN F 450 0.46 -49.02 -27.09
CA ASN F 450 0.89 -50.32 -26.55
C ASN F 450 0.17 -50.71 -25.24
N ILE F 451 -0.20 -49.70 -24.45
CA ILE F 451 -0.97 -49.90 -23.22
C ILE F 451 -2.48 -50.01 -23.55
N ILE F 452 -2.98 -49.00 -24.26
CA ILE F 452 -4.41 -48.91 -24.56
C ILE F 452 -4.90 -50.11 -25.36
N PHE F 453 -4.10 -50.58 -26.33
CA PHE F 453 -4.52 -51.64 -27.20
C PHE F 453 -3.75 -52.93 -26.92
N LYS F 454 -3.30 -53.08 -25.68
CA LYS F 454 -2.63 -54.29 -25.19
C LYS F 454 -3.37 -55.59 -25.56
N ARG F 455 -4.67 -55.66 -25.25
CA ARG F 455 -5.51 -56.86 -25.51
C ARG F 455 -5.54 -57.26 -26.98
N GLU F 456 -5.83 -56.27 -27.82
CA GLU F 456 -6.02 -56.50 -29.25
C GLU F 456 -4.69 -56.81 -29.95
N ILE F 457 -3.62 -56.10 -29.58
CA ILE F 457 -2.29 -56.37 -30.15
C ILE F 457 -1.74 -57.74 -29.78
N GLU F 458 -1.84 -58.10 -28.50
CA GLU F 458 -1.31 -59.38 -28.00
C GLU F 458 -2.10 -60.58 -28.48
N ALA F 459 -3.42 -60.40 -28.59
CA ALA F 459 -4.33 -61.46 -29.10
C ALA F 459 -4.40 -61.47 -30.63
N SER F 460 -3.67 -60.59 -31.29
CA SER F 460 -3.70 -60.52 -32.75
C SER F 460 -2.84 -61.61 -33.37
N SER F 461 -3.22 -61.96 -34.59
CA SER F 461 -2.53 -62.96 -35.39
C SER F 461 -1.22 -62.44 -36.03
N ASN F 462 -1.08 -61.11 -36.07
CA ASN F 462 0.17 -60.48 -36.50
C ASN F 462 0.50 -59.26 -35.67
N PRO F 463 0.87 -59.47 -34.39
CA PRO F 463 0.98 -58.36 -33.43
C PRO F 463 1.77 -57.10 -33.88
N GLU F 464 2.72 -57.21 -34.80
CA GLU F 464 3.51 -56.04 -35.25
C GLU F 464 2.77 -55.16 -36.27
N GLU F 465 2.17 -55.80 -37.27
CA GLU F 465 1.29 -55.09 -38.21
C GLU F 465 0.12 -54.39 -37.47
N THR F 466 -0.53 -55.11 -36.55
CA THR F 466 -1.63 -54.54 -35.72
C THR F 466 -1.16 -53.30 -34.94
N ARG F 467 -0.03 -53.46 -34.28
CA ARG F 467 0.59 -52.41 -33.49
C ARG F 467 0.92 -51.22 -34.37
N ARG F 468 1.55 -51.47 -35.52
CA ARG F 468 1.91 -50.38 -36.43
C ARG F 468 0.67 -49.57 -36.87
N LYS F 469 -0.38 -50.29 -37.26
CA LYS F 469 -1.64 -49.70 -37.68
C LYS F 469 -2.34 -48.91 -36.57
N LEU F 470 -2.40 -49.49 -35.37
CA LEU F 470 -2.99 -48.82 -34.20
C LEU F 470 -2.22 -47.58 -33.76
N ILE F 471 -0.89 -47.66 -33.81
CA ILE F 471 -0.03 -46.51 -33.52
C ILE F 471 -0.37 -45.35 -34.47
N GLU F 472 -0.38 -45.64 -35.77
CA GLU F 472 -0.79 -44.69 -36.80
C GLU F 472 -2.19 -44.12 -36.58
N GLU F 473 -3.18 -44.98 -36.32
CA GLU F 473 -4.56 -44.53 -36.03
C GLU F 473 -4.63 -43.60 -34.80
N TYR F 474 -3.82 -43.89 -33.79
CA TYR F 474 -3.80 -43.07 -32.57
C TYR F 474 -3.24 -41.68 -32.85
N LYS F 475 -2.14 -41.63 -33.60
CA LYS F 475 -1.54 -40.36 -33.99
C LYS F 475 -2.55 -39.51 -34.75
N GLN F 476 -3.17 -40.10 -35.77
CA GLN F 476 -4.15 -39.40 -36.58
C GLN F 476 -5.35 -38.91 -35.79
N GLN F 477 -5.96 -39.80 -35.00
CA GLN F 477 -7.22 -39.49 -34.32
C GLN F 477 -7.10 -38.91 -32.92
N PHE F 478 -5.95 -39.08 -32.28
CA PHE F 478 -5.78 -38.60 -30.92
C PHE F 478 -4.64 -37.59 -30.67
N ALA F 479 -3.60 -37.59 -31.50
CA ALA F 479 -2.50 -36.68 -31.29
C ALA F 479 -2.57 -35.43 -32.18
N ASN F 480 -3.57 -35.35 -33.03
CA ASN F 480 -3.65 -34.19 -33.90
C ASN F 480 -3.95 -32.92 -33.05
N PRO F 481 -3.50 -31.73 -33.52
CA PRO F 481 -3.63 -30.53 -32.71
C PRO F 481 -5.07 -30.07 -32.41
N TYR F 482 -6.04 -30.64 -33.12
CA TYR F 482 -7.41 -30.18 -33.06
C TYR F 482 -8.09 -30.66 -31.80
N ILE F 483 -7.51 -31.69 -31.17
CA ILE F 483 -8.11 -32.22 -29.97
C ILE F 483 -7.88 -31.24 -28.84
N ALA F 484 -6.65 -30.76 -28.74
CA ALA F 484 -6.31 -29.73 -27.75
C ALA F 484 -6.98 -28.38 -28.06
N ALA F 485 -7.11 -28.08 -29.35
CA ALA F 485 -7.81 -26.90 -29.80
C ALA F 485 -9.30 -27.01 -29.50
N SER F 486 -9.86 -28.20 -29.53
CA SER F 486 -11.30 -28.38 -29.29
C SER F 486 -11.68 -28.12 -27.82
N ARG F 487 -10.70 -28.26 -26.93
CA ARG F 487 -10.81 -27.89 -25.51
C ARG F 487 -10.45 -26.43 -25.20
N GLY F 488 -9.81 -25.75 -26.14
CA GLY F 488 -9.34 -24.41 -25.92
C GLY F 488 -7.92 -24.35 -25.36
N TYR F 489 -7.23 -25.49 -25.30
CA TYR F 489 -5.89 -25.54 -24.72
C TYR F 489 -4.95 -24.86 -25.71
N VAL F 490 -5.18 -25.17 -26.98
CA VAL F 490 -4.59 -24.45 -28.11
C VAL F 490 -5.62 -23.41 -28.54
N ASP F 491 -5.20 -22.16 -28.61
CA ASP F 491 -6.11 -21.07 -28.95
C ASP F 491 -6.44 -21.12 -30.44
N VAL F 493 -5.05 -23.29 -34.24
CA VAL F 493 -4.20 -24.00 -35.16
C VAL F 493 -4.07 -23.08 -36.38
N ILE F 494 -2.83 -22.86 -36.78
CA ILE F 494 -2.47 -21.82 -37.75
C ILE F 494 -1.58 -22.32 -38.87
N ASP F 495 -1.64 -21.63 -39.99
CA ASP F 495 -0.66 -21.77 -41.07
C ASP F 495 0.64 -21.25 -40.53
N PRO F 496 1.74 -22.04 -40.65
CA PRO F 496 3.09 -21.57 -40.26
C PRO F 496 3.51 -20.17 -40.74
N ARG F 497 3.07 -19.81 -41.94
CA ARG F 497 3.28 -18.46 -42.52
C ARG F 497 2.53 -17.30 -41.84
N GLU F 498 1.67 -17.61 -40.87
CA GLU F 498 0.99 -16.57 -40.08
C GLU F 498 1.63 -16.40 -38.70
N THR F 499 2.70 -17.12 -38.41
CA THR F 499 3.25 -17.21 -37.07
C THR F 499 3.67 -15.80 -36.55
N ARG F 500 4.45 -15.09 -37.36
CA ARG F 500 4.97 -13.78 -36.98
C ARG F 500 3.84 -12.82 -36.69
N LYS F 501 2.82 -12.80 -37.54
CA LYS F 501 1.71 -11.85 -37.40
C LYS F 501 0.88 -12.10 -36.14
N TYR F 502 0.69 -13.36 -35.80
CA TYR F 502 -0.03 -13.75 -34.57
C TYR F 502 0.75 -13.34 -33.32
N ILE F 503 2.04 -13.61 -33.31
CA ILE F 503 2.91 -13.17 -32.21
C ILE F 503 2.91 -11.66 -32.03
N ARG F 505 0.54 -9.48 -32.92
CA ARG F 505 -0.78 -9.04 -32.48
C ARG F 505 -1.00 -9.47 -31.05
N ALA F 506 -0.58 -10.69 -30.72
CA ALA F 506 -0.61 -11.16 -29.33
C ALA F 506 0.16 -10.24 -28.39
N LEU F 507 1.39 -9.87 -28.75
CA LEU F 507 2.19 -9.00 -27.86
C LEU F 507 1.65 -7.60 -27.76
N GLU F 508 0.95 -7.13 -28.80
CA GLU F 508 0.39 -5.80 -28.76
C GLU F 508 -0.72 -5.71 -27.69
N VAL F 509 -1.57 -6.72 -27.62
CA VAL F 509 -2.63 -6.80 -26.62
C VAL F 509 -2.01 -6.95 -25.23
N CYS F 510 -1.05 -7.86 -25.12
CA CYS F 510 -0.39 -8.26 -23.87
C CYS F 510 0.58 -7.27 -23.27
N GLU F 511 0.82 -6.16 -23.96
CA GLU F 511 1.57 -5.02 -23.42
C GLU F 511 0.92 -4.48 -22.16
N THR F 512 -0.39 -4.62 -22.02
CA THR F 512 -1.06 -4.13 -20.82
C THR F 512 -1.54 -5.25 -19.87
N LYS F 513 -1.01 -6.47 -20.07
CA LYS F 513 -1.31 -7.61 -19.18
C LYS F 513 -0.91 -7.31 -17.75
N VAL F 514 -1.87 -7.43 -16.83
CA VAL F 514 -1.61 -7.26 -15.41
C VAL F 514 -2.03 -8.53 -14.65
N GLU F 515 -1.11 -9.11 -13.90
CA GLU F 515 -1.39 -10.37 -13.23
C GLU F 515 -0.78 -10.34 -11.84
N TYR F 516 -1.59 -10.71 -10.87
CA TYR F 516 -1.20 -10.65 -9.49
C TYR F 516 -0.86 -12.05 -8.96
N ARG F 517 -0.02 -12.03 -7.92
CA ARG F 517 0.49 -13.21 -7.26
C ARG F 517 0.21 -13.10 -5.77
N PRO F 518 0.02 -14.25 -5.09
CA PRO F 518 -0.05 -14.26 -3.63
C PRO F 518 1.08 -13.50 -2.95
N LYS F 519 0.73 -12.68 -1.97
CA LYS F 519 1.75 -12.09 -1.10
C LYS F 519 2.60 -13.21 -0.44
N LYS F 520 3.90 -13.05 -0.59
CA LYS F 520 4.88 -13.96 -0.02
C LYS F 520 6.20 -13.21 0.07
N LYS F 521 7.03 -13.50 1.06
CA LYS F 521 8.41 -13.01 1.06
C LYS F 521 9.13 -13.39 -0.23
N HIS F 522 8.86 -14.61 -0.64
CA HIS F 522 9.40 -15.22 -1.83
C HIS F 522 8.82 -16.63 -1.82
N GLY F 523 9.05 -17.36 -2.91
CA GLY F 523 8.60 -18.74 -3.03
C GLY F 523 9.64 -19.72 -2.50
N ASN F 524 9.39 -21.00 -2.76
CA ASN F 524 10.33 -22.04 -2.41
C ASN F 524 10.58 -22.95 -3.61
N ILE F 525 11.10 -22.36 -4.68
CA ILE F 525 11.46 -23.11 -5.89
C ILE F 525 12.40 -24.29 -5.57
N PRO F 526 12.21 -25.47 -6.22
CA PRO F 526 13.21 -26.54 -6.06
C PRO F 526 14.62 -26.08 -6.50
N LEU F 527 15.65 -26.60 -5.84
CA LEU F 527 17.01 -26.11 -6.03
C LEU F 527 18.02 -27.24 -6.41
#